data_7NDD
#
_entry.id   7NDD
#
_cell.length_a   1.00
_cell.length_b   1.00
_cell.length_c   1.00
_cell.angle_alpha   90.00
_cell.angle_beta   90.00
_cell.angle_gamma   90.00
#
_symmetry.space_group_name_H-M   'P 1'
#
loop_
_entity.id
_entity.type
_entity.pdbx_description
1 polymer 'Spike glycoprotein'
2 polymer 'COVOX-159 Fab heavy chain'
3 polymer 'COVOX-159 Fab light chain'
4 branched 2-acetamido-2-deoxy-beta-D-glucopyranose-(1-4)-2-acetamido-2-deoxy-beta-D-glucopyranose
5 non-polymer 2-acetamido-2-deoxy-beta-D-glucopyranose
#
loop_
_entity_poly.entity_id
_entity_poly.type
_entity_poly.pdbx_seq_one_letter_code
_entity_poly.pdbx_strand_id
1 'polypeptide(L)'
;MFVFLVLLPLVSSQCVNLTTRTQLPPAYTNSFTRGVYYPDKVFRSSVLHSTQDLFLPFFSNVTWFHAIHVSGTNGTKRFD
NPVLPFNDGVYFASTEKSNIIRGWIFGTTLDSKTQSLLIVNNATNVVIKVCEFQFCNDPFLGVYYHKNNKSWMESEFRVY
SSANNCTFEYVSQPFLMDLEGKQGNFKNLREFVFKNIDGYFKIYSKHTPINLVRDLPQGFSALEPLVDLPIGINITRFQT
LLALHRSYLTPGDSSSGWTAGAAAYYVGYLQPRTFLLKYNENGTITDAVDCALDPLSETKCTLKSFTVEKGIYQTSNFRV
QPTESIVRFPNITNLCPFGEVFNATRFASVYAWNRKRISNCVADYSVLYNSASFSTFKCYGVSPTKLNDLCFTNVYADSF
VIRGDEVRQIAPGQTGKIADYNYKLPDDFTGCVIAWNSNNLDSKVGGNYNYLYRLFRKSNLKPFERDISTEIYQAGSTPC
NGVEGFNCYFPLQSYGFQPTNGVGYQPYRVVVLSFELLHAPATVCGPKKSTNLVKNKCVNFNFNGLTGTGVLTESNKKFL
PFQQFGRDIADTTDAVRDPQTLEILDITPCSFGGVSVITPGTNTSNQVAVLYQDVNCTEVPVAIHADQLTPTWRVYSTGS
NVFQTRAGCLIGAEHVNNSYECDIPIGAGICASYQTQTNSPGSASSVASQSIIAYTMSLGAENSVAYSNNSIAIPTNFTI
SVTTEILPVSMTKTSVDCTMYICGDSTECSNLLLQYGSFCTQLNRALTGIAVEQDKNTQEVFAQVKQIYKTPPIKDFGGF
NFSQILPDPSKPSKRSFIEDLLFNKVTLADAGFIKQYGDCLGDIAARDLICAQKFNGLTVLPPLLTDEMIAQYTSALLAG
TITSGWTFGAGAALQIPFAMQMAYRFNGIGVTQNVLYENQKLIANQFNSAIGKIQDSLSSTASALGKLQDVVNQNAQALN
TLVKQLSSNFGAISSVLNDILSRLDPPEAEVQIDRLITGRLQSLQTYVTQQLIRAAEIRASANLAATKMSECVLGQSKRV
DFCGKGYHLMSFPQSAPHGVVFLHVTYVPAQEKNFTTAPAICHDGKAHFPREGVFVSNGTHWFVTQRNFYEPQIITTDNT
FVSGNCDVVIGIVNNTVYDPLQPELDSFKEELDKYFKNHTSPDVDLGDISGINASVVNIQKEIDRLNEVAKNLNESLIDL
QELGKYEQGSGYIPEAPRDGQAYVRKDGEWVLLSTFLGRSLEVLFQGPGHHHHHHHHGSAWSHPQFEKGGGSGGGSGGSA
WSHPQFEK
;
A,B,C
2 'polypeptide(L)'
;ILFLVATATGVHSEVQLVESGGGVVQPGRSLRLSCAASGFTFSSYGMHWVRQAPGKGLEWVALISYDGGNRYYADSVKGR
FTISRDNSKNTLYLQMNRLRAEDTAMYYCAKDRDDGWDWYYFMDVWGKGTTVTVSSASTKGPSVFPLAPSSKSTSGGTAA
LGCLVKDYFPEPVTVSWNSGALTSGVHTFPAVLQSSGLYSLSSVVTVPSSSLGTQTYICNVNHKPSNTKVDKKVEPKSCD
K
;
D,F,H
3 'polypeptide(L)'
;ILFLVATATGVHSDIQLTQSPGTLSLSPGERATLSCRASQSISGNYLAWYQHKPGQAPRLLIYGASTRATGIPDRFSGSG
SGTDFTLTISRLEPEDFAVYYCQQYGSSYTFGQGTKVEIKRTVAAPSVFIFPPSDEQLKSGTASVVCLLNNFYPREAKVQ
WKVDNALQSGNSQESVTEQDSKDSTYSLSSTLTLSKADYEKHKVYACEVTHQGLSSPVTKSFNRGEC
;
E,G,L
#
loop_
_chem_comp.id
_chem_comp.type
_chem_comp.name
_chem_comp.formula
NAG D-saccharide, beta linking 2-acetamido-2-deoxy-beta-D-glucopyranose 'C8 H15 N O6'
#
# COMPACT_ATOMS: atom_id res chain seq x y z
N GLN A 14 51.01 10.56 49.13
CA GLN A 14 50.00 9.89 48.34
C GLN A 14 48.98 10.87 47.76
N CYS A 15 48.85 12.03 48.41
CA CYS A 15 47.88 13.03 47.96
C CYS A 15 48.50 14.42 47.91
N VAL A 16 49.81 14.50 47.69
CA VAL A 16 50.49 15.78 47.71
C VAL A 16 49.88 16.68 46.63
N ASN A 17 49.83 17.98 46.91
CA ASN A 17 49.37 18.93 45.92
C ASN A 17 50.50 19.29 44.95
N LEU A 18 50.14 20.08 43.93
CA LEU A 18 51.11 20.54 42.95
C LEU A 18 50.55 21.82 42.32
N THR A 19 51.05 22.96 42.78
CA THR A 19 50.45 24.27 42.49
C THR A 19 51.52 25.26 42.05
N THR A 20 52.40 24.84 41.12
CA THR A 20 53.27 25.78 40.46
C THR A 20 52.45 26.82 39.70
N ARG A 21 52.86 28.08 39.79
CA ARG A 21 52.06 29.19 39.28
C ARG A 21 52.79 29.83 38.10
N THR A 22 52.48 29.34 36.89
CA THR A 22 52.90 29.97 35.65
C THR A 22 51.67 30.07 34.77
N GLN A 23 51.08 31.27 34.68
CA GLN A 23 49.86 31.48 33.93
C GLN A 23 50.18 31.85 32.49
N LEU A 24 49.58 31.13 31.54
CA LEU A 24 49.64 31.46 30.12
C LEU A 24 48.25 31.23 29.55
N PRO A 25 47.83 32.06 28.60
CA PRO A 25 46.47 31.93 28.06
C PRO A 25 46.33 30.67 27.23
N PRO A 26 45.13 30.10 27.13
CA PRO A 26 44.94 28.91 26.31
C PRO A 26 45.01 29.23 24.83
N ALA A 27 45.69 28.37 24.09
CA ALA A 27 45.86 28.54 22.65
C ALA A 27 44.83 27.71 21.89
N TYR A 28 44.57 28.12 20.66
CA TYR A 28 43.60 27.45 19.80
C TYR A 28 44.24 27.10 18.47
N THR A 29 43.72 26.04 17.85
CA THR A 29 44.25 25.58 16.57
C THR A 29 43.09 25.00 15.76
N ASN A 30 43.29 24.92 14.45
CA ASN A 30 42.30 24.37 13.54
C ASN A 30 42.67 22.94 13.17
N SER A 31 41.72 22.03 13.34
CA SER A 31 41.90 20.63 12.95
C SER A 31 41.47 20.49 11.50
N PHE A 32 42.44 20.58 10.60
CA PHE A 32 42.15 20.64 9.16
C PHE A 32 41.33 19.44 8.72
N THR A 33 41.92 18.24 8.81
CA THR A 33 41.22 16.99 8.51
C THR A 33 41.79 15.93 9.46
N ARG A 34 41.14 15.78 10.61
CA ARG A 34 41.60 14.87 11.64
C ARG A 34 40.39 14.40 12.44
N GLY A 35 40.52 13.22 13.03
CA GLY A 35 39.44 12.65 13.82
C GLY A 35 38.54 11.67 13.10
N VAL A 36 38.90 11.23 11.90
CA VAL A 36 38.07 10.29 11.18
C VAL A 36 38.34 8.88 11.69
N TYR A 37 37.28 8.11 11.91
CA TYR A 37 37.39 6.76 12.43
C TYR A 37 36.37 5.86 11.75
N TYR A 38 36.72 4.58 11.63
CA TYR A 38 35.83 3.60 11.04
C TYR A 38 34.58 3.44 11.90
N PRO A 39 33.43 3.89 11.41
CA PRO A 39 32.21 3.84 12.24
C PRO A 39 31.77 2.43 12.59
N ASP A 40 32.08 1.45 11.74
CA ASP A 40 31.69 0.07 11.95
C ASP A 40 32.86 -0.83 11.60
N LYS A 41 32.76 -2.08 12.01
CA LYS A 41 33.80 -3.08 11.75
C LYS A 41 33.48 -3.84 10.46
N VAL A 42 33.39 -3.07 9.38
CA VAL A 42 33.06 -3.59 8.06
C VAL A 42 34.18 -3.21 7.11
N PHE A 43 34.42 -4.06 6.12
CA PHE A 43 35.46 -3.83 5.13
C PHE A 43 34.83 -3.25 3.89
N ARG A 44 35.42 -2.17 3.36
CA ARG A 44 34.97 -1.56 2.13
C ARG A 44 36.16 -1.15 1.30
N SER A 45 36.03 -1.27 -0.02
CA SER A 45 37.14 -0.99 -0.93
C SER A 45 36.58 -0.34 -2.19
N SER A 46 37.29 0.67 -2.69
CA SER A 46 36.91 1.39 -3.91
C SER A 46 35.42 1.73 -3.92
N VAL A 47 34.98 2.39 -2.85
CA VAL A 47 33.58 2.77 -2.71
C VAL A 47 33.50 4.01 -1.83
N LEU A 48 32.54 4.88 -2.15
CA LEU A 48 32.25 6.05 -1.35
C LEU A 48 31.00 5.81 -0.51
N HIS A 49 31.12 6.02 0.80
CA HIS A 49 30.06 5.69 1.74
C HIS A 49 29.75 6.91 2.60
N SER A 50 28.46 7.22 2.73
CA SER A 50 28.00 8.36 3.51
C SER A 50 27.35 7.88 4.80
N THR A 51 27.84 8.38 5.93
CA THR A 51 27.35 7.97 7.24
C THR A 51 27.29 9.18 8.16
N GLN A 52 26.28 9.21 9.01
CA GLN A 52 26.14 10.24 10.04
C GLN A 52 26.56 9.65 11.39
N ASP A 53 27.46 10.33 12.07
CA ASP A 53 27.95 9.88 13.36
C ASP A 53 28.72 11.03 14.02
N LEU A 54 29.01 10.86 15.31
CA LEU A 54 29.76 11.86 16.06
C LEU A 54 31.18 11.95 15.51
N PHE A 55 31.47 13.02 14.79
CA PHE A 55 32.79 13.24 14.18
C PHE A 55 33.32 14.59 14.63
N LEU A 56 34.61 14.80 14.38
CA LEU A 56 35.24 16.10 14.60
C LEU A 56 35.11 16.91 13.31
N PRO A 57 34.32 17.99 13.30
CA PRO A 57 34.18 18.78 12.07
C PRO A 57 35.53 19.27 11.55
N PHE A 58 35.60 19.42 10.23
CA PHE A 58 36.85 19.84 9.62
C PHE A 58 37.13 21.31 9.94
N PHE A 59 38.41 21.65 10.06
CA PHE A 59 38.85 22.99 10.43
C PHE A 59 38.14 23.46 11.69
N SER A 60 38.12 22.61 12.70
CA SER A 60 37.45 22.90 13.95
C SER A 60 38.38 23.59 14.94
N ASN A 61 37.78 24.40 15.81
CA ASN A 61 38.52 25.26 16.72
C ASN A 61 38.82 24.47 17.98
N VAL A 62 40.03 23.93 18.06
CA VAL A 62 40.42 23.07 19.18
C VAL A 62 41.36 23.86 20.09
N THR A 63 41.28 23.56 21.38
CA THR A 63 42.17 24.17 22.36
C THR A 63 43.54 23.50 22.31
N TRP A 64 44.54 24.22 22.82
CA TRP A 64 45.92 23.75 22.85
C TRP A 64 46.48 23.96 24.24
N PHE A 65 47.09 22.92 24.79
CA PHE A 65 47.65 22.94 26.14
C PHE A 65 49.11 22.53 26.09
N HIS A 66 49.94 23.21 26.87
CA HIS A 66 51.38 22.98 26.87
C HIS A 66 51.82 22.42 28.22
N ALA A 67 52.96 21.74 28.21
CA ALA A 67 53.58 21.20 29.41
C ALA A 67 55.08 21.41 29.39
N ILE A 68 55.51 22.60 28.98
CA ILE A 68 56.92 22.88 28.76
C ILE A 68 57.42 23.79 29.87
N HIS A 69 58.73 23.75 30.10
CA HIS A 69 59.34 24.61 31.11
C HIS A 69 60.19 25.69 30.47
N LYS A 77 58.18 26.68 34.39
CA LYS A 77 57.38 25.50 34.68
C LYS A 77 55.91 25.73 34.33
N ARG A 78 55.56 25.47 33.08
CA ARG A 78 54.19 25.61 32.60
C ARG A 78 53.56 24.23 32.47
N PHE A 79 52.52 23.98 33.27
CA PHE A 79 51.74 22.75 33.18
C PHE A 79 50.28 23.11 32.99
N ASP A 80 49.62 22.39 32.08
CA ASP A 80 48.21 22.62 31.77
C ASP A 80 47.52 21.26 31.88
N ASN A 81 46.77 21.07 32.96
CA ASN A 81 45.98 19.85 33.11
C ASN A 81 44.65 20.11 33.84
N PRO A 82 43.81 21.01 33.35
CA PRO A 82 42.55 21.30 34.03
C PRO A 82 41.53 20.20 33.77
N VAL A 83 40.40 20.32 34.44
CA VAL A 83 39.28 19.40 34.25
C VAL A 83 38.40 19.94 33.14
N LEU A 84 38.24 19.16 32.08
CA LEU A 84 37.51 19.60 30.90
C LEU A 84 36.24 18.80 30.72
N PRO A 85 35.26 19.32 29.98
CA PRO A 85 34.00 18.60 29.80
C PRO A 85 34.12 17.48 28.78
N PHE A 86 33.08 16.64 28.75
CA PHE A 86 32.98 15.49 27.88
C PHE A 86 31.59 15.44 27.25
N ASN A 87 31.19 16.59 26.69
CA ASN A 87 29.81 16.83 26.27
C ASN A 87 29.24 15.65 25.49
N ASP A 88 29.85 15.34 24.34
CA ASP A 88 29.43 14.20 23.53
C ASP A 88 30.58 13.32 23.10
N GLY A 89 31.82 13.77 23.22
CA GLY A 89 32.96 13.02 22.75
C GLY A 89 34.19 13.91 22.73
N VAL A 90 35.32 13.29 22.47
CA VAL A 90 36.61 13.98 22.52
C VAL A 90 37.52 13.42 21.43
N TYR A 91 38.23 14.32 20.75
CA TYR A 91 39.35 13.96 19.88
C TYR A 91 40.62 14.40 20.57
N PHE A 92 41.38 13.45 21.09
CA PHE A 92 42.60 13.73 21.85
C PHE A 92 43.81 13.31 21.05
N ALA A 93 44.70 14.26 20.76
CA ALA A 93 45.93 14.01 20.03
C ALA A 93 47.10 14.51 20.86
N SER A 94 48.23 13.81 20.74
CA SER A 94 49.40 14.12 21.55
C SER A 94 50.68 13.95 20.74
N THR A 95 51.50 14.99 20.72
CA THR A 95 52.84 14.94 20.14
C THR A 95 53.83 14.72 21.27
N GLU A 96 54.48 13.56 21.27
CA GLU A 96 55.32 13.15 22.40
C GLU A 96 56.58 12.49 21.90
N LYS A 97 57.60 12.50 22.77
CA LYS A 97 58.84 11.78 22.52
C LYS A 97 59.31 10.96 23.71
N SER A 98 58.74 11.17 24.90
CA SER A 98 59.16 10.47 26.11
C SER A 98 58.01 9.79 26.83
N ASN A 99 56.81 9.74 26.21
CA ASN A 99 55.63 9.13 26.82
C ASN A 99 55.31 9.78 28.17
N ILE A 100 55.25 11.10 28.16
CA ILE A 100 54.97 11.83 29.40
C ILE A 100 53.50 11.66 29.80
N ILE A 101 52.60 11.65 28.83
CA ILE A 101 51.18 11.48 29.12
C ILE A 101 50.90 9.99 29.29
N ARG A 102 50.40 9.62 30.46
CA ARG A 102 50.19 8.21 30.79
C ARG A 102 48.75 7.75 30.65
N GLY A 103 47.78 8.65 30.82
CA GLY A 103 46.39 8.26 30.68
C GLY A 103 45.45 9.40 30.98
N TRP A 104 44.19 9.05 31.26
CA TRP A 104 43.13 10.04 31.42
C TRP A 104 42.27 9.67 32.61
N ILE A 105 41.32 10.53 32.92
CA ILE A 105 40.31 10.31 33.96
C ILE A 105 38.98 10.80 33.43
N PHE A 106 37.91 10.06 33.71
CA PHE A 106 36.57 10.42 33.26
C PHE A 106 35.57 10.31 34.41
N GLY A 107 34.63 11.25 34.46
CA GLY A 107 33.61 11.22 35.49
C GLY A 107 32.81 12.50 35.45
N THR A 108 31.94 12.64 36.46
CA THR A 108 31.15 13.86 36.64
C THR A 108 31.78 14.80 37.66
N THR A 109 32.02 14.31 38.87
CA THR A 109 32.57 15.12 39.94
C THR A 109 33.97 14.70 40.36
N LEU A 110 34.42 13.51 39.97
CA LEU A 110 35.78 13.03 40.23
C LEU A 110 36.09 12.95 41.71
N ASP A 111 35.08 12.63 42.53
CA ASP A 111 35.24 12.47 43.96
C ASP A 111 34.53 11.20 44.40
N SER A 112 34.77 10.81 45.66
CA SER A 112 34.31 9.52 46.15
C SER A 112 32.80 9.37 46.15
N LYS A 113 32.05 10.45 45.94
CA LYS A 113 30.59 10.36 45.98
C LYS A 113 30.01 9.72 44.72
N THR A 114 30.75 9.70 43.62
CA THR A 114 30.26 9.15 42.36
C THR A 114 31.32 8.24 41.75
N GLN A 115 30.87 7.37 40.86
CA GLN A 115 31.77 6.49 40.14
C GLN A 115 32.55 7.25 39.08
N SER A 116 33.75 6.77 38.78
CA SER A 116 34.63 7.43 37.83
C SER A 116 35.47 6.38 37.10
N LEU A 117 35.87 6.70 35.88
CA LEU A 117 36.63 5.80 35.04
C LEU A 117 38.10 6.21 35.04
N LEU A 118 38.98 5.22 35.02
CA LEU A 118 40.42 5.45 35.06
C LEU A 118 41.13 4.62 34.00
N ILE A 119 42.06 5.25 33.30
CA ILE A 119 42.89 4.58 32.29
C ILE A 119 44.32 5.04 32.50
N VAL A 120 45.21 4.09 32.82
CA VAL A 120 46.63 4.37 33.00
C VAL A 120 47.44 3.27 32.34
N ASN A 121 48.66 3.61 31.93
CA ASN A 121 49.51 2.71 31.17
C ASN A 121 50.78 2.45 31.98
N ASN A 122 50.93 1.23 32.46
CA ASN A 122 52.20 0.72 32.95
C ASN A 122 53.06 0.27 31.77
N ALA A 123 54.37 0.14 32.03
CA ALA A 123 55.26 -0.36 30.99
C ALA A 123 54.81 -1.75 30.53
N THR A 124 54.37 -1.82 29.27
CA THR A 124 53.95 -3.06 28.61
C THR A 124 52.60 -3.59 29.09
N ASN A 125 51.75 -2.75 29.70
CA ASN A 125 50.44 -3.14 30.19
C ASN A 125 49.61 -1.89 30.48
N VAL A 126 48.30 -2.09 30.59
CA VAL A 126 47.35 -1.01 30.84
C VAL A 126 46.48 -1.42 32.02
N VAL A 127 46.09 -0.43 32.81
CA VAL A 127 45.20 -0.65 33.95
C VAL A 127 43.97 0.23 33.76
N ILE A 128 42.79 -0.39 33.80
CA ILE A 128 41.52 0.32 33.68
C ILE A 128 40.64 -0.11 34.85
N LYS A 129 40.09 0.86 35.56
CA LYS A 129 39.22 0.61 36.71
C LYS A 129 38.04 1.56 36.65
N VAL A 130 36.88 1.07 37.09
CA VAL A 130 35.72 1.91 37.33
C VAL A 130 35.38 1.77 38.81
N CYS A 131 35.98 2.62 39.65
CA CYS A 131 35.68 2.71 41.06
C CYS A 131 35.16 4.11 41.36
N GLU A 132 34.63 4.27 42.57
CA GLU A 132 34.41 5.62 43.13
C GLU A 132 35.75 6.08 43.70
N PHE A 133 36.42 6.97 42.98
CA PHE A 133 37.75 7.41 43.32
C PHE A 133 37.70 8.77 44.00
N GLN A 134 38.69 9.05 44.83
CA GLN A 134 38.81 10.36 45.46
C GLN A 134 40.12 10.97 45.00
N PHE A 135 40.09 11.62 43.83
CA PHE A 135 41.28 12.24 43.29
C PHE A 135 41.61 13.52 44.03
N CYS A 136 42.90 13.73 44.25
CA CYS A 136 43.40 14.98 44.79
C CYS A 136 43.66 15.97 43.66
N ASN A 137 43.72 17.25 44.01
CA ASN A 137 43.96 18.29 43.02
C ASN A 137 45.33 18.11 42.38
N ASP A 138 45.38 18.33 41.07
CA ASP A 138 46.60 18.18 40.28
C ASP A 138 47.24 16.81 40.46
N PRO A 139 46.53 15.72 40.10
CA PRO A 139 47.15 14.39 40.21
C PRO A 139 48.21 14.14 39.16
N PHE A 140 48.86 12.98 39.24
CA PHE A 140 50.00 12.63 38.39
C PHE A 140 50.56 11.28 38.82
N LEU A 141 51.29 10.61 37.93
CA LEU A 141 52.03 9.41 38.30
C LEU A 141 53.39 9.82 38.86
N GLY A 142 53.81 9.12 39.90
CA GLY A 142 55.14 9.33 40.48
C GLY A 142 56.11 8.26 40.06
N VAL A 143 57.33 8.67 39.75
CA VAL A 143 58.42 7.77 39.40
C VAL A 143 59.52 7.96 40.43
N TYR A 144 60.03 6.85 40.97
CA TYR A 144 61.11 6.87 41.94
C TYR A 144 62.00 5.65 41.69
N TYR A 145 62.90 5.40 42.64
CA TYR A 145 63.72 4.20 42.64
C TYR A 145 63.43 3.43 43.92
N HIS A 146 63.48 2.09 43.83
CA HIS A 146 62.96 1.25 44.90
C HIS A 146 64.03 0.52 45.70
N LYS A 147 65.24 0.38 45.15
CA LYS A 147 66.40 -0.20 45.82
C LYS A 147 66.22 -1.70 46.05
N ASN A 148 65.02 -2.21 45.82
CA ASN A 148 64.78 -3.64 45.69
C ASN A 148 64.02 -3.89 44.40
N ASN A 149 64.26 -5.07 43.81
CA ASN A 149 63.88 -5.40 42.44
C ASN A 149 64.76 -4.65 41.44
N LYS A 150 65.57 -3.71 41.94
CA LYS A 150 66.46 -2.87 41.14
C LYS A 150 65.80 -2.36 39.86
N SER A 151 64.80 -1.50 40.01
CA SER A 151 64.04 -1.00 38.86
C SER A 151 63.14 0.15 39.33
N TRP A 152 63.11 1.21 38.52
CA TRP A 152 62.38 2.43 38.84
C TRP A 152 60.89 2.16 38.71
N MET A 153 60.21 2.00 39.85
CA MET A 153 58.79 1.68 39.81
C MET A 153 57.95 2.95 39.59
N GLU A 154 56.65 2.72 39.39
CA GLU A 154 55.74 3.74 38.89
C GLU A 154 54.44 3.73 39.69
N SER A 155 54.55 3.83 41.01
CA SER A 155 53.38 3.71 41.86
C SER A 155 52.35 4.79 41.54
N GLU A 156 51.08 4.39 41.44
CA GLU A 156 50.02 5.22 40.90
C GLU A 156 49.16 5.86 41.99
N PHE A 157 49.56 5.74 43.26
CA PHE A 157 48.72 6.21 44.35
C PHE A 157 48.74 7.72 44.52
N ARG A 158 49.52 8.44 43.72
CA ARG A 158 49.44 9.90 43.74
C ARG A 158 48.17 10.39 43.07
N VAL A 159 47.68 9.65 42.08
CA VAL A 159 46.48 10.08 41.35
C VAL A 159 45.26 10.06 42.27
N TYR A 160 44.96 8.90 42.86
CA TYR A 160 43.77 8.73 43.67
C TYR A 160 44.15 8.29 45.08
N SER A 161 43.36 8.74 46.06
CA SER A 161 43.55 8.40 47.46
C SER A 161 42.86 7.08 47.83
N SER A 162 41.59 6.93 47.46
CA SER A 162 40.79 5.79 47.84
C SER A 162 40.02 5.28 46.63
N ALA A 163 39.63 4.00 46.69
CA ALA A 163 38.90 3.35 45.61
C ALA A 163 37.73 2.56 46.19
N ASN A 164 36.54 3.15 46.13
CA ASN A 164 35.30 2.52 46.57
C ASN A 164 34.41 2.20 45.37
N ASN A 165 33.44 1.32 45.59
CA ASN A 165 32.46 0.91 44.58
C ASN A 165 33.13 0.54 43.27
N CYS A 166 34.03 -0.44 43.30
CA CYS A 166 34.60 -0.97 42.08
C CYS A 166 33.68 -2.03 41.48
N THR A 167 33.43 -1.91 40.18
CA THR A 167 32.61 -2.87 39.44
C THR A 167 33.30 -3.48 38.24
N PHE A 168 34.28 -2.80 37.65
CA PHE A 168 34.86 -3.22 36.39
C PHE A 168 36.38 -3.05 36.44
N GLU A 169 37.10 -4.01 35.87
CA GLU A 169 38.55 -3.95 35.74
C GLU A 169 38.95 -4.63 34.44
N TYR A 170 40.07 -4.18 33.88
CA TYR A 170 40.48 -4.65 32.56
C TYR A 170 41.94 -4.28 32.33
N VAL A 171 42.68 -5.22 31.73
CA VAL A 171 44.11 -5.05 31.44
C VAL A 171 44.35 -5.48 30.00
N SER A 172 45.28 -4.79 29.32
CA SER A 172 45.56 -5.05 27.91
C SER A 172 46.92 -4.45 27.56
N GLN A 173 47.28 -4.58 26.29
CA GLN A 173 48.56 -4.11 25.79
C GLN A 173 48.59 -2.58 25.75
N PRO A 174 49.78 -1.98 25.76
CA PRO A 174 49.88 -0.51 25.81
C PRO A 174 49.07 0.18 24.73
N PHE A 175 48.31 1.20 25.14
CA PHE A 175 47.64 2.08 24.19
C PHE A 175 48.62 3.06 23.55
N LEU A 176 49.56 3.57 24.34
CA LEU A 176 50.56 4.53 23.86
C LEU A 176 51.91 3.82 23.80
N MET A 177 52.49 3.76 22.60
CA MET A 177 53.72 3.03 22.37
C MET A 177 54.63 3.84 21.47
N ASP A 178 55.94 3.60 21.61
CA ASP A 178 56.93 4.30 20.81
C ASP A 178 57.40 3.44 19.65
N ASN A 185 61.73 17.28 17.19
CA ASN A 185 61.43 17.03 18.59
C ASN A 185 60.47 15.86 18.74
N PHE A 186 59.23 16.06 18.31
CA PHE A 186 58.20 15.02 18.37
C PHE A 186 58.29 14.18 17.11
N LYS A 187 58.69 12.92 17.25
CA LYS A 187 58.85 12.03 16.11
C LYS A 187 57.62 11.18 15.85
N ASN A 188 56.68 11.14 16.80
CA ASN A 188 55.48 10.33 16.68
C ASN A 188 54.28 11.14 17.12
N LEU A 189 53.11 10.79 16.57
CA LEU A 189 51.86 11.46 16.90
C LEU A 189 50.84 10.39 17.28
N ARG A 190 50.20 10.58 18.43
CA ARG A 190 49.17 9.66 18.92
C ARG A 190 47.85 10.41 19.00
N GLU A 191 46.88 9.97 18.21
CA GLU A 191 45.54 10.55 18.20
C GLU A 191 44.56 9.55 18.78
N PHE A 192 43.64 10.05 19.60
CA PHE A 192 42.64 9.20 20.24
C PHE A 192 41.27 9.82 20.08
N VAL A 193 40.25 8.97 20.09
CA VAL A 193 38.85 9.38 20.01
C VAL A 193 38.08 8.65 21.10
N PHE A 194 37.42 9.42 21.97
CA PHE A 194 36.65 8.87 23.07
C PHE A 194 35.17 9.14 22.84
N LYS A 195 34.33 8.15 23.11
CA LYS A 195 32.89 8.28 23.02
C LYS A 195 32.23 7.58 24.19
N ASN A 196 31.06 8.08 24.56
CA ASN A 196 30.29 7.60 25.70
C ASN A 196 28.88 7.23 25.25
N ILE A 197 28.81 6.40 24.21
CA ILE A 197 27.55 5.92 23.66
C ILE A 197 26.84 5.10 24.73
N ASP A 198 25.55 4.79 24.50
CA ASP A 198 24.54 4.52 25.52
C ASP A 198 25.08 3.83 26.76
N GLY A 199 25.78 2.72 26.59
CA GLY A 199 26.34 2.01 27.71
C GLY A 199 27.78 1.61 27.48
N TYR A 200 28.31 1.95 26.30
CA TYR A 200 29.63 1.56 25.88
C TYR A 200 30.52 2.78 25.74
N PHE A 201 31.72 2.71 26.32
CA PHE A 201 32.74 3.74 26.13
C PHE A 201 33.66 3.26 25.02
N LYS A 202 33.56 3.90 23.86
CA LYS A 202 34.25 3.47 22.67
C LYS A 202 35.49 4.33 22.46
N ILE A 203 36.58 3.69 22.03
CA ILE A 203 37.87 4.34 21.88
C ILE A 203 38.44 4.01 20.51
N TYR A 204 38.83 5.04 19.78
CA TYR A 204 39.51 4.90 18.49
C TYR A 204 40.87 5.58 18.60
N SER A 205 41.89 4.94 18.02
CA SER A 205 43.26 5.37 18.22
C SER A 205 44.05 5.22 16.93
N LYS A 206 45.13 5.98 16.84
CA LYS A 206 46.05 5.88 15.72
C LYS A 206 47.40 6.44 16.13
N HIS A 207 48.46 5.82 15.62
CA HIS A 207 49.83 6.26 15.87
C HIS A 207 50.46 6.62 14.54
N THR A 208 50.81 7.89 14.36
CA THR A 208 51.38 8.38 13.11
C THR A 208 52.71 9.06 13.38
N PRO A 209 53.79 8.66 12.71
CA PRO A 209 55.06 9.36 12.88
C PRO A 209 55.11 10.61 12.00
N ILE A 210 55.64 11.68 12.59
CA ILE A 210 55.75 12.97 11.91
C ILE A 210 56.94 13.71 12.49
N ASN A 211 57.47 14.67 11.71
CA ASN A 211 58.60 15.47 12.14
C ASN A 211 58.22 16.89 12.53
N LEU A 212 57.00 17.34 12.21
CA LEU A 212 56.55 18.66 12.61
C LEU A 212 56.59 18.82 14.13
N VAL A 213 57.04 19.99 14.58
CA VAL A 213 57.23 20.24 16.00
C VAL A 213 56.30 21.32 16.54
N ARG A 214 55.69 22.14 15.69
CA ARG A 214 54.91 23.27 16.17
C ARG A 214 53.48 22.87 16.55
N ASP A 215 52.75 22.29 15.62
CA ASP A 215 51.32 22.03 15.84
C ASP A 215 50.94 20.79 15.04
N LEU A 216 49.64 20.59 14.85
CA LEU A 216 49.16 19.41 14.14
C LEU A 216 49.69 19.43 12.70
N PRO A 217 50.07 18.26 12.17
CA PRO A 217 50.46 18.19 10.75
C PRO A 217 49.23 18.08 9.85
N GLN A 218 49.07 19.05 8.95
CA GLN A 218 47.97 18.99 7.99
C GLN A 218 48.11 17.76 7.11
N GLY A 219 47.01 17.05 6.92
CA GLY A 219 47.01 15.81 6.16
C GLY A 219 45.74 15.02 6.43
N PHE A 220 45.86 13.71 6.30
CA PHE A 220 44.75 12.82 6.55
C PHE A 220 45.27 11.53 7.16
N SER A 221 44.55 11.01 8.15
CA SER A 221 44.86 9.72 8.76
C SER A 221 43.65 9.28 9.58
N ALA A 222 43.22 8.05 9.36
CA ALA A 222 42.04 7.53 10.04
C ALA A 222 42.44 6.81 11.33
N LEU A 223 41.54 6.82 12.30
CA LEU A 223 41.78 6.23 13.61
C LEU A 223 41.05 4.89 13.70
N GLU A 224 41.79 3.84 14.02
CA GLU A 224 41.11 2.55 14.09
C GLU A 224 40.59 2.31 15.51
N PRO A 225 39.44 1.66 15.63
CA PRO A 225 38.87 1.40 16.95
C PRO A 225 39.77 0.50 17.78
N LEU A 226 39.71 0.67 19.10
CA LEU A 226 40.57 -0.06 20.00
C LEU A 226 39.78 -0.91 20.98
N VAL A 227 38.78 -0.33 21.66
CA VAL A 227 37.94 -1.05 22.62
C VAL A 227 36.57 -0.39 22.64
N ASP A 228 35.62 -1.05 23.32
CA ASP A 228 34.29 -0.50 23.57
C ASP A 228 33.85 -1.01 24.95
N LEU A 229 34.11 -0.20 25.96
CA LEU A 229 33.92 -0.72 27.31
C LEU A 229 32.48 -0.52 27.75
N PRO A 230 31.79 -1.57 28.23
CA PRO A 230 30.40 -1.43 28.67
C PRO A 230 30.30 -1.02 30.14
N ILE A 231 30.80 0.17 30.46
CA ILE A 231 30.80 0.64 31.83
C ILE A 231 29.41 1.08 32.26
N GLY A 232 28.65 1.72 31.36
CA GLY A 232 27.29 2.13 31.64
C GLY A 232 27.17 3.10 32.79
N ILE A 233 27.78 4.29 32.65
CA ILE A 233 27.74 5.33 33.66
C ILE A 233 27.52 6.67 32.97
N ASN A 234 27.49 7.73 33.76
CA ASN A 234 27.25 9.08 33.27
C ASN A 234 28.53 9.89 33.41
N ILE A 235 28.95 10.53 32.33
CA ILE A 235 30.24 11.22 32.24
C ILE A 235 29.98 12.63 31.75
N THR A 236 30.53 13.63 32.46
CA THR A 236 30.43 15.02 32.04
C THR A 236 31.76 15.76 32.04
N ARG A 237 32.78 15.28 32.75
CA ARG A 237 34.07 15.96 32.84
C ARG A 237 35.19 14.94 32.66
N PHE A 238 36.36 15.43 32.28
CA PHE A 238 37.49 14.54 32.11
C PHE A 238 38.79 15.31 32.27
N GLN A 239 39.85 14.59 32.62
CA GLN A 239 41.16 15.16 32.87
C GLN A 239 42.21 14.18 32.37
N THR A 240 43.41 14.71 32.10
CA THR A 240 44.50 13.94 31.54
C THR A 240 45.56 13.69 32.62
N LEU A 241 46.36 12.65 32.43
CA LEU A 241 47.38 12.25 33.37
C LEU A 241 48.74 12.31 32.68
N LEU A 242 49.71 12.94 33.33
CA LEU A 242 51.05 13.11 32.81
C LEU A 242 52.06 12.65 33.87
N ALA A 243 53.32 12.60 33.46
CA ALA A 243 54.41 12.19 34.32
C ALA A 243 55.40 13.33 34.48
N LEU A 244 56.17 13.27 35.56
CA LEU A 244 57.11 14.33 35.93
C LEU A 244 58.50 13.74 36.07
N HIS A 245 59.50 14.59 35.86
CA HIS A 245 60.89 14.18 35.94
C HIS A 245 61.57 14.90 37.10
N ARG A 246 62.22 14.14 37.97
CA ARG A 246 62.90 14.65 39.15
C ARG A 246 64.25 13.95 39.30
N SER A 247 64.98 13.85 38.20
CA SER A 247 66.21 13.05 38.20
C SER A 247 67.38 13.85 38.74
N TYR A 248 67.59 15.06 38.23
CA TYR A 248 68.79 15.83 38.57
C TYR A 248 68.84 16.17 40.05
N LEU A 249 67.70 16.30 40.71
CA LEU A 249 67.64 16.46 42.16
C LEU A 249 66.21 16.26 42.63
N THR A 250 66.06 15.95 43.92
CA THR A 250 64.75 15.68 44.51
C THR A 250 64.62 16.41 45.85
N PRO A 251 63.85 17.50 45.91
CA PRO A 251 63.53 18.09 47.21
C PRO A 251 62.30 17.42 47.81
N GLY A 252 61.93 17.84 49.02
CA GLY A 252 60.73 17.29 49.63
C GLY A 252 59.50 17.49 48.77
N ASP A 253 58.57 16.55 48.89
CA ASP A 253 57.32 16.62 48.12
C ASP A 253 56.59 17.93 48.36
N SER A 254 56.46 18.72 47.31
CA SER A 254 55.77 20.01 47.34
C SER A 254 55.57 20.46 45.90
N SER A 255 55.04 21.67 45.73
CA SER A 255 54.84 22.25 44.40
C SER A 255 56.16 22.78 43.83
N SER A 256 57.13 21.88 43.73
CA SER A 256 58.48 22.22 43.28
C SER A 256 59.22 20.92 43.00
N GLY A 257 60.47 21.05 42.56
CA GLY A 257 61.29 19.88 42.30
C GLY A 257 60.84 19.00 41.16
N TRP A 258 59.94 19.48 40.31
CA TRP A 258 59.44 18.71 39.19
C TRP A 258 59.74 19.45 37.89
N THR A 259 59.97 18.67 36.83
CA THR A 259 60.24 19.23 35.52
C THR A 259 59.54 18.38 34.48
N ALA A 260 58.87 19.04 33.54
CA ALA A 260 58.11 18.38 32.49
C ALA A 260 58.77 18.64 31.15
N GLY A 261 59.07 17.56 30.42
CA GLY A 261 59.59 17.69 29.08
C GLY A 261 58.55 18.25 28.13
N ALA A 262 58.99 18.51 26.91
CA ALA A 262 58.12 19.14 25.91
C ALA A 262 57.12 18.11 25.41
N ALA A 263 55.89 18.19 25.92
CA ALA A 263 54.80 17.36 25.44
C ALA A 263 53.52 18.16 25.52
N ALA A 264 52.87 18.38 24.38
CA ALA A 264 51.66 19.18 24.31
C ALA A 264 50.52 18.32 23.77
N TYR A 265 49.29 18.72 24.09
CA TYR A 265 48.12 17.99 23.65
C TYR A 265 47.01 18.96 23.28
N TYR A 266 46.14 18.52 22.38
CA TYR A 266 45.03 19.30 21.87
C TYR A 266 43.73 18.55 22.15
N VAL A 267 42.68 19.29 22.48
CA VAL A 267 41.40 18.72 22.86
C VAL A 267 40.32 19.28 21.95
N GLY A 268 39.56 18.38 21.33
CA GLY A 268 38.45 18.77 20.48
C GLY A 268 37.19 17.97 20.75
N TYR A 269 36.04 18.62 20.70
CA TYR A 269 34.77 17.99 21.01
C TYR A 269 34.07 17.59 19.73
N LEU A 270 33.52 16.37 19.73
CA LEU A 270 32.86 15.82 18.55
C LEU A 270 31.40 16.27 18.51
N GLN A 271 30.81 16.17 17.32
CA GLN A 271 29.42 16.53 17.10
C GLN A 271 28.81 15.58 16.09
N PRO A 272 27.49 15.37 16.15
CA PRO A 272 26.82 14.56 15.13
C PRO A 272 26.97 15.20 13.75
N ARG A 273 27.64 14.49 12.85
CA ARG A 273 27.95 15.04 11.54
C ARG A 273 27.82 13.94 10.50
N THR A 274 27.43 14.32 9.30
CA THR A 274 27.30 13.40 8.19
C THR A 274 28.53 13.48 7.32
N PHE A 275 29.30 12.40 7.26
CA PHE A 275 30.52 12.32 6.48
C PHE A 275 30.33 11.45 5.24
N LEU A 276 31.09 11.76 4.20
CA LEU A 276 31.19 10.94 3.00
C LEU A 276 32.60 10.37 3.00
N LEU A 277 32.70 9.04 3.12
CA LEU A 277 33.98 8.37 3.28
C LEU A 277 34.44 7.72 1.99
N LYS A 278 35.74 7.81 1.73
CA LYS A 278 36.38 7.17 0.60
C LYS A 278 37.08 5.90 1.05
N TYR A 279 37.18 4.92 0.14
CA TYR A 279 37.86 3.67 0.43
C TYR A 279 38.77 3.31 -0.74
N ASN A 280 40.00 2.92 -0.44
CA ASN A 280 40.98 2.54 -1.45
C ASN A 280 40.89 1.04 -1.74
N GLU A 281 41.85 0.54 -2.54
CA GLU A 281 41.92 -0.89 -2.81
C GLU A 281 42.16 -1.67 -1.51
N ASN A 282 43.18 -1.27 -0.75
CA ASN A 282 43.50 -1.96 0.50
C ASN A 282 42.30 -2.08 1.42
N GLY A 283 41.42 -1.08 1.42
CA GLY A 283 40.33 -1.01 2.36
C GLY A 283 40.47 0.11 3.36
N THR A 284 41.46 0.98 3.19
CA THR A 284 41.69 2.11 4.08
C THR A 284 40.94 3.33 3.57
N ILE A 285 40.73 4.29 4.47
CA ILE A 285 39.83 5.41 4.18
C ILE A 285 40.54 6.44 3.31
N THR A 286 41.61 7.05 3.83
CA THR A 286 42.55 7.86 3.07
C THR A 286 41.96 9.21 2.68
N ASP A 287 40.65 9.40 2.88
CA ASP A 287 40.00 10.66 2.55
C ASP A 287 38.55 10.60 3.00
N ALA A 288 37.95 11.78 3.13
CA ALA A 288 36.56 11.91 3.57
C ALA A 288 36.12 13.35 3.31
N VAL A 289 34.84 13.62 3.58
CA VAL A 289 34.24 14.92 3.32
C VAL A 289 33.14 15.16 4.34
N ASP A 290 33.11 16.38 4.88
CA ASP A 290 32.10 16.80 5.84
C ASP A 290 31.00 17.54 5.08
N CYS A 291 29.81 16.92 5.01
CA CYS A 291 28.79 17.39 4.08
C CYS A 291 28.30 18.79 4.41
N ALA A 292 28.38 19.21 5.68
CA ALA A 292 27.87 20.50 6.09
C ALA A 292 28.96 21.55 6.23
N LEU A 293 30.21 21.22 5.89
CA LEU A 293 31.28 22.20 5.90
C LEU A 293 30.97 23.39 4.99
N ASP A 294 30.74 23.12 3.72
CA ASP A 294 30.45 24.18 2.75
C ASP A 294 29.50 23.64 1.70
N PRO A 295 28.85 24.53 0.93
CA PRO A 295 27.98 24.06 -0.15
C PRO A 295 28.69 23.15 -1.14
N LEU A 296 30.00 23.34 -1.36
CA LEU A 296 30.71 22.44 -2.25
C LEU A 296 30.74 21.03 -1.66
N SER A 297 30.92 20.92 -0.35
CA SER A 297 30.83 19.62 0.31
C SER A 297 29.41 19.06 0.22
N GLU A 298 28.40 19.95 0.31
CA GLU A 298 27.03 19.48 0.15
C GLU A 298 26.83 18.87 -1.24
N THR A 299 27.40 19.52 -2.25
CA THR A 299 27.32 19.00 -3.62
C THR A 299 28.03 17.67 -3.74
N LYS A 300 29.24 17.57 -3.18
CA LYS A 300 29.99 16.33 -3.23
C LYS A 300 29.23 15.18 -2.59
N CYS A 301 28.62 15.44 -1.42
CA CYS A 301 27.83 14.40 -0.78
C CYS A 301 26.59 14.05 -1.59
N THR A 302 25.93 15.05 -2.17
CA THR A 302 24.75 14.80 -2.99
C THR A 302 25.08 13.92 -4.19
N LEU A 303 26.21 14.17 -4.84
CA LEU A 303 26.60 13.43 -6.03
C LEU A 303 27.37 12.16 -5.71
N LYS A 304 27.61 11.88 -4.44
CA LYS A 304 28.36 10.68 -4.02
C LYS A 304 29.69 10.58 -4.76
N SER A 305 30.42 11.69 -4.83
CA SER A 305 31.71 11.70 -5.50
C SER A 305 32.59 12.79 -4.91
N PHE A 306 33.90 12.58 -5.00
CA PHE A 306 34.88 13.58 -4.59
C PHE A 306 35.28 14.50 -5.74
N THR A 307 34.72 14.28 -6.92
CA THR A 307 34.97 15.13 -8.09
C THR A 307 33.63 15.64 -8.58
N VAL A 308 33.53 16.93 -8.83
CA VAL A 308 32.30 17.57 -9.29
C VAL A 308 32.55 18.15 -10.69
N GLU A 309 31.77 17.69 -11.66
CA GLU A 309 31.87 18.22 -13.01
C GLU A 309 31.30 19.63 -13.07
N LYS A 310 31.76 20.40 -14.06
CA LYS A 310 31.27 21.75 -14.26
C LYS A 310 29.77 21.74 -14.51
N GLY A 311 29.05 22.59 -13.81
CA GLY A 311 27.62 22.70 -13.97
C GLY A 311 26.96 23.19 -12.70
N ILE A 312 25.63 23.13 -12.69
CA ILE A 312 24.80 23.56 -11.58
C ILE A 312 24.06 22.35 -11.03
N TYR A 313 24.14 22.17 -9.71
CA TYR A 313 23.50 21.04 -9.04
C TYR A 313 22.57 21.55 -7.95
N GLN A 314 21.44 20.87 -7.78
CA GLN A 314 20.51 21.15 -6.70
C GLN A 314 20.80 20.18 -5.55
N THR A 315 21.21 20.73 -4.41
CA THR A 315 21.73 19.91 -3.32
C THR A 315 20.87 19.94 -2.07
N SER A 316 20.29 21.08 -1.72
CA SER A 316 19.53 21.21 -0.49
C SER A 316 18.39 22.19 -0.70
N ASN A 317 17.75 22.60 0.39
CA ASN A 317 16.64 23.54 0.34
C ASN A 317 16.76 24.51 1.50
N PHE A 318 16.69 25.80 1.19
CA PHE A 318 16.72 26.83 2.22
C PHE A 318 15.33 26.97 2.81
N ARG A 319 15.25 26.98 4.14
CA ARG A 319 13.98 27.14 4.84
C ARG A 319 14.19 27.99 6.07
N VAL A 320 13.43 29.06 6.18
CA VAL A 320 13.47 29.89 7.39
C VAL A 320 12.77 29.16 8.52
N GLN A 321 13.42 29.08 9.66
CA GLN A 321 12.87 28.38 10.81
C GLN A 321 12.16 29.35 11.74
N PRO A 322 11.15 28.88 12.48
CA PRO A 322 10.51 29.75 13.48
C PRO A 322 11.46 30.04 14.63
N THR A 323 11.24 31.20 15.25
CA THR A 323 12.06 31.65 16.38
C THR A 323 11.39 31.38 17.72
N GLU A 324 10.06 31.51 17.79
CA GLU A 324 9.34 31.35 19.03
C GLU A 324 7.94 30.82 18.72
N SER A 325 7.31 30.27 19.75
CA SER A 325 5.95 29.77 19.61
C SER A 325 4.95 30.84 20.02
N ILE A 326 3.77 30.79 19.44
CA ILE A 326 2.68 31.71 19.75
C ILE A 326 1.49 30.88 20.23
N VAL A 327 1.08 31.12 21.47
CA VAL A 327 -0.02 30.40 22.09
C VAL A 327 -1.14 31.39 22.36
N ARG A 328 -2.29 31.16 21.72
CA ARG A 328 -3.44 32.05 21.87
C ARG A 328 -4.67 31.23 22.25
N PHE A 329 -5.32 31.63 23.34
CA PHE A 329 -6.59 31.03 23.74
C PHE A 329 -7.49 32.12 24.32
N PRO A 330 -8.80 31.92 24.28
CA PRO A 330 -9.71 32.87 24.94
C PRO A 330 -9.36 33.04 26.40
N ASN A 331 -9.38 34.30 26.86
CA ASN A 331 -8.97 34.64 28.21
C ASN A 331 -10.13 34.46 29.19
N ILE A 332 -10.55 33.21 29.33
CA ILE A 332 -11.63 32.84 30.23
C ILE A 332 -11.03 32.09 31.41
N THR A 333 -11.81 31.99 32.49
CA THR A 333 -11.34 31.47 33.77
C THR A 333 -12.47 30.68 34.44
N ASN A 334 -12.38 29.35 34.34
CA ASN A 334 -13.38 28.47 34.93
C ASN A 334 -12.84 27.05 34.90
N LEU A 335 -13.30 26.23 35.85
CA LEU A 335 -12.89 24.85 35.95
C LEU A 335 -14.05 23.92 35.59
N CYS A 336 -13.72 22.87 34.83
CA CYS A 336 -14.73 21.89 34.46
C CYS A 336 -15.19 21.10 35.67
N PRO A 337 -16.50 20.86 35.82
CA PRO A 337 -17.01 20.19 37.03
C PRO A 337 -16.85 18.68 36.96
N PHE A 338 -15.60 18.22 36.84
CA PHE A 338 -15.32 16.78 36.88
C PHE A 338 -15.53 16.20 38.27
N GLY A 339 -15.50 17.04 39.31
CA GLY A 339 -15.68 16.52 40.66
C GLY A 339 -17.06 15.95 40.87
N GLU A 340 -18.10 16.63 40.35
CA GLU A 340 -19.45 16.15 40.51
C GLU A 340 -19.80 15.04 39.53
N VAL A 341 -18.89 14.69 38.63
CA VAL A 341 -19.05 13.53 37.75
C VAL A 341 -18.36 12.31 38.32
N PHE A 342 -17.10 12.46 38.76
CA PHE A 342 -16.36 11.32 39.28
C PHE A 342 -16.72 11.03 40.73
N ASN A 343 -16.67 12.04 41.60
CA ASN A 343 -17.00 11.90 43.00
C ASN A 343 -18.49 12.07 43.27
N ALA A 344 -19.34 11.79 42.28
CA ALA A 344 -20.78 11.86 42.49
C ALA A 344 -21.22 10.84 43.54
N THR A 345 -22.23 11.22 44.32
CA THR A 345 -22.65 10.38 45.45
C THR A 345 -23.21 9.05 44.96
N ARG A 346 -24.13 9.10 44.00
CA ARG A 346 -24.71 7.89 43.43
C ARG A 346 -24.59 7.93 41.92
N PHE A 347 -24.50 6.75 41.33
CA PHE A 347 -24.33 6.58 39.89
C PHE A 347 -25.59 5.96 39.29
N ALA A 348 -25.65 6.00 37.96
CA ALA A 348 -26.81 5.53 37.22
C ALA A 348 -26.62 4.09 36.76
N SER A 349 -27.74 3.41 36.52
CA SER A 349 -27.69 2.09 35.91
C SER A 349 -27.18 2.17 34.48
N VAL A 350 -26.57 1.08 34.02
CA VAL A 350 -25.93 1.10 32.70
C VAL A 350 -26.96 1.23 31.59
N TYR A 351 -28.15 0.66 31.76
CA TYR A 351 -29.18 0.80 30.73
C TYR A 351 -29.71 2.23 30.67
N ALA A 352 -29.73 2.92 31.81
CA ALA A 352 -30.14 4.32 31.85
C ALA A 352 -28.94 5.19 32.21
N TRP A 353 -27.82 4.94 31.56
CA TRP A 353 -26.58 5.65 31.86
C TRP A 353 -26.76 7.15 31.73
N ASN A 354 -26.27 7.89 32.72
CA ASN A 354 -26.36 9.34 32.72
C ASN A 354 -25.28 9.93 31.84
N ARG A 355 -25.58 11.07 31.23
CA ARG A 355 -24.64 11.80 30.41
C ARG A 355 -24.51 13.23 30.91
N LYS A 356 -23.28 13.66 31.14
CA LYS A 356 -22.96 15.03 31.51
C LYS A 356 -22.21 15.70 30.37
N ARG A 357 -22.65 16.88 29.98
CA ARG A 357 -22.02 17.65 28.91
C ARG A 357 -21.14 18.73 29.51
N ILE A 358 -19.84 18.65 29.25
CA ILE A 358 -18.87 19.58 29.80
C ILE A 358 -18.55 20.62 28.74
N SER A 359 -18.69 21.90 29.11
CA SER A 359 -18.46 22.98 28.16
C SER A 359 -18.13 24.26 28.91
N ASN A 360 -17.39 25.15 28.22
CA ASN A 360 -17.06 26.48 28.71
C ASN A 360 -16.33 26.41 30.06
N CYS A 361 -15.18 25.74 30.04
CA CYS A 361 -14.40 25.55 31.26
C CYS A 361 -13.00 25.07 30.88
N VAL A 362 -12.12 25.05 31.88
CA VAL A 362 -10.74 24.59 31.73
C VAL A 362 -10.53 23.45 32.70
N ALA A 363 -9.97 22.33 32.21
CA ALA A 363 -9.78 21.14 33.01
C ALA A 363 -8.36 20.62 32.88
N ASP A 364 -7.89 19.95 33.93
CA ASP A 364 -6.58 19.30 33.96
C ASP A 364 -6.80 17.80 33.98
N TYR A 365 -6.63 17.16 32.82
CA TYR A 365 -6.71 15.72 32.74
C TYR A 365 -5.49 15.04 33.35
N SER A 366 -4.40 15.79 33.51
CA SER A 366 -3.20 15.22 34.12
C SER A 366 -3.43 14.80 35.55
N VAL A 367 -4.19 15.59 36.32
CA VAL A 367 -4.49 15.21 37.70
C VAL A 367 -5.41 14.00 37.74
N LEU A 368 -6.39 13.95 36.84
CA LEU A 368 -7.26 12.78 36.73
C LEU A 368 -6.44 11.52 36.47
N TYR A 369 -5.54 11.58 35.49
CA TYR A 369 -4.70 10.42 35.19
C TYR A 369 -3.77 10.10 36.35
N ASN A 370 -3.28 11.13 37.04
CA ASN A 370 -2.40 10.94 38.19
C ASN A 370 -3.10 10.16 39.30
N SER A 371 -4.37 10.47 39.54
CA SER A 371 -5.10 9.81 40.62
C SER A 371 -5.11 8.30 40.40
N ALA A 372 -4.73 7.55 41.43
CA ALA A 372 -4.67 6.10 41.37
C ALA A 372 -5.95 5.44 41.89
N SER A 373 -7.03 6.20 42.04
CA SER A 373 -8.29 5.62 42.47
C SER A 373 -8.90 4.74 41.39
N PHE A 374 -8.46 4.88 40.14
CA PHE A 374 -9.09 4.23 39.00
C PHE A 374 -8.38 2.92 38.69
N SER A 375 -9.16 1.85 38.53
CA SER A 375 -8.60 0.56 38.14
C SER A 375 -8.51 0.40 36.63
N THR A 376 -9.34 1.10 35.88
CA THR A 376 -9.30 1.10 34.42
C THR A 376 -9.15 2.53 33.92
N PHE A 377 -8.20 2.75 33.00
CA PHE A 377 -7.99 4.06 32.39
C PHE A 377 -7.41 3.81 30.99
N LYS A 378 -8.28 3.49 30.05
CA LYS A 378 -7.91 3.25 28.67
C LYS A 378 -8.42 4.38 27.79
N CYS A 379 -7.54 4.95 26.97
CA CYS A 379 -7.90 6.01 26.05
C CYS A 379 -7.79 5.51 24.61
N TYR A 380 -8.60 6.10 23.74
CA TYR A 380 -8.64 5.72 22.33
C TYR A 380 -8.51 6.95 21.45
N GLY A 381 -7.68 6.84 20.40
CA GLY A 381 -7.42 7.95 19.50
C GLY A 381 -6.63 9.11 20.08
N VAL A 382 -6.32 9.09 21.37
CA VAL A 382 -5.54 10.15 21.99
C VAL A 382 -5.05 9.66 23.35
N SER A 383 -3.85 10.05 23.74
CA SER A 383 -3.32 9.63 25.03
C SER A 383 -3.56 10.69 26.09
N PRO A 384 -3.79 10.29 27.35
CA PRO A 384 -4.11 11.28 28.38
C PRO A 384 -2.96 12.23 28.66
N THR A 385 -1.72 11.77 28.51
CA THR A 385 -0.57 12.63 28.76
C THR A 385 -0.53 13.80 27.78
N LYS A 386 -1.01 13.57 26.56
CA LYS A 386 -1.13 14.60 25.54
C LYS A 386 -2.58 15.06 25.39
N LEU A 387 -3.30 15.14 26.52
CA LEU A 387 -4.70 15.56 26.51
C LEU A 387 -4.91 16.92 27.17
N ASN A 388 -4.01 17.34 28.06
CA ASN A 388 -4.15 18.63 28.74
C ASN A 388 -3.52 19.77 27.96
N ASP A 389 -3.46 19.65 26.63
CA ASP A 389 -3.03 20.75 25.77
C ASP A 389 -3.82 20.76 24.46
N LEU A 390 -5.02 20.18 24.46
CA LEU A 390 -5.88 20.14 23.29
C LEU A 390 -7.26 20.65 23.66
N CYS A 391 -7.80 21.56 22.86
CA CYS A 391 -9.09 22.17 23.13
C CYS A 391 -10.19 21.40 22.40
N PHE A 392 -11.33 21.25 23.07
CA PHE A 392 -12.50 20.64 22.45
C PHE A 392 -13.68 21.59 22.61
N THR A 393 -14.67 21.45 21.72
CA THR A 393 -15.86 22.29 21.80
C THR A 393 -16.82 21.79 22.87
N ASN A 394 -17.01 20.47 22.95
CA ASN A 394 -17.84 19.85 23.97
C ASN A 394 -17.25 18.52 24.39
N VAL A 395 -17.43 18.19 25.66
CA VAL A 395 -17.02 16.90 26.22
C VAL A 395 -18.23 16.29 26.92
N TYR A 396 -18.53 15.04 26.58
CA TYR A 396 -19.65 14.31 27.19
C TYR A 396 -19.09 13.30 28.18
N ALA A 397 -19.63 13.31 29.39
CA ALA A 397 -19.22 12.41 30.46
C ALA A 397 -20.36 11.45 30.75
N ASP A 398 -20.25 10.23 30.24
CA ASP A 398 -21.26 9.20 30.49
C ASP A 398 -20.81 8.37 31.68
N SER A 399 -21.71 8.17 32.63
CA SER A 399 -21.40 7.47 33.87
C SER A 399 -22.46 6.44 34.17
N PHE A 400 -22.03 5.28 34.66
CA PHE A 400 -22.92 4.18 35.00
C PHE A 400 -22.15 3.20 35.88
N VAL A 401 -22.83 2.11 36.26
CA VAL A 401 -22.24 1.08 37.10
C VAL A 401 -22.45 -0.27 36.43
N ILE A 402 -21.37 -1.04 36.30
CA ILE A 402 -21.40 -2.42 35.83
C ILE A 402 -20.55 -3.27 36.76
N ARG A 403 -20.51 -4.57 36.48
CA ARG A 403 -19.70 -5.49 37.25
C ARG A 403 -18.33 -5.69 36.58
N GLY A 404 -17.45 -6.37 37.31
CA GLY A 404 -16.06 -6.54 36.90
C GLY A 404 -15.87 -7.08 35.50
N ASP A 405 -16.40 -8.29 35.25
CA ASP A 405 -16.19 -8.95 33.97
C ASP A 405 -16.86 -8.25 32.80
N GLU A 406 -17.71 -7.25 33.06
CA GLU A 406 -18.34 -6.48 32.00
C GLU A 406 -17.57 -5.20 31.67
N VAL A 407 -16.54 -4.88 32.45
CA VAL A 407 -15.76 -3.65 32.20
C VAL A 407 -15.09 -3.72 30.83
N ARG A 408 -14.63 -4.91 30.44
CA ARG A 408 -13.96 -5.07 29.14
C ARG A 408 -14.91 -4.81 27.97
N GLN A 409 -16.23 -4.83 28.20
CA GLN A 409 -17.15 -4.58 27.11
C GLN A 409 -17.30 -3.10 26.76
N ILE A 410 -16.74 -2.21 27.58
CA ILE A 410 -16.84 -0.77 27.31
C ILE A 410 -15.60 -0.40 26.49
N ALA A 411 -15.70 -0.66 25.20
CA ALA A 411 -14.60 -0.41 24.27
C ALA A 411 -15.15 -0.45 22.85
N PRO A 412 -14.50 0.21 21.91
CA PRO A 412 -14.97 0.16 20.52
C PRO A 412 -14.91 -1.25 19.96
N GLY A 413 -15.98 -1.65 19.29
CA GLY A 413 -16.02 -2.96 18.67
C GLY A 413 -16.09 -4.13 19.63
N GLN A 414 -16.86 -4.00 20.70
CA GLN A 414 -17.07 -5.08 21.65
C GLN A 414 -18.52 -5.54 21.61
N THR A 415 -18.73 -6.78 22.04
CA THR A 415 -20.04 -7.40 22.01
C THR A 415 -20.38 -7.95 23.38
N GLY A 416 -21.67 -8.06 23.66
CA GLY A 416 -22.13 -8.53 24.95
C GLY A 416 -23.48 -7.91 25.27
N LYS A 417 -23.99 -8.29 26.45
CA LYS A 417 -25.28 -7.77 26.88
C LYS A 417 -25.22 -6.26 27.11
N ILE A 418 -24.09 -5.76 27.60
CA ILE A 418 -23.96 -4.34 27.90
C ILE A 418 -23.73 -3.53 26.63
N ALA A 419 -22.75 -3.95 25.82
CA ALA A 419 -22.42 -3.20 24.62
C ALA A 419 -23.52 -3.25 23.56
N ASP A 420 -24.35 -4.29 23.57
CA ASP A 420 -25.41 -4.39 22.57
C ASP A 420 -26.71 -3.75 23.03
N TYR A 421 -27.07 -3.91 24.30
CA TYR A 421 -28.38 -3.53 24.79
C TYR A 421 -28.37 -2.38 25.78
N ASN A 422 -27.21 -1.98 26.29
CA ASN A 422 -27.13 -0.99 27.36
C ASN A 422 -26.34 0.24 26.97
N TYR A 423 -25.10 0.07 26.51
CA TYR A 423 -24.24 1.21 26.19
C TYR A 423 -23.30 0.79 25.08
N LYS A 424 -23.46 1.41 23.90
CA LYS A 424 -22.66 1.08 22.72
C LYS A 424 -21.76 2.25 22.36
N LEU A 425 -20.47 1.97 22.15
CA LEU A 425 -19.43 2.88 21.72
C LEU A 425 -19.18 2.77 20.22
N PRO A 426 -19.04 3.90 19.54
CA PRO A 426 -18.74 3.87 18.11
C PRO A 426 -17.33 3.38 17.84
N ASP A 427 -17.10 2.96 16.60
CA ASP A 427 -15.78 2.47 16.21
C ASP A 427 -14.78 3.59 16.03
N ASP A 428 -15.26 4.80 15.69
CA ASP A 428 -14.41 5.98 15.61
C ASP A 428 -14.41 6.78 16.91
N PHE A 429 -14.51 6.11 18.05
CA PHE A 429 -14.59 6.80 19.33
C PHE A 429 -13.27 7.49 19.65
N THR A 430 -13.36 8.74 20.09
CA THR A 430 -12.20 9.53 20.50
C THR A 430 -12.42 9.95 21.96
N GLY A 431 -11.75 9.25 22.87
CA GLY A 431 -11.91 9.55 24.28
C GLY A 431 -11.25 8.50 25.15
N CYS A 432 -11.62 8.50 26.43
CA CYS A 432 -11.04 7.61 27.42
C CYS A 432 -12.15 6.91 28.19
N VAL A 433 -11.88 5.68 28.59
CA VAL A 433 -12.80 4.89 29.40
C VAL A 433 -12.17 4.69 30.77
N ILE A 434 -12.85 5.14 31.81
CA ILE A 434 -12.35 5.09 33.18
C ILE A 434 -13.33 4.28 34.02
N ALA A 435 -12.78 3.39 34.86
CA ALA A 435 -13.58 2.57 35.75
C ALA A 435 -12.79 2.30 37.02
N TRP A 436 -13.52 2.03 38.10
CA TRP A 436 -12.90 1.68 39.37
C TRP A 436 -13.87 0.84 40.17
N ASN A 437 -13.30 -0.02 41.04
CA ASN A 437 -14.10 -0.93 41.83
C ASN A 437 -14.84 -0.17 42.91
N SER A 438 -16.17 -0.25 42.90
CA SER A 438 -17.03 0.43 43.85
C SER A 438 -17.76 -0.55 44.77
N ASN A 439 -17.08 -1.63 45.15
CA ASN A 439 -17.72 -2.63 46.01
C ASN A 439 -18.03 -2.07 47.40
N ASN A 440 -17.20 -1.13 47.87
CA ASN A 440 -17.43 -0.56 49.20
C ASN A 440 -18.63 0.38 49.21
N LEU A 441 -19.01 0.94 48.05
CA LEU A 441 -20.10 1.90 47.97
C LEU A 441 -21.38 1.33 47.37
N ASP A 442 -21.28 0.47 46.36
CA ASP A 442 -22.43 0.03 45.59
C ASP A 442 -22.86 -1.39 45.91
N SER A 443 -22.42 -1.93 47.05
CA SER A 443 -22.78 -3.28 47.46
C SER A 443 -23.53 -3.22 48.79
N LYS A 444 -24.55 -4.06 48.91
CA LYS A 444 -25.30 -4.20 50.14
C LYS A 444 -25.14 -5.61 50.69
N VAL A 445 -25.20 -5.72 52.02
CA VAL A 445 -25.04 -7.02 52.67
C VAL A 445 -26.06 -8.02 52.15
N GLY A 446 -27.29 -7.56 51.93
CA GLY A 446 -28.31 -8.40 51.34
C GLY A 446 -28.36 -8.32 49.83
N GLY A 447 -27.44 -7.58 49.22
CA GLY A 447 -27.42 -7.40 47.78
C GLY A 447 -27.99 -6.07 47.35
N ASN A 448 -27.28 -5.34 46.50
CA ASN A 448 -27.74 -4.07 45.99
C ASN A 448 -28.44 -4.31 44.66
N TYR A 449 -29.76 -4.13 44.64
CA TYR A 449 -30.59 -4.40 43.47
C TYR A 449 -31.09 -3.12 42.81
N ASN A 450 -30.45 -1.98 43.10
CA ASN A 450 -30.86 -0.72 42.51
C ASN A 450 -30.21 -0.47 41.15
N TYR A 451 -29.08 -1.11 40.87
CA TYR A 451 -28.40 -0.96 39.59
C TYR A 451 -28.90 -2.05 38.65
N LEU A 452 -29.49 -1.64 37.54
CA LEU A 452 -30.10 -2.55 36.59
C LEU A 452 -29.36 -2.53 35.26
N TYR A 453 -29.69 -3.49 34.42
CA TYR A 453 -29.17 -3.54 33.06
C TYR A 453 -30.20 -4.18 32.16
N ARG A 454 -30.19 -3.78 30.89
CA ARG A 454 -31.12 -4.34 29.92
C ARG A 454 -30.64 -5.71 29.49
N LEU A 455 -31.48 -6.73 29.67
CA LEU A 455 -31.13 -8.10 29.34
C LEU A 455 -31.71 -8.57 28.01
N PHE A 456 -32.89 -8.09 27.64
CA PHE A 456 -33.53 -8.47 26.39
C PHE A 456 -33.82 -7.24 25.54
N ARG A 457 -33.56 -7.35 24.24
CA ARG A 457 -33.82 -6.26 23.30
C ARG A 457 -33.82 -6.84 21.89
N LYS A 458 -34.71 -6.31 21.05
CA LYS A 458 -34.90 -6.88 19.72
C LYS A 458 -33.67 -6.68 18.84
N SER A 459 -32.90 -5.62 19.06
CA SER A 459 -31.73 -5.36 18.25
C SER A 459 -30.69 -4.63 19.10
N ASN A 460 -29.51 -4.46 18.51
CA ASN A 460 -28.41 -3.79 19.20
C ASN A 460 -28.58 -2.28 19.17
N LEU A 461 -28.01 -1.61 20.16
CA LEU A 461 -28.07 -0.16 20.23
C LEU A 461 -27.10 0.48 19.23
N LYS A 462 -27.52 1.60 18.65
CA LYS A 462 -26.60 2.46 17.95
C LYS A 462 -25.59 3.08 18.91
N PRO A 463 -24.44 3.51 18.42
CA PRO A 463 -23.46 4.18 19.29
C PRO A 463 -24.05 5.41 19.96
N PHE A 464 -23.82 5.52 21.27
CA PHE A 464 -24.26 6.64 22.11
C PHE A 464 -25.78 6.75 22.18
N GLU A 465 -26.48 5.64 21.96
CA GLU A 465 -27.93 5.59 22.12
C GLU A 465 -28.29 5.04 23.49
N ARG A 466 -29.36 5.56 24.07
CA ARG A 466 -29.84 5.13 25.38
C ARG A 466 -31.25 4.59 25.23
N ASP A 467 -31.49 3.41 25.80
CA ASP A 467 -32.80 2.76 25.76
C ASP A 467 -33.25 2.54 27.19
N ILE A 468 -34.28 3.27 27.62
CA ILE A 468 -34.82 3.18 28.96
C ILE A 468 -36.26 2.68 28.94
N SER A 469 -36.67 2.04 27.85
CA SER A 469 -38.02 1.50 27.76
C SER A 469 -38.17 0.29 28.68
N THR A 470 -39.38 0.11 29.20
CA THR A 470 -39.71 -1.01 30.07
C THR A 470 -40.78 -1.89 29.46
N GLU A 471 -40.84 -1.96 28.13
CA GLU A 471 -41.82 -2.80 27.47
C GLU A 471 -41.45 -4.27 27.63
N ILE A 472 -42.48 -5.12 27.66
CA ILE A 472 -42.27 -6.55 27.78
C ILE A 472 -41.66 -7.09 26.50
N TYR A 473 -40.56 -7.83 26.62
CA TYR A 473 -39.87 -8.38 25.47
C TYR A 473 -40.63 -9.57 24.92
N GLN A 474 -41.15 -9.45 23.70
CA GLN A 474 -41.86 -10.54 23.05
C GLN A 474 -40.84 -11.47 22.41
N ALA A 475 -40.55 -12.59 23.08
CA ALA A 475 -39.55 -13.52 22.58
C ALA A 475 -40.11 -14.43 21.49
N GLY A 476 -41.39 -14.80 21.59
CA GLY A 476 -42.01 -15.70 20.64
C GLY A 476 -42.78 -14.97 19.56
N SER A 477 -43.74 -15.68 18.97
CA SER A 477 -44.57 -15.13 17.91
C SER A 477 -45.87 -14.53 18.41
N THR A 478 -46.35 -14.97 19.56
CA THR A 478 -47.61 -14.45 20.10
C THR A 478 -47.36 -13.11 20.78
N PRO A 479 -48.14 -12.07 20.48
CA PRO A 479 -47.94 -10.78 21.14
C PRO A 479 -48.21 -10.88 22.63
N CYS A 480 -47.57 -9.99 23.39
CA CYS A 480 -47.60 -10.05 24.84
C CYS A 480 -48.65 -9.14 25.46
N ASN A 481 -49.02 -8.05 24.78
CA ASN A 481 -50.03 -7.11 25.26
C ASN A 481 -49.65 -6.58 26.65
N GLY A 482 -48.36 -6.39 26.87
CA GLY A 482 -47.86 -5.93 28.16
C GLY A 482 -48.03 -6.90 29.29
N VAL A 483 -48.15 -8.20 29.00
CA VAL A 483 -48.31 -9.23 30.01
C VAL A 483 -47.03 -10.07 30.03
N GLU A 484 -46.37 -10.11 31.19
CA GLU A 484 -45.17 -10.91 31.36
C GLU A 484 -45.53 -12.38 31.54
N GLY A 485 -44.67 -13.24 31.04
CA GLY A 485 -44.86 -14.67 31.16
C GLY A 485 -44.13 -15.41 30.05
N PHE A 486 -44.79 -16.43 29.51
CA PHE A 486 -44.15 -17.32 28.55
C PHE A 486 -43.83 -16.55 27.27
N ASN A 487 -42.55 -16.57 26.89
CA ASN A 487 -42.05 -15.83 25.73
C ASN A 487 -42.36 -14.34 25.85
N CYS A 488 -42.47 -13.85 27.09
CA CYS A 488 -42.76 -12.44 27.36
C CYS A 488 -41.94 -12.06 28.60
N TYR A 489 -40.72 -11.61 28.37
CA TYR A 489 -39.76 -11.39 29.45
C TYR A 489 -39.72 -9.92 29.84
N PHE A 490 -39.37 -9.67 31.08
CA PHE A 490 -39.01 -8.32 31.51
C PHE A 490 -37.61 -7.98 31.01
N PRO A 491 -37.43 -6.84 30.32
CA PRO A 491 -36.16 -6.58 29.63
C PRO A 491 -35.03 -6.15 30.55
N LEU A 492 -35.31 -5.86 31.82
CA LEU A 492 -34.33 -5.34 32.74
C LEU A 492 -34.06 -6.38 33.83
N GLN A 493 -32.78 -6.60 34.12
CA GLN A 493 -32.35 -7.49 35.20
C GLN A 493 -31.50 -6.70 36.17
N SER A 494 -31.53 -7.11 37.44
CA SER A 494 -30.82 -6.41 38.50
C SER A 494 -29.53 -7.16 38.86
N TYR A 495 -28.47 -6.39 39.08
CA TYR A 495 -27.23 -6.96 39.60
C TYR A 495 -27.39 -7.41 41.04
N GLY A 496 -26.64 -8.44 41.42
CA GLY A 496 -26.58 -8.90 42.79
C GLY A 496 -25.92 -7.86 43.69
N PHE A 497 -24.63 -7.61 43.44
CA PHE A 497 -23.85 -6.59 44.15
C PHE A 497 -23.87 -6.84 45.66
N GLN A 498 -23.19 -7.93 46.04
CA GLN A 498 -22.93 -8.27 47.43
C GLN A 498 -21.44 -8.15 47.73
N PRO A 499 -21.07 -7.77 48.96
CA PRO A 499 -19.64 -7.61 49.27
C PRO A 499 -18.83 -8.88 49.04
N THR A 500 -19.42 -10.05 49.28
CA THR A 500 -18.71 -11.32 49.12
C THR A 500 -18.65 -11.77 47.67
N ASN A 501 -19.12 -10.96 46.72
CA ASN A 501 -19.07 -11.32 45.32
C ASN A 501 -17.63 -11.37 44.83
N GLY A 502 -17.39 -12.21 43.82
CA GLY A 502 -16.11 -12.20 43.14
C GLY A 502 -15.85 -10.86 42.46
N VAL A 503 -14.57 -10.61 42.19
CA VAL A 503 -14.17 -9.31 41.64
C VAL A 503 -14.87 -9.06 40.31
N GLY A 504 -15.04 -10.11 39.51
CA GLY A 504 -15.77 -9.98 38.26
C GLY A 504 -17.24 -9.68 38.47
N TYR A 505 -17.77 -9.96 39.66
CA TYR A 505 -19.17 -9.70 39.99
C TYR A 505 -19.34 -8.56 40.98
N GLN A 506 -18.27 -7.83 41.28
CA GLN A 506 -18.37 -6.66 42.15
C GLN A 506 -18.75 -5.43 41.34
N PRO A 507 -19.36 -4.44 41.96
CA PRO A 507 -19.76 -3.26 41.20
C PRO A 507 -18.56 -2.39 40.83
N TYR A 508 -18.65 -1.79 39.65
CA TYR A 508 -17.62 -0.88 39.16
C TYR A 508 -18.30 0.37 38.64
N ARG A 509 -17.79 1.54 39.02
CA ARG A 509 -18.31 2.80 38.54
C ARG A 509 -17.48 3.22 37.32
N VAL A 510 -18.17 3.41 36.19
CA VAL A 510 -17.52 3.69 34.91
C VAL A 510 -17.86 5.11 34.51
N VAL A 511 -16.85 5.86 34.07
CA VAL A 511 -17.03 7.19 33.50
C VAL A 511 -16.38 7.20 32.12
N VAL A 512 -17.17 7.50 31.10
CA VAL A 512 -16.69 7.53 29.73
C VAL A 512 -16.65 8.97 29.28
N LEU A 513 -15.45 9.49 29.05
CA LEU A 513 -15.26 10.83 28.52
C LEU A 513 -15.10 10.73 27.01
N SER A 514 -15.98 11.40 26.28
CA SER A 514 -15.90 11.47 24.82
C SER A 514 -15.60 12.91 24.40
N PHE A 515 -14.60 13.06 23.54
CA PHE A 515 -14.19 14.36 23.04
C PHE A 515 -14.61 14.49 21.58
N GLU A 516 -15.22 15.62 21.25
CA GLU A 516 -15.67 15.90 19.89
C GLU A 516 -14.95 17.15 19.38
N LEU A 517 -14.41 17.06 18.18
CA LEU A 517 -13.73 18.20 17.55
C LEU A 517 -14.64 18.85 16.51
N LEU A 518 -15.77 19.36 16.97
CA LEU A 518 -16.62 20.17 16.11
C LEU A 518 -15.85 21.41 15.67
N HIS A 519 -15.91 21.71 14.37
CA HIS A 519 -15.23 22.91 13.89
C HIS A 519 -15.98 24.14 14.37
N ALA A 520 -15.62 24.62 15.55
CA ALA A 520 -16.36 25.65 16.27
C ALA A 520 -15.44 26.23 17.32
N PRO A 521 -15.88 27.28 18.05
CA PRO A 521 -15.01 27.79 19.12
C PRO A 521 -14.85 26.77 20.22
N ALA A 522 -13.63 26.22 20.33
CA ALA A 522 -13.31 25.19 21.31
C ALA A 522 -13.26 25.81 22.69
N THR A 523 -14.25 25.50 23.52
CA THR A 523 -14.31 26.10 24.85
C THR A 523 -13.57 25.27 25.89
N VAL A 524 -13.81 23.96 25.93
CA VAL A 524 -13.12 23.11 26.90
C VAL A 524 -11.66 22.98 26.52
N CYS A 525 -10.78 23.69 27.22
CA CYS A 525 -9.35 23.60 26.98
C CYS A 525 -8.64 23.10 28.22
N GLY A 526 -7.42 22.60 28.03
CA GLY A 526 -6.67 22.06 29.13
C GLY A 526 -5.57 22.97 29.62
N PRO A 527 -5.25 22.85 30.90
CA PRO A 527 -4.91 24.03 31.71
C PRO A 527 -3.73 24.83 31.17
N LYS A 528 -3.88 25.59 30.09
CA LYS A 528 -2.69 26.13 29.43
C LYS A 528 -2.83 27.62 29.16
N LYS A 529 -1.81 28.36 29.60
CA LYS A 529 -1.75 29.81 29.49
C LYS A 529 -1.45 30.23 28.06
N SER A 530 -2.08 31.32 27.62
CA SER A 530 -1.79 31.85 26.30
C SER A 530 -0.54 32.73 26.36
N THR A 531 0.00 33.04 25.19
CA THR A 531 1.15 33.92 25.08
C THR A 531 0.82 35.11 24.18
N ASN A 532 1.77 36.04 24.11
CA ASN A 532 1.62 37.19 23.22
C ASN A 532 1.84 36.76 21.77
N LEU A 533 1.26 37.55 20.86
CA LEU A 533 1.32 37.28 19.43
C LEU A 533 2.34 38.20 18.78
N VAL A 534 3.20 37.62 17.94
CA VAL A 534 4.25 38.35 17.25
C VAL A 534 3.94 38.34 15.75
N LYS A 535 3.85 39.53 15.16
CA LYS A 535 3.49 39.68 13.76
C LYS A 535 4.73 39.82 12.89
N ASN A 536 4.57 39.45 11.62
CA ASN A 536 5.60 39.61 10.59
C ASN A 536 6.87 38.83 10.91
N LYS A 537 6.73 37.70 11.62
CA LYS A 537 7.86 36.85 11.92
C LYS A 537 7.45 35.39 11.76
N CYS A 538 8.41 34.54 11.40
CA CYS A 538 8.16 33.11 11.31
C CYS A 538 8.01 32.52 12.70
N VAL A 539 6.81 32.03 13.02
CA VAL A 539 6.53 31.49 14.35
C VAL A 539 5.75 30.18 14.22
N ASN A 540 5.80 29.40 15.29
CA ASN A 540 5.00 28.19 15.42
C ASN A 540 3.79 28.56 16.27
N PHE A 541 2.63 28.67 15.62
CA PHE A 541 1.45 29.23 16.26
C PHE A 541 0.51 28.12 16.72
N ASN A 542 -0.33 28.47 17.70
CA ASN A 542 -1.36 27.58 18.23
C ASN A 542 -2.59 28.43 18.52
N PHE A 543 -3.59 28.35 17.66
CA PHE A 543 -4.84 29.09 17.81
C PHE A 543 -5.96 28.12 18.15
N ASN A 544 -6.40 28.14 19.41
CA ASN A 544 -7.49 27.30 19.90
C ASN A 544 -7.24 25.83 19.60
N GLY A 545 -5.98 25.41 19.75
CA GLY A 545 -5.60 24.04 19.52
C GLY A 545 -5.13 23.74 18.11
N LEU A 546 -5.30 24.67 17.18
CA LEU A 546 -4.85 24.49 15.81
C LEU A 546 -3.41 24.99 15.70
N THR A 547 -2.51 24.09 15.32
CA THR A 547 -1.08 24.41 15.33
C THR A 547 -0.54 24.46 13.90
N GLY A 548 0.60 25.11 13.77
CA GLY A 548 1.28 25.20 12.50
C GLY A 548 2.42 26.19 12.58
N THR A 549 3.13 26.32 11.45
CA THR A 549 4.25 27.23 11.33
C THR A 549 4.00 28.19 10.18
N GLY A 550 4.23 29.46 10.42
CA GLY A 550 4.03 30.47 9.39
C GLY A 550 4.19 31.86 9.96
N VAL A 551 4.11 32.83 9.06
CA VAL A 551 4.20 34.24 9.41
C VAL A 551 2.80 34.81 9.56
N LEU A 552 2.52 35.42 10.71
CA LEU A 552 1.22 36.00 11.00
C LEU A 552 1.26 37.50 10.70
N THR A 553 0.40 37.95 9.79
CA THR A 553 0.35 39.34 9.36
C THR A 553 -1.08 39.85 9.45
N GLU A 554 -1.22 41.17 9.39
CA GLU A 554 -2.54 41.78 9.31
C GLU A 554 -3.19 41.49 7.97
N SER A 555 -4.52 41.47 7.94
CA SER A 555 -5.25 41.13 6.74
C SER A 555 -6.43 42.08 6.57
N ASN A 556 -6.96 42.08 5.34
CA ASN A 556 -8.17 42.82 4.99
C ASN A 556 -9.29 41.87 4.58
N LYS A 557 -9.23 40.64 5.08
CA LYS A 557 -10.23 39.62 4.76
C LYS A 557 -11.37 39.73 5.76
N LYS A 558 -12.55 40.11 5.26
CA LYS A 558 -13.70 40.38 6.12
C LYS A 558 -14.40 39.07 6.45
N PHE A 559 -13.96 38.45 7.55
CA PHE A 559 -14.61 37.25 8.04
C PHE A 559 -15.98 37.61 8.61
N LEU A 560 -16.93 36.72 8.44
CA LEU A 560 -18.24 36.95 9.02
C LEU A 560 -18.20 36.67 10.53
N PRO A 561 -19.10 37.31 11.30
CA PRO A 561 -19.04 37.18 12.77
C PRO A 561 -19.00 35.74 13.26
N PHE A 562 -19.51 34.78 12.49
CA PHE A 562 -19.50 33.38 12.89
C PHE A 562 -18.27 32.64 12.39
N GLN A 563 -17.46 33.26 11.54
CA GLN A 563 -16.31 32.60 10.95
C GLN A 563 -15.09 32.81 11.82
N GLN A 564 -14.37 31.72 12.11
CA GLN A 564 -13.18 31.77 12.95
C GLN A 564 -11.90 31.44 12.21
N PHE A 565 -11.96 30.55 11.22
CA PHE A 565 -10.78 30.12 10.48
C PHE A 565 -11.04 30.25 8.98
N GLY A 566 -9.97 30.50 8.24
CA GLY A 566 -10.01 30.47 6.80
C GLY A 566 -9.19 29.31 6.25
N ARG A 567 -9.48 28.88 5.03
CA ARG A 567 -8.74 27.77 4.43
C ARG A 567 -8.38 28.10 2.99
N ASP A 568 -7.29 27.48 2.53
CA ASP A 568 -6.81 27.62 1.17
C ASP A 568 -7.34 26.48 0.30
N ILE A 569 -6.90 26.47 -0.97
CA ILE A 569 -7.36 25.48 -1.94
C ILE A 569 -7.00 24.08 -1.45
N ALA A 570 -5.83 23.93 -0.82
CA ALA A 570 -5.36 22.65 -0.33
C ALA A 570 -6.01 22.22 0.99
N ASP A 571 -6.99 22.98 1.47
CA ASP A 571 -7.69 22.76 2.74
C ASP A 571 -6.81 23.10 3.94
N THR A 572 -5.65 23.70 3.72
CA THR A 572 -4.81 24.17 4.80
C THR A 572 -5.33 25.51 5.30
N THR A 573 -4.91 25.89 6.50
CA THR A 573 -5.42 27.13 7.07
C THR A 573 -4.83 28.32 6.34
N ASP A 574 -5.71 29.22 5.92
CA ASP A 574 -5.34 30.45 5.21
C ASP A 574 -5.27 31.65 6.14
N ALA A 575 -6.20 31.76 7.08
CA ALA A 575 -6.24 32.88 8.01
C ALA A 575 -7.00 32.43 9.25
N VAL A 576 -6.74 33.11 10.36
CA VAL A 576 -7.40 32.83 11.62
C VAL A 576 -7.86 34.13 12.26
N ARG A 577 -8.89 34.01 13.09
CA ARG A 577 -9.35 35.09 13.95
C ARG A 577 -8.73 34.90 15.33
N ASP A 578 -8.03 35.92 15.81
CA ASP A 578 -7.37 35.83 17.11
C ASP A 578 -8.42 35.62 18.20
N PRO A 579 -8.31 34.57 19.02
CA PRO A 579 -9.37 34.27 19.99
C PRO A 579 -9.53 35.33 21.07
N GLN A 580 -8.54 36.21 21.26
CA GLN A 580 -8.63 37.26 22.27
C GLN A 580 -9.08 38.59 21.70
N THR A 581 -8.60 38.96 20.53
CA THR A 581 -9.00 40.18 19.84
C THR A 581 -9.53 39.81 18.45
N LEU A 582 -10.78 40.16 18.19
CA LEU A 582 -11.48 39.63 17.00
C LEU A 582 -10.99 40.37 15.76
N GLU A 583 -9.76 40.04 15.38
CA GLU A 583 -9.15 40.52 14.15
C GLU A 583 -8.71 39.33 13.31
N ILE A 584 -8.62 39.54 12.00
CA ILE A 584 -8.29 38.49 11.06
C ILE A 584 -6.81 38.62 10.68
N LEU A 585 -6.07 37.54 10.87
CA LEU A 585 -4.65 37.50 10.57
C LEU A 585 -4.38 36.48 9.47
N ASP A 586 -3.62 36.90 8.46
CA ASP A 586 -3.22 35.99 7.39
C ASP A 586 -2.05 35.13 7.85
N ILE A 587 -2.03 33.89 7.39
CA ILE A 587 -0.96 32.94 7.69
C ILE A 587 -0.21 32.68 6.39
N THR A 588 1.03 33.16 6.33
CA THR A 588 1.88 32.95 5.16
C THR A 588 3.02 32.02 5.52
N PRO A 589 3.10 30.84 4.88
CA PRO A 589 4.18 29.90 5.21
C PRO A 589 5.55 30.56 5.11
N CYS A 590 6.44 30.17 6.02
CA CYS A 590 7.74 30.83 6.12
C CYS A 590 8.55 30.62 4.86
N SER A 591 9.31 31.64 4.48
CA SER A 591 10.06 31.64 3.23
C SER A 591 10.92 30.39 3.10
N PHE A 592 10.89 29.79 1.91
CA PHE A 592 11.66 28.59 1.64
C PHE A 592 12.00 28.55 0.16
N GLY A 593 12.93 27.68 -0.20
CA GLY A 593 13.26 27.47 -1.59
C GLY A 593 14.44 26.55 -1.74
N GLY A 594 14.64 26.09 -2.97
CA GLY A 594 15.74 25.21 -3.27
C GLY A 594 17.08 25.93 -3.23
N VAL A 595 18.14 25.15 -2.98
CA VAL A 595 19.50 25.67 -2.96
C VAL A 595 20.29 24.96 -4.05
N SER A 596 20.82 25.74 -4.98
CA SER A 596 21.64 25.22 -6.07
C SER A 596 23.05 25.78 -5.94
N VAL A 597 24.03 24.96 -6.30
CA VAL A 597 25.43 25.36 -6.26
C VAL A 597 25.94 25.47 -7.69
N ILE A 598 26.42 26.65 -8.05
CA ILE A 598 26.92 26.93 -9.39
C ILE A 598 28.44 26.88 -9.31
N THR A 599 29.04 25.90 -9.99
CA THR A 599 30.47 25.73 -9.84
C THR A 599 31.15 25.28 -11.13
N PRO A 600 32.34 25.79 -11.42
CA PRO A 600 33.18 25.15 -12.43
C PRO A 600 33.72 23.84 -11.90
N GLY A 601 34.18 22.99 -12.82
CA GLY A 601 34.66 21.68 -12.42
C GLY A 601 35.83 21.76 -11.45
N THR A 602 35.94 20.73 -10.61
CA THR A 602 36.97 20.64 -9.60
C THR A 602 38.37 20.51 -10.19
N ASN A 603 38.47 20.28 -11.50
CA ASN A 603 39.75 20.27 -12.19
C ASN A 603 40.26 21.69 -12.46
N THR A 604 39.46 22.71 -12.18
CA THR A 604 39.86 24.09 -12.39
C THR A 604 39.98 24.89 -11.11
N SER A 605 38.94 24.88 -10.26
CA SER A 605 38.95 25.69 -9.06
C SER A 605 37.98 25.09 -8.05
N ASN A 606 38.25 25.31 -6.77
CA ASN A 606 37.36 24.91 -5.70
C ASN A 606 36.49 26.05 -5.19
N GLN A 607 36.45 27.16 -5.92
CA GLN A 607 35.55 28.26 -5.58
C GLN A 607 34.18 27.97 -6.16
N VAL A 608 33.13 28.23 -5.37
CA VAL A 608 31.77 27.97 -5.79
C VAL A 608 30.89 29.18 -5.53
N ALA A 609 29.79 29.23 -6.26
CA ALA A 609 28.72 30.21 -6.05
C ALA A 609 27.44 29.47 -5.68
N VAL A 610 26.63 30.10 -4.84
CA VAL A 610 25.41 29.50 -4.33
C VAL A 610 24.22 30.34 -4.77
N LEU A 611 23.25 29.68 -5.40
CA LEU A 611 21.99 30.30 -5.82
C LEU A 611 20.88 29.83 -4.90
N TYR A 612 20.22 30.78 -4.23
CA TYR A 612 19.05 30.49 -3.40
C TYR A 612 17.82 30.76 -4.25
N GLN A 613 17.12 29.69 -4.62
CA GLN A 613 16.06 29.78 -5.63
C GLN A 613 14.83 30.49 -5.10
N ASP A 614 14.30 31.41 -5.90
CA ASP A 614 13.01 32.07 -5.66
C ASP A 614 12.92 32.69 -4.27
N VAL A 615 14.00 33.33 -3.83
CA VAL A 615 13.99 34.09 -2.59
C VAL A 615 14.60 35.47 -2.84
N ASN A 616 14.30 36.39 -1.93
CA ASN A 616 14.92 37.70 -1.95
C ASN A 616 16.20 37.65 -1.11
N CYS A 617 17.12 38.57 -1.41
CA CYS A 617 18.40 38.62 -0.69
C CYS A 617 18.21 39.30 0.67
N THR A 618 17.32 38.70 1.47
CA THR A 618 17.02 39.23 2.79
C THR A 618 17.24 38.20 3.90
N GLU A 619 16.43 37.13 3.87
CA GLU A 619 16.50 36.10 4.90
C GLU A 619 17.85 35.41 4.93
N VAL A 620 18.55 35.35 3.80
CA VAL A 620 19.85 34.67 3.76
C VAL A 620 20.87 35.41 4.62
N ASN A 641 29.15 41.16 -2.45
CA ASN A 641 29.15 40.34 -3.66
C ASN A 641 27.87 39.52 -3.77
N VAL A 642 26.73 40.22 -3.69
CA VAL A 642 25.42 39.59 -3.72
C VAL A 642 24.65 40.20 -4.89
N PHE A 643 24.17 39.35 -5.79
CA PHE A 643 23.46 39.78 -6.98
C PHE A 643 22.06 39.18 -6.99
N GLN A 644 21.05 40.05 -6.94
CA GLN A 644 19.65 39.63 -6.96
C GLN A 644 19.19 39.49 -8.41
N THR A 645 18.67 38.31 -8.76
CA THR A 645 18.14 38.04 -10.08
C THR A 645 16.71 37.52 -9.94
N ARG A 646 16.03 37.36 -11.07
CA ARG A 646 14.67 36.82 -11.05
C ARG A 646 14.65 35.32 -10.84
N ALA A 647 15.80 34.66 -10.84
CA ALA A 647 15.88 33.23 -10.54
C ALA A 647 16.04 32.96 -9.04
N GLY A 648 16.31 33.97 -8.25
CA GLY A 648 16.63 33.82 -6.85
C GLY A 648 17.79 34.71 -6.47
N CYS A 649 18.31 34.52 -5.27
CA CYS A 649 19.40 35.32 -4.75
C CYS A 649 20.72 34.61 -5.03
N LEU A 650 21.55 35.21 -5.87
CA LEU A 650 22.82 34.63 -6.29
C LEU A 650 23.95 35.26 -5.49
N ILE A 651 24.66 34.44 -4.70
CA ILE A 651 25.72 34.91 -3.83
C ILE A 651 27.03 34.25 -4.26
N GLY A 652 28.07 35.06 -4.44
CA GLY A 652 29.40 34.60 -4.78
C GLY A 652 29.82 34.86 -6.20
N ALA A 653 28.88 35.15 -7.09
CA ALA A 653 29.18 35.47 -8.48
C ALA A 653 29.17 36.97 -8.68
N GLU A 654 30.18 37.49 -9.36
CA GLU A 654 30.26 38.92 -9.64
C GLU A 654 29.39 39.25 -10.85
N HIS A 655 28.61 40.32 -10.73
CA HIS A 655 27.76 40.76 -11.83
C HIS A 655 28.59 41.57 -12.82
N VAL A 656 28.63 41.12 -14.07
CA VAL A 656 29.46 41.71 -15.10
C VAL A 656 28.55 42.28 -16.18
N ASN A 657 28.83 43.52 -16.60
CA ASN A 657 28.04 44.14 -17.65
C ASN A 657 28.28 43.48 -19.00
N ASN A 658 29.48 42.95 -19.22
CA ASN A 658 29.82 42.37 -20.51
C ASN A 658 29.07 41.05 -20.71
N SER A 659 28.48 40.90 -21.90
CA SER A 659 27.78 39.68 -22.26
C SER A 659 28.75 38.67 -22.88
N TYR A 660 28.41 37.39 -22.74
CA TYR A 660 29.21 36.32 -23.32
C TYR A 660 28.27 35.20 -23.74
N GLU A 661 28.84 34.16 -24.35
CA GLU A 661 28.08 32.96 -24.65
C GLU A 661 27.76 32.22 -23.36
N CYS A 662 26.57 31.63 -23.29
CA CYS A 662 26.18 30.92 -22.08
C CYS A 662 27.06 29.69 -21.87
N ASP A 663 27.51 29.51 -20.62
CA ASP A 663 28.38 28.39 -20.27
C ASP A 663 27.67 27.48 -19.27
N ILE A 664 27.44 27.93 -18.05
CA ILE A 664 26.68 27.22 -17.03
C ILE A 664 25.33 27.91 -16.89
N PRO A 665 24.24 27.31 -17.36
CA PRO A 665 22.96 28.03 -17.35
C PRO A 665 22.43 28.18 -15.94
N ILE A 666 21.91 29.38 -15.65
CA ILE A 666 21.24 29.67 -14.38
C ILE A 666 19.75 29.81 -14.56
N GLY A 667 19.33 30.63 -15.53
CA GLY A 667 17.93 30.87 -15.80
C GLY A 667 17.63 32.34 -16.00
N ALA A 668 16.50 32.63 -16.65
CA ALA A 668 16.05 34.01 -16.87
C ALA A 668 17.10 34.84 -17.60
N GLY A 669 17.82 34.20 -18.53
CA GLY A 669 18.78 34.90 -19.34
C GLY A 669 20.17 35.04 -18.74
N ILE A 670 20.37 34.61 -17.51
CA ILE A 670 21.65 34.77 -16.81
C ILE A 670 22.40 33.45 -16.88
N CYS A 671 23.67 33.53 -17.26
CA CYS A 671 24.57 32.38 -17.24
C CYS A 671 25.83 32.75 -16.49
N ALA A 672 26.55 31.73 -16.03
CA ALA A 672 27.77 31.93 -15.27
C ALA A 672 28.93 31.16 -15.89
N SER A 673 30.13 31.66 -15.63
CA SER A 673 31.36 31.06 -16.13
C SER A 673 32.50 31.44 -15.19
N TYR A 674 33.63 30.77 -15.35
CA TYR A 674 34.81 31.00 -14.55
C TYR A 674 35.83 31.76 -15.40
N GLN A 675 36.03 33.04 -15.09
CA GLN A 675 36.87 33.93 -15.88
C GLN A 675 37.53 34.94 -14.96
N THR A 676 38.34 35.81 -15.54
CA THR A 676 39.02 36.86 -14.80
C THR A 676 38.22 38.16 -14.79
N SER A 689 43.24 35.66 -9.90
CA SER A 689 42.62 36.64 -10.77
C SER A 689 41.27 36.15 -11.28
N GLN A 690 41.10 34.84 -11.33
CA GLN A 690 39.87 34.24 -11.81
C GLN A 690 38.85 34.13 -10.68
N SER A 691 37.59 34.27 -11.05
CA SER A 691 36.48 34.13 -10.11
C SER A 691 35.22 33.82 -10.91
N ILE A 692 34.18 33.41 -10.19
CA ILE A 692 32.90 33.12 -10.83
C ILE A 692 32.17 34.43 -11.09
N ILE A 693 31.69 34.61 -12.32
CA ILE A 693 30.99 35.82 -12.72
C ILE A 693 29.60 35.45 -13.21
N ALA A 694 28.71 36.44 -13.15
CA ALA A 694 27.35 36.30 -13.64
C ALA A 694 27.04 37.44 -14.60
N TYR A 695 26.33 37.13 -15.66
CA TYR A 695 26.05 38.11 -16.70
C TYR A 695 24.81 37.67 -17.47
N THR A 696 24.25 38.61 -18.22
CA THR A 696 23.20 38.27 -19.17
C THR A 696 23.83 37.66 -20.41
N MET A 697 23.35 36.48 -20.81
CA MET A 697 24.01 35.76 -21.89
C MET A 697 23.76 36.46 -23.22
N SER A 698 24.76 36.41 -24.08
CA SER A 698 24.60 36.89 -25.44
C SER A 698 23.88 35.86 -26.30
N LEU A 699 23.10 36.35 -27.25
CA LEU A 699 22.37 35.49 -28.18
C LEU A 699 23.13 35.29 -29.47
N GLY A 700 24.32 35.87 -29.58
CA GLY A 700 25.14 35.81 -30.77
C GLY A 700 25.59 37.19 -31.21
N ALA A 701 26.54 37.20 -32.13
CA ALA A 701 27.04 38.46 -32.64
C ALA A 701 25.97 39.14 -33.49
N GLU A 702 25.93 40.47 -33.42
CA GLU A 702 25.01 41.24 -34.24
C GLU A 702 25.66 41.50 -35.59
N ASN A 703 24.93 41.22 -36.67
CA ASN A 703 25.48 41.35 -38.01
C ASN A 703 24.34 41.77 -38.94
N SER A 704 24.29 43.05 -39.28
CA SER A 704 23.29 43.52 -40.22
C SER A 704 23.66 43.06 -41.63
N VAL A 705 22.63 42.89 -42.45
CA VAL A 705 22.79 42.48 -43.85
C VAL A 705 22.67 43.72 -44.73
N ALA A 706 23.60 43.88 -45.67
CA ALA A 706 23.62 45.04 -46.56
C ALA A 706 22.56 44.84 -47.65
N TYR A 707 21.31 44.83 -47.21
CA TYR A 707 20.19 44.58 -48.12
C TYR A 707 19.91 45.79 -49.00
N SER A 708 19.64 45.53 -50.27
CA SER A 708 19.16 46.55 -51.18
C SER A 708 18.41 45.85 -52.30
N ASN A 709 17.64 46.64 -53.06
CA ASN A 709 16.80 46.06 -54.10
C ASN A 709 17.53 45.70 -55.38
N ASN A 710 18.81 46.08 -55.53
CA ASN A 710 19.50 45.77 -56.79
C ASN A 710 20.95 45.31 -56.54
N SER A 711 21.22 44.66 -55.43
CA SER A 711 22.55 44.16 -55.12
C SER A 711 22.45 42.72 -54.61
N ILE A 712 23.23 41.83 -55.18
CA ILE A 712 23.26 40.43 -54.80
C ILE A 712 24.68 40.01 -54.47
N ALA A 713 24.83 39.22 -53.41
CA ALA A 713 26.12 38.65 -53.02
C ALA A 713 26.15 37.20 -53.46
N ILE A 714 27.13 36.84 -54.27
CA ILE A 714 27.27 35.49 -54.83
C ILE A 714 28.63 34.95 -54.41
N PRO A 715 28.70 33.76 -53.80
CA PRO A 715 29.99 33.22 -53.38
C PRO A 715 30.90 32.94 -54.56
N THR A 716 32.18 33.24 -54.37
CA THR A 716 33.21 33.01 -55.38
C THR A 716 34.06 31.79 -55.09
N ASN A 717 34.04 31.30 -53.85
CA ASN A 717 34.81 30.14 -53.45
C ASN A 717 33.96 29.32 -52.48
N PHE A 718 34.41 28.10 -52.21
CA PHE A 718 33.65 27.20 -51.37
C PHE A 718 34.59 26.36 -50.53
N THR A 719 34.03 25.78 -49.47
CA THR A 719 34.75 24.86 -48.60
C THR A 719 33.92 23.61 -48.36
N ILE A 720 34.60 22.47 -48.32
CA ILE A 720 33.97 21.20 -47.96
C ILE A 720 34.25 20.96 -46.48
N SER A 721 33.18 20.86 -45.69
CA SER A 721 33.29 20.64 -44.26
C SER A 721 32.65 19.31 -43.89
N VAL A 722 33.14 18.72 -42.79
CA VAL A 722 32.61 17.48 -42.25
C VAL A 722 32.21 17.72 -40.81
N THR A 723 30.96 17.37 -40.48
CA THR A 723 30.42 17.52 -39.14
C THR A 723 30.06 16.15 -38.61
N THR A 724 29.96 16.04 -37.28
CA THR A 724 29.68 14.77 -36.63
C THR A 724 28.33 14.85 -35.93
N GLU A 725 27.42 13.97 -36.30
CA GLU A 725 26.12 13.83 -35.65
C GLU A 725 26.05 12.45 -35.03
N ILE A 726 25.82 12.39 -33.73
CA ILE A 726 25.84 11.13 -32.98
C ILE A 726 24.43 10.85 -32.46
N LEU A 727 23.92 9.67 -32.74
CA LEU A 727 22.59 9.28 -32.32
C LEU A 727 22.65 7.95 -31.57
N PRO A 728 21.99 7.84 -30.43
CA PRO A 728 21.80 6.53 -29.80
C PRO A 728 20.98 5.61 -30.69
N VAL A 729 21.31 4.32 -30.66
CA VAL A 729 20.56 3.32 -31.40
C VAL A 729 19.94 2.28 -30.48
N SER A 730 20.67 1.83 -29.45
CA SER A 730 20.18 0.79 -28.57
C SER A 730 20.58 1.09 -27.15
N MET A 731 19.99 0.34 -26.22
CA MET A 731 20.32 0.42 -24.81
C MET A 731 20.50 -1.00 -24.28
N THR A 732 21.19 -1.11 -23.15
CA THR A 732 21.51 -2.42 -22.58
C THR A 732 20.24 -3.24 -22.37
N LYS A 733 20.27 -4.47 -22.88
CA LYS A 733 19.11 -5.37 -22.82
C LYS A 733 19.06 -6.00 -21.44
N THR A 734 18.59 -5.24 -20.47
CA THR A 734 18.54 -5.75 -19.11
C THR A 734 17.36 -6.70 -18.94
N SER A 735 17.48 -7.58 -17.96
CA SER A 735 16.41 -8.50 -17.59
C SER A 735 16.50 -8.74 -16.10
N VAL A 736 15.36 -8.63 -15.42
CA VAL A 736 15.30 -8.79 -13.97
C VAL A 736 14.37 -9.95 -13.65
N ASP A 737 14.86 -10.89 -12.86
CA ASP A 737 14.03 -11.99 -12.36
C ASP A 737 13.29 -11.43 -11.15
N CYS A 738 12.04 -11.04 -11.37
CA CYS A 738 11.26 -10.40 -10.32
C CYS A 738 11.07 -11.30 -9.10
N THR A 739 10.94 -12.62 -9.31
CA THR A 739 10.73 -13.52 -8.19
C THR A 739 12.00 -13.64 -7.36
N MET A 740 13.14 -13.81 -8.02
CA MET A 740 14.40 -13.91 -7.28
C MET A 740 14.75 -12.59 -6.60
N TYR A 741 14.42 -11.47 -7.26
CA TYR A 741 14.71 -10.17 -6.67
C TYR A 741 13.90 -9.94 -5.40
N ILE A 742 12.59 -10.20 -5.46
CA ILE A 742 11.74 -9.90 -4.31
C ILE A 742 11.94 -10.94 -3.21
N CYS A 743 11.94 -12.22 -3.56
CA CYS A 743 11.94 -13.31 -2.60
C CYS A 743 13.10 -14.27 -2.86
N GLY A 744 14.32 -13.75 -2.85
CA GLY A 744 15.45 -14.58 -3.20
C GLY A 744 15.66 -15.74 -2.25
N ASP A 745 15.51 -16.96 -2.78
CA ASP A 745 15.70 -18.19 -2.03
C ASP A 745 14.85 -18.24 -0.75
N SER A 746 13.61 -17.79 -0.85
CA SER A 746 12.68 -17.83 0.27
C SER A 746 11.35 -18.43 -0.19
N THR A 747 11.03 -19.62 0.32
CA THR A 747 9.78 -20.28 -0.06
C THR A 747 8.58 -19.55 0.52
N GLU A 748 8.67 -19.10 1.77
CA GLU A 748 7.56 -18.39 2.39
C GLU A 748 7.29 -17.07 1.68
N CYS A 749 8.36 -16.34 1.35
CA CYS A 749 8.19 -15.09 0.62
C CYS A 749 7.60 -15.34 -0.76
N SER A 750 8.06 -16.40 -1.43
CA SER A 750 7.50 -16.72 -2.74
C SER A 750 6.02 -17.06 -2.63
N ASN A 751 5.63 -17.81 -1.60
CA ASN A 751 4.24 -18.17 -1.40
C ASN A 751 3.38 -16.95 -1.13
N LEU A 752 3.92 -15.97 -0.40
CA LEU A 752 3.18 -14.73 -0.20
C LEU A 752 3.12 -13.92 -1.49
N LEU A 753 4.19 -13.94 -2.28
CA LEU A 753 4.22 -13.23 -3.55
C LEU A 753 3.18 -13.80 -4.50
N LEU A 754 2.90 -15.10 -4.42
CA LEU A 754 1.94 -15.72 -5.31
C LEU A 754 0.54 -15.12 -5.15
N GLN A 755 0.28 -14.41 -4.05
CA GLN A 755 -1.01 -13.78 -3.83
C GLN A 755 -1.20 -12.52 -4.65
N TYR A 756 -0.16 -12.05 -5.34
CA TYR A 756 -0.25 -10.87 -6.19
C TYR A 756 -0.43 -11.22 -7.65
N GLY A 757 -0.65 -12.49 -7.96
CA GLY A 757 -0.96 -12.90 -9.32
C GLY A 757 0.17 -12.66 -10.31
N SER A 758 -0.16 -11.97 -11.40
CA SER A 758 0.70 -11.76 -12.54
C SER A 758 1.61 -10.54 -12.44
N PHE A 759 1.62 -9.85 -11.30
CA PHE A 759 2.45 -8.65 -11.16
C PHE A 759 3.91 -8.92 -11.52
N CYS A 760 4.41 -10.11 -11.20
CA CYS A 760 5.79 -10.49 -11.46
C CYS A 760 5.98 -10.79 -12.95
N THR A 761 5.16 -11.69 -13.48
CA THR A 761 5.34 -12.16 -14.85
C THR A 761 5.07 -11.08 -15.88
N GLN A 762 4.19 -10.11 -15.57
CA GLN A 762 3.97 -9.04 -16.53
C GLN A 762 5.12 -8.05 -16.57
N LEU A 763 5.91 -7.97 -15.49
CA LEU A 763 7.09 -7.12 -15.55
C LEU A 763 8.20 -7.84 -16.29
N ASN A 764 8.27 -9.16 -16.12
CA ASN A 764 9.17 -9.94 -16.95
C ASN A 764 8.81 -9.81 -18.42
N ARG A 765 7.50 -9.77 -18.72
CA ARG A 765 7.04 -9.59 -20.09
C ARG A 765 7.46 -8.23 -20.64
N ALA A 766 7.27 -7.17 -19.84
CA ALA A 766 7.64 -5.84 -20.30
C ALA A 766 9.14 -5.75 -20.58
N LEU A 767 9.96 -6.33 -19.70
CA LEU A 767 11.40 -6.30 -19.94
C LEU A 767 11.78 -7.13 -21.16
N THR A 768 11.10 -8.25 -21.39
CA THR A 768 11.35 -9.01 -22.61
C THR A 768 11.01 -8.19 -23.84
N GLY A 769 9.88 -7.49 -23.81
CA GLY A 769 9.52 -6.62 -24.92
C GLY A 769 10.57 -5.56 -25.19
N ILE A 770 11.12 -4.98 -24.12
CA ILE A 770 12.18 -3.99 -24.29
C ILE A 770 13.40 -4.62 -24.94
N ALA A 771 13.80 -5.80 -24.44
CA ALA A 771 14.96 -6.48 -25.00
C ALA A 771 14.75 -6.77 -26.48
N VAL A 772 13.54 -7.15 -26.86
CA VAL A 772 13.25 -7.45 -28.26
C VAL A 772 13.31 -6.19 -29.11
N GLU A 773 12.71 -5.11 -28.63
CA GLU A 773 12.72 -3.88 -29.42
C GLU A 773 14.11 -3.29 -29.54
N GLN A 774 15.03 -3.63 -28.64
CA GLN A 774 16.41 -3.15 -28.83
C GLN A 774 17.05 -3.79 -30.06
N ASP A 775 16.76 -5.07 -30.30
CA ASP A 775 17.30 -5.72 -31.48
C ASP A 775 16.55 -5.29 -32.72
N LYS A 776 15.25 -5.01 -32.58
CA LYS A 776 14.51 -4.45 -33.71
C LYS A 776 15.11 -3.10 -34.12
N ASN A 777 15.46 -2.27 -33.14
CA ASN A 777 16.06 -0.98 -33.44
C ASN A 777 17.41 -1.14 -34.14
N THR A 778 18.25 -2.05 -33.63
CA THR A 778 19.55 -2.26 -34.27
C THR A 778 19.37 -2.75 -35.70
N GLN A 779 18.42 -3.67 -35.91
CA GLN A 779 18.20 -4.21 -37.24
C GLN A 779 17.71 -3.14 -38.19
N GLU A 780 16.79 -2.29 -37.74
CA GLU A 780 16.26 -1.24 -38.59
C GLU A 780 17.32 -0.19 -38.91
N VAL A 781 18.23 0.08 -37.99
CA VAL A 781 19.23 1.12 -38.24
C VAL A 781 20.30 0.61 -39.18
N PHE A 782 20.84 -0.59 -38.95
CA PHE A 782 22.00 -1.02 -39.72
C PHE A 782 21.67 -1.95 -40.88
N ALA A 783 20.70 -2.84 -40.76
CA ALA A 783 20.45 -3.85 -41.79
C ALA A 783 19.53 -3.33 -42.90
N GLN A 784 20.00 -2.29 -43.58
CA GLN A 784 19.26 -1.72 -44.70
C GLN A 784 19.84 -2.09 -46.06
N VAL A 785 20.90 -2.90 -46.09
CA VAL A 785 21.56 -3.29 -47.33
C VAL A 785 21.44 -4.79 -47.49
N LYS A 786 21.02 -5.22 -48.68
CA LYS A 786 20.80 -6.65 -48.94
C LYS A 786 22.11 -7.43 -49.08
N GLN A 787 23.22 -6.76 -49.37
CA GLN A 787 24.48 -7.46 -49.62
C GLN A 787 25.61 -6.80 -48.85
N ILE A 788 26.66 -7.57 -48.59
CA ILE A 788 27.86 -7.08 -47.93
C ILE A 788 28.87 -6.71 -49.00
N TYR A 789 29.05 -5.41 -49.21
CA TYR A 789 29.97 -4.91 -50.23
C TYR A 789 31.35 -4.69 -49.63
N LYS A 790 32.37 -4.77 -50.49
CA LYS A 790 33.74 -4.51 -50.10
C LYS A 790 34.44 -3.69 -51.17
N THR A 791 35.37 -2.85 -50.74
CA THR A 791 36.10 -1.99 -51.64
C THR A 791 37.11 -2.79 -52.46
N PRO A 792 37.50 -2.27 -53.62
CA PRO A 792 38.56 -2.92 -54.39
C PRO A 792 39.91 -2.78 -53.72
N PRO A 793 40.86 -3.66 -54.04
CA PRO A 793 42.21 -3.52 -53.45
C PRO A 793 42.94 -2.25 -53.86
N ILE A 794 42.53 -1.61 -54.96
CA ILE A 794 43.19 -0.40 -55.44
C ILE A 794 42.34 0.80 -55.09
N LYS A 795 42.88 1.70 -54.26
CA LYS A 795 42.14 2.86 -53.77
C LYS A 795 42.36 4.05 -54.71
N ASP A 796 41.97 3.86 -55.97
CA ASP A 796 42.11 4.91 -56.99
C ASP A 796 40.82 5.73 -57.06
N PHE A 797 40.60 6.53 -56.02
CA PHE A 797 39.38 7.31 -55.87
C PHE A 797 39.58 8.77 -56.24
N GLY A 798 40.43 9.06 -57.22
CA GLY A 798 40.52 10.42 -57.71
C GLY A 798 41.18 11.38 -56.75
N GLY A 799 41.98 10.88 -55.81
CA GLY A 799 42.61 11.70 -54.81
C GLY A 799 41.88 11.76 -53.49
N PHE A 800 40.68 11.19 -53.41
CA PHE A 800 39.91 11.16 -52.17
C PHE A 800 40.39 10.00 -51.31
N ASN A 801 40.87 10.30 -50.11
CA ASN A 801 41.47 9.34 -49.21
C ASN A 801 40.43 8.85 -48.20
N PHE A 802 40.11 7.55 -48.25
CA PHE A 802 39.16 6.95 -47.33
C PHE A 802 39.82 5.97 -46.37
N SER A 803 41.15 5.98 -46.28
CA SER A 803 41.85 4.98 -45.47
C SER A 803 41.52 5.11 -43.99
N GLN A 804 40.99 6.25 -43.56
CA GLN A 804 40.69 6.49 -42.16
C GLN A 804 39.27 6.11 -41.78
N ILE A 805 38.44 5.75 -42.75
CA ILE A 805 37.08 5.31 -42.46
C ILE A 805 36.81 3.87 -42.91
N LEU A 806 37.67 3.29 -43.75
CA LEU A 806 37.52 1.91 -44.15
C LEU A 806 38.10 0.97 -43.09
N PRO A 807 37.61 -0.28 -43.04
CA PRO A 807 38.14 -1.23 -42.07
C PRO A 807 39.64 -1.43 -42.21
N ASP A 808 40.31 -1.62 -41.06
CA ASP A 808 41.74 -1.87 -41.05
C ASP A 808 41.95 -3.37 -40.96
N PRO A 809 42.42 -4.03 -42.02
CA PRO A 809 42.54 -5.50 -42.00
C PRO A 809 43.50 -6.02 -40.94
N SER A 810 44.36 -5.17 -40.36
CA SER A 810 45.37 -5.63 -39.43
C SER A 810 44.84 -5.76 -38.00
N LYS A 811 43.62 -5.34 -37.74
CA LYS A 811 43.07 -5.40 -36.39
C LYS A 811 42.37 -6.72 -36.13
N PRO A 812 42.27 -7.14 -34.87
CA PRO A 812 41.50 -8.36 -34.57
C PRO A 812 40.03 -8.23 -34.91
N SER A 813 39.52 -7.02 -35.05
CA SER A 813 38.15 -6.75 -35.48
C SER A 813 38.23 -5.67 -36.55
N LYS A 814 37.68 -5.97 -37.73
CA LYS A 814 37.90 -5.11 -38.89
C LYS A 814 37.06 -3.85 -38.75
N ARG A 815 37.54 -2.97 -37.87
CA ARG A 815 36.96 -1.66 -37.64
C ARG A 815 37.87 -0.58 -38.19
N SER A 816 37.28 0.58 -38.48
CA SER A 816 38.07 1.70 -38.97
C SER A 816 38.82 2.37 -37.82
N PHE A 817 39.77 3.23 -38.19
CA PHE A 817 40.51 4.01 -37.21
C PHE A 817 39.55 4.85 -36.36
N ILE A 818 38.60 5.52 -37.03
CA ILE A 818 37.61 6.33 -36.31
C ILE A 818 36.77 5.45 -35.40
N GLU A 819 36.38 4.26 -35.87
CA GLU A 819 35.62 3.35 -35.01
C GLU A 819 36.41 2.97 -33.77
N ASP A 820 37.72 2.69 -33.93
CA ASP A 820 38.55 2.40 -32.77
C ASP A 820 38.60 3.59 -31.82
N LEU A 821 38.67 4.80 -32.38
CA LEU A 821 38.67 5.99 -31.52
C LEU A 821 37.37 6.11 -30.75
N LEU A 822 36.25 5.78 -31.40
CA LEU A 822 34.95 5.86 -30.74
C LEU A 822 34.84 4.82 -29.62
N PHE A 823 35.33 3.62 -29.88
CA PHE A 823 35.30 2.58 -28.86
C PHE A 823 36.26 2.88 -27.72
N ASN A 824 37.30 3.68 -27.96
CA ASN A 824 38.25 4.01 -26.91
C ASN A 824 37.81 5.20 -26.06
N LYS A 825 36.66 5.79 -26.36
CA LYS A 825 36.13 6.91 -25.60
C LYS A 825 34.92 6.56 -24.75
N VAL A 826 34.07 5.64 -25.21
CA VAL A 826 32.89 5.23 -24.48
C VAL A 826 33.24 4.04 -23.61
N THR A 827 32.92 4.14 -22.31
CA THR A 827 33.25 3.10 -21.36
C THR A 827 31.99 2.49 -20.76
N LYS A 854 23.20 -7.51 -10.46
CA LYS A 854 24.48 -8.21 -10.37
C LYS A 854 24.25 -9.67 -9.99
N PHE A 855 24.12 -9.93 -8.68
CA PHE A 855 23.80 -11.27 -8.19
C PHE A 855 22.48 -11.30 -7.45
N ASN A 856 21.59 -10.35 -7.74
CA ASN A 856 20.29 -10.23 -7.09
C ASN A 856 19.17 -10.57 -8.07
N GLY A 857 19.48 -11.39 -9.07
CA GLY A 857 18.52 -11.72 -10.10
C GLY A 857 18.56 -10.78 -11.29
N LEU A 858 19.50 -9.85 -11.32
CA LEU A 858 19.65 -8.88 -12.39
C LEU A 858 20.73 -9.37 -13.33
N THR A 859 20.37 -9.60 -14.59
CA THR A 859 21.30 -10.10 -15.59
C THR A 859 21.25 -9.19 -16.81
N VAL A 860 22.25 -9.33 -17.67
CA VAL A 860 22.36 -8.57 -18.91
C VAL A 860 22.41 -9.54 -20.08
N LEU A 861 21.52 -9.35 -21.02
CA LEU A 861 21.61 -10.24 -22.17
C LEU A 861 22.55 -9.65 -23.22
N PRO A 862 23.25 -10.49 -23.97
CA PRO A 862 24.09 -9.96 -25.04
C PRO A 862 23.24 -9.46 -26.19
N PRO A 863 23.74 -8.52 -26.99
CA PRO A 863 23.02 -8.12 -28.20
C PRO A 863 23.03 -9.23 -29.24
N LEU A 864 22.02 -9.22 -30.11
CA LEU A 864 21.98 -10.19 -31.19
C LEU A 864 23.11 -9.96 -32.19
N LEU A 865 23.36 -8.70 -32.53
CA LEU A 865 24.38 -8.33 -33.48
C LEU A 865 25.64 -7.88 -32.73
N THR A 866 26.73 -8.60 -32.93
CA THR A 866 27.98 -8.29 -32.25
C THR A 866 28.61 -7.04 -32.85
N ASP A 867 29.58 -6.49 -32.12
CA ASP A 867 30.28 -5.30 -32.59
C ASP A 867 30.97 -5.54 -33.93
N GLU A 868 31.50 -6.76 -34.12
CA GLU A 868 32.12 -7.09 -35.40
C GLU A 868 31.09 -7.06 -36.52
N MET A 869 29.90 -7.59 -36.26
CA MET A 869 28.86 -7.60 -37.29
C MET A 869 28.36 -6.19 -37.59
N ILE A 870 28.29 -5.34 -36.56
CA ILE A 870 27.91 -3.95 -36.79
C ILE A 870 28.97 -3.25 -37.62
N ALA A 871 30.24 -3.49 -37.32
CA ALA A 871 31.32 -2.92 -38.11
C ALA A 871 31.25 -3.40 -39.55
N GLN A 872 30.91 -4.68 -39.75
CA GLN A 872 30.80 -5.20 -41.11
C GLN A 872 29.63 -4.57 -41.85
N TYR A 873 28.51 -4.31 -41.16
CA TYR A 873 27.40 -3.64 -41.81
C TYR A 873 27.76 -2.21 -42.20
N THR A 874 28.47 -1.50 -41.32
CA THR A 874 28.88 -0.15 -41.65
C THR A 874 29.90 -0.15 -42.78
N SER A 875 30.76 -1.17 -42.82
CA SER A 875 31.69 -1.31 -43.92
C SER A 875 30.96 -1.55 -45.23
N ALA A 876 29.95 -2.42 -45.21
CA ALA A 876 29.18 -2.68 -46.42
C ALA A 876 28.49 -1.42 -46.91
N LEU A 877 27.90 -0.65 -45.99
CA LEU A 877 27.21 0.57 -46.41
C LEU A 877 28.21 1.60 -46.95
N LEU A 878 29.38 1.70 -46.34
CA LEU A 878 30.37 2.68 -46.78
C LEU A 878 30.92 2.30 -48.15
N ALA A 879 31.27 1.03 -48.34
CA ALA A 879 31.77 0.58 -49.64
C ALA A 879 30.71 0.74 -50.72
N GLY A 880 29.46 0.42 -50.38
CA GLY A 880 28.39 0.59 -51.34
C GLY A 880 28.23 2.04 -51.76
N THR A 881 28.19 2.95 -50.79
CA THR A 881 28.07 4.37 -51.12
C THR A 881 29.23 4.81 -52.00
N ILE A 882 30.45 4.44 -51.63
CA ILE A 882 31.62 4.93 -52.34
C ILE A 882 31.65 4.41 -53.76
N THR A 883 31.32 3.14 -53.97
CA THR A 883 31.47 2.57 -55.30
C THR A 883 30.25 2.71 -56.19
N SER A 884 29.06 2.99 -55.63
CA SER A 884 27.87 3.00 -56.47
C SER A 884 26.92 4.18 -56.23
N GLY A 885 27.31 5.20 -55.46
CA GLY A 885 26.37 6.29 -55.24
C GLY A 885 25.12 5.78 -54.57
N TRP A 886 23.96 6.15 -55.13
CA TRP A 886 22.67 5.76 -54.61
C TRP A 886 22.10 4.53 -55.30
N THR A 887 22.82 3.97 -56.27
CA THR A 887 22.26 2.86 -57.05
C THR A 887 22.16 1.59 -56.22
N PHE A 888 23.06 1.38 -55.25
CA PHE A 888 22.95 0.19 -54.43
C PHE A 888 21.80 0.31 -53.45
N GLY A 889 21.42 1.53 -53.10
CA GLY A 889 20.29 1.74 -52.22
C GLY A 889 18.99 1.53 -52.98
N ALA A 890 18.91 2.09 -54.18
CA ALA A 890 17.67 1.96 -54.95
C ALA A 890 17.49 0.56 -55.49
N GLY A 891 18.56 -0.07 -55.97
CA GLY A 891 18.52 -1.37 -56.61
C GLY A 891 19.82 -2.11 -56.49
N ALA A 892 20.42 -2.46 -57.62
CA ALA A 892 21.71 -3.14 -57.65
C ALA A 892 22.83 -2.11 -57.56
N ALA A 893 23.97 -2.54 -57.03
CA ALA A 893 25.13 -1.66 -56.90
C ALA A 893 25.78 -1.49 -58.27
N LEU A 894 25.69 -0.29 -58.81
CA LEU A 894 26.20 0.02 -60.14
C LEU A 894 27.49 0.83 -60.00
N GLN A 895 28.60 0.25 -60.44
CA GLN A 895 29.89 0.92 -60.26
C GLN A 895 29.89 2.24 -61.02
N ILE A 896 30.48 3.25 -60.40
CA ILE A 896 30.61 4.57 -61.03
C ILE A 896 31.86 5.26 -60.50
N PRO A 897 32.61 5.97 -61.34
CA PRO A 897 33.73 6.75 -60.84
C PRO A 897 33.32 7.76 -59.78
N PHE A 898 34.15 7.87 -58.74
CA PHE A 898 33.82 8.73 -57.61
C PHE A 898 33.69 10.18 -58.04
N ALA A 899 34.54 10.62 -58.97
CA ALA A 899 34.46 12.00 -59.45
C ALA A 899 33.12 12.25 -60.13
N MET A 900 32.63 11.26 -60.87
CA MET A 900 31.34 11.41 -61.53
C MET A 900 30.20 11.39 -60.50
N GLN A 901 30.34 10.57 -59.46
CA GLN A 901 29.36 10.58 -58.39
C GLN A 901 29.29 11.95 -57.74
N MET A 902 30.45 12.57 -57.48
CA MET A 902 30.46 13.92 -56.94
C MET A 902 29.90 14.92 -57.93
N ALA A 903 30.07 14.68 -59.24
CA ALA A 903 29.46 15.57 -60.23
C ALA A 903 27.95 15.54 -60.09
N TYR A 904 27.39 14.35 -59.83
CA TYR A 904 25.95 14.27 -59.60
C TYR A 904 25.58 14.98 -58.31
N ARG A 905 26.40 14.81 -57.28
CA ARG A 905 26.11 15.43 -55.99
C ARG A 905 26.08 16.94 -56.12
N PHE A 906 26.97 17.50 -56.94
CA PHE A 906 26.99 18.94 -57.18
C PHE A 906 25.79 19.38 -58.01
N ASN A 907 25.45 18.62 -59.04
CA ASN A 907 24.26 18.95 -59.83
C ASN A 907 23.01 18.92 -58.97
N GLY A 908 22.96 18.05 -57.96
CA GLY A 908 21.80 17.96 -57.10
C GLY A 908 21.56 19.18 -56.22
N ILE A 909 22.56 20.04 -56.05
CA ILE A 909 22.41 21.25 -55.24
C ILE A 909 22.49 22.51 -56.09
N GLY A 910 22.40 22.39 -57.40
CA GLY A 910 22.42 23.55 -58.26
C GLY A 910 23.80 24.11 -58.56
N VAL A 911 24.84 23.29 -58.50
CA VAL A 911 26.20 23.70 -58.82
C VAL A 911 26.67 22.83 -59.98
N THR A 912 27.00 23.46 -61.09
CA THR A 912 27.37 22.72 -62.29
C THR A 912 28.63 21.90 -62.07
N GLN A 913 28.63 20.66 -62.57
CA GLN A 913 29.70 19.71 -62.36
C GLN A 913 31.07 20.19 -62.84
N ASN A 914 31.12 21.16 -63.76
CA ASN A 914 32.43 21.60 -64.24
C ASN A 914 33.21 22.27 -63.13
N VAL A 915 32.53 22.80 -62.13
CA VAL A 915 33.22 23.37 -60.97
C VAL A 915 33.95 22.27 -60.24
N LEU A 916 33.29 21.13 -60.04
CA LEU A 916 33.93 19.97 -59.41
C LEU A 916 35.14 19.54 -60.21
N TYR A 917 34.99 19.39 -61.53
CA TYR A 917 36.12 18.88 -62.30
C TYR A 917 37.28 19.86 -62.30
N GLU A 918 36.99 21.16 -62.37
CA GLU A 918 38.07 22.15 -62.35
C GLU A 918 38.75 22.23 -60.99
N ASN A 919 38.01 22.00 -59.89
CA ASN A 919 38.57 22.13 -58.55
C ASN A 919 38.73 20.80 -57.83
N GLN A 920 38.86 19.70 -58.58
CA GLN A 920 38.93 18.37 -57.97
C GLN A 920 40.07 18.23 -56.97
N LYS A 921 41.25 18.78 -57.30
CA LYS A 921 42.38 18.63 -56.38
C LYS A 921 42.15 19.40 -55.10
N LEU A 922 41.62 20.61 -55.21
CA LEU A 922 41.33 21.41 -54.02
C LEU A 922 40.28 20.71 -53.17
N ILE A 923 39.24 20.18 -53.80
CA ILE A 923 38.17 19.51 -53.07
C ILE A 923 38.69 18.29 -52.35
N ALA A 924 39.51 17.47 -53.02
CA ALA A 924 40.06 16.29 -52.38
C ALA A 924 40.95 16.66 -51.20
N ASN A 925 41.77 17.72 -51.36
CA ASN A 925 42.65 18.10 -50.27
C ASN A 925 41.85 18.64 -49.07
N GLN A 926 40.81 19.42 -49.35
CA GLN A 926 39.98 19.92 -48.26
C GLN A 926 39.22 18.80 -47.57
N PHE A 927 38.74 17.82 -48.34
CA PHE A 927 38.07 16.67 -47.76
C PHE A 927 38.99 15.91 -46.82
N ASN A 928 40.22 15.65 -47.28
CA ASN A 928 41.17 14.92 -46.45
C ASN A 928 41.52 15.71 -45.19
N SER A 929 41.64 17.03 -45.32
CA SER A 929 41.94 17.86 -44.16
C SER A 929 40.78 17.85 -43.17
N ALA A 930 39.54 17.90 -43.68
CA ALA A 930 38.38 17.82 -42.81
C ALA A 930 38.34 16.49 -42.06
N ILE A 931 38.71 15.40 -42.75
CA ILE A 931 38.74 14.10 -42.09
C ILE A 931 39.79 14.09 -40.99
N GLY A 932 40.97 14.65 -41.26
CA GLY A 932 41.98 14.77 -40.22
C GLY A 932 41.51 15.60 -39.04
N LYS A 933 40.77 16.67 -39.31
CA LYS A 933 40.23 17.49 -38.22
C LYS A 933 39.21 16.71 -37.41
N ILE A 934 38.42 15.87 -38.08
CA ILE A 934 37.47 15.01 -37.37
C ILE A 934 38.22 14.05 -36.47
N GLN A 935 39.33 13.49 -36.97
CA GLN A 935 40.12 12.59 -36.14
C GLN A 935 40.67 13.31 -34.92
N ASP A 936 41.17 14.53 -35.11
CA ASP A 936 41.73 15.26 -33.98
C ASP A 936 40.63 15.61 -32.97
N SER A 937 39.45 15.96 -33.45
CA SER A 937 38.34 16.29 -32.56
C SER A 937 37.93 15.07 -31.75
N LEU A 938 37.75 13.93 -32.42
CA LEU A 938 37.35 12.72 -31.70
C LEU A 938 38.44 12.26 -30.75
N SER A 939 39.71 12.45 -31.10
CA SER A 939 40.81 12.04 -30.26
C SER A 939 41.08 12.98 -29.10
N SER A 940 40.52 14.20 -29.12
CA SER A 940 40.84 15.17 -28.08
C SER A 940 39.65 15.66 -27.26
N THR A 941 38.42 15.57 -27.76
CA THR A 941 37.24 16.08 -27.07
C THR A 941 36.44 14.91 -26.52
N ALA A 942 36.59 14.64 -25.23
CA ALA A 942 35.88 13.53 -24.59
C ALA A 942 34.37 13.75 -24.60
N SER A 943 33.93 15.00 -24.46
CA SER A 943 32.51 15.34 -24.39
C SER A 943 31.77 15.09 -25.69
N ALA A 944 32.47 14.80 -26.79
CA ALA A 944 31.80 14.60 -28.08
C ALA A 944 30.77 13.48 -28.04
N LEU A 945 30.96 12.47 -27.17
CA LEU A 945 30.09 11.32 -27.12
C LEU A 945 29.10 11.39 -25.96
N GLY A 946 28.80 12.60 -25.49
CA GLY A 946 27.89 12.75 -24.37
C GLY A 946 26.52 12.14 -24.59
N LYS A 947 26.02 12.18 -25.83
CA LYS A 947 24.68 11.65 -26.09
C LYS A 947 24.59 10.15 -25.81
N LEU A 948 25.69 9.42 -25.97
CA LEU A 948 25.70 7.99 -25.67
C LEU A 948 26.15 7.73 -24.23
N GLN A 949 27.05 8.56 -23.73
CA GLN A 949 27.51 8.41 -22.36
C GLN A 949 26.37 8.67 -21.38
N ASP A 950 25.47 9.60 -21.73
CA ASP A 950 24.33 9.87 -20.86
C ASP A 950 23.37 8.69 -20.80
N VAL A 951 23.17 7.99 -21.92
CA VAL A 951 22.30 6.82 -21.91
C VAL A 951 22.93 5.71 -21.07
N VAL A 952 24.23 5.47 -21.26
CA VAL A 952 24.90 4.46 -20.44
C VAL A 952 24.81 4.82 -18.97
N ASN A 953 25.03 6.09 -18.65
CA ASN A 953 24.97 6.55 -17.26
C ASN A 953 23.57 6.41 -16.68
N GLN A 954 22.55 6.72 -17.48
CA GLN A 954 21.18 6.59 -16.99
C GLN A 954 20.84 5.15 -16.69
N ASN A 955 21.29 4.22 -17.53
CA ASN A 955 20.97 2.83 -17.25
C ASN A 955 21.75 2.31 -16.05
N ALA A 956 23.01 2.73 -15.91
CA ALA A 956 23.78 2.35 -14.73
C ALA A 956 23.18 2.94 -13.47
N GLN A 957 22.71 4.18 -13.53
CA GLN A 957 22.10 4.83 -12.38
C GLN A 957 20.79 4.13 -11.99
N ALA A 958 19.98 3.75 -12.98
CA ALA A 958 18.74 3.05 -12.69
C ALA A 958 19.02 1.71 -12.02
N LEU A 959 20.03 0.99 -12.52
CA LEU A 959 20.33 -0.32 -11.94
C LEU A 959 20.91 -0.17 -10.54
N ASN A 960 21.75 0.85 -10.33
CA ASN A 960 22.31 1.06 -9.00
C ASN A 960 21.22 1.46 -8.01
N THR A 961 20.26 2.26 -8.45
CA THR A 961 19.14 2.63 -7.58
C THR A 961 18.30 1.41 -7.23
N LEU A 962 18.01 0.58 -8.23
CA LEU A 962 17.23 -0.63 -7.98
C LEU A 962 17.94 -1.55 -6.99
N VAL A 963 19.25 -1.71 -7.15
CA VAL A 963 20.00 -2.58 -6.25
C VAL A 963 20.03 -1.97 -4.84
N LYS A 964 20.28 -0.66 -4.73
CA LYS A 964 20.31 -0.03 -3.42
C LYS A 964 18.96 -0.13 -2.71
N GLN A 965 17.87 -0.18 -3.46
CA GLN A 965 16.56 -0.27 -2.82
C GLN A 965 16.41 -1.54 -1.97
N LEU A 966 17.24 -2.56 -2.20
CA LEU A 966 17.15 -3.78 -1.40
C LEU A 966 17.57 -3.54 0.05
N SER A 967 18.31 -2.48 0.33
CA SER A 967 18.76 -2.19 1.69
C SER A 967 17.70 -1.48 2.52
N SER A 968 16.58 -1.07 1.90
CA SER A 968 15.56 -0.34 2.63
C SER A 968 14.69 -1.28 3.44
N ASN A 969 14.19 -0.76 4.58
CA ASN A 969 13.35 -1.55 5.47
C ASN A 969 11.88 -1.52 5.07
N PHE A 970 11.42 -0.42 4.50
CA PHE A 970 10.01 -0.24 4.13
C PHE A 970 9.08 -0.45 5.31
N GLY A 971 9.57 -0.18 6.51
CA GLY A 971 8.78 -0.34 7.72
C GLY A 971 9.04 -1.62 8.47
N ALA A 972 9.79 -2.55 7.89
CA ALA A 972 10.09 -3.81 8.54
C ALA A 972 11.15 -3.62 9.62
N ILE A 973 11.22 -4.60 10.53
CA ILE A 973 12.23 -4.58 11.57
C ILE A 973 13.63 -4.73 11.00
N SER A 974 13.75 -5.30 9.80
CA SER A 974 15.05 -5.48 9.16
C SER A 974 14.82 -5.62 7.66
N SER A 975 15.76 -5.08 6.88
CA SER A 975 15.68 -5.23 5.43
C SER A 975 16.07 -6.62 4.96
N VAL A 976 16.69 -7.42 5.82
CA VAL A 976 17.18 -8.74 5.43
C VAL A 976 16.09 -9.77 5.62
N LEU A 977 15.67 -10.38 4.52
CA LEU A 977 14.59 -11.37 4.56
C LEU A 977 15.00 -12.59 5.38
N ASN A 978 16.26 -13.01 5.24
CA ASN A 978 16.74 -14.14 6.04
C ASN A 978 16.83 -13.78 7.51
N ASP A 979 17.10 -12.52 7.84
CA ASP A 979 17.12 -12.13 9.25
C ASP A 979 15.73 -12.06 9.83
N ILE A 980 14.73 -11.76 9.00
CA ILE A 980 13.35 -11.82 9.48
C ILE A 980 12.93 -13.27 9.67
N LEU A 981 13.22 -14.12 8.68
CA LEU A 981 12.80 -15.52 8.73
C LEU A 981 13.47 -16.27 9.88
N SER A 982 14.74 -15.94 10.18
CA SER A 982 15.44 -16.62 11.26
C SER A 982 15.05 -16.12 12.64
N ARG A 983 14.30 -15.04 12.75
CA ARG A 983 13.94 -14.49 14.06
C ARG A 983 12.46 -14.50 14.39
N LEU A 984 11.57 -14.46 13.41
CA LEU A 984 10.15 -14.36 13.67
C LEU A 984 9.38 -15.63 13.28
N ASP A 985 8.39 -15.95 14.09
CA ASP A 985 7.42 -16.98 13.74
C ASP A 985 6.51 -16.48 12.61
N PRO A 986 5.96 -17.40 11.81
CA PRO A 986 5.10 -17.02 10.67
C PRO A 986 4.10 -15.93 10.98
N PRO A 987 3.37 -15.95 12.11
CA PRO A 987 2.30 -14.95 12.30
C PRO A 987 2.78 -13.50 12.23
N GLU A 988 4.05 -13.22 12.49
CA GLU A 988 4.59 -11.88 12.40
C GLU A 988 5.55 -11.72 11.22
N ALA A 989 6.26 -12.80 10.89
CA ALA A 989 7.16 -12.78 9.74
C ALA A 989 6.37 -12.54 8.47
N GLU A 990 5.15 -13.08 8.37
CA GLU A 990 4.34 -12.86 7.17
C GLU A 990 3.99 -11.39 7.01
N VAL A 991 3.76 -10.69 8.12
CA VAL A 991 3.47 -9.26 8.04
C VAL A 991 4.71 -8.49 7.60
N GLN A 992 5.85 -8.81 8.19
CA GLN A 992 7.08 -8.10 7.83
C GLN A 992 7.44 -8.36 6.38
N ILE A 993 7.21 -9.59 5.92
CA ILE A 993 7.48 -9.96 4.54
C ILE A 993 6.51 -9.26 3.60
N ASP A 994 5.23 -9.15 4.00
CA ASP A 994 4.29 -8.41 3.18
C ASP A 994 4.73 -6.96 3.02
N ARG A 995 5.28 -6.36 4.07
CA ARG A 995 5.77 -5.00 3.93
C ARG A 995 6.95 -4.93 2.97
N LEU A 996 7.88 -5.88 3.07
CA LEU A 996 9.02 -5.85 2.17
C LEU A 996 8.61 -6.15 0.74
N ILE A 997 7.63 -7.04 0.54
CA ILE A 997 7.14 -7.33 -0.80
C ILE A 997 6.49 -6.10 -1.40
N THR A 998 5.69 -5.38 -0.62
CA THR A 998 5.06 -4.18 -1.13
C THR A 998 6.10 -3.17 -1.56
N GLY A 999 7.11 -2.93 -0.70
CA GLY A 999 8.12 -1.95 -1.04
C GLY A 999 8.94 -2.34 -2.26
N ARG A 1000 9.36 -3.60 -2.33
CA ARG A 1000 10.22 -4.03 -3.42
C ARG A 1000 9.45 -4.13 -4.73
N LEU A 1001 8.19 -4.53 -4.68
CA LEU A 1001 7.38 -4.58 -5.88
C LEU A 1001 7.10 -3.18 -6.41
N GLN A 1002 6.84 -2.22 -5.52
CA GLN A 1002 6.67 -0.85 -5.99
C GLN A 1002 7.96 -0.32 -6.59
N SER A 1003 9.11 -0.67 -6.01
CA SER A 1003 10.38 -0.24 -6.58
C SER A 1003 10.59 -0.82 -7.97
N LEU A 1004 10.28 -2.12 -8.14
CA LEU A 1004 10.40 -2.74 -9.45
C LEU A 1004 9.45 -2.10 -10.45
N GLN A 1005 8.22 -1.79 -10.04
CA GLN A 1005 7.27 -1.16 -10.95
C GLN A 1005 7.78 0.21 -11.40
N THR A 1006 8.37 0.97 -10.48
CA THR A 1006 8.93 2.27 -10.85
C THR A 1006 10.08 2.08 -11.84
N TYR A 1007 10.97 1.12 -11.57
CA TYR A 1007 12.07 0.85 -12.49
C TYR A 1007 11.55 0.48 -13.87
N VAL A 1008 10.56 -0.41 -13.94
CA VAL A 1008 10.04 -0.85 -15.22
C VAL A 1008 9.41 0.31 -15.98
N THR A 1009 8.66 1.18 -15.27
CA THR A 1009 8.08 2.33 -15.93
C THR A 1009 9.17 3.25 -16.50
N GLN A 1010 10.23 3.49 -15.73
CA GLN A 1010 11.31 4.34 -16.21
C GLN A 1010 11.99 3.71 -17.42
N GLN A 1011 12.13 2.37 -17.39
CA GLN A 1011 12.76 1.68 -18.51
C GLN A 1011 11.89 1.73 -19.74
N LEU A 1012 10.57 1.64 -19.57
CA LEU A 1012 9.68 1.71 -20.74
C LEU A 1012 9.71 3.10 -21.35
N ILE A 1013 9.74 4.15 -20.54
CA ILE A 1013 9.77 5.50 -21.09
C ILE A 1013 11.09 5.76 -21.80
N ARG A 1014 12.20 5.41 -21.15
CA ARG A 1014 13.51 5.59 -21.79
C ARG A 1014 13.63 4.74 -23.05
N ALA A 1015 13.09 3.52 -23.02
CA ALA A 1015 13.12 2.67 -24.21
C ALA A 1015 12.30 3.27 -25.35
N ALA A 1016 11.17 3.91 -25.03
CA ALA A 1016 10.40 4.55 -26.09
C ALA A 1016 11.17 5.72 -26.68
N GLU A 1017 11.86 6.49 -25.84
CA GLU A 1017 12.68 7.57 -26.36
C GLU A 1017 13.81 7.05 -27.24
N ILE A 1018 14.48 5.98 -26.79
CA ILE A 1018 15.55 5.39 -27.59
C ILE A 1018 15.02 4.85 -28.90
N ARG A 1019 13.83 4.24 -28.88
CA ARG A 1019 13.22 3.74 -30.11
C ARG A 1019 12.94 4.89 -31.08
N ALA A 1020 12.41 6.00 -30.58
CA ALA A 1020 12.19 7.15 -31.45
C ALA A 1020 13.50 7.67 -32.03
N SER A 1021 14.55 7.71 -31.20
CA SER A 1021 15.86 8.14 -31.69
C SER A 1021 16.39 7.18 -32.74
N ALA A 1022 16.20 5.87 -32.53
CA ALA A 1022 16.64 4.88 -33.51
C ALA A 1022 15.90 5.02 -34.82
N ASN A 1023 14.59 5.32 -34.75
CA ASN A 1023 13.84 5.55 -35.99
C ASN A 1023 14.34 6.79 -36.71
N LEU A 1024 14.66 7.83 -35.96
CA LEU A 1024 15.25 9.02 -36.57
C LEU A 1024 16.59 8.69 -37.22
N ALA A 1025 17.40 7.88 -36.54
CA ALA A 1025 18.70 7.49 -37.09
C ALA A 1025 18.52 6.67 -38.36
N ALA A 1026 17.54 5.76 -38.39
CA ALA A 1026 17.30 4.97 -39.58
C ALA A 1026 16.82 5.84 -40.73
N THR A 1027 15.96 6.81 -40.44
CA THR A 1027 15.52 7.74 -41.47
C THR A 1027 16.70 8.52 -42.02
N LYS A 1028 17.60 8.98 -41.13
CA LYS A 1028 18.79 9.68 -41.59
C LYS A 1028 19.66 8.78 -42.44
N MET A 1029 19.84 7.52 -42.02
CA MET A 1029 20.64 6.59 -42.82
C MET A 1029 20.07 6.47 -44.23
N SER A 1030 18.76 6.24 -44.32
CA SER A 1030 18.12 6.01 -45.62
C SER A 1030 18.18 7.26 -46.49
N GLU A 1031 17.91 8.43 -45.93
CA GLU A 1031 17.82 9.65 -46.72
C GLU A 1031 19.09 10.47 -46.69
N CYS A 1032 20.19 9.90 -46.21
CA CYS A 1032 21.41 10.66 -46.04
C CYS A 1032 22.62 9.91 -46.60
N VAL A 1033 22.72 8.63 -46.26
CA VAL A 1033 23.82 7.81 -46.76
C VAL A 1033 23.47 7.18 -48.10
N LEU A 1034 22.28 6.57 -48.19
CA LEU A 1034 21.91 5.88 -49.41
C LEU A 1034 21.52 6.82 -50.53
N GLY A 1035 21.08 8.03 -50.22
CA GLY A 1035 20.67 8.97 -51.24
C GLY A 1035 21.35 10.32 -51.07
N GLN A 1036 20.61 11.36 -51.45
CA GLN A 1036 21.04 12.74 -51.26
C GLN A 1036 19.85 13.54 -50.79
N SER A 1037 20.02 14.28 -49.70
CA SER A 1037 18.92 14.96 -49.05
C SER A 1037 18.81 16.40 -49.53
N LYS A 1038 17.61 16.78 -49.94
CA LYS A 1038 17.29 18.17 -50.26
C LYS A 1038 16.76 18.90 -49.05
N ARG A 1039 16.65 18.20 -47.92
CA ARG A 1039 16.13 18.75 -46.69
C ARG A 1039 17.21 19.56 -45.99
N VAL A 1040 16.93 20.84 -45.76
CA VAL A 1040 17.93 21.75 -45.19
C VAL A 1040 18.20 21.36 -43.74
N ASP A 1041 19.48 21.26 -43.40
CA ASP A 1041 19.97 20.92 -42.06
C ASP A 1041 19.48 19.57 -41.56
N PHE A 1042 18.94 18.72 -42.44
CA PHE A 1042 18.65 17.35 -42.03
C PHE A 1042 19.94 16.56 -41.91
N CYS A 1043 20.90 16.82 -42.81
CA CYS A 1043 22.18 16.14 -42.83
C CYS A 1043 23.31 17.13 -42.63
N GLY A 1044 23.20 17.96 -41.60
CA GLY A 1044 24.20 18.94 -41.27
C GLY A 1044 23.94 20.29 -41.90
N LYS A 1045 24.62 21.31 -41.37
CA LYS A 1045 24.46 22.66 -41.87
C LYS A 1045 25.20 22.80 -43.20
N GLY A 1046 24.54 23.43 -44.15
CA GLY A 1046 25.08 23.60 -45.49
C GLY A 1046 24.29 22.77 -46.49
N TYR A 1047 24.78 22.76 -47.73
CA TYR A 1047 24.15 21.99 -48.78
C TYR A 1047 24.71 20.58 -48.75
N HIS A 1048 23.86 19.60 -48.45
CA HIS A 1048 24.32 18.23 -48.27
C HIS A 1048 24.79 17.62 -49.58
N LEU A 1049 25.93 16.94 -49.51
CA LEU A 1049 26.40 16.13 -50.63
C LEU A 1049 26.24 14.64 -50.34
N MET A 1050 26.95 14.13 -49.32
CA MET A 1050 26.91 12.71 -49.02
C MET A 1050 27.24 12.51 -47.55
N SER A 1051 26.94 11.31 -47.05
CA SER A 1051 27.23 10.95 -45.68
C SER A 1051 27.84 9.55 -45.63
N PHE A 1052 28.64 9.30 -44.59
CA PHE A 1052 29.28 8.00 -44.39
C PHE A 1052 28.97 7.54 -42.98
N PRO A 1053 28.40 6.36 -42.79
CA PRO A 1053 28.15 5.87 -41.44
C PRO A 1053 29.41 5.28 -40.80
N GLN A 1054 29.47 5.38 -39.48
CA GLN A 1054 30.46 4.70 -38.66
C GLN A 1054 29.78 4.11 -37.43
N SER A 1055 30.23 2.92 -37.03
CA SER A 1055 29.65 2.26 -35.87
C SER A 1055 30.21 2.84 -34.59
N ALA A 1056 29.45 2.69 -33.50
CA ALA A 1056 29.87 3.11 -32.18
C ALA A 1056 29.17 2.24 -31.16
N PRO A 1057 29.70 2.15 -29.94
CA PRO A 1057 29.01 1.39 -28.88
C PRO A 1057 27.59 1.88 -28.66
N HIS A 1058 26.63 0.96 -28.83
CA HIS A 1058 25.21 1.25 -28.61
C HIS A 1058 24.73 2.47 -29.38
N GLY A 1059 25.29 2.70 -30.56
CA GLY A 1059 24.87 3.84 -31.35
C GLY A 1059 25.56 3.88 -32.69
N VAL A 1060 25.24 4.92 -33.46
CA VAL A 1060 25.81 5.13 -34.79
C VAL A 1060 26.26 6.58 -34.89
N VAL A 1061 27.37 6.79 -35.61
CA VAL A 1061 27.90 8.13 -35.83
C VAL A 1061 27.93 8.39 -37.33
N PHE A 1062 27.37 9.53 -37.74
CA PHE A 1062 27.31 9.93 -39.13
C PHE A 1062 28.32 11.03 -39.42
N LEU A 1063 29.08 10.87 -40.49
CA LEU A 1063 29.95 11.91 -41.02
C LEU A 1063 29.26 12.55 -42.21
N HIS A 1064 28.84 13.81 -42.05
CA HIS A 1064 28.11 14.54 -43.07
C HIS A 1064 29.05 15.44 -43.85
N VAL A 1065 29.11 15.23 -45.17
CA VAL A 1065 29.92 16.05 -46.05
C VAL A 1065 29.01 17.09 -46.68
N THR A 1066 29.29 18.36 -46.42
CA THR A 1066 28.41 19.46 -46.82
C THR A 1066 29.16 20.51 -47.62
N TYR A 1067 28.42 21.21 -48.48
CA TYR A 1067 28.94 22.30 -49.28
C TYR A 1067 28.59 23.61 -48.59
N VAL A 1068 29.60 24.40 -48.25
CA VAL A 1068 29.42 25.67 -47.55
C VAL A 1068 30.08 26.78 -48.36
N PRO A 1069 29.34 27.81 -48.78
CA PRO A 1069 29.98 28.98 -49.40
C PRO A 1069 30.99 29.62 -48.46
N ALA A 1070 32.13 30.01 -49.01
CA ALA A 1070 33.24 30.49 -48.19
C ALA A 1070 33.56 31.97 -48.36
N GLN A 1071 33.59 32.50 -49.58
CA GLN A 1071 33.96 33.89 -49.83
C GLN A 1071 32.96 34.52 -50.79
N GLU A 1072 32.68 35.81 -50.58
CA GLU A 1072 31.64 36.48 -51.35
C GLU A 1072 32.12 37.85 -51.81
N LYS A 1073 31.52 38.33 -52.89
CA LYS A 1073 31.72 39.67 -53.41
C LYS A 1073 30.39 40.35 -53.63
N ASN A 1074 30.39 41.68 -53.55
CA ASN A 1074 29.20 42.49 -53.80
C ASN A 1074 29.07 42.73 -55.30
N PHE A 1075 28.01 42.18 -55.90
CA PHE A 1075 27.72 42.39 -57.32
C PHE A 1075 26.40 43.12 -57.48
N THR A 1076 26.31 43.91 -58.54
CA THR A 1076 25.07 44.55 -58.94
C THR A 1076 24.25 43.60 -59.80
N THR A 1077 22.94 43.59 -59.58
CA THR A 1077 22.06 42.67 -60.28
C THR A 1077 20.87 43.41 -60.86
N ALA A 1078 20.04 42.66 -61.59
CA ALA A 1078 18.81 43.16 -62.19
C ALA A 1078 17.89 41.97 -62.40
N PRO A 1079 16.58 42.12 -62.21
CA PRO A 1079 15.68 40.97 -62.41
C PRO A 1079 15.53 40.54 -63.86
N ALA A 1080 15.80 41.42 -64.81
CA ALA A 1080 15.61 41.10 -66.23
C ALA A 1080 16.41 42.08 -67.06
N ILE A 1081 16.69 41.70 -68.31
CA ILE A 1081 17.46 42.52 -69.24
C ILE A 1081 16.65 42.77 -70.51
N CYS A 1082 16.62 44.03 -70.94
CA CYS A 1082 16.04 44.41 -72.23
C CYS A 1082 17.07 44.31 -73.34
N HIS A 1083 16.65 43.78 -74.49
CA HIS A 1083 17.50 43.77 -75.68
C HIS A 1083 16.90 44.59 -76.81
N ASP A 1084 15.81 44.12 -77.44
CA ASP A 1084 15.12 44.87 -78.48
C ASP A 1084 13.74 45.33 -78.00
N GLY A 1085 13.54 45.43 -76.69
CA GLY A 1085 12.23 45.67 -76.13
C GLY A 1085 11.62 44.43 -75.54
N LYS A 1086 12.22 43.27 -75.82
CA LYS A 1086 11.80 41.99 -75.26
C LYS A 1086 12.39 41.82 -73.87
N ALA A 1087 11.65 41.11 -73.02
CA ALA A 1087 12.09 40.85 -71.66
C ALA A 1087 12.79 39.49 -71.60
N HIS A 1088 14.07 39.50 -71.26
CA HIS A 1088 14.88 38.30 -71.19
C HIS A 1088 15.02 37.86 -69.74
N PHE A 1089 14.71 36.59 -69.48
CA PHE A 1089 14.88 36.05 -68.14
C PHE A 1089 15.87 34.90 -68.18
N PRO A 1090 16.65 34.70 -67.13
CA PRO A 1090 17.60 33.58 -67.11
C PRO A 1090 16.87 32.25 -67.09
N ARG A 1091 17.42 31.28 -67.83
CA ARG A 1091 16.91 29.91 -67.69
C ARG A 1091 17.29 29.32 -66.34
N GLU A 1092 18.53 29.54 -65.92
CA GLU A 1092 19.03 29.18 -64.60
C GLU A 1092 19.96 30.29 -64.14
N GLY A 1093 19.96 30.58 -62.85
CA GLY A 1093 20.83 31.61 -62.36
C GLY A 1093 20.22 32.99 -62.48
N VAL A 1094 21.06 34.00 -62.23
CA VAL A 1094 20.60 35.38 -62.24
C VAL A 1094 21.57 36.23 -63.05
N PHE A 1095 21.10 37.43 -63.40
CA PHE A 1095 21.94 38.41 -64.07
C PHE A 1095 22.76 39.20 -63.07
N VAL A 1096 24.05 39.38 -63.38
CA VAL A 1096 24.96 40.14 -62.53
C VAL A 1096 25.73 41.12 -63.41
N SER A 1097 26.23 42.17 -62.77
CA SER A 1097 27.08 43.15 -63.43
C SER A 1097 28.29 43.46 -62.58
N ASN A 1098 29.47 43.50 -63.22
CA ASN A 1098 30.69 43.89 -62.54
C ASN A 1098 30.92 45.39 -62.60
N GLY A 1099 29.92 46.16 -63.05
CA GLY A 1099 30.01 47.59 -63.17
C GLY A 1099 30.06 48.10 -64.59
N THR A 1100 30.45 47.27 -65.55
CA THR A 1100 30.49 47.70 -66.95
C THR A 1100 29.74 46.74 -67.86
N HIS A 1101 29.73 45.45 -67.51
CA HIS A 1101 29.13 44.42 -68.34
C HIS A 1101 28.21 43.55 -67.50
N TRP A 1102 27.12 43.11 -68.10
CA TRP A 1102 26.17 42.21 -67.46
C TRP A 1102 26.45 40.77 -67.84
N PHE A 1103 26.43 39.88 -66.84
CA PHE A 1103 26.65 38.46 -67.06
C PHE A 1103 25.60 37.65 -66.31
N VAL A 1104 25.45 36.39 -66.71
CA VAL A 1104 24.60 35.43 -66.04
C VAL A 1104 25.49 34.32 -65.48
N THR A 1105 25.20 33.92 -64.24
CA THR A 1105 26.01 32.90 -63.58
C THR A 1105 25.11 32.06 -62.69
N GLN A 1106 25.53 30.81 -62.47
CA GLN A 1106 24.80 29.93 -61.58
C GLN A 1106 24.79 30.48 -60.16
N ARG A 1107 23.66 30.29 -59.47
CA ARG A 1107 23.39 30.99 -58.22
C ARG A 1107 24.43 30.71 -57.15
N ASN A 1108 24.94 29.49 -57.07
CA ASN A 1108 25.78 29.09 -55.95
C ASN A 1108 27.27 29.11 -56.25
N PHE A 1109 27.68 29.68 -57.38
CA PHE A 1109 29.11 29.72 -57.72
C PHE A 1109 29.33 30.74 -58.83
N TYR A 1110 30.18 31.72 -58.58
CA TYR A 1110 30.40 32.79 -59.55
C TYR A 1110 31.15 32.26 -60.75
N GLU A 1111 30.52 32.32 -61.92
CA GLU A 1111 31.10 31.82 -63.16
C GLU A 1111 30.49 32.60 -64.32
N PRO A 1112 30.96 33.83 -64.55
CA PRO A 1112 30.28 34.71 -65.50
C PRO A 1112 30.38 34.20 -66.92
N GLN A 1113 29.26 34.27 -67.64
CA GLN A 1113 29.21 33.88 -69.03
C GLN A 1113 28.61 35.01 -69.86
N ILE A 1114 28.96 35.03 -71.15
CA ILE A 1114 28.37 36.00 -72.07
C ILE A 1114 26.89 35.71 -72.22
N ILE A 1115 26.08 36.76 -72.21
CA ILE A 1115 24.62 36.59 -72.29
C ILE A 1115 24.26 36.27 -73.74
N THR A 1116 23.65 35.11 -73.94
CA THR A 1116 23.29 34.63 -75.26
C THR A 1116 21.87 34.10 -75.25
N THR A 1117 21.37 33.80 -76.45
CA THR A 1117 20.04 33.22 -76.60
C THR A 1117 19.95 31.79 -76.07
N ASP A 1118 21.10 31.15 -75.81
CA ASP A 1118 21.10 29.81 -75.25
C ASP A 1118 21.16 29.81 -73.73
N ASN A 1119 21.28 30.98 -73.10
CA ASN A 1119 21.26 31.07 -71.65
C ASN A 1119 19.96 31.67 -71.12
N THR A 1120 19.29 32.49 -71.90
CA THR A 1120 18.07 33.16 -71.48
C THR A 1120 16.93 32.80 -72.43
N PHE A 1121 15.72 33.14 -72.01
CA PHE A 1121 14.53 32.99 -72.82
C PHE A 1121 13.72 34.28 -72.77
N VAL A 1122 12.87 34.47 -73.77
CA VAL A 1122 12.09 35.70 -73.93
C VAL A 1122 10.66 35.43 -73.50
N SER A 1123 10.12 36.31 -72.66
CA SER A 1123 8.72 36.23 -72.25
C SER A 1123 8.24 37.64 -71.92
N GLY A 1124 7.21 38.09 -72.63
CA GLY A 1124 6.67 39.43 -72.39
C GLY A 1124 7.59 40.50 -72.96
N ASN A 1125 7.48 41.70 -72.39
CA ASN A 1125 8.22 42.85 -72.89
C ASN A 1125 8.67 43.73 -71.73
N CYS A 1126 9.44 44.76 -72.07
CA CYS A 1126 10.10 45.64 -71.11
C CYS A 1126 9.13 46.50 -70.31
N ASP A 1127 7.87 46.62 -70.72
CA ASP A 1127 6.96 47.55 -70.06
C ASP A 1127 6.25 46.93 -68.86
N VAL A 1128 6.52 45.68 -68.53
CA VAL A 1128 5.86 44.98 -67.45
C VAL A 1128 6.77 44.77 -66.25
N VAL A 1129 8.02 44.39 -66.50
CA VAL A 1129 8.90 43.94 -65.43
C VAL A 1129 9.50 45.16 -64.72
N ILE A 1130 9.36 45.18 -63.40
CA ILE A 1130 9.88 46.27 -62.58
C ILE A 1130 11.37 46.09 -62.37
N GLY A 1131 12.16 47.09 -62.76
CA GLY A 1131 13.60 47.04 -62.58
C GLY A 1131 14.38 46.46 -63.73
N ILE A 1132 13.75 46.19 -64.87
CA ILE A 1132 14.48 45.66 -66.02
C ILE A 1132 15.43 46.74 -66.54
N VAL A 1133 16.61 46.30 -66.97
CA VAL A 1133 17.65 47.22 -67.41
C VAL A 1133 17.98 46.96 -68.88
N ASN A 1134 18.59 47.97 -69.50
CA ASN A 1134 19.01 47.88 -70.89
C ASN A 1134 20.39 47.24 -71.01
N ASN A 1135 20.52 46.31 -71.95
CA ASN A 1135 21.81 45.73 -72.30
C ASN A 1135 21.69 45.13 -73.70
N THR A 1136 22.63 44.26 -74.07
CA THR A 1136 22.57 43.54 -75.33
C THR A 1136 22.69 42.05 -75.08
N VAL A 1137 22.02 41.27 -75.92
CA VAL A 1137 22.06 39.81 -75.87
C VAL A 1137 22.73 39.32 -77.15
N TYR A 1138 23.83 38.58 -76.98
CA TYR A 1138 24.60 38.09 -78.11
C TYR A 1138 23.88 36.91 -78.75
N ASP A 1139 23.79 36.91 -80.08
CA ASP A 1139 23.17 35.80 -80.79
C ASP A 1139 24.25 35.02 -81.52
N PRO A 1140 24.61 33.81 -81.04
CA PRO A 1140 25.67 33.04 -81.72
C PRO A 1140 25.37 32.72 -83.17
N LEU A 1141 24.11 32.77 -83.59
CA LEU A 1141 23.76 32.44 -84.97
C LEU A 1141 24.15 33.57 -85.92
N GLN A 1142 24.05 34.82 -85.46
CA GLN A 1142 24.33 35.97 -86.31
C GLN A 1142 25.69 35.90 -86.99
N PRO A 1143 26.82 35.71 -86.30
CA PRO A 1143 28.09 35.64 -87.02
C PRO A 1143 28.18 34.43 -87.92
N GLU A 1144 27.41 33.37 -87.63
CA GLU A 1144 27.46 32.17 -88.45
C GLU A 1144 26.75 32.39 -89.78
N LEU A 1145 25.72 33.24 -89.79
CA LEU A 1145 25.08 33.59 -91.04
C LEU A 1145 25.78 34.75 -91.73
N ASP A 1146 26.47 35.60 -90.97
CA ASP A 1146 27.22 36.70 -91.59
C ASP A 1146 28.45 36.18 -92.32
N SER A 1147 29.16 35.21 -91.73
CA SER A 1147 30.34 34.63 -92.37
C SER A 1147 29.95 33.53 -93.35
N GLN B 14 -55.53 30.72 30.38
CA GLN B 14 -54.16 30.25 30.22
C GLN B 14 -54.08 29.09 29.22
N CYS B 15 -55.20 28.38 29.03
CA CYS B 15 -55.23 27.24 28.12
C CYS B 15 -56.46 27.31 27.22
N VAL B 16 -56.95 28.52 26.95
CA VAL B 16 -58.16 28.67 26.16
C VAL B 16 -57.93 28.04 24.78
N ASN B 17 -59.00 27.48 24.22
CA ASN B 17 -58.93 26.95 22.87
C ASN B 17 -59.11 28.07 21.84
N LEU B 18 -58.95 27.71 20.58
CA LEU B 18 -59.13 28.67 19.48
C LEU B 18 -59.46 27.85 18.23
N THR B 19 -60.75 27.79 17.88
CA THR B 19 -61.26 26.88 16.87
C THR B 19 -62.18 27.61 15.90
N THR B 20 -61.71 28.76 15.40
CA THR B 20 -62.38 29.39 14.27
C THR B 20 -62.34 28.46 13.07
N ARG B 21 -63.46 28.38 12.35
CA ARG B 21 -63.64 27.38 11.29
C ARG B 21 -63.72 28.09 9.95
N THR B 22 -62.57 28.26 9.31
CA THR B 22 -62.48 28.72 7.92
C THR B 22 -61.54 27.77 7.20
N GLN B 23 -62.11 26.84 6.43
CA GLN B 23 -61.33 25.84 5.72
C GLN B 23 -60.91 26.34 4.35
N LEU B 24 -59.61 26.25 4.05
CA LEU B 24 -59.09 26.54 2.73
C LEU B 24 -58.02 25.49 2.44
N PRO B 25 -57.91 25.05 1.18
CA PRO B 25 -56.95 23.99 0.88
C PRO B 25 -55.53 24.50 0.98
N PRO B 26 -54.56 23.62 1.27
CA PRO B 26 -53.17 24.07 1.34
C PRO B 26 -52.61 24.36 -0.03
N ALA B 27 -51.87 25.46 -0.12
CA ALA B 27 -51.27 25.90 -1.38
C ALA B 27 -49.82 25.42 -1.44
N TYR B 28 -49.31 25.33 -2.68
CA TYR B 28 -47.95 24.87 -2.91
C TYR B 28 -47.21 25.87 -3.77
N THR B 29 -45.90 25.92 -3.60
CA THR B 29 -45.06 26.84 -4.36
C THR B 29 -43.71 26.17 -4.60
N ASN B 30 -42.99 26.67 -5.59
CA ASN B 30 -41.67 26.17 -5.94
C ASN B 30 -40.59 27.09 -5.38
N SER B 31 -39.65 26.51 -4.64
CA SER B 31 -38.52 27.25 -4.10
C SER B 31 -37.42 27.24 -5.16
N PHE B 32 -37.38 28.30 -5.97
CA PHE B 32 -36.48 28.34 -7.13
C PHE B 32 -35.04 28.11 -6.72
N THR B 33 -34.49 29.05 -5.93
CA THR B 33 -33.14 28.91 -5.38
C THR B 33 -33.18 29.59 -4.00
N ARG B 34 -33.46 28.79 -2.98
CA ARG B 34 -33.59 29.29 -1.62
C ARG B 34 -33.20 28.18 -0.66
N GLY B 35 -32.76 28.57 0.54
CA GLY B 35 -32.35 27.63 1.55
C GLY B 35 -30.88 27.34 1.61
N VAL B 36 -30.04 28.10 0.91
CA VAL B 36 -28.60 27.87 0.93
C VAL B 36 -28.01 28.50 2.18
N TYR B 37 -27.13 27.77 2.84
CA TYR B 37 -26.52 28.22 4.09
C TYR B 37 -25.06 27.80 4.11
N TYR B 38 -24.25 28.59 4.80
CA TYR B 38 -22.83 28.28 4.95
C TYR B 38 -22.68 26.98 5.74
N PRO B 39 -22.25 25.90 5.09
CA PRO B 39 -22.19 24.62 5.80
C PRO B 39 -21.19 24.60 6.95
N ASP B 40 -20.13 25.41 6.86
CA ASP B 40 -19.10 25.47 7.89
C ASP B 40 -18.73 26.92 8.13
N LYS B 41 -18.03 27.15 9.23
CA LYS B 41 -17.57 28.49 9.60
C LYS B 41 -16.17 28.73 9.05
N VAL B 42 -16.06 28.63 7.73
CA VAL B 42 -14.81 28.79 7.02
C VAL B 42 -14.98 29.89 5.98
N PHE B 43 -13.89 30.62 5.72
CA PHE B 43 -13.89 31.70 4.75
C PHE B 43 -13.32 31.19 3.44
N ARG B 44 -14.02 31.48 2.35
CA ARG B 44 -13.56 31.13 1.01
C ARG B 44 -13.86 32.27 0.06
N SER B 45 -12.98 32.49 -0.90
CA SER B 45 -13.11 33.62 -1.82
C SER B 45 -12.65 33.19 -3.20
N SER B 46 -13.40 33.62 -4.22
CA SER B 46 -13.08 33.34 -5.63
C SER B 46 -12.72 31.87 -5.82
N VAL B 47 -13.61 30.99 -5.35
CA VAL B 47 -13.39 29.55 -5.44
C VAL B 47 -14.74 28.85 -5.48
N LEU B 48 -14.81 27.77 -6.23
CA LEU B 48 -16.00 26.92 -6.27
C LEU B 48 -15.76 25.68 -5.43
N HIS B 49 -16.68 25.41 -4.50
CA HIS B 49 -16.51 24.35 -3.51
C HIS B 49 -17.74 23.46 -3.54
N SER B 50 -17.51 22.15 -3.59
CA SER B 50 -18.58 21.16 -3.61
C SER B 50 -18.67 20.44 -2.28
N THR B 51 -19.87 20.45 -1.68
CA THR B 51 -20.10 19.87 -0.37
C THR B 51 -21.46 19.18 -0.36
N GLN B 52 -21.54 18.05 0.34
CA GLN B 52 -22.78 17.33 0.53
C GLN B 52 -23.30 17.60 1.94
N ASP B 53 -24.57 18.00 2.04
CA ASP B 53 -25.21 18.31 3.31
C ASP B 53 -26.71 18.43 3.09
N LEU B 54 -27.44 18.45 4.19
CA LEU B 54 -28.91 18.58 4.14
C LEU B 54 -29.27 19.95 3.59
N PHE B 55 -29.74 19.99 2.36
CA PHE B 55 -30.12 21.23 1.69
C PHE B 55 -31.56 21.13 1.20
N LEU B 56 -32.12 22.29 0.84
CA LEU B 56 -33.42 22.34 0.19
C LEU B 56 -33.21 22.24 -1.32
N PRO B 57 -33.63 21.17 -1.97
CA PRO B 57 -33.44 21.05 -3.43
C PRO B 57 -34.05 22.23 -4.17
N PHE B 58 -33.45 22.56 -5.30
CA PHE B 58 -33.92 23.69 -6.08
C PHE B 58 -35.25 23.36 -6.73
N PHE B 59 -36.10 24.38 -6.88
CA PHE B 59 -37.44 24.21 -7.43
C PHE B 59 -38.19 23.11 -6.70
N SER B 60 -38.15 23.18 -5.37
CA SER B 60 -38.76 22.17 -4.52
C SER B 60 -40.20 22.53 -4.20
N ASN B 61 -41.00 21.49 -3.95
CA ASN B 61 -42.45 21.62 -3.80
C ASN B 61 -42.73 21.92 -2.33
N VAL B 62 -42.92 23.20 -2.01
CA VAL B 62 -43.10 23.62 -0.63
C VAL B 62 -44.57 23.98 -0.41
N THR B 63 -45.04 23.73 0.80
CA THR B 63 -46.39 24.10 1.19
C THR B 63 -46.46 25.59 1.50
N TRP B 64 -47.68 26.13 1.44
CA TRP B 64 -47.93 27.54 1.69
C TRP B 64 -49.10 27.67 2.67
N PHE B 65 -48.90 28.47 3.72
CA PHE B 65 -49.91 28.66 4.75
C PHE B 65 -50.20 30.14 4.92
N HIS B 66 -51.47 30.47 5.11
CA HIS B 66 -51.92 31.85 5.19
C HIS B 66 -52.44 32.13 6.59
N ALA B 67 -52.45 33.42 6.96
CA ALA B 67 -52.99 33.88 8.23
C ALA B 67 -53.76 35.17 8.05
N ILE B 68 -54.57 35.24 6.99
CA ILE B 68 -55.24 36.48 6.62
C ILE B 68 -56.73 36.34 6.95
N HIS B 69 -57.38 37.49 7.12
CA HIS B 69 -58.81 37.52 7.41
C HIS B 69 -59.60 38.06 6.21
N LYS B 77 -61.66 34.97 8.75
CA LYS B 77 -60.63 34.59 9.72
C LYS B 77 -59.99 33.26 9.36
N ARG B 78 -58.95 33.31 8.53
CA ARG B 78 -58.22 32.13 8.11
C ARG B 78 -56.89 32.08 8.87
N PHE B 79 -56.73 31.04 9.69
CA PHE B 79 -55.48 30.80 10.39
C PHE B 79 -55.01 29.38 10.07
N ASP B 80 -53.70 29.25 9.82
CA ASP B 80 -53.10 27.96 9.48
C ASP B 80 -51.90 27.79 10.41
N ASN B 81 -52.05 26.93 11.41
CA ASN B 81 -50.94 26.60 12.31
C ASN B 81 -50.98 25.15 12.76
N PRO B 82 -51.00 24.18 11.85
CA PRO B 82 -51.07 22.78 12.27
C PRO B 82 -49.70 22.30 12.76
N VAL B 83 -49.69 21.06 13.26
CA VAL B 83 -48.47 20.43 13.71
C VAL B 83 -47.86 19.69 12.53
N LEU B 84 -46.64 20.05 12.16
CA LEU B 84 -45.99 19.51 10.98
C LEU B 84 -44.78 18.67 11.36
N PRO B 85 -44.34 17.77 10.50
CA PRO B 85 -43.20 16.91 10.83
C PRO B 85 -41.87 17.64 10.68
N PHE B 86 -40.83 16.99 11.20
CA PHE B 86 -39.46 17.50 11.21
C PHE B 86 -38.51 16.41 10.76
N ASN B 87 -38.86 15.78 9.63
CA ASN B 87 -38.22 14.54 9.17
C ASN B 87 -36.70 14.61 9.26
N ASP B 88 -36.10 15.54 8.52
CA ASP B 88 -34.65 15.76 8.55
C ASP B 88 -34.26 17.20 8.71
N GLY B 89 -35.17 18.15 8.51
CA GLY B 89 -34.84 19.55 8.56
C GLY B 89 -35.99 20.36 7.98
N VAL B 90 -35.86 21.68 8.11
CA VAL B 90 -36.93 22.60 7.73
C VAL B 90 -36.30 23.86 7.15
N TYR B 91 -36.88 24.36 6.06
CA TYR B 91 -36.60 25.69 5.54
C TYR B 91 -37.83 26.54 5.81
N PHE B 92 -37.73 27.45 6.77
CA PHE B 92 -38.84 28.29 7.19
C PHE B 92 -38.60 29.72 6.74
N ALA B 93 -39.52 30.25 5.93
CA ALA B 93 -39.45 31.61 5.45
C ALA B 93 -40.76 32.31 5.80
N SER B 94 -40.67 33.61 6.07
CA SER B 94 -41.83 34.37 6.51
C SER B 94 -41.80 35.77 5.91
N THR B 95 -42.89 36.15 5.25
CA THR B 95 -43.09 37.51 4.77
C THR B 95 -43.98 38.23 5.78
N GLU B 96 -43.42 39.24 6.46
CA GLU B 96 -44.10 39.88 7.57
C GLU B 96 -43.86 41.38 7.54
N LYS B 97 -44.77 42.11 8.19
CA LYS B 97 -44.63 43.54 8.38
C LYS B 97 -44.89 43.98 9.82
N SER B 98 -45.47 43.12 10.65
CA SER B 98 -45.83 43.47 12.02
C SER B 98 -45.27 42.48 13.04
N ASN B 99 -44.40 41.56 12.63
CA ASN B 99 -43.82 40.55 13.52
C ASN B 99 -44.92 39.73 14.21
N ILE B 100 -45.85 39.22 13.41
CA ILE B 100 -46.95 38.44 13.96
C ILE B 100 -46.46 37.07 14.43
N ILE B 101 -45.53 36.47 13.69
CA ILE B 101 -45.00 35.17 14.06
C ILE B 101 -43.91 35.38 15.12
N ARG B 102 -44.10 34.79 16.28
CA ARG B 102 -43.19 34.99 17.41
C ARG B 102 -42.20 33.86 17.61
N GLY B 103 -42.54 32.64 17.24
CA GLY B 103 -41.62 31.54 17.41
C GLY B 103 -42.21 30.23 16.98
N TRP B 104 -41.59 29.14 17.44
CA TRP B 104 -41.94 27.80 17.02
C TRP B 104 -41.96 26.87 18.22
N ILE B 105 -42.36 25.62 17.98
CA ILE B 105 -42.35 24.55 18.97
C ILE B 105 -41.84 23.29 18.29
N PHE B 106 -41.02 22.53 19.02
CA PHE B 106 -40.44 21.30 18.49
C PHE B 106 -40.59 20.18 19.50
N GLY B 107 -40.88 18.98 19.00
CA GLY B 107 -41.02 17.82 19.86
C GLY B 107 -41.55 16.65 19.08
N THR B 108 -41.87 15.57 19.82
CA THR B 108 -42.49 14.39 19.24
C THR B 108 -43.99 14.39 19.44
N THR B 109 -44.44 14.49 20.69
CA THR B 109 -45.86 14.46 21.01
C THR B 109 -46.39 15.78 21.55
N LEU B 110 -45.51 16.70 21.95
CA LEU B 110 -45.90 18.04 22.40
C LEU B 110 -46.81 18.00 23.62
N ASP B 111 -46.62 17.01 24.49
CA ASP B 111 -47.39 16.89 25.71
C ASP B 111 -46.44 16.58 26.86
N SER B 112 -46.97 16.63 28.08
CA SER B 112 -46.13 16.55 29.28
C SER B 112 -45.38 15.24 29.40
N LYS B 113 -45.73 14.22 28.60
CA LYS B 113 -45.07 12.93 28.73
C LYS B 113 -43.65 12.92 28.14
N THR B 114 -43.34 13.86 27.25
CA THR B 114 -42.04 13.91 26.60
C THR B 114 -41.51 15.34 26.62
N GLN B 115 -40.20 15.45 26.46
CA GLN B 115 -39.55 16.77 26.38
C GLN B 115 -39.84 17.43 25.04
N SER B 116 -39.83 18.76 25.06
CA SER B 116 -40.13 19.55 23.87
C SER B 116 -39.33 20.84 23.91
N LEU B 117 -39.03 21.37 22.74
CA LEU B 117 -38.24 22.58 22.60
C LEU B 117 -39.14 23.77 22.30
N LEU B 118 -38.80 24.92 22.86
CA LEU B 118 -39.60 26.13 22.70
C LEU B 118 -38.69 27.31 22.36
N ILE B 119 -39.10 28.10 21.38
CA ILE B 119 -38.38 29.31 20.98
C ILE B 119 -39.42 30.41 20.81
N VAL B 120 -39.30 31.48 21.61
CA VAL B 120 -40.19 32.63 21.52
C VAL B 120 -39.36 33.90 21.65
N ASN B 121 -39.86 34.98 21.06
CA ASN B 121 -39.14 36.25 20.99
C ASN B 121 -39.96 37.31 21.71
N ASN B 122 -39.44 37.76 22.86
CA ASN B 122 -39.90 38.98 23.49
C ASN B 122 -39.25 40.19 22.81
N ALA B 123 -39.84 41.36 23.03
CA ALA B 123 -39.25 42.58 22.50
C ALA B 123 -37.83 42.75 23.01
N THR B 124 -36.85 42.66 22.11
CA THR B 124 -35.43 42.86 22.37
C THR B 124 -34.78 41.70 23.15
N ASN B 125 -35.38 40.51 23.13
CA ASN B 125 -34.84 39.34 23.82
C ASN B 125 -35.54 38.08 23.31
N VAL B 126 -34.92 36.93 23.58
CA VAL B 126 -35.42 35.63 23.16
C VAL B 126 -35.45 34.72 24.37
N VAL B 127 -36.44 33.83 24.41
CA VAL B 127 -36.57 32.85 25.48
C VAL B 127 -36.56 31.47 24.84
N ILE B 128 -35.65 30.61 25.30
CA ILE B 128 -35.54 29.24 24.84
C ILE B 128 -35.52 28.32 26.05
N LYS B 129 -36.39 27.30 26.05
CA LYS B 129 -36.48 26.35 27.14
C LYS B 129 -36.63 24.95 26.55
N VAL B 130 -36.04 23.97 27.23
CA VAL B 130 -36.29 22.56 26.94
C VAL B 130 -36.88 21.95 28.20
N CYS B 131 -38.20 22.00 28.32
CA CYS B 131 -38.94 21.35 29.39
C CYS B 131 -39.89 20.33 28.78
N GLU B 132 -40.47 19.49 29.64
CA GLU B 132 -41.64 18.71 29.26
C GLU B 132 -42.86 19.62 29.39
N PHE B 133 -43.36 20.10 28.25
CA PHE B 133 -44.42 21.08 28.21
C PHE B 133 -45.74 20.40 27.92
N GLN B 134 -46.83 21.01 28.37
CA GLN B 134 -48.17 20.53 28.06
C GLN B 134 -48.88 21.63 27.27
N PHE B 135 -48.65 21.63 25.96
CA PHE B 135 -49.27 22.63 25.11
C PHE B 135 -50.75 22.33 24.91
N CYS B 136 -51.56 23.38 24.91
CA CYS B 136 -52.96 23.27 24.57
C CYS B 136 -53.13 23.42 23.05
N ASN B 137 -54.27 22.95 22.56
CA ASN B 137 -54.54 23.03 21.13
C ASN B 137 -54.64 24.48 20.67
N ASP B 138 -54.06 24.75 19.51
CA ASP B 138 -54.02 26.09 18.92
C ASP B 138 -53.42 27.12 19.88
N PRO B 139 -52.15 26.95 20.29
CA PRO B 139 -51.54 27.93 21.18
C PRO B 139 -51.21 29.23 20.46
N PHE B 140 -50.70 30.21 21.22
CA PHE B 140 -50.46 31.56 20.74
C PHE B 140 -49.98 32.44 21.89
N LEU B 141 -49.31 33.55 21.57
CA LEU B 141 -48.99 34.55 22.58
C LEU B 141 -50.16 35.51 22.74
N GLY B 142 -50.45 35.89 23.97
CA GLY B 142 -51.48 36.87 24.27
C GLY B 142 -50.89 38.23 24.56
N VAL B 143 -51.53 39.26 24.03
CA VAL B 143 -51.15 40.65 24.26
C VAL B 143 -52.33 41.33 24.95
N TYR B 144 -52.04 42.06 26.02
CA TYR B 144 -53.05 42.81 26.76
C TYR B 144 -52.42 44.10 27.27
N TYR B 145 -53.14 44.79 28.15
CA TYR B 145 -52.62 45.96 28.84
C TYR B 145 -52.66 45.66 30.33
N HIS B 146 -51.69 46.19 31.07
CA HIS B 146 -51.45 45.76 32.44
C HIS B 146 -51.84 46.80 33.48
N LYS B 147 -51.96 48.07 33.11
CA LYS B 147 -52.40 49.16 33.97
C LYS B 147 -51.39 49.47 35.07
N ASN B 148 -50.39 48.62 35.22
CA ASN B 148 -49.19 48.94 36.00
C ASN B 148 -47.97 48.64 35.14
N ASN B 149 -46.90 49.41 35.38
CA ASN B 149 -45.74 49.50 34.49
C ASN B 149 -46.08 50.27 33.22
N LYS B 150 -47.38 50.56 33.03
CA LYS B 150 -47.90 51.26 31.86
C LYS B 150 -47.27 50.78 30.56
N SER B 151 -47.56 49.53 30.18
CA SER B 151 -46.95 48.93 29.00
C SER B 151 -47.65 47.62 28.69
N TRP B 152 -47.94 47.40 27.41
CA TRP B 152 -48.68 46.23 26.94
C TRP B 152 -47.78 45.01 27.07
N MET B 153 -48.03 44.18 28.08
CA MET B 153 -47.18 43.02 28.29
C MET B 153 -47.60 41.87 27.38
N GLU B 154 -46.78 40.81 27.40
CA GLU B 154 -46.83 39.74 26.41
C GLU B 154 -46.73 38.38 27.09
N SER B 155 -47.60 38.14 28.07
CA SER B 155 -47.49 36.91 28.86
C SER B 155 -47.64 35.68 27.96
N GLU B 156 -46.75 34.71 28.17
CA GLU B 156 -46.60 33.58 27.26
C GLU B 156 -47.31 32.32 27.76
N PHE B 157 -48.11 32.42 28.82
CA PHE B 157 -48.70 31.24 29.42
C PHE B 157 -49.87 30.69 28.61
N ARG B 158 -50.26 31.35 27.53
CA ARG B 158 -51.28 30.78 26.64
C ARG B 158 -50.72 29.62 25.85
N VAL B 159 -49.42 29.65 25.53
CA VAL B 159 -48.80 28.60 24.72
C VAL B 159 -48.82 27.28 25.50
N TYR B 160 -48.21 27.26 26.68
CA TYR B 160 -48.06 26.04 27.46
C TYR B 160 -48.71 26.21 28.82
N SER B 161 -49.27 25.11 29.33
CA SER B 161 -49.91 25.10 30.64
C SER B 161 -48.91 24.85 31.76
N SER B 162 -48.06 23.83 31.61
CA SER B 162 -47.13 23.41 32.65
C SER B 162 -45.76 23.16 32.05
N ALA B 163 -44.74 23.24 32.88
CA ALA B 163 -43.35 23.05 32.45
C ALA B 163 -42.65 22.12 33.44
N ASN B 164 -42.54 20.85 33.09
CA ASN B 164 -41.85 19.84 33.86
C ASN B 164 -40.57 19.40 33.15
N ASN B 165 -39.68 18.77 33.91
CA ASN B 165 -38.42 18.23 33.41
C ASN B 165 -37.68 19.27 32.56
N CYS B 166 -37.37 20.41 33.15
CA CYS B 166 -36.52 21.40 32.48
C CYS B 166 -35.05 21.07 32.68
N THR B 167 -34.30 21.10 31.57
CA THR B 167 -32.87 20.85 31.57
C THR B 167 -32.05 21.97 30.95
N PHE B 168 -32.64 22.77 30.05
CA PHE B 168 -31.90 23.74 29.26
C PHE B 168 -32.67 25.05 29.18
N GLU B 169 -31.94 26.16 29.26
CA GLU B 169 -32.50 27.49 29.10
C GLU B 169 -31.45 28.38 28.44
N TYR B 170 -31.93 29.38 27.70
CA TYR B 170 -31.02 30.20 26.90
C TYR B 170 -31.74 31.48 26.48
N VAL B 171 -31.03 32.60 26.53
CA VAL B 171 -31.55 33.91 26.16
C VAL B 171 -30.53 34.60 25.26
N SER B 172 -31.02 35.37 24.28
CA SER B 172 -30.15 36.02 23.30
C SER B 172 -30.93 37.14 22.62
N GLN B 173 -30.26 37.80 21.68
CA GLN B 173 -30.84 38.93 20.96
C GLN B 173 -31.93 38.45 20.01
N PRO B 174 -32.84 39.34 19.61
CA PRO B 174 -33.97 38.93 18.76
C PRO B 174 -33.52 38.20 17.50
N PHE B 175 -34.17 37.06 17.23
CA PHE B 175 -33.98 36.36 15.97
C PHE B 175 -34.70 37.07 14.83
N LEU B 176 -35.91 37.58 15.09
CA LEU B 176 -36.72 38.26 14.10
C LEU B 176 -36.75 39.74 14.44
N MET B 177 -36.26 40.57 13.51
CA MET B 177 -36.14 42.00 13.75
C MET B 177 -36.58 42.76 12.51
N ASP B 178 -37.03 43.98 12.72
CA ASP B 178 -37.50 44.84 11.63
C ASP B 178 -36.41 45.83 11.23
N ASN B 185 -46.73 45.43 0.75
CA ASN B 185 -47.21 44.94 2.04
C ASN B 185 -46.05 44.46 2.90
N PHE B 186 -45.43 43.35 2.49
CA PHE B 186 -44.29 42.78 3.19
C PHE B 186 -43.02 43.45 2.69
N LYS B 187 -42.36 44.23 3.55
CA LYS B 187 -41.16 44.95 3.16
C LYS B 187 -39.89 44.19 3.52
N ASN B 188 -40.00 43.15 4.34
CA ASN B 188 -38.85 42.37 4.79
C ASN B 188 -39.17 40.89 4.68
N LEU B 189 -38.14 40.08 4.50
CA LEU B 189 -38.27 38.63 4.41
C LEU B 189 -37.30 37.99 5.38
N ARG B 190 -37.82 37.07 6.20
CA ARG B 190 -37.02 36.34 7.18
C ARG B 190 -37.05 34.86 6.81
N GLU B 191 -35.89 34.32 6.48
CA GLU B 191 -35.74 32.91 6.16
C GLU B 191 -34.94 32.21 7.25
N PHE B 192 -35.39 31.01 7.62
CA PHE B 192 -34.75 30.23 8.67
C PHE B 192 -34.52 28.80 8.20
N VAL B 193 -33.50 28.17 8.76
CA VAL B 193 -33.18 26.77 8.48
C VAL B 193 -32.95 26.07 9.81
N PHE B 194 -33.71 25.00 10.05
CA PHE B 194 -33.62 24.23 11.28
C PHE B 194 -33.09 22.83 10.98
N LYS B 195 -32.18 22.36 11.83
CA LYS B 195 -31.63 21.02 11.72
C LYS B 195 -31.52 20.41 13.10
N ASN B 196 -31.59 19.09 13.14
CA ASN B 196 -31.58 18.31 14.38
C ASN B 196 -30.48 17.25 14.31
N ILE B 197 -29.27 17.70 13.98
CA ILE B 197 -28.10 16.84 13.90
C ILE B 197 -27.83 16.24 15.28
N ASP B 198 -26.97 15.23 15.34
CA ASP B 198 -26.94 14.19 16.38
C ASP B 198 -27.38 14.67 17.76
N GLY B 199 -26.76 15.74 18.26
CA GLY B 199 -27.12 16.26 19.55
C GLY B 199 -27.29 17.77 19.52
N TYR B 200 -27.08 18.37 18.35
CA TYR B 200 -27.09 19.81 18.19
C TYR B 200 -28.27 20.22 17.31
N PHE B 201 -29.03 21.20 17.77
CA PHE B 201 -30.08 21.82 16.97
C PHE B 201 -29.49 23.07 16.33
N LYS B 202 -29.25 23.00 15.02
CA LYS B 202 -28.56 24.06 14.31
C LYS B 202 -29.55 24.94 13.58
N ILE B 203 -29.30 26.25 13.59
CA ILE B 203 -30.22 27.24 13.03
C ILE B 203 -29.43 28.19 12.14
N TYR B 204 -29.90 28.36 10.92
CA TYR B 204 -29.36 29.33 9.97
C TYR B 204 -30.45 30.31 9.61
N SER B 205 -30.09 31.60 9.51
CA SER B 205 -31.07 32.65 9.38
C SER B 205 -30.56 33.72 8.42
N LYS B 206 -31.51 34.48 7.87
CA LYS B 206 -31.19 35.61 7.01
C LYS B 206 -32.39 36.54 6.97
N HIS B 207 -32.11 37.84 6.92
CA HIS B 207 -33.14 38.87 6.81
C HIS B 207 -32.91 39.63 5.52
N THR B 208 -33.87 39.55 4.60
CA THR B 208 -33.76 40.18 3.30
C THR B 208 -34.96 41.09 3.05
N PRO B 209 -34.75 42.37 2.74
CA PRO B 209 -35.89 43.23 2.40
C PRO B 209 -36.29 43.04 0.95
N ILE B 210 -37.61 43.00 0.72
CA ILE B 210 -38.18 42.79 -0.60
C ILE B 210 -39.54 43.47 -0.66
N ASN B 211 -39.98 43.79 -1.88
CA ASN B 211 -41.26 44.43 -2.10
C ASN B 211 -42.33 43.50 -2.65
N LEU B 212 -41.95 42.31 -3.12
CA LEU B 212 -42.93 41.35 -3.61
C LEU B 212 -43.93 40.99 -2.51
N VAL B 213 -45.20 40.88 -2.89
CA VAL B 213 -46.28 40.63 -1.95
C VAL B 213 -46.97 39.30 -2.14
N ARG B 214 -46.80 38.63 -3.29
CA ARG B 214 -47.56 37.41 -3.56
C ARG B 214 -46.91 36.19 -2.93
N ASP B 215 -45.65 35.93 -3.27
CA ASP B 215 -45.00 34.68 -2.87
C ASP B 215 -43.50 34.96 -2.73
N LEU B 216 -42.72 33.89 -2.69
CA LEU B 216 -41.27 34.04 -2.52
C LEU B 216 -40.69 34.83 -3.68
N PRO B 217 -39.72 35.71 -3.43
CA PRO B 217 -39.03 36.40 -4.54
C PRO B 217 -37.93 35.53 -5.12
N GLN B 218 -38.04 35.23 -6.41
CA GLN B 218 -37.00 34.47 -7.10
C GLN B 218 -35.68 35.23 -7.05
N GLY B 219 -34.61 34.52 -6.73
CA GLY B 219 -33.30 35.12 -6.59
C GLY B 219 -32.36 34.20 -5.84
N PHE B 220 -31.40 34.80 -5.15
CA PHE B 220 -30.44 34.03 -4.36
C PHE B 220 -30.09 34.83 -3.12
N SER B 221 -29.99 34.13 -1.99
CA SER B 221 -29.54 34.73 -0.74
C SER B 221 -29.18 33.61 0.22
N ALA B 222 -28.00 33.70 0.83
CA ALA B 222 -27.52 32.67 1.73
C ALA B 222 -27.89 33.00 3.17
N LEU B 223 -28.09 31.94 3.97
CA LEU B 223 -28.50 32.08 5.36
C LEU B 223 -27.31 31.87 6.27
N GLU B 224 -27.05 32.85 7.14
CA GLU B 224 -25.90 32.64 8.01
C GLU B 224 -26.31 31.93 9.28
N PRO B 225 -25.44 31.06 9.81
CA PRO B 225 -25.77 30.33 11.04
C PRO B 225 -25.97 31.29 12.21
N LEU B 226 -26.81 30.88 13.15
CA LEU B 226 -27.15 31.72 14.29
C LEU B 226 -26.78 31.07 15.61
N VAL B 227 -27.15 29.81 15.83
CA VAL B 227 -26.85 29.09 17.05
C VAL B 227 -26.76 27.60 16.72
N ASP B 228 -26.29 26.82 17.70
CA ASP B 228 -26.26 25.36 17.59
C ASP B 228 -26.51 24.80 18.99
N LEU B 229 -27.76 24.50 19.30
CA LEU B 229 -28.06 24.19 20.69
C LEU B 229 -27.83 22.71 20.95
N PRO B 230 -27.06 22.35 21.98
CA PRO B 230 -26.81 20.93 22.26
C PRO B 230 -27.88 20.34 23.18
N ILE B 231 -29.11 20.30 22.69
CA ILE B 231 -30.23 19.79 23.47
C ILE B 231 -30.18 18.27 23.58
N GLY B 232 -29.80 17.60 22.50
CA GLY B 232 -29.67 16.15 22.51
C GLY B 232 -30.97 15.44 22.82
N ILE B 233 -31.97 15.61 21.96
CA ILE B 233 -33.28 14.99 22.13
C ILE B 233 -33.75 14.47 20.77
N ASN B 234 -34.95 13.91 20.76
CA ASN B 234 -35.56 13.32 19.58
C ASN B 234 -36.75 14.18 19.14
N ILE B 235 -36.75 14.57 17.88
CA ILE B 235 -37.73 15.52 17.34
C ILE B 235 -38.36 14.88 16.10
N THR B 236 -39.69 14.88 16.05
CA THR B 236 -40.41 14.40 14.87
C THR B 236 -41.49 15.33 14.37
N ARG B 237 -41.97 16.27 15.19
CA ARG B 237 -43.04 17.18 14.80
C ARG B 237 -42.68 18.59 15.24
N PHE B 238 -43.32 19.57 14.61
CA PHE B 238 -43.06 20.96 14.98
C PHE B 238 -44.26 21.81 14.59
N GLN B 239 -44.40 22.94 15.28
CA GLN B 239 -45.50 23.86 15.09
C GLN B 239 -44.98 25.29 15.25
N THR B 240 -45.71 26.24 14.67
CA THR B 240 -45.31 27.64 14.68
C THR B 240 -46.19 28.42 15.65
N LEU B 241 -45.66 29.55 16.11
CA LEU B 241 -46.33 30.41 17.07
C LEU B 241 -46.54 31.79 16.47
N LEU B 242 -47.76 32.30 16.58
CA LEU B 242 -48.13 33.59 16.04
C LEU B 242 -48.82 34.41 17.11
N ALA B 243 -49.05 35.68 16.80
CA ALA B 243 -49.70 36.62 17.71
C ALA B 243 -51.00 37.10 17.11
N LEU B 244 -51.90 37.57 17.98
CA LEU B 244 -53.23 37.99 17.60
C LEU B 244 -53.47 39.42 18.04
N HIS B 245 -54.36 40.10 17.32
CA HIS B 245 -54.69 41.49 17.59
C HIS B 245 -56.14 41.58 18.02
N ARG B 246 -56.37 42.23 19.16
CA ARG B 246 -57.69 42.39 19.75
C ARG B 246 -57.85 43.82 20.26
N SER B 247 -57.46 44.79 19.43
CA SER B 247 -57.42 46.18 19.87
C SER B 247 -58.79 46.83 19.77
N TYR B 248 -59.44 46.71 18.61
CA TYR B 248 -60.69 47.44 18.36
C TYR B 248 -61.79 47.04 19.34
N LEU B 249 -61.77 45.79 19.82
CA LEU B 249 -62.67 45.35 20.87
C LEU B 249 -62.20 44.02 21.42
N THR B 250 -62.64 43.70 22.63
CA THR B 250 -62.24 42.48 23.32
C THR B 250 -63.45 41.79 23.93
N PRO B 251 -63.94 40.70 23.35
CA PRO B 251 -64.96 39.89 24.04
C PRO B 251 -64.30 38.88 24.97
N GLY B 252 -65.11 38.11 25.70
CA GLY B 252 -64.57 37.08 26.55
C GLY B 252 -63.71 36.09 25.79
N ASP B 253 -62.71 35.54 26.47
CA ASP B 253 -61.80 34.58 25.87
C ASP B 253 -62.56 33.40 25.29
N SER B 254 -62.49 33.25 23.97
CA SER B 254 -63.13 32.15 23.25
C SER B 254 -62.56 32.13 21.83
N SER B 255 -63.11 31.27 20.98
CA SER B 255 -62.71 31.19 19.58
C SER B 255 -63.33 32.32 18.77
N SER B 256 -63.03 33.55 19.18
CA SER B 256 -63.59 34.76 18.59
C SER B 256 -62.80 35.95 19.11
N GLY B 257 -63.18 37.13 18.65
CA GLY B 257 -62.53 38.34 19.12
C GLY B 257 -61.08 38.50 18.73
N TRP B 258 -60.59 37.71 17.78
CA TRP B 258 -59.21 37.77 17.35
C TRP B 258 -59.16 38.11 15.86
N THR B 259 -58.11 38.82 15.48
CA THR B 259 -57.88 39.20 14.09
C THR B 259 -56.39 39.08 13.80
N ALA B 260 -56.06 38.48 12.66
CA ALA B 260 -54.68 38.25 12.28
C ALA B 260 -54.36 39.08 11.04
N GLY B 261 -53.31 39.89 11.12
CA GLY B 261 -52.85 40.64 9.98
C GLY B 261 -52.26 39.73 8.92
N ALA B 262 -51.93 40.34 7.78
CA ALA B 262 -51.42 39.58 6.64
C ALA B 262 -49.99 39.16 6.94
N ALA B 263 -49.82 37.89 7.32
CA ALA B 263 -48.50 37.31 7.50
C ALA B 263 -48.55 35.85 7.09
N ALA B 264 -47.76 35.48 6.09
CA ALA B 264 -47.76 34.12 5.57
C ALA B 264 -46.36 33.52 5.71
N TYR B 265 -46.31 32.19 5.74
CA TYR B 265 -45.04 31.49 5.89
C TYR B 265 -45.04 30.25 5.01
N TYR B 266 -43.84 29.83 4.61
CA TYR B 266 -43.65 28.69 3.74
C TYR B 266 -42.75 27.68 4.45
N VAL B 267 -43.03 26.40 4.25
CA VAL B 267 -42.31 25.32 4.94
C VAL B 267 -41.74 24.38 3.89
N GLY B 268 -40.44 24.12 3.98
CA GLY B 268 -39.79 23.18 3.09
C GLY B 268 -38.87 22.24 3.82
N TYR B 269 -38.85 20.97 3.42
CA TYR B 269 -38.07 19.94 4.09
C TYR B 269 -36.75 19.71 3.35
N LEU B 270 -35.68 19.62 4.11
CA LEU B 270 -34.34 19.44 3.57
C LEU B 270 -34.07 17.96 3.31
N GLN B 271 -33.07 17.70 2.48
CA GLN B 271 -32.65 16.35 2.14
C GLN B 271 -31.14 16.34 1.96
N PRO B 272 -30.49 15.19 2.18
CA PRO B 272 -29.05 15.09 1.90
C PRO B 272 -28.78 15.32 0.43
N ARG B 273 -28.05 16.40 0.13
CA ARG B 273 -27.81 16.81 -1.24
C ARG B 273 -26.39 17.32 -1.38
N THR B 274 -25.81 17.11 -2.56
CA THR B 274 -24.46 17.58 -2.86
C THR B 274 -24.57 18.90 -3.62
N PHE B 275 -24.09 19.98 -3.01
CA PHE B 275 -24.13 21.29 -3.61
C PHE B 275 -22.74 21.72 -4.05
N LEU B 276 -22.71 22.55 -5.09
CA LEU B 276 -21.51 23.23 -5.56
C LEU B 276 -21.68 24.72 -5.26
N LEU B 277 -20.84 25.24 -4.38
CA LEU B 277 -20.97 26.61 -3.88
C LEU B 277 -19.97 27.53 -4.56
N LYS B 278 -20.42 28.74 -4.86
CA LYS B 278 -19.59 29.79 -5.43
C LYS B 278 -19.20 30.79 -4.34
N TYR B 279 -18.03 31.40 -4.49
CA TYR B 279 -17.54 32.40 -3.56
C TYR B 279 -17.00 33.60 -4.32
N ASN B 280 -17.37 34.80 -3.88
CA ASN B 280 -16.91 36.02 -4.52
C ASN B 280 -15.61 36.48 -3.85
N GLU B 281 -15.13 37.68 -4.22
CA GLU B 281 -13.95 38.22 -3.55
C GLU B 281 -14.19 38.42 -2.06
N ASN B 282 -15.28 39.12 -1.72
CA ASN B 282 -15.61 39.37 -0.32
C ASN B 282 -15.67 38.08 0.50
N GLY B 283 -16.11 36.98 -0.10
CA GLY B 283 -16.35 35.76 0.63
C GLY B 283 -17.80 35.34 0.73
N THR B 284 -18.70 36.02 0.04
CA THR B 284 -20.11 35.68 0.09
C THR B 284 -20.42 34.67 -1.03
N ILE B 285 -21.53 33.96 -0.88
CA ILE B 285 -21.80 32.82 -1.75
C ILE B 285 -22.33 33.30 -3.09
N THR B 286 -23.49 33.95 -3.10
CA THR B 286 -24.04 34.69 -4.24
C THR B 286 -24.53 33.75 -5.34
N ASP B 287 -24.22 32.46 -5.24
CA ASP B 287 -24.67 31.48 -6.23
C ASP B 287 -24.26 30.09 -5.78
N ALA B 288 -24.92 29.09 -6.35
CA ALA B 288 -24.68 27.68 -6.02
C ALA B 288 -25.37 26.83 -7.07
N VAL B 289 -25.16 25.52 -6.96
CA VAL B 289 -25.69 24.56 -7.93
C VAL B 289 -25.98 23.25 -7.20
N ASP B 290 -27.13 22.66 -7.50
CA ASP B 290 -27.54 21.36 -6.95
C ASP B 290 -27.18 20.29 -7.96
N CYS B 291 -26.19 19.46 -7.63
CA CYS B 291 -25.58 18.58 -8.63
C CYS B 291 -26.57 17.57 -9.20
N ALA B 292 -27.59 17.21 -8.43
CA ALA B 292 -28.53 16.19 -8.85
C ALA B 292 -29.82 16.77 -9.40
N LEU B 293 -29.92 18.09 -9.50
CA LEU B 293 -31.09 18.73 -10.09
C LEU B 293 -31.31 18.25 -11.52
N ASP B 294 -30.32 18.45 -12.39
CA ASP B 294 -30.44 18.05 -13.79
C ASP B 294 -29.07 17.62 -14.30
N PRO B 295 -29.02 16.90 -15.43
CA PRO B 295 -27.72 16.54 -16.01
C PRO B 295 -26.82 17.73 -16.27
N LEU B 296 -27.38 18.90 -16.58
CA LEU B 296 -26.53 20.08 -16.77
C LEU B 296 -25.84 20.45 -15.46
N SER B 297 -26.56 20.34 -14.34
CA SER B 297 -25.94 20.56 -13.04
C SER B 297 -24.91 19.48 -12.75
N GLU B 298 -25.17 18.24 -13.18
CA GLU B 298 -24.17 17.19 -13.00
C GLU B 298 -22.89 17.54 -13.74
N THR B 299 -23.03 18.07 -14.95
CA THR B 299 -21.88 18.47 -15.75
C THR B 299 -21.13 19.62 -15.07
N LYS B 300 -21.88 20.62 -14.60
CA LYS B 300 -21.26 21.76 -13.93
C LYS B 300 -20.48 21.32 -12.70
N CYS B 301 -21.05 20.41 -11.90
CA CYS B 301 -20.35 19.91 -10.73
C CYS B 301 -19.12 19.09 -11.12
N THR B 302 -19.25 18.26 -12.17
CA THR B 302 -18.12 17.48 -12.63
C THR B 302 -16.96 18.35 -13.06
N LEU B 303 -17.26 19.44 -13.77
CA LEU B 303 -16.22 20.33 -14.29
C LEU B 303 -15.81 21.41 -13.30
N LYS B 304 -16.43 21.44 -12.12
CA LYS B 304 -16.15 22.44 -11.09
C LYS B 304 -16.21 23.86 -11.66
N SER B 305 -17.26 24.13 -12.42
CA SER B 305 -17.45 25.45 -13.01
C SER B 305 -18.93 25.70 -13.25
N PHE B 306 -19.30 26.98 -13.27
CA PHE B 306 -20.65 27.39 -13.59
C PHE B 306 -20.82 27.67 -15.07
N THR B 307 -19.75 27.53 -15.85
CA THR B 307 -19.79 27.69 -17.30
C THR B 307 -19.27 26.41 -17.93
N VAL B 308 -19.99 25.89 -18.92
CA VAL B 308 -19.61 24.67 -19.61
C VAL B 308 -19.32 24.99 -21.06
N GLU B 309 -18.10 24.67 -21.50
CA GLU B 309 -17.72 24.88 -22.89
C GLU B 309 -18.40 23.85 -23.78
N LYS B 310 -18.54 24.21 -25.06
CA LYS B 310 -19.15 23.32 -26.04
C LYS B 310 -18.35 22.01 -26.14
N GLY B 311 -19.06 20.90 -26.08
CA GLY B 311 -18.43 19.60 -26.18
C GLY B 311 -19.25 18.54 -25.46
N ILE B 312 -18.66 17.36 -25.35
CA ILE B 312 -19.28 16.21 -24.70
C ILE B 312 -18.46 15.84 -23.47
N TYR B 313 -19.14 15.69 -22.33
CA TYR B 313 -18.49 15.38 -21.07
C TYR B 313 -19.08 14.11 -20.47
N GLN B 314 -18.23 13.31 -19.86
CA GLN B 314 -18.63 12.12 -19.11
C GLN B 314 -18.76 12.47 -17.64
N THR B 315 -19.99 12.36 -17.10
CA THR B 315 -20.28 12.87 -15.77
C THR B 315 -20.63 11.80 -14.74
N SER B 316 -21.16 10.66 -15.16
CA SER B 316 -21.61 9.65 -14.20
C SER B 316 -21.63 8.29 -14.87
N ASN B 317 -22.24 7.31 -14.19
CA ASN B 317 -22.34 5.95 -14.70
C ASN B 317 -23.72 5.39 -14.38
N PHE B 318 -24.38 4.85 -15.40
CA PHE B 318 -25.68 4.22 -15.23
C PHE B 318 -25.52 2.80 -14.73
N ARG B 319 -26.26 2.43 -13.68
CA ARG B 319 -26.22 1.09 -13.13
C ARG B 319 -27.63 0.69 -12.72
N VAL B 320 -28.10 -0.44 -13.21
CA VAL B 320 -29.40 -0.95 -12.80
C VAL B 320 -29.31 -1.54 -11.40
N GLN B 321 -30.22 -1.13 -10.53
CA GLN B 321 -30.28 -1.54 -9.13
C GLN B 321 -31.27 -2.70 -8.95
N PRO B 322 -30.82 -3.98 -9.09
CA PRO B 322 -31.69 -5.15 -8.84
C PRO B 322 -33.02 -4.94 -8.12
N THR B 323 -34.01 -5.78 -8.42
CA THR B 323 -35.32 -5.64 -7.80
C THR B 323 -35.55 -6.59 -6.62
N GLU B 324 -35.04 -7.81 -6.67
CA GLU B 324 -35.31 -8.75 -5.60
C GLU B 324 -34.16 -9.73 -5.47
N SER B 325 -34.08 -10.39 -4.31
CA SER B 325 -33.05 -11.38 -4.08
C SER B 325 -33.58 -12.76 -4.40
N ILE B 326 -32.67 -13.64 -4.83
CA ILE B 326 -32.98 -15.03 -5.13
C ILE B 326 -32.14 -15.92 -4.25
N VAL B 327 -32.79 -16.73 -3.43
CA VAL B 327 -32.10 -17.62 -2.50
C VAL B 327 -32.41 -19.05 -2.92
N ARG B 328 -31.36 -19.79 -3.28
CA ARG B 328 -31.50 -21.16 -3.74
C ARG B 328 -30.57 -22.07 -2.94
N PHE B 329 -31.14 -23.12 -2.38
CA PHE B 329 -30.47 -24.20 -1.68
C PHE B 329 -31.21 -25.49 -1.99
N PRO B 330 -30.54 -26.63 -1.88
CA PRO B 330 -31.25 -27.91 -2.05
C PRO B 330 -32.42 -27.92 -1.08
N ASN B 331 -33.57 -28.39 -1.58
CA ASN B 331 -34.82 -28.35 -0.84
C ASN B 331 -34.63 -28.78 0.61
N ILE B 332 -34.52 -30.07 0.90
CA ILE B 332 -35.11 -30.60 2.12
C ILE B 332 -35.29 -32.11 2.18
N THR B 333 -34.16 -32.81 2.15
CA THR B 333 -34.21 -34.26 2.24
C THR B 333 -33.24 -34.45 3.39
N ASN B 334 -32.64 -35.64 3.56
CA ASN B 334 -32.37 -36.20 4.89
C ASN B 334 -32.85 -35.34 6.07
N LEU B 335 -33.20 -35.92 7.21
CA LEU B 335 -33.62 -34.92 8.19
C LEU B 335 -32.55 -34.81 9.27
N CYS B 336 -32.81 -35.35 10.44
CA CYS B 336 -31.97 -35.67 11.58
C CYS B 336 -32.96 -36.32 12.53
N PRO B 337 -32.63 -37.39 13.20
CA PRO B 337 -33.66 -38.03 14.02
C PRO B 337 -33.87 -37.35 15.37
N PHE B 338 -34.20 -36.06 15.31
CA PHE B 338 -34.56 -35.34 16.53
C PHE B 338 -35.88 -35.81 17.10
N GLY B 339 -36.74 -36.42 16.27
CA GLY B 339 -38.02 -36.89 16.77
C GLY B 339 -37.85 -38.01 17.79
N GLU B 340 -36.94 -38.93 17.51
CA GLU B 340 -36.69 -40.05 18.41
C GLU B 340 -35.81 -39.65 19.59
N VAL B 341 -35.33 -38.41 19.62
CA VAL B 341 -34.61 -37.89 20.78
C VAL B 341 -35.54 -37.10 21.70
N PHE B 342 -36.35 -36.20 21.14
CA PHE B 342 -37.24 -35.41 21.98
C PHE B 342 -38.50 -36.19 22.33
N ASN B 343 -39.18 -36.73 21.30
CA ASN B 343 -40.40 -37.51 21.49
C ASN B 343 -40.11 -38.99 21.73
N ALA B 344 -38.93 -39.31 22.27
CA ALA B 344 -38.60 -40.68 22.60
C ALA B 344 -39.53 -41.23 23.68
N THR B 345 -39.86 -42.52 23.55
CA THR B 345 -40.85 -43.12 24.44
C THR B 345 -40.35 -43.11 25.88
N ARG B 346 -39.13 -43.58 26.10
CA ARG B 346 -38.52 -43.58 27.42
C ARG B 346 -37.15 -42.92 27.35
N PHE B 347 -36.76 -42.32 28.46
CA PHE B 347 -35.50 -41.59 28.58
C PHE B 347 -34.56 -42.33 29.53
N ALA B 348 -33.30 -41.92 29.51
CA ALA B 348 -32.26 -42.58 30.29
C ALA B 348 -32.09 -41.86 31.64
N SER B 349 -31.56 -42.60 32.61
CA SER B 349 -31.16 -42.01 33.88
C SER B 349 -29.99 -41.05 33.67
N VAL B 350 -29.90 -40.06 34.57
CA VAL B 350 -28.88 -39.02 34.40
C VAL B 350 -27.47 -39.58 34.59
N TYR B 351 -27.30 -40.57 35.46
CA TYR B 351 -25.98 -41.17 35.64
C TYR B 351 -25.57 -41.97 34.42
N ALA B 352 -26.54 -42.59 33.73
CA ALA B 352 -26.28 -43.32 32.50
C ALA B 352 -26.92 -42.59 31.32
N TRP B 353 -26.72 -41.27 31.26
CA TRP B 353 -27.34 -40.45 30.24
C TRP B 353 -26.97 -40.95 28.86
N ASN B 354 -27.96 -41.08 27.99
CA ASN B 354 -27.72 -41.54 26.64
C ASN B 354 -27.19 -40.39 25.78
N ARG B 355 -26.36 -40.75 24.81
CA ARG B 355 -25.81 -39.78 23.87
C ARG B 355 -26.12 -40.26 22.47
N LYS B 356 -26.70 -39.37 21.66
CA LYS B 356 -26.95 -39.63 20.26
C LYS B 356 -26.07 -38.71 19.43
N ARG B 357 -25.39 -39.27 18.44
CA ARG B 357 -24.51 -38.51 17.56
C ARG B 357 -25.23 -38.22 16.26
N ILE B 358 -25.45 -36.94 15.98
CA ILE B 358 -26.17 -36.49 14.80
C ILE B 358 -25.16 -36.06 13.76
N SER B 359 -25.26 -36.61 12.55
CA SER B 359 -24.31 -36.30 11.50
C SER B 359 -24.94 -36.60 10.15
N ASN B 360 -24.47 -35.89 9.13
CA ASN B 360 -24.87 -36.12 7.73
C ASN B 360 -26.38 -35.99 7.56
N CYS B 361 -26.90 -34.81 7.89
CA CYS B 361 -28.34 -34.59 7.80
C CYS B 361 -28.60 -33.10 7.87
N VAL B 362 -29.85 -32.70 7.63
CA VAL B 362 -30.27 -31.30 7.68
C VAL B 362 -31.41 -31.17 8.68
N ALA B 363 -31.27 -30.21 9.60
CA ALA B 363 -32.25 -30.01 10.67
C ALA B 363 -32.66 -28.55 10.75
N ASP B 364 -33.88 -28.32 11.23
CA ASP B 364 -34.42 -26.98 11.45
C ASP B 364 -34.56 -26.76 12.95
N TYR B 365 -33.61 -26.01 13.53
CA TYR B 365 -33.70 -25.65 14.94
C TYR B 365 -34.77 -24.60 15.19
N SER B 366 -35.20 -23.89 14.15
CA SER B 366 -36.24 -22.88 14.31
C SER B 366 -37.55 -23.50 14.77
N VAL B 367 -37.90 -24.66 14.23
CA VAL B 367 -39.13 -25.33 14.64
C VAL B 367 -39.02 -25.82 16.08
N LEU B 368 -37.85 -26.36 16.44
CA LEU B 368 -37.61 -26.76 17.83
C LEU B 368 -37.81 -25.59 18.78
N TYR B 369 -37.20 -24.45 18.47
CA TYR B 369 -37.37 -23.27 19.33
C TYR B 369 -38.82 -22.79 19.32
N ASN B 370 -39.49 -22.89 18.18
CA ASN B 370 -40.89 -22.48 18.08
C ASN B 370 -41.77 -23.30 19.00
N SER B 371 -41.52 -24.61 19.07
CA SER B 371 -42.35 -25.49 19.88
C SER B 371 -42.34 -25.04 21.34
N ALA B 372 -43.54 -24.89 21.91
CA ALA B 372 -43.69 -24.45 23.29
C ALA B 372 -43.81 -25.61 24.28
N SER B 373 -43.45 -26.83 23.85
CA SER B 373 -43.48 -27.96 24.78
C SER B 373 -42.37 -27.86 25.82
N PHE B 374 -41.37 -27.04 25.59
CA PHE B 374 -40.17 -26.99 26.42
C PHE B 374 -40.31 -25.90 27.48
N SER B 375 -40.04 -26.26 28.73
CA SER B 375 -40.04 -25.27 29.81
C SER B 375 -38.70 -24.59 29.98
N THR B 376 -37.61 -25.24 29.58
CA THR B 376 -36.28 -24.66 29.60
C THR B 376 -35.67 -24.73 28.20
N PHE B 377 -35.12 -23.60 27.74
CA PHE B 377 -34.46 -23.54 26.44
C PHE B 377 -33.38 -22.45 26.52
N LYS B 378 -32.25 -22.81 27.11
CA LYS B 378 -31.11 -21.92 27.24
C LYS B 378 -29.97 -22.36 26.33
N CYS B 379 -29.45 -21.44 25.54
CA CYS B 379 -28.34 -21.72 24.64
C CYS B 379 -27.10 -20.95 25.09
N TYR B 380 -25.93 -21.52 24.79
CA TYR B 380 -24.66 -20.93 25.18
C TYR B 380 -23.74 -20.84 23.96
N GLY B 381 -23.06 -19.69 23.83
CA GLY B 381 -22.19 -19.42 22.71
C GLY B 381 -22.86 -19.23 21.37
N VAL B 382 -24.17 -19.42 21.28
CA VAL B 382 -24.91 -19.22 20.03
C VAL B 382 -26.40 -19.15 20.35
N SER B 383 -27.13 -18.32 19.62
CA SER B 383 -28.55 -18.21 19.87
C SER B 383 -29.35 -19.10 18.91
N PRO B 384 -30.48 -19.65 19.35
CA PRO B 384 -31.22 -20.58 18.48
C PRO B 384 -31.77 -19.93 17.24
N THR B 385 -32.12 -18.63 17.31
CA THR B 385 -32.66 -17.95 16.14
C THR B 385 -31.62 -17.87 15.03
N LYS B 386 -30.35 -17.78 15.39
CA LYS B 386 -29.24 -17.79 14.44
C LYS B 386 -28.53 -19.14 14.43
N LEU B 387 -29.31 -20.22 14.56
CA LEU B 387 -28.76 -21.58 14.56
C LEU B 387 -29.13 -22.37 13.32
N ASN B 388 -30.23 -22.01 12.64
CA ASN B 388 -30.66 -22.72 11.45
C ASN B 388 -30.03 -22.15 10.18
N ASP B 389 -28.85 -21.55 10.31
CA ASP B 389 -28.08 -21.12 9.14
C ASP B 389 -26.59 -21.32 9.38
N LEU B 390 -26.22 -22.24 10.26
CA LEU B 390 -24.83 -22.55 10.57
C LEU B 390 -24.62 -24.04 10.48
N CYS B 391 -23.58 -24.45 9.77
CA CYS B 391 -23.29 -25.86 9.55
C CYS B 391 -22.32 -26.36 10.60
N PHE B 392 -22.53 -27.59 11.07
CA PHE B 392 -21.62 -28.23 12.01
C PHE B 392 -21.20 -29.59 11.47
N THR B 393 -20.04 -30.05 11.93
CA THR B 393 -19.52 -31.35 11.51
C THR B 393 -20.20 -32.50 12.26
N ASN B 394 -20.43 -32.32 13.57
CA ASN B 394 -21.15 -33.30 14.37
C ASN B 394 -21.99 -32.59 15.40
N VAL B 395 -23.14 -33.18 15.73
CA VAL B 395 -24.01 -32.69 16.79
C VAL B 395 -24.30 -33.86 17.72
N TYR B 396 -24.08 -33.66 19.02
CA TYR B 396 -24.33 -34.68 20.03
C TYR B 396 -25.60 -34.31 20.79
N ALA B 397 -26.52 -35.27 20.90
CA ALA B 397 -27.78 -35.07 21.60
C ALA B 397 -27.76 -35.94 22.85
N ASP B 398 -27.48 -35.33 24.00
CA ASP B 398 -27.50 -36.03 25.28
C ASP B 398 -28.87 -35.86 25.93
N SER B 399 -29.45 -36.97 26.36
CA SER B 399 -30.79 -36.97 26.92
C SER B 399 -30.81 -37.75 28.23
N PHE B 400 -31.55 -37.22 29.21
CA PHE B 400 -31.67 -37.86 30.51
C PHE B 400 -32.87 -37.25 31.23
N VAL B 401 -33.10 -37.71 32.46
CA VAL B 401 -34.21 -37.23 33.29
C VAL B 401 -33.67 -36.83 34.64
N ILE B 402 -34.01 -35.61 35.08
CA ILE B 402 -33.70 -35.13 36.41
C ILE B 402 -34.96 -34.48 36.99
N ARG B 403 -34.85 -34.00 38.22
CA ARG B 403 -35.95 -33.33 38.88
C ARG B 403 -35.84 -31.82 38.70
N GLY B 404 -36.89 -31.11 39.11
CA GLY B 404 -37.03 -29.69 38.88
C GLY B 404 -35.86 -28.85 39.35
N ASP B 405 -35.56 -28.91 40.65
CA ASP B 405 -34.52 -28.06 41.23
C ASP B 405 -33.11 -28.41 40.73
N GLU B 406 -32.95 -29.51 40.02
CA GLU B 406 -31.66 -29.87 39.44
C GLU B 406 -31.50 -29.42 38.00
N VAL B 407 -32.55 -28.87 37.38
CA VAL B 407 -32.46 -28.41 36.00
C VAL B 407 -31.44 -27.30 35.87
N ARG B 408 -31.36 -26.41 36.88
CA ARG B 408 -30.42 -25.30 36.84
C ARG B 408 -28.96 -25.77 36.89
N GLN B 409 -28.72 -27.02 37.28
CA GLN B 409 -27.36 -27.54 37.34
C GLN B 409 -26.82 -27.94 35.98
N ILE B 410 -27.65 -27.98 34.94
CA ILE B 410 -27.19 -28.37 33.60
C ILE B 410 -26.79 -27.07 32.90
N ALA B 411 -25.57 -26.63 33.19
CA ALA B 411 -25.02 -25.39 32.64
C ALA B 411 -23.52 -25.38 32.88
N PRO B 412 -22.77 -24.64 32.05
CA PRO B 412 -21.31 -24.57 32.25
C PRO B 412 -20.97 -23.94 33.59
N GLY B 413 -20.03 -24.56 34.31
CA GLY B 413 -19.57 -24.02 35.57
C GLY B 413 -20.59 -24.08 36.69
N GLN B 414 -21.33 -25.18 36.79
CA GLN B 414 -22.27 -25.40 37.86
C GLN B 414 -21.83 -26.57 38.73
N THR B 415 -22.30 -26.57 39.98
CA THR B 415 -21.92 -27.56 40.97
C THR B 415 -23.17 -28.19 41.56
N GLY B 416 -23.03 -29.42 42.03
CA GLY B 416 -24.13 -30.15 42.59
C GLY B 416 -23.93 -31.64 42.40
N LYS B 417 -24.91 -32.41 42.88
CA LYS B 417 -24.82 -33.86 42.75
C LYS B 417 -24.87 -34.30 41.30
N ILE B 418 -25.64 -33.59 40.47
CA ILE B 418 -25.79 -33.98 39.06
C ILE B 418 -24.59 -33.53 38.25
N ALA B 419 -24.20 -32.26 38.37
CA ALA B 419 -23.11 -31.72 37.57
C ALA B 419 -21.75 -32.30 37.95
N ASP B 420 -21.60 -32.78 39.18
CA ASP B 420 -20.32 -33.34 39.61
C ASP B 420 -20.22 -34.84 39.38
N TYR B 421 -21.30 -35.58 39.61
CA TYR B 421 -21.24 -37.03 39.63
C TYR B 421 -22.03 -37.70 38.52
N ASN B 422 -22.86 -36.96 37.78
CA ASN B 422 -23.75 -37.56 36.80
C ASN B 422 -23.51 -37.03 35.39
N TYR B 423 -23.56 -35.72 35.19
CA TYR B 423 -23.41 -35.14 33.86
C TYR B 423 -22.76 -33.77 34.00
N LYS B 424 -21.54 -33.63 33.48
CA LYS B 424 -20.78 -32.39 33.58
C LYS B 424 -20.60 -31.77 32.21
N LEU B 425 -20.90 -30.48 32.11
CA LEU B 425 -20.75 -29.62 30.93
C LEU B 425 -19.48 -28.80 31.02
N PRO B 426 -18.73 -28.71 29.93
CA PRO B 426 -17.51 -27.89 29.93
C PRO B 426 -17.83 -26.41 30.01
N ASP B 427 -16.81 -25.63 30.37
CA ASP B 427 -16.99 -24.19 30.49
C ASP B 427 -17.01 -23.52 29.13
N ASP B 428 -16.37 -24.13 28.13
CA ASP B 428 -16.41 -23.66 26.75
C ASP B 428 -17.50 -24.36 25.94
N PHE B 429 -18.62 -24.69 26.58
CA PHE B 429 -19.69 -25.43 25.92
C PHE B 429 -20.35 -24.56 24.86
N THR B 430 -20.57 -25.14 23.68
CA THR B 430 -21.26 -24.47 22.57
C THR B 430 -22.48 -25.31 22.22
N GLY B 431 -23.65 -24.86 22.67
CA GLY B 431 -24.87 -25.60 22.39
C GLY B 431 -26.03 -25.04 23.20
N CYS B 432 -27.09 -25.84 23.29
CA CYS B 432 -28.32 -25.44 23.95
C CYS B 432 -28.74 -26.53 24.93
N VAL B 433 -29.38 -26.10 26.02
CA VAL B 433 -29.91 -27.00 27.03
C VAL B 433 -31.43 -26.88 27.00
N ILE B 434 -32.11 -27.98 26.75
CA ILE B 434 -33.56 -28.01 26.62
C ILE B 434 -34.13 -28.96 27.66
N ALA B 435 -35.20 -28.53 28.32
CA ALA B 435 -35.86 -29.35 29.32
C ALA B 435 -37.34 -29.04 29.32
N TRP B 436 -38.14 -30.01 29.75
CA TRP B 436 -39.58 -29.83 29.89
C TRP B 436 -40.10 -30.77 30.96
N ASN B 437 -41.20 -30.36 31.60
CA ASN B 437 -41.77 -31.13 32.70
C ASN B 437 -42.42 -32.40 32.16
N SER B 438 -41.95 -33.56 32.64
CA SER B 438 -42.43 -34.86 32.22
C SER B 438 -43.14 -35.59 33.35
N ASN B 439 -43.88 -34.85 34.18
CA ASN B 439 -44.57 -35.47 35.31
C ASN B 439 -45.67 -36.41 34.85
N ASN B 440 -46.29 -36.13 33.71
CA ASN B 440 -47.36 -36.98 33.20
C ASN B 440 -46.83 -38.30 32.66
N LEU B 441 -45.57 -38.36 32.27
CA LEU B 441 -44.98 -39.56 31.67
C LEU B 441 -44.06 -40.33 32.60
N ASP B 442 -43.27 -39.63 33.43
CA ASP B 442 -42.21 -40.26 34.20
C ASP B 442 -42.54 -40.39 35.68
N SER B 443 -43.81 -40.28 36.05
CA SER B 443 -44.25 -40.40 37.42
C SER B 443 -45.21 -41.58 37.55
N LYS B 444 -45.08 -42.31 38.66
CA LYS B 444 -45.98 -43.41 38.98
C LYS B 444 -46.73 -43.10 40.27
N VAL B 445 -47.95 -43.62 40.37
CA VAL B 445 -48.78 -43.38 41.55
C VAL B 445 -48.06 -43.86 42.81
N GLY B 446 -47.39 -45.00 42.72
CA GLY B 446 -46.58 -45.51 43.81
C GLY B 446 -45.15 -45.04 43.80
N GLY B 447 -44.79 -44.18 42.85
CA GLY B 447 -43.43 -43.70 42.72
C GLY B 447 -42.68 -44.40 41.61
N ASN B 448 -42.02 -43.64 40.75
CA ASN B 448 -41.23 -44.19 39.64
C ASN B 448 -39.78 -44.29 40.11
N TYR B 449 -39.31 -45.52 40.29
CA TYR B 449 -37.97 -45.78 40.80
C TYR B 449 -37.03 -46.30 39.71
N ASN B 450 -37.37 -46.10 38.44
CA ASN B 450 -36.51 -46.54 37.35
C ASN B 450 -35.46 -45.53 36.98
N TYR B 451 -35.67 -44.25 37.29
CA TYR B 451 -34.70 -43.20 37.00
C TYR B 451 -33.78 -43.03 38.21
N LEU B 452 -32.49 -43.25 38.00
CA LEU B 452 -31.50 -43.21 39.07
C LEU B 452 -30.53 -42.05 38.85
N TYR B 453 -29.74 -41.78 39.89
CA TYR B 453 -28.68 -40.79 39.80
C TYR B 453 -27.55 -41.21 40.72
N ARG B 454 -26.33 -40.82 40.37
CA ARG B 454 -25.17 -41.15 41.18
C ARG B 454 -25.09 -40.18 42.35
N LEU B 455 -25.09 -40.74 43.57
CA LEU B 455 -25.05 -39.93 44.78
C LEU B 455 -23.66 -39.83 45.40
N PHE B 456 -22.86 -40.88 45.29
CA PHE B 456 -21.51 -40.92 45.85
C PHE B 456 -20.50 -41.21 44.75
N ARG B 457 -19.38 -40.49 44.79
CA ARG B 457 -18.30 -40.66 43.83
C ARG B 457 -17.04 -40.03 44.38
N LYS B 458 -15.90 -40.67 44.14
CA LYS B 458 -14.65 -40.24 44.74
C LYS B 458 -14.21 -38.87 44.24
N SER B 459 -14.56 -38.52 42.99
CA SER B 459 -14.17 -37.24 42.42
C SER B 459 -15.24 -36.79 41.44
N ASN B 460 -15.08 -35.57 40.95
CA ASN B 460 -16.03 -35.00 40.00
C ASN B 460 -15.78 -35.53 38.60
N LEU B 461 -16.83 -35.54 37.79
CA LEU B 461 -16.73 -35.99 36.41
C LEU B 461 -16.05 -34.92 35.55
N LYS B 462 -15.26 -35.38 34.59
CA LYS B 462 -14.81 -34.51 33.51
C LYS B 462 -16.00 -34.11 32.64
N PRO B 463 -15.88 -33.00 31.91
CA PRO B 463 -16.97 -32.60 30.99
C PRO B 463 -17.27 -33.70 29.99
N PHE B 464 -18.57 -33.98 29.81
CA PHE B 464 -19.08 -34.96 28.86
C PHE B 464 -18.62 -36.38 29.20
N GLU B 465 -18.30 -36.64 30.45
CA GLU B 465 -17.96 -37.98 30.92
C GLU B 465 -19.18 -38.66 31.52
N ARG B 466 -19.27 -39.96 31.32
CA ARG B 466 -20.37 -40.77 31.84
C ARG B 466 -19.81 -41.84 32.77
N ASP B 467 -20.40 -41.96 33.95
CA ASP B 467 -19.98 -42.95 34.94
C ASP B 467 -21.19 -43.84 35.24
N ILE B 468 -21.12 -45.10 34.81
CA ILE B 468 -22.19 -46.06 35.03
C ILE B 468 -21.73 -47.22 35.92
N SER B 469 -20.65 -47.02 36.67
CA SER B 469 -20.16 -48.07 37.56
C SER B 469 -21.11 -48.25 38.74
N THR B 470 -21.20 -49.48 39.23
CA THR B 470 -22.03 -49.82 40.38
C THR B 470 -21.19 -50.35 41.54
N GLU B 471 -19.93 -49.90 41.63
CA GLU B 471 -19.06 -50.33 42.71
C GLU B 471 -19.49 -49.69 44.02
N ILE B 472 -19.26 -50.41 45.13
CA ILE B 472 -19.60 -49.89 46.44
C ILE B 472 -18.67 -48.74 46.79
N TYR B 473 -19.25 -47.61 47.20
CA TYR B 473 -18.47 -46.43 47.52
C TYR B 473 -17.83 -46.60 48.90
N GLN B 474 -16.50 -46.65 48.93
CA GLN B 474 -15.76 -46.76 50.19
C GLN B 474 -15.63 -45.37 50.79
N ALA B 475 -16.48 -45.06 51.77
CA ALA B 475 -16.45 -43.74 52.38
C ALA B 475 -15.35 -43.61 53.42
N GLY B 476 -15.05 -44.68 54.14
CA GLY B 476 -14.05 -44.66 55.18
C GLY B 476 -12.69 -45.16 54.71
N SER B 477 -11.89 -45.62 55.67
CA SER B 477 -10.55 -46.13 55.39
C SER B 477 -10.52 -47.63 55.17
N THR B 478 -11.48 -48.36 55.74
CA THR B 478 -11.51 -49.81 55.59
C THR B 478 -12.09 -50.19 54.24
N PRO B 479 -11.44 -51.06 53.46
CA PRO B 479 -12.00 -51.46 52.17
C PRO B 479 -13.31 -52.21 52.34
N CYS B 480 -14.15 -52.13 51.31
CA CYS B 480 -15.50 -52.68 51.38
C CYS B 480 -15.62 -54.08 50.80
N ASN B 481 -14.74 -54.44 49.86
CA ASN B 481 -14.75 -55.77 49.23
C ASN B 481 -16.12 -56.08 48.62
N GLY B 482 -16.75 -55.06 48.06
CA GLY B 482 -18.06 -55.21 47.47
C GLY B 482 -19.17 -55.53 48.45
N VAL B 483 -19.00 -55.19 49.72
CA VAL B 483 -20.01 -55.43 50.75
C VAL B 483 -20.57 -54.09 51.19
N GLU B 484 -21.88 -53.92 51.03
CA GLU B 484 -22.56 -52.71 51.45
C GLU B 484 -22.76 -52.70 52.96
N GLY B 485 -22.70 -51.52 53.55
CA GLY B 485 -22.90 -51.36 54.97
C GLY B 485 -22.20 -50.11 55.48
N PHE B 486 -21.59 -50.24 56.66
CA PHE B 486 -21.00 -49.09 57.33
C PHE B 486 -19.84 -48.52 56.54
N ASN B 487 -19.94 -47.23 56.20
CA ASN B 487 -18.94 -46.55 55.36
C ASN B 487 -18.77 -47.24 54.02
N CYS B 488 -19.82 -47.92 53.55
CA CYS B 488 -19.80 -48.62 52.26
C CYS B 488 -21.18 -48.45 51.63
N TYR B 489 -21.34 -47.38 50.86
CA TYR B 489 -22.63 -46.97 50.34
C TYR B 489 -22.83 -47.46 48.91
N PHE B 490 -24.09 -47.65 48.54
CA PHE B 490 -24.44 -47.84 47.14
C PHE B 490 -24.41 -46.51 46.41
N PRO B 491 -23.69 -46.40 45.29
CA PRO B 491 -23.46 -45.08 44.69
C PRO B 491 -24.64 -44.52 43.93
N LEU B 492 -25.69 -45.30 43.72
CA LEU B 492 -26.85 -44.88 42.93
C LEU B 492 -28.07 -44.75 43.83
N GLN B 493 -28.79 -43.65 43.68
CA GLN B 493 -30.04 -43.42 44.38
C GLN B 493 -31.16 -43.21 43.37
N SER B 494 -32.38 -43.59 43.76
CA SER B 494 -33.53 -43.51 42.88
C SER B 494 -34.37 -42.29 43.21
N TYR B 495 -34.86 -41.62 42.17
CA TYR B 495 -35.82 -40.53 42.36
C TYR B 495 -37.17 -41.08 42.80
N GLY B 496 -37.89 -40.26 43.57
CA GLY B 496 -39.25 -40.59 43.96
C GLY B 496 -40.19 -40.59 42.78
N PHE B 497 -40.38 -39.42 42.17
CA PHE B 497 -41.19 -39.24 40.97
C PHE B 497 -42.63 -39.74 41.19
N GLN B 498 -43.33 -38.99 42.05
CA GLN B 498 -44.75 -39.18 42.28
C GLN B 498 -45.55 -37.98 41.74
N PRO B 499 -46.77 -38.21 41.25
CA PRO B 499 -47.54 -37.09 40.69
C PRO B 499 -47.77 -35.95 41.67
N THR B 500 -47.93 -36.25 42.96
CA THR B 500 -48.18 -35.22 43.97
C THR B 500 -46.90 -34.50 44.41
N ASN B 501 -45.77 -34.80 43.79
CA ASN B 501 -44.52 -34.14 44.16
C ASN B 501 -44.56 -32.66 43.79
N GLY B 502 -43.82 -31.87 44.54
CA GLY B 502 -43.61 -30.48 44.17
C GLY B 502 -42.90 -30.35 42.83
N VAL B 503 -43.05 -29.18 42.23
CA VAL B 503 -42.51 -28.95 40.88
C VAL B 503 -41.00 -29.15 40.87
N GLY B 504 -40.33 -28.73 41.94
CA GLY B 504 -38.90 -28.98 42.05
C GLY B 504 -38.53 -30.44 42.17
N TYR B 505 -39.49 -31.29 42.56
CA TYR B 505 -39.27 -32.73 42.69
C TYR B 505 -40.00 -33.54 41.63
N GLN B 506 -40.56 -32.88 40.62
CA GLN B 506 -41.19 -33.59 39.52
C GLN B 506 -40.16 -33.93 38.45
N PRO B 507 -40.40 -34.96 37.65
CA PRO B 507 -39.43 -35.34 36.64
C PRO B 507 -39.41 -34.36 35.48
N TYR B 508 -38.21 -34.14 34.94
CA TYR B 508 -38.01 -33.29 33.78
C TYR B 508 -37.14 -34.04 32.78
N ARG B 509 -37.54 -34.02 31.52
CA ARG B 509 -36.73 -34.64 30.46
C ARG B 509 -35.85 -33.58 29.84
N VAL B 510 -34.54 -33.81 29.88
CA VAL B 510 -33.55 -32.84 29.43
C VAL B 510 -32.88 -33.37 28.18
N VAL B 511 -32.73 -32.50 27.18
CA VAL B 511 -31.97 -32.82 25.98
C VAL B 511 -30.93 -31.74 25.80
N VAL B 512 -29.65 -32.14 25.77
CA VAL B 512 -28.54 -31.22 25.62
C VAL B 512 -27.96 -31.43 24.23
N LEU B 513 -28.09 -30.42 23.38
CA LEU B 513 -27.48 -30.42 22.06
C LEU B 513 -26.14 -29.71 22.14
N SER B 514 -25.06 -30.41 21.80
CA SER B 514 -23.74 -29.83 21.75
C SER B 514 -23.25 -29.80 20.31
N PHE B 515 -22.76 -28.65 19.87
CA PHE B 515 -22.25 -28.43 18.53
C PHE B 515 -20.74 -28.32 18.59
N GLU B 516 -20.05 -29.04 17.71
CA GLU B 516 -18.60 -29.01 17.63
C GLU B 516 -18.19 -28.52 16.25
N LEU B 517 -17.26 -27.57 16.22
CA LEU B 517 -16.74 -27.02 14.97
C LEU B 517 -15.37 -27.62 14.65
N LEU B 518 -15.36 -28.94 14.47
CA LEU B 518 -14.17 -29.61 13.97
C LEU B 518 -13.84 -29.07 12.59
N HIS B 519 -12.57 -28.76 12.35
CA HIS B 519 -12.22 -28.26 11.02
C HIS B 519 -12.30 -29.41 10.02
N ALA B 520 -13.50 -29.58 9.47
CA ALA B 520 -13.85 -30.74 8.66
C ALA B 520 -15.10 -30.38 7.87
N PRO B 521 -15.55 -31.26 6.96
CA PRO B 521 -16.80 -30.96 6.24
C PRO B 521 -18.01 -30.94 7.17
N ALA B 522 -18.57 -29.75 7.38
CA ALA B 522 -19.72 -29.56 8.25
C ALA B 522 -20.94 -30.17 7.58
N THR B 523 -21.43 -31.30 8.11
CA THR B 523 -22.55 -31.99 7.51
C THR B 523 -23.90 -31.54 8.04
N VAL B 524 -24.07 -31.45 9.37
CA VAL B 524 -25.35 -31.02 9.91
C VAL B 524 -25.55 -29.54 9.61
N CYS B 525 -26.38 -29.23 8.63
CA CYS B 525 -26.71 -27.86 8.28
C CYS B 525 -28.20 -27.61 8.45
N GLY B 526 -28.56 -26.34 8.55
CA GLY B 526 -29.94 -25.97 8.74
C GLY B 526 -30.50 -25.48 7.41
N PRO B 527 -31.83 -25.55 7.20
CA PRO B 527 -32.44 -25.04 5.96
C PRO B 527 -31.64 -24.06 5.10
N LYS B 528 -31.18 -23.00 5.76
CA LYS B 528 -31.53 -21.62 5.48
C LYS B 528 -32.44 -21.45 4.27
N LYS B 529 -33.67 -20.99 4.46
CA LYS B 529 -34.76 -21.46 3.62
C LYS B 529 -34.63 -20.83 2.24
N SER B 530 -34.94 -21.60 1.21
CA SER B 530 -34.90 -21.07 -0.14
C SER B 530 -36.19 -20.33 -0.50
N THR B 531 -36.10 -19.58 -1.60
CA THR B 531 -37.19 -18.82 -2.21
C THR B 531 -37.36 -19.27 -3.65
N ASN B 532 -38.40 -18.75 -4.29
CA ASN B 532 -38.60 -19.04 -5.71
C ASN B 532 -37.59 -18.28 -6.56
N LEU B 533 -37.33 -18.82 -7.75
CA LEU B 533 -36.38 -18.26 -8.69
C LEU B 533 -37.10 -17.50 -9.81
N VAL B 534 -36.62 -16.29 -10.09
CA VAL B 534 -37.20 -15.42 -11.10
C VAL B 534 -36.20 -15.28 -12.24
N LYS B 535 -36.63 -15.63 -13.45
CA LYS B 535 -35.79 -15.61 -14.64
C LYS B 535 -35.97 -14.33 -15.44
N ASN B 536 -34.92 -13.99 -16.21
CA ASN B 536 -34.93 -12.86 -17.13
C ASN B 536 -35.14 -11.53 -16.42
N LYS B 537 -34.69 -11.42 -15.18
CA LYS B 537 -34.77 -10.17 -14.43
C LYS B 537 -33.48 -9.98 -13.66
N CYS B 538 -33.11 -8.71 -13.44
CA CYS B 538 -31.93 -8.41 -12.64
C CYS B 538 -32.22 -8.72 -11.17
N VAL B 539 -31.51 -9.71 -10.64
CA VAL B 539 -31.72 -10.16 -9.27
C VAL B 539 -30.39 -10.37 -8.56
N ASN B 540 -30.45 -10.36 -7.24
CA ASN B 540 -29.32 -10.70 -6.37
C ASN B 540 -29.51 -12.15 -5.95
N PHE B 541 -28.72 -13.05 -6.53
CA PHE B 541 -28.93 -14.48 -6.39
C PHE B 541 -28.01 -15.08 -5.34
N ASN B 542 -28.44 -16.22 -4.79
CA ASN B 542 -27.65 -16.98 -3.82
C ASN B 542 -27.86 -18.47 -4.13
N PHE B 543 -26.85 -19.09 -4.74
CA PHE B 543 -26.89 -20.50 -5.09
C PHE B 543 -25.89 -21.26 -4.20
N ASN B 544 -26.43 -22.02 -3.25
CA ASN B 544 -25.62 -22.84 -2.34
C ASN B 544 -24.55 -22.00 -1.64
N GLY B 545 -24.92 -20.78 -1.25
CA GLY B 545 -24.01 -19.90 -0.57
C GLY B 545 -23.22 -18.97 -1.47
N LEU B 546 -23.27 -19.19 -2.79
CA LEU B 546 -22.59 -18.35 -3.75
C LEU B 546 -23.51 -17.21 -4.15
N THR B 547 -23.08 -15.98 -3.89
CA THR B 547 -23.92 -14.81 -4.08
C THR B 547 -23.41 -13.96 -5.23
N GLY B 548 -24.30 -13.11 -5.74
CA GLY B 548 -23.94 -12.18 -6.80
C GLY B 548 -25.19 -11.52 -7.34
N THR B 549 -24.97 -10.63 -8.30
CA THR B 549 -26.04 -9.89 -8.95
C THR B 549 -25.96 -10.13 -10.46
N GLY B 550 -27.09 -10.42 -11.06
CA GLY B 550 -27.15 -10.68 -12.49
C GLY B 550 -28.51 -11.16 -12.90
N VAL B 551 -28.66 -11.33 -14.21
CA VAL B 551 -29.90 -11.82 -14.81
C VAL B 551 -29.76 -13.32 -15.03
N LEU B 552 -30.71 -14.09 -14.51
CA LEU B 552 -30.73 -15.53 -14.63
C LEU B 552 -31.61 -15.94 -15.80
N THR B 553 -31.03 -16.63 -16.79
CA THR B 553 -31.75 -17.05 -17.97
C THR B 553 -31.50 -18.54 -18.20
N GLU B 554 -32.32 -19.12 -19.07
CA GLU B 554 -32.11 -20.51 -19.47
C GLU B 554 -30.86 -20.62 -20.33
N SER B 555 -30.24 -21.81 -20.30
CA SER B 555 -29.00 -22.04 -21.01
C SER B 555 -29.04 -23.39 -21.70
N ASN B 556 -28.11 -23.57 -22.65
CA ASN B 556 -27.91 -24.83 -23.35
C ASN B 556 -26.54 -25.41 -23.05
N LYS B 557 -25.98 -25.06 -21.90
CA LYS B 557 -24.66 -25.52 -21.49
C LYS B 557 -24.81 -26.85 -20.75
N LYS B 558 -24.27 -27.92 -21.34
CA LYS B 558 -24.44 -29.27 -20.84
C LYS B 558 -23.42 -29.54 -19.75
N PHE B 559 -23.79 -29.21 -18.52
CA PHE B 559 -22.94 -29.53 -17.38
C PHE B 559 -22.92 -31.03 -17.14
N LEU B 560 -21.77 -31.53 -16.71
CA LEU B 560 -21.66 -32.94 -16.38
C LEU B 560 -22.32 -33.22 -15.03
N PRO B 561 -22.78 -34.45 -14.80
CA PRO B 561 -23.51 -34.76 -13.56
C PRO B 561 -22.80 -34.34 -12.29
N PHE B 562 -21.47 -34.24 -12.30
CA PHE B 562 -20.72 -33.84 -11.12
C PHE B 562 -20.48 -32.34 -11.07
N GLN B 563 -20.82 -31.61 -12.14
CA GLN B 563 -20.55 -30.18 -12.21
C GLN B 563 -21.75 -29.41 -11.69
N GLN B 564 -21.49 -28.45 -10.80
CA GLN B 564 -22.53 -27.63 -10.18
C GLN B 564 -22.46 -26.17 -10.58
N PHE B 565 -21.27 -25.64 -10.83
CA PHE B 565 -21.08 -24.23 -11.17
C PHE B 565 -20.23 -24.13 -12.42
N GLY B 566 -20.46 -23.08 -13.20
CA GLY B 566 -19.59 -22.77 -14.30
C GLY B 566 -18.81 -21.50 -14.05
N ARG B 567 -17.68 -21.32 -14.71
CA ARG B 567 -16.87 -20.12 -14.51
C ARG B 567 -16.40 -19.56 -15.84
N ASP B 568 -16.17 -18.25 -15.84
CA ASP B 568 -15.66 -17.52 -16.99
C ASP B 568 -14.14 -17.40 -16.91
N ILE B 569 -13.57 -16.68 -17.87
CA ILE B 569 -12.12 -16.51 -17.94
C ILE B 569 -11.59 -15.85 -16.68
N ALA B 570 -12.36 -14.92 -16.12
CA ALA B 570 -11.96 -14.19 -14.92
C ALA B 570 -12.15 -14.98 -13.64
N ASP B 571 -12.56 -16.25 -13.73
CA ASP B 571 -12.85 -17.13 -12.60
C ASP B 571 -14.14 -16.74 -11.90
N THR B 572 -14.91 -15.83 -12.48
CA THR B 572 -16.22 -15.48 -11.95
C THR B 572 -17.23 -16.52 -12.39
N THR B 573 -18.37 -16.55 -11.72
CA THR B 573 -19.37 -17.56 -12.04
C THR B 573 -20.02 -17.24 -13.38
N ASP B 574 -20.04 -18.23 -14.27
CA ASP B 574 -20.64 -18.12 -15.59
C ASP B 574 -22.05 -18.69 -15.64
N ALA B 575 -22.28 -19.81 -14.96
CA ALA B 575 -23.57 -20.47 -14.93
C ALA B 575 -23.62 -21.34 -13.68
N VAL B 576 -24.84 -21.63 -13.22
CA VAL B 576 -25.05 -22.47 -12.06
C VAL B 576 -26.12 -23.50 -12.35
N ARG B 577 -26.06 -24.60 -11.62
CA ARG B 577 -27.10 -25.62 -11.62
C ARG B 577 -28.01 -25.36 -10.43
N ASP B 578 -29.30 -25.21 -10.68
CA ASP B 578 -30.25 -24.94 -9.62
C ASP B 578 -30.24 -26.11 -8.63
N PRO B 579 -30.01 -25.86 -7.34
CA PRO B 579 -29.87 -26.97 -6.39
C PRO B 579 -31.13 -27.79 -6.21
N GLN B 580 -32.29 -27.27 -6.60
CA GLN B 580 -33.55 -27.98 -6.46
C GLN B 580 -33.97 -28.70 -7.74
N THR B 581 -33.79 -28.06 -8.89
CA THR B 581 -34.07 -28.65 -10.18
C THR B 581 -32.80 -28.58 -11.03
N LEU B 582 -32.30 -29.74 -11.46
CA LEU B 582 -30.97 -29.81 -12.05
C LEU B 582 -30.98 -29.28 -13.47
N GLU B 583 -31.11 -27.95 -13.58
CA GLU B 583 -31.02 -27.24 -14.84
C GLU B 583 -29.91 -26.19 -14.74
N ILE B 584 -29.37 -25.81 -15.89
CA ILE B 584 -28.25 -24.87 -15.96
C ILE B 584 -28.78 -23.50 -16.36
N LEU B 585 -28.49 -22.49 -15.55
CA LEU B 585 -28.92 -21.12 -15.79
C LEU B 585 -27.70 -20.22 -16.01
N ASP B 586 -27.73 -19.43 -17.09
CA ASP B 586 -26.67 -18.46 -17.34
C ASP B 586 -26.86 -17.21 -16.49
N ILE B 587 -25.75 -16.63 -16.05
CA ILE B 587 -25.73 -15.40 -15.26
C ILE B 587 -25.12 -14.28 -16.08
N THR B 588 -25.93 -13.29 -16.46
CA THR B 588 -25.43 -12.15 -17.22
C THR B 588 -25.51 -10.92 -16.34
N PRO B 589 -24.38 -10.29 -15.99
CA PRO B 589 -24.42 -9.09 -15.13
C PRO B 589 -25.35 -7.99 -15.66
N CYS B 590 -26.03 -7.32 -14.75
CA CYS B 590 -27.04 -6.34 -15.11
C CYS B 590 -26.40 -5.12 -15.79
N SER B 591 -27.11 -4.56 -16.78
CA SER B 591 -26.58 -3.46 -17.58
C SER B 591 -26.14 -2.31 -16.68
N PHE B 592 -24.85 -2.23 -16.34
CA PHE B 592 -24.14 -0.98 -16.11
C PHE B 592 -23.70 -0.31 -17.43
N GLY B 593 -23.30 0.95 -17.31
CA GLY B 593 -22.74 1.68 -18.44
C GLY B 593 -22.50 3.12 -18.11
N GLY B 594 -21.71 3.75 -18.99
CA GLY B 594 -21.38 5.17 -18.82
C GLY B 594 -22.52 6.11 -19.15
N VAL B 595 -22.47 7.30 -18.55
CA VAL B 595 -23.45 8.36 -18.79
C VAL B 595 -22.69 9.55 -19.36
N SER B 596 -23.05 9.98 -20.56
CA SER B 596 -22.44 11.14 -21.20
C SER B 596 -23.47 12.23 -21.41
N VAL B 597 -23.05 13.49 -21.26
CA VAL B 597 -23.92 14.64 -21.48
C VAL B 597 -23.44 15.37 -22.72
N ILE B 598 -24.32 15.49 -23.71
CA ILE B 598 -24.00 16.15 -24.98
C ILE B 598 -24.61 17.54 -24.95
N THR B 599 -23.77 18.58 -24.96
CA THR B 599 -24.32 19.91 -24.82
C THR B 599 -23.55 20.95 -25.62
N PRO B 600 -24.24 21.92 -26.22
CA PRO B 600 -23.55 23.12 -26.70
C PRO B 600 -23.13 23.98 -25.52
N GLY B 601 -22.19 24.89 -25.79
CA GLY B 601 -21.66 25.73 -24.73
C GLY B 601 -22.75 26.58 -24.08
N THR B 602 -22.52 26.88 -22.80
CA THR B 602 -23.47 27.67 -22.02
C THR B 602 -23.60 29.11 -22.51
N ASN B 603 -22.73 29.55 -23.41
CA ASN B 603 -22.84 30.86 -24.04
C ASN B 603 -23.90 30.83 -25.15
N THR B 604 -24.44 29.67 -25.47
CA THR B 604 -25.44 29.55 -26.52
C THR B 604 -26.79 29.11 -25.99
N SER B 605 -26.85 28.02 -25.23
CA SER B 605 -28.12 27.48 -24.76
C SER B 605 -27.88 26.63 -23.52
N ASN B 606 -28.91 26.56 -22.68
CA ASN B 606 -28.89 25.70 -21.51
C ASN B 606 -29.62 24.39 -21.75
N GLN B 607 -29.93 24.08 -23.00
CA GLN B 607 -30.52 22.80 -23.35
C GLN B 607 -29.41 21.77 -23.52
N VAL B 608 -29.63 20.58 -22.98
CA VAL B 608 -28.63 19.52 -23.05
C VAL B 608 -29.26 18.22 -23.53
N ALA B 609 -28.41 17.35 -24.05
CA ALA B 609 -28.78 15.98 -24.40
C ALA B 609 -27.94 15.02 -23.59
N VAL B 610 -28.53 13.88 -23.25
CA VAL B 610 -27.87 12.89 -22.40
C VAL B 610 -27.70 11.60 -23.19
N LEU B 611 -26.47 11.10 -23.25
CA LEU B 611 -26.15 9.83 -23.88
C LEU B 611 -25.85 8.81 -22.79
N TYR B 612 -26.61 7.71 -22.77
CA TYR B 612 -26.36 6.60 -21.87
C TYR B 612 -25.56 5.56 -22.64
N GLN B 613 -24.29 5.41 -22.29
CA GLN B 613 -23.35 4.64 -23.10
C GLN B 613 -23.62 3.15 -23.02
N ASP B 614 -23.61 2.49 -24.18
CA ASP B 614 -23.66 1.03 -24.29
C ASP B 614 -24.83 0.42 -23.53
N VAL B 615 -26.00 1.06 -23.63
CA VAL B 615 -27.23 0.51 -23.07
C VAL B 615 -28.32 0.58 -24.12
N ASN B 616 -29.36 -0.22 -23.91
CA ASN B 616 -30.55 -0.16 -24.74
C ASN B 616 -31.54 0.83 -24.13
N CYS B 617 -32.42 1.37 -24.99
CA CYS B 617 -33.41 2.35 -24.54
C CYS B 617 -34.58 1.63 -23.85
N THR B 618 -34.25 0.90 -22.79
CA THR B 618 -35.25 0.15 -22.05
C THR B 618 -35.27 0.50 -20.56
N GLU B 619 -34.17 0.19 -19.87
CA GLU B 619 -34.09 0.45 -18.43
C GLU B 619 -34.22 1.92 -18.09
N VAL B 620 -33.82 2.81 -19.00
CA VAL B 620 -33.89 4.24 -18.72
C VAL B 620 -35.33 4.69 -18.58
N ASN B 641 -38.63 11.62 -27.94
CA ASN B 641 -37.38 12.14 -28.47
C ASN B 641 -36.20 11.28 -28.03
N VAL B 642 -36.30 9.97 -28.28
CA VAL B 642 -35.29 9.00 -27.89
C VAL B 642 -34.79 8.31 -29.16
N PHE B 643 -33.47 8.35 -29.37
CA PHE B 643 -32.85 7.78 -30.56
C PHE B 643 -31.85 6.72 -30.13
N GLN B 644 -32.08 5.48 -30.52
CA GLN B 644 -31.18 4.38 -30.19
C GLN B 644 -30.10 4.27 -31.26
N THR B 645 -28.84 4.32 -30.83
CA THR B 645 -27.68 4.19 -31.70
C THR B 645 -26.79 3.08 -31.18
N ARG B 646 -25.75 2.75 -31.95
CA ARG B 646 -24.82 1.72 -31.52
C ARG B 646 -23.84 2.22 -30.47
N ALA B 647 -23.87 3.52 -30.16
CA ALA B 647 -23.04 4.07 -29.09
C ALA B 647 -23.73 4.03 -27.74
N GLY B 648 -25.02 3.73 -27.71
CA GLY B 648 -25.81 3.80 -26.50
C GLY B 648 -27.16 4.43 -26.80
N CYS B 649 -27.90 4.73 -25.74
CA CYS B 649 -29.23 5.30 -25.88
C CYS B 649 -29.13 6.83 -25.79
N LEU B 650 -29.45 7.50 -26.89
CA LEU B 650 -29.32 8.95 -26.97
C LEU B 650 -30.68 9.61 -26.77
N ILE B 651 -30.80 10.41 -25.72
CA ILE B 651 -32.05 11.06 -25.35
C ILE B 651 -31.86 12.56 -25.41
N GLY B 652 -32.77 13.25 -26.11
CA GLY B 652 -32.78 14.70 -26.20
C GLY B 652 -32.34 15.26 -27.53
N ALA B 653 -31.67 14.47 -28.36
CA ALA B 653 -31.25 14.91 -29.69
C ALA B 653 -32.23 14.40 -30.73
N GLU B 654 -32.65 15.29 -31.63
CA GLU B 654 -33.54 14.91 -32.72
C GLU B 654 -32.76 14.25 -33.85
N HIS B 655 -33.28 13.12 -34.35
CA HIS B 655 -32.63 12.42 -35.44
C HIS B 655 -33.01 13.09 -36.76
N VAL B 656 -32.01 13.56 -37.49
CA VAL B 656 -32.20 14.31 -38.72
C VAL B 656 -31.63 13.51 -39.88
N ASN B 657 -32.40 13.40 -40.97
CA ASN B 657 -31.91 12.67 -42.14
C ASN B 657 -30.78 13.42 -42.83
N ASN B 658 -30.78 14.74 -42.76
CA ASN B 658 -29.79 15.54 -43.46
C ASN B 658 -28.43 15.39 -42.79
N SER B 659 -27.40 15.15 -43.60
CA SER B 659 -26.04 15.05 -43.08
C SER B 659 -25.39 16.42 -43.01
N TYR B 660 -24.43 16.56 -42.10
CA TYR B 660 -23.68 17.79 -41.93
C TYR B 660 -22.27 17.44 -41.48
N GLU B 661 -21.43 18.46 -41.35
CA GLU B 661 -20.10 18.25 -40.78
C GLU B 661 -20.21 17.95 -39.30
N CYS B 662 -19.35 17.05 -38.81
CA CYS B 662 -19.38 16.68 -37.41
C CYS B 662 -19.04 17.86 -36.53
N ASP B 663 -19.83 18.05 -35.46
CA ASP B 663 -19.62 19.15 -34.53
C ASP B 663 -19.26 18.62 -33.15
N ILE B 664 -20.19 17.97 -32.45
CA ILE B 664 -19.94 17.32 -31.18
C ILE B 664 -19.91 15.82 -31.42
N PRO B 665 -18.75 15.17 -31.37
CA PRO B 665 -18.69 13.75 -31.73
C PRO B 665 -19.36 12.88 -30.68
N ILE B 666 -20.11 11.89 -31.14
CA ILE B 666 -20.74 10.90 -30.28
C ILE B 666 -20.07 9.55 -30.42
N GLY B 667 -19.90 9.08 -31.65
CA GLY B 667 -19.28 7.79 -31.90
C GLY B 667 -20.05 6.98 -32.92
N ALA B 668 -19.40 6.00 -33.53
CA ALA B 668 -20.02 5.10 -34.50
C ALA B 668 -20.66 5.87 -35.66
N GLY B 669 -20.00 6.96 -36.06
CA GLY B 669 -20.46 7.73 -37.20
C GLY B 669 -21.50 8.78 -36.91
N ILE B 670 -21.98 8.86 -35.67
CA ILE B 670 -23.06 9.79 -35.30
C ILE B 670 -22.44 11.00 -34.60
N CYS B 671 -22.83 12.19 -35.05
CA CYS B 671 -22.42 13.43 -34.41
C CYS B 671 -23.66 14.26 -34.10
N ALA B 672 -23.49 15.19 -33.17
CA ALA B 672 -24.58 16.07 -32.74
C ALA B 672 -24.15 17.52 -32.85
N SER B 673 -25.14 18.40 -33.01
CA SER B 673 -24.91 19.83 -33.13
C SER B 673 -26.16 20.56 -32.67
N TYR B 674 -26.00 21.87 -32.46
CA TYR B 674 -27.09 22.75 -32.03
C TYR B 674 -27.52 23.60 -33.22
N GLN B 675 -28.71 23.31 -33.75
CA GLN B 675 -29.20 23.95 -34.96
C GLN B 675 -30.72 24.07 -34.88
N THR B 676 -31.31 24.65 -35.92
CA THR B 676 -32.75 24.82 -35.99
C THR B 676 -33.40 23.66 -36.73
N SER B 689 -36.40 28.04 -31.64
CA SER B 689 -36.35 27.30 -32.90
C SER B 689 -35.16 26.35 -32.93
N GLN B 690 -34.13 26.67 -32.15
CA GLN B 690 -32.94 25.85 -32.08
C GLN B 690 -33.11 24.72 -31.08
N SER B 691 -32.49 23.59 -31.39
CA SER B 691 -32.50 22.43 -30.50
C SER B 691 -31.30 21.55 -30.86
N ILE B 692 -31.02 20.59 -29.98
CA ILE B 692 -29.93 19.65 -30.23
C ILE B 692 -30.42 18.58 -31.19
N ILE B 693 -29.64 18.33 -32.23
CA ILE B 693 -29.98 17.33 -33.24
C ILE B 693 -28.86 16.31 -33.31
N ALA B 694 -29.21 15.13 -33.81
CA ALA B 694 -28.25 14.04 -34.01
C ALA B 694 -28.36 13.53 -35.44
N TYR B 695 -27.21 13.23 -36.02
CA TYR B 695 -27.18 12.81 -37.43
C TYR B 695 -25.90 12.02 -37.68
N THR B 696 -25.90 11.31 -38.79
CA THR B 696 -24.68 10.68 -39.29
C THR B 696 -23.85 11.75 -39.97
N MET B 697 -22.58 11.87 -39.56
CA MET B 697 -21.77 12.97 -40.04
C MET B 697 -21.43 12.79 -41.52
N SER B 698 -21.35 13.92 -42.22
CA SER B 698 -20.89 13.91 -43.59
C SER B 698 -19.37 13.85 -43.64
N LEU B 699 -18.86 13.19 -44.66
CA LEU B 699 -17.43 13.06 -44.86
C LEU B 699 -16.89 14.12 -45.81
N GLY B 700 -17.75 15.01 -46.28
CA GLY B 700 -17.37 16.06 -47.20
C GLY B 700 -18.30 16.09 -48.41
N ALA B 701 -18.18 17.17 -49.18
CA ALA B 701 -18.97 17.31 -50.38
C ALA B 701 -18.53 16.30 -51.43
N GLU B 702 -19.49 15.78 -52.18
CA GLU B 702 -19.19 14.86 -53.27
C GLU B 702 -18.87 15.66 -54.53
N ASN B 703 -17.75 15.33 -55.17
CA ASN B 703 -17.30 16.07 -56.34
C ASN B 703 -16.60 15.08 -57.27
N SER B 704 -17.29 14.64 -58.32
CA SER B 704 -16.68 13.77 -59.30
C SER B 704 -15.70 14.55 -60.17
N VAL B 705 -14.68 13.84 -60.66
CA VAL B 705 -13.67 14.43 -61.54
C VAL B 705 -14.00 14.05 -62.97
N ALA B 706 -13.96 15.05 -63.87
CA ALA B 706 -14.29 14.85 -65.28
C ALA B 706 -13.09 14.20 -65.97
N TYR B 707 -12.81 12.97 -65.56
CA TYR B 707 -11.65 12.25 -66.09
C TYR B 707 -11.90 11.78 -67.52
N SER B 708 -10.89 11.92 -68.36
CA SER B 708 -10.90 11.35 -69.69
C SER B 708 -9.46 11.18 -70.13
N ASN B 709 -9.26 10.40 -71.18
CA ASN B 709 -7.92 10.06 -71.65
C ASN B 709 -7.26 11.18 -72.45
N ASN B 710 -7.98 12.25 -72.82
CA ASN B 710 -7.37 13.29 -73.62
C ASN B 710 -7.77 14.69 -73.16
N SER B 711 -8.00 14.89 -71.87
CA SER B 711 -8.37 16.20 -71.34
C SER B 711 -7.55 16.50 -70.09
N ILE B 712 -6.93 17.66 -70.06
CA ILE B 712 -6.11 18.11 -68.93
C ILE B 712 -6.60 19.47 -68.46
N ALA B 713 -6.66 19.64 -67.14
CA ALA B 713 -7.01 20.92 -66.54
C ALA B 713 -5.73 21.59 -66.04
N ILE B 714 -5.46 22.79 -66.53
CA ILE B 714 -4.26 23.54 -66.19
C ILE B 714 -4.70 24.86 -65.58
N PRO B 715 -4.22 25.22 -64.39
CA PRO B 715 -4.64 26.49 -63.78
C PRO B 715 -4.19 27.69 -64.58
N THR B 716 -5.08 28.68 -64.67
CA THR B 716 -4.80 29.93 -65.37
C THR B 716 -4.51 31.08 -64.41
N ASN B 717 -4.89 30.93 -63.14
CA ASN B 717 -4.66 31.95 -62.14
C ASN B 717 -4.28 31.26 -60.84
N PHE B 718 -3.81 32.04 -59.87
CA PHE B 718 -3.34 31.49 -58.61
C PHE B 718 -3.68 32.43 -57.46
N THR B 719 -3.63 31.89 -56.25
CA THR B 719 -3.82 32.66 -55.03
C THR B 719 -2.72 32.33 -54.04
N ILE B 720 -2.27 33.36 -53.32
CA ILE B 720 -1.31 33.21 -52.24
C ILE B 720 -2.09 33.17 -50.93
N SER B 721 -1.95 32.07 -50.19
CA SER B 721 -2.64 31.90 -48.93
C SER B 721 -1.62 31.78 -47.81
N VAL B 722 -2.03 32.17 -46.61
CA VAL B 722 -1.19 32.06 -45.41
C VAL B 722 -1.97 31.27 -44.38
N THR B 723 -1.35 30.22 -43.86
CA THR B 723 -1.94 29.35 -42.85
C THR B 723 -1.13 29.43 -41.56
N THR B 724 -1.77 29.07 -40.45
CA THR B 724 -1.15 29.14 -39.14
C THR B 724 -1.00 27.73 -38.59
N GLU B 725 0.23 27.34 -38.28
CA GLU B 725 0.53 26.07 -37.64
C GLU B 725 1.16 26.33 -36.28
N ILE B 726 0.56 25.80 -35.23
CA ILE B 726 0.99 26.05 -33.85
C ILE B 726 1.49 24.74 -33.27
N LEU B 727 2.71 24.76 -32.74
CA LEU B 727 3.32 23.57 -32.17
C LEU B 727 3.80 23.89 -30.76
N PRO B 728 3.52 23.04 -29.78
CA PRO B 728 4.17 23.18 -28.48
C PRO B 728 5.67 22.98 -28.60
N VAL B 729 6.43 23.72 -27.79
CA VAL B 729 7.87 23.60 -27.75
C VAL B 729 8.35 23.18 -26.36
N SER B 730 7.77 23.75 -25.31
CA SER B 730 8.20 23.48 -23.95
C SER B 730 6.98 23.38 -23.05
N MET B 731 7.22 22.91 -21.83
CA MET B 731 6.21 22.86 -20.79
C MET B 731 6.81 23.41 -19.51
N THR B 732 5.95 23.81 -18.59
CA THR B 732 6.40 24.45 -17.36
C THR B 732 7.42 23.59 -16.64
N LYS B 733 8.55 24.20 -16.30
CA LYS B 733 9.65 23.49 -15.65
C LYS B 733 9.33 23.36 -14.17
N THR B 734 8.45 22.42 -13.86
CA THR B 734 8.06 22.26 -12.47
C THR B 734 9.15 21.54 -11.70
N SER B 735 9.15 21.75 -10.39
CA SER B 735 10.05 21.07 -9.49
C SER B 735 9.34 20.88 -8.17
N VAL B 736 9.38 19.67 -7.63
CA VAL B 736 8.70 19.34 -6.39
C VAL B 736 9.73 18.88 -5.38
N ASP B 737 9.71 19.49 -4.20
CA ASP B 737 10.56 19.06 -3.10
C ASP B 737 9.83 17.90 -2.46
N CYS B 738 10.24 16.68 -2.80
CA CYS B 738 9.55 15.49 -2.33
C CYS B 738 9.57 15.39 -0.81
N THR B 739 10.66 15.83 -0.18
CA THR B 739 10.76 15.73 1.26
C THR B 739 9.82 16.71 1.94
N MET B 740 9.78 17.96 1.46
CA MET B 740 8.88 18.94 2.05
C MET B 740 7.43 18.58 1.77
N TYR B 741 7.15 18.03 0.58
CA TYR B 741 5.79 17.64 0.25
C TYR B 741 5.28 16.53 1.15
N ILE B 742 6.07 15.47 1.32
CA ILE B 742 5.59 14.33 2.09
C ILE B 742 5.60 14.65 3.58
N CYS B 743 6.70 15.21 4.07
CA CYS B 743 6.91 15.39 5.51
C CYS B 743 7.23 16.85 5.84
N GLY B 744 6.34 17.76 5.45
CA GLY B 744 6.64 19.16 5.63
C GLY B 744 6.82 19.55 7.09
N ASP B 745 8.03 19.97 7.42
CA ASP B 745 8.38 20.43 8.78
C ASP B 745 8.03 19.39 9.84
N SER B 746 8.30 18.11 9.54
CA SER B 746 8.06 17.04 10.49
C SER B 746 9.28 16.14 10.59
N THR B 747 9.95 16.17 11.74
CA THR B 747 11.15 15.36 11.92
C THR B 747 10.80 13.87 11.99
N GLU B 748 9.71 13.53 12.68
CA GLU B 748 9.32 12.11 12.78
C GLU B 748 8.95 11.57 11.42
N CYS B 749 8.19 12.34 10.64
CA CYS B 749 7.82 11.90 9.30
C CYS B 749 9.05 11.76 8.42
N SER B 750 9.98 12.72 8.51
CA SER B 750 11.22 12.60 7.72
C SER B 750 12.00 11.35 8.11
N ASN B 751 12.09 11.06 9.41
CA ASN B 751 12.83 9.88 9.86
C ASN B 751 12.16 8.60 9.36
N LEU B 752 10.83 8.58 9.33
CA LEU B 752 10.16 7.41 8.76
C LEU B 752 10.35 7.33 7.25
N LEU B 753 10.35 8.48 6.58
CA LEU B 753 10.56 8.52 5.13
C LEU B 753 11.95 8.01 4.76
N LEU B 754 12.94 8.22 5.63
CA LEU B 754 14.30 7.78 5.33
C LEU B 754 14.38 6.27 5.14
N GLN B 755 13.39 5.52 5.61
CA GLN B 755 13.39 4.08 5.45
C GLN B 755 13.02 3.64 4.03
N TYR B 756 12.62 4.58 3.17
CA TYR B 756 12.28 4.29 1.79
C TYR B 756 13.43 4.59 0.83
N GLY B 757 14.60 4.91 1.36
CA GLY B 757 15.79 5.10 0.54
C GLY B 757 15.70 6.25 -0.45
N SER B 758 15.96 5.94 -1.71
CA SER B 758 16.12 6.91 -2.79
C SER B 758 14.81 7.29 -3.49
N PHE B 759 13.66 6.80 -3.00
CA PHE B 759 12.39 7.12 -3.65
C PHE B 759 12.20 8.62 -3.84
N CYS B 760 12.68 9.41 -2.89
CA CYS B 760 12.53 10.86 -2.93
C CYS B 760 13.51 11.47 -3.95
N THR B 761 14.80 11.15 -3.79
CA THR B 761 15.83 11.78 -4.60
C THR B 761 15.76 11.36 -6.06
N GLN B 762 15.26 10.16 -6.36
CA GLN B 762 15.15 9.80 -7.77
C GLN B 762 13.97 10.48 -8.44
N LEU B 763 12.97 10.91 -7.68
CA LEU B 763 11.90 11.68 -8.29
C LEU B 763 12.34 13.11 -8.50
N ASN B 764 13.14 13.63 -7.57
CA ASN B 764 13.75 14.93 -7.79
C ASN B 764 14.66 14.89 -9.01
N ARG B 765 15.37 13.78 -9.21
CA ARG B 765 16.22 13.63 -10.38
C ARG B 765 15.40 13.60 -11.66
N ALA B 766 14.30 12.85 -11.67
CA ALA B 766 13.46 12.79 -12.87
C ALA B 766 12.90 14.16 -13.22
N LEU B 767 12.43 14.91 -12.21
CA LEU B 767 11.89 16.23 -12.50
C LEU B 767 12.98 17.19 -12.96
N THR B 768 14.19 17.07 -12.42
CA THR B 768 15.30 17.89 -12.91
C THR B 768 15.59 17.56 -14.37
N GLY B 769 15.60 16.28 -14.72
CA GLY B 769 15.81 15.89 -16.11
C GLY B 769 14.76 16.48 -17.03
N ILE B 770 13.50 16.48 -16.59
CA ILE B 770 12.44 17.08 -17.40
C ILE B 770 12.70 18.57 -17.58
N ALA B 771 13.01 19.27 -16.49
CA ALA B 771 13.27 20.70 -16.58
C ALA B 771 14.42 20.99 -17.53
N VAL B 772 15.46 20.15 -17.51
CA VAL B 772 16.60 20.35 -18.40
C VAL B 772 16.20 20.12 -19.84
N GLU B 773 15.47 19.03 -20.12
CA GLU B 773 15.10 18.75 -21.50
C GLU B 773 14.14 19.78 -22.05
N GLN B 774 13.42 20.52 -21.20
CA GLN B 774 12.58 21.59 -21.73
C GLN B 774 13.44 22.71 -22.32
N ASP B 775 14.57 23.02 -21.69
CA ASP B 775 15.45 24.03 -22.23
C ASP B 775 16.22 23.48 -23.41
N LYS B 776 16.52 22.19 -23.40
CA LYS B 776 17.13 21.57 -24.57
C LYS B 776 16.19 21.70 -25.78
N ASN B 777 14.89 21.47 -25.57
CA ASN B 777 13.93 21.59 -26.65
C ASN B 777 13.87 23.02 -27.16
N THR B 778 13.80 23.99 -26.25
CA THR B 778 13.75 25.40 -26.69
C THR B 778 15.01 25.76 -27.46
N GLN B 779 16.17 25.32 -26.99
CA GLN B 779 17.43 25.64 -27.65
C GLN B 779 17.47 25.02 -29.04
N GLU B 780 17.04 23.77 -29.17
CA GLU B 780 17.06 23.11 -30.47
C GLU B 780 16.07 23.74 -31.43
N VAL B 781 14.93 24.24 -30.94
CA VAL B 781 13.95 24.82 -31.84
C VAL B 781 14.37 26.20 -32.31
N PHE B 782 14.81 27.08 -31.40
CA PHE B 782 15.05 28.45 -31.80
C PHE B 782 16.51 28.78 -32.08
N ALA B 783 17.46 28.22 -31.33
CA ALA B 783 18.86 28.63 -31.48
C ALA B 783 19.55 27.83 -32.59
N GLN B 784 19.03 27.99 -33.80
CA GLN B 784 19.59 27.34 -34.97
C GLN B 784 20.37 28.30 -35.86
N VAL B 785 20.48 29.56 -35.48
CA VAL B 785 21.18 30.57 -36.26
C VAL B 785 22.37 31.09 -35.46
N LYS B 786 23.53 31.14 -36.10
CA LYS B 786 24.75 31.54 -35.42
C LYS B 786 24.80 33.04 -35.13
N GLN B 787 24.03 33.86 -35.83
CA GLN B 787 24.11 35.30 -35.68
C GLN B 787 22.72 35.90 -35.56
N ILE B 788 22.66 37.08 -34.95
CA ILE B 788 21.43 37.85 -34.79
C ILE B 788 21.35 38.85 -35.92
N TYR B 789 20.48 38.60 -36.89
CA TYR B 789 20.32 39.48 -38.04
C TYR B 789 19.23 40.52 -37.78
N LYS B 790 19.33 41.65 -38.45
CA LYS B 790 18.33 42.70 -38.35
C LYS B 790 18.06 43.30 -39.73
N THR B 791 16.82 43.73 -39.93
CA THR B 791 16.40 44.29 -41.20
C THR B 791 16.98 45.69 -41.39
N PRO B 792 17.10 46.15 -42.62
CA PRO B 792 17.53 47.52 -42.87
C PRO B 792 16.46 48.51 -42.45
N PRO B 793 16.83 49.78 -42.19
CA PRO B 793 15.81 50.79 -41.85
C PRO B 793 14.83 51.08 -42.97
N ILE B 794 15.16 50.77 -44.22
CA ILE B 794 14.30 51.05 -45.36
C ILE B 794 13.63 49.76 -45.80
N LYS B 795 12.31 49.70 -45.70
CA LYS B 795 11.55 48.50 -46.02
C LYS B 795 11.13 48.50 -47.50
N ASP B 796 12.15 48.53 -48.36
CA ASP B 796 11.92 48.54 -49.81
C ASP B 796 11.95 47.10 -50.34
N PHE B 797 10.91 46.35 -49.98
CA PHE B 797 10.80 44.94 -50.30
C PHE B 797 9.89 44.66 -51.48
N GLY B 798 9.86 45.56 -52.47
CA GLY B 798 9.14 45.28 -53.69
C GLY B 798 7.63 45.30 -53.54
N GLY B 799 7.12 45.97 -52.51
CA GLY B 799 5.71 46.03 -52.23
C GLY B 799 5.23 45.04 -51.18
N PHE B 800 6.08 44.12 -50.75
CA PHE B 800 5.69 43.16 -49.72
C PHE B 800 5.85 43.80 -48.34
N ASN B 801 4.76 43.88 -47.60
CA ASN B 801 4.71 44.55 -46.31
C ASN B 801 4.91 43.54 -45.20
N PHE B 802 5.99 43.68 -44.44
CA PHE B 802 6.28 42.80 -43.32
C PHE B 802 6.20 43.52 -41.98
N SER B 803 5.63 44.72 -41.96
CA SER B 803 5.61 45.54 -40.75
C SER B 803 4.80 44.89 -39.64
N GLN B 804 3.97 43.91 -39.97
CA GLN B 804 3.12 43.26 -38.99
C GLN B 804 3.74 42.02 -38.39
N ILE B 805 4.91 41.60 -38.89
CA ILE B 805 5.62 40.47 -38.33
C ILE B 805 7.00 40.83 -37.80
N LEU B 806 7.53 42.00 -38.14
CA LEU B 806 8.79 42.47 -37.62
C LEU B 806 8.60 43.10 -36.23
N PRO B 807 9.65 43.11 -35.41
CA PRO B 807 9.54 43.73 -34.08
C PRO B 807 9.11 45.19 -34.16
N ASP B 808 8.32 45.60 -33.18
CA ASP B 808 7.88 46.99 -33.09
C ASP B 808 8.79 47.72 -32.12
N PRO B 809 9.67 48.61 -32.58
CA PRO B 809 10.62 49.26 -31.68
C PRO B 809 9.96 50.09 -30.58
N SER B 810 8.67 50.43 -30.71
CA SER B 810 8.01 51.29 -29.74
C SER B 810 7.51 50.55 -28.52
N LYS B 811 7.59 49.23 -28.50
CA LYS B 811 7.09 48.44 -27.39
C LYS B 811 8.17 48.24 -26.34
N PRO B 812 7.77 47.99 -25.08
CA PRO B 812 8.78 47.68 -24.06
C PRO B 812 9.53 46.39 -24.34
N SER B 813 8.99 45.52 -25.18
CA SER B 813 9.65 44.30 -25.62
C SER B 813 9.48 44.22 -27.12
N LYS B 814 10.60 44.12 -27.85
CA LYS B 814 10.55 44.28 -29.30
C LYS B 814 9.96 43.02 -29.91
N ARG B 815 8.64 42.91 -29.77
CA ARG B 815 7.84 41.85 -30.35
C ARG B 815 6.99 42.42 -31.47
N SER B 816 6.58 41.55 -32.39
CA SER B 816 5.73 41.99 -33.47
C SER B 816 4.29 42.15 -32.98
N PHE B 817 3.47 42.80 -33.82
CA PHE B 817 2.06 42.96 -33.54
C PHE B 817 1.39 41.60 -33.36
N ILE B 818 1.70 40.66 -34.26
CA ILE B 818 1.13 39.32 -34.18
C ILE B 818 1.60 38.63 -32.89
N GLU B 819 2.87 38.81 -32.53
CA GLU B 819 3.36 38.25 -31.28
C GLU B 819 2.61 38.80 -30.08
N ASP B 820 2.34 40.11 -30.07
CA ASP B 820 1.54 40.69 -29.01
C ASP B 820 0.15 40.08 -28.98
N LEU B 821 -0.43 39.84 -30.15
CA LEU B 821 -1.75 39.21 -30.21
C LEU B 821 -1.70 37.81 -29.62
N LEU B 822 -0.61 37.07 -29.89
CA LEU B 822 -0.48 35.72 -29.37
C LEU B 822 -0.33 35.74 -27.86
N PHE B 823 0.45 36.69 -27.34
CA PHE B 823 0.61 36.80 -25.90
C PHE B 823 -0.67 37.28 -25.22
N ASN B 824 -1.55 37.96 -25.94
CA ASN B 824 -2.80 38.44 -25.37
C ASN B 824 -3.90 37.41 -25.43
N LYS B 825 -3.63 36.21 -25.96
CA LYS B 825 -4.60 35.13 -26.02
C LYS B 825 -4.31 33.98 -25.07
N VAL B 826 -3.03 33.70 -24.81
CA VAL B 826 -2.65 32.63 -23.90
C VAL B 826 -2.52 33.19 -22.50
N THR B 827 -3.19 32.56 -21.54
CA THR B 827 -3.19 33.03 -20.17
C THR B 827 -2.54 32.00 -19.24
N LYS B 854 2.40 25.24 -4.55
CA LYS B 854 2.32 26.63 -4.11
C LYS B 854 3.26 26.85 -2.93
N PHE B 855 2.80 26.52 -1.72
CA PHE B 855 3.63 26.59 -0.52
C PHE B 855 3.81 25.23 0.13
N ASN B 856 3.65 24.16 -0.65
CA ASN B 856 3.77 22.79 -0.16
C ASN B 856 5.03 22.11 -0.69
N GLY B 857 6.04 22.91 -1.03
CA GLY B 857 7.26 22.39 -1.61
C GLY B 857 7.24 22.33 -3.12
N LEU B 858 6.20 22.85 -3.75
CA LEU B 858 6.05 22.85 -5.20
C LEU B 858 6.46 24.22 -5.71
N THR B 859 7.48 24.25 -6.56
CA THR B 859 8.00 25.49 -7.10
C THR B 859 8.07 25.39 -8.62
N VAL B 860 8.23 26.55 -9.26
CA VAL B 860 8.33 26.64 -10.71
C VAL B 860 9.66 27.31 -11.04
N LEU B 861 10.44 26.66 -11.86
CA LEU B 861 11.69 27.31 -12.26
C LEU B 861 11.46 28.18 -13.48
N PRO B 862 12.20 29.29 -13.61
CA PRO B 862 12.09 30.10 -14.81
C PRO B 862 12.74 29.40 -15.98
N PRO B 863 12.31 29.70 -17.21
CA PRO B 863 13.02 29.18 -18.37
C PRO B 863 14.38 29.82 -18.53
N LEU B 864 15.28 29.10 -19.20
CA LEU B 864 16.61 29.64 -19.47
C LEU B 864 16.54 30.80 -20.45
N LEU B 865 15.72 30.68 -21.49
CA LEU B 865 15.58 31.70 -22.52
C LEU B 865 14.32 32.52 -22.24
N THR B 866 14.51 33.81 -22.00
CA THR B 866 13.37 34.68 -21.71
C THR B 866 12.59 34.97 -22.98
N ASP B 867 11.37 35.50 -22.79
CA ASP B 867 10.52 35.85 -23.92
C ASP B 867 11.19 36.87 -24.83
N GLU B 868 11.93 37.81 -24.23
CA GLU B 868 12.65 38.79 -25.05
C GLU B 868 13.70 38.11 -25.92
N MET B 869 14.42 37.13 -25.35
CA MET B 869 15.44 36.45 -26.14
C MET B 869 14.82 35.59 -27.23
N ILE B 870 13.67 34.98 -26.95
CA ILE B 870 12.98 34.22 -27.99
C ILE B 870 12.52 35.15 -29.10
N ALA B 871 11.99 36.32 -28.73
CA ALA B 871 11.59 37.30 -29.73
C ALA B 871 12.79 37.76 -30.56
N GLN B 872 13.94 37.93 -29.93
CA GLN B 872 15.13 38.32 -30.69
C GLN B 872 15.58 37.22 -31.63
N TYR B 873 15.46 35.96 -31.22
CA TYR B 873 15.82 34.86 -32.12
C TYR B 873 14.86 34.81 -33.31
N THR B 874 13.56 35.01 -33.06
CA THR B 874 12.61 34.99 -34.16
C THR B 874 12.81 36.19 -35.08
N SER B 875 13.20 37.33 -34.51
CA SER B 875 13.53 38.49 -35.34
C SER B 875 14.74 38.22 -36.20
N ALA B 876 15.77 37.59 -35.63
CA ALA B 876 16.96 37.27 -36.41
C ALA B 876 16.62 36.31 -37.53
N LEU B 877 15.81 35.29 -37.25
CA LEU B 877 15.45 34.32 -38.29
C LEU B 877 14.63 34.97 -39.37
N LEU B 878 13.70 35.86 -39.00
CA LEU B 878 12.85 36.52 -39.99
C LEU B 878 13.67 37.45 -40.87
N ALA B 879 14.54 38.26 -40.26
CA ALA B 879 15.39 39.15 -41.04
C ALA B 879 16.32 38.37 -41.95
N GLY B 880 16.87 37.26 -41.44
CA GLY B 880 17.73 36.43 -42.26
C GLY B 880 16.99 35.88 -43.46
N THR B 881 15.79 35.32 -43.24
CA THR B 881 15.03 34.79 -44.35
C THR B 881 14.73 35.88 -45.37
N ILE B 882 14.29 37.05 -44.91
CA ILE B 882 13.87 38.10 -45.82
C ILE B 882 15.04 38.61 -46.65
N THR B 883 16.20 38.78 -46.02
CA THR B 883 17.30 39.41 -46.73
C THR B 883 18.20 38.43 -47.45
N SER B 884 18.17 37.13 -47.13
CA SER B 884 19.12 36.22 -47.73
C SER B 884 18.54 34.89 -48.23
N GLY B 885 17.22 34.71 -48.25
CA GLY B 885 16.73 33.41 -48.69
C GLY B 885 17.24 32.31 -47.79
N TRP B 886 17.80 31.26 -48.38
CA TRP B 886 18.33 30.12 -47.67
C TRP B 886 19.83 30.21 -47.43
N THR B 887 20.47 31.29 -47.88
CA THR B 887 21.92 31.36 -47.79
C THR B 887 22.38 31.55 -46.35
N PHE B 888 21.58 32.23 -45.51
CA PHE B 888 21.98 32.38 -44.12
C PHE B 888 21.84 31.07 -43.36
N GLY B 889 20.95 30.19 -43.82
CA GLY B 889 20.79 28.89 -43.21
C GLY B 889 21.93 27.97 -43.59
N ALA B 890 22.26 27.96 -44.89
CA ALA B 890 23.32 27.07 -45.35
C ALA B 890 24.69 27.56 -44.90
N GLY B 891 24.94 28.85 -44.97
CA GLY B 891 26.23 29.44 -44.67
C GLY B 891 26.12 30.87 -44.19
N ALA B 892 26.77 31.79 -44.90
CA ALA B 892 26.70 33.21 -44.58
C ALA B 892 25.45 33.82 -45.20
N ALA B 893 24.97 34.89 -44.56
CA ALA B 893 23.80 35.61 -45.06
C ALA B 893 24.19 36.45 -46.25
N LEU B 894 23.67 36.08 -47.43
CA LEU B 894 24.00 36.74 -48.69
C LEU B 894 22.82 37.59 -49.10
N GLN B 895 23.00 38.91 -49.14
CA GLN B 895 21.89 39.80 -49.45
C GLN B 895 21.36 39.51 -50.85
N ILE B 896 20.04 39.56 -50.99
CA ILE B 896 19.41 39.34 -52.28
C ILE B 896 18.08 40.10 -52.34
N PRO B 897 17.74 40.71 -53.47
CA PRO B 897 16.42 41.33 -53.59
C PRO B 897 15.30 40.33 -53.35
N PHE B 898 14.26 40.79 -52.64
CA PHE B 898 13.17 39.90 -52.27
C PHE B 898 12.45 39.36 -53.48
N ALA B 899 12.27 40.18 -54.52
CA ALA B 899 11.61 39.71 -55.73
C ALA B 899 12.40 38.58 -56.37
N MET B 900 13.73 38.67 -56.35
CA MET B 900 14.56 37.59 -56.90
C MET B 900 14.48 36.34 -56.02
N GLN B 901 14.42 36.53 -54.70
CA GLN B 901 14.23 35.39 -53.81
C GLN B 901 12.92 34.67 -54.13
N MET B 902 11.85 35.43 -54.33
CA MET B 902 10.57 34.82 -54.72
C MET B 902 10.67 34.18 -56.09
N ALA B 903 11.49 34.73 -56.99
CA ALA B 903 11.69 34.09 -58.28
C ALA B 903 12.30 32.71 -58.10
N TYR B 904 13.24 32.58 -57.15
CA TYR B 904 13.79 31.26 -56.88
C TYR B 904 12.73 30.35 -56.29
N ARG B 905 11.91 30.90 -55.38
CA ARG B 905 10.87 30.10 -54.74
C ARG B 905 9.88 29.58 -55.76
N PHE B 906 9.56 30.39 -56.77
CA PHE B 906 8.65 29.95 -57.82
C PHE B 906 9.31 28.92 -58.73
N ASN B 907 10.58 29.11 -59.08
CA ASN B 907 11.28 28.11 -59.86
C ASN B 907 11.32 26.78 -59.12
N GLY B 908 11.40 26.82 -57.79
CA GLY B 908 11.43 25.60 -57.00
C GLY B 908 10.15 24.78 -57.02
N ILE B 909 9.04 25.37 -57.46
CA ILE B 909 7.77 24.65 -57.54
C ILE B 909 7.31 24.45 -58.98
N GLY B 910 8.18 24.68 -59.95
CA GLY B 910 7.82 24.46 -61.33
C GLY B 910 7.01 25.58 -61.98
N VAL B 911 7.14 26.81 -61.49
CA VAL B 911 6.48 27.96 -62.09
C VAL B 911 7.56 28.94 -62.50
N THR B 912 7.62 29.25 -63.78
CA THR B 912 8.68 30.10 -64.30
C THR B 912 8.61 31.50 -63.69
N GLN B 913 9.78 32.03 -63.33
CA GLN B 913 9.86 33.31 -62.62
C GLN B 913 9.23 34.48 -63.37
N ASN B 914 9.09 34.40 -64.69
CA ASN B 914 8.51 35.54 -65.40
C ASN B 914 7.06 35.77 -64.99
N VAL B 915 6.39 34.71 -64.52
CA VAL B 915 5.04 34.86 -64.01
C VAL B 915 5.06 35.73 -62.76
N LEU B 916 6.02 35.48 -61.88
CA LEU B 916 6.17 36.29 -60.68
C LEU B 916 6.42 37.74 -61.05
N TYR B 917 7.36 37.98 -61.98
CA TYR B 917 7.68 39.36 -62.29
C TYR B 917 6.51 40.08 -62.93
N GLU B 918 5.76 39.40 -63.81
CA GLU B 918 4.61 40.03 -64.43
C GLU B 918 3.47 40.28 -63.45
N ASN B 919 3.29 39.41 -62.45
CA ASN B 919 2.18 39.55 -61.51
C ASN B 919 2.62 39.96 -60.11
N GLN B 920 3.78 40.61 -60.01
CA GLN B 920 4.34 40.97 -58.71
C GLN B 920 3.39 41.81 -57.88
N LYS B 921 2.72 42.79 -58.50
CA LYS B 921 1.83 43.66 -57.73
C LYS B 921 0.64 42.88 -57.20
N LEU B 922 0.07 42.00 -58.02
CA LEU B 922 -1.05 41.19 -57.56
C LEU B 922 -0.62 40.27 -56.43
N ILE B 923 0.57 39.66 -56.57
CA ILE B 923 1.05 38.74 -55.54
C ILE B 923 1.29 39.47 -54.23
N ALA B 924 1.91 40.66 -54.30
CA ALA B 924 2.15 41.43 -53.08
C ALA B 924 0.84 41.83 -52.43
N ASN B 925 -0.16 42.23 -53.23
CA ASN B 925 -1.43 42.64 -52.63
C ASN B 925 -2.14 41.46 -51.99
N GLN B 926 -2.09 40.30 -52.64
CA GLN B 926 -2.72 39.11 -52.06
C GLN B 926 -1.99 38.68 -50.79
N PHE B 927 -0.67 38.78 -50.78
CA PHE B 927 0.09 38.45 -49.58
C PHE B 927 -0.29 39.37 -48.42
N ASN B 928 -0.36 40.67 -48.69
CA ASN B 928 -0.72 41.62 -47.64
C ASN B 928 -2.14 41.36 -47.14
N SER B 929 -3.05 41.01 -48.04
CA SER B 929 -4.42 40.72 -47.63
C SER B 929 -4.47 39.45 -46.78
N ALA B 930 -3.68 38.44 -47.15
CA ALA B 930 -3.60 37.23 -46.35
C ALA B 930 -3.06 37.53 -44.96
N ILE B 931 -2.07 38.43 -44.87
CA ILE B 931 -1.54 38.80 -43.56
C ILE B 931 -2.61 39.49 -42.72
N GLY B 932 -3.37 40.40 -43.34
CA GLY B 932 -4.47 41.03 -42.64
C GLY B 932 -5.50 40.01 -42.16
N LYS B 933 -5.77 39.00 -42.99
CA LYS B 933 -6.71 37.96 -42.60
C LYS B 933 -6.16 37.14 -41.44
N ILE B 934 -4.86 36.90 -41.42
CA ILE B 934 -4.23 36.20 -40.29
C ILE B 934 -4.39 37.03 -39.02
N GLN B 935 -4.21 38.35 -39.13
CA GLN B 935 -4.38 39.20 -37.97
C GLN B 935 -5.81 39.14 -37.46
N ASP B 936 -6.78 39.17 -38.37
CA ASP B 936 -8.18 39.12 -37.96
C ASP B 936 -8.51 37.78 -37.31
N SER B 937 -7.96 36.70 -37.87
CA SER B 937 -8.21 35.37 -37.31
C SER B 937 -7.64 35.26 -35.92
N LEU B 938 -6.38 35.67 -35.74
CA LEU B 938 -5.77 35.58 -34.41
C LEU B 938 -6.45 36.50 -33.41
N SER B 939 -6.95 37.66 -33.87
CA SER B 939 -7.61 38.61 -32.99
C SER B 939 -9.05 38.22 -32.68
N SER B 940 -9.65 37.29 -33.42
CA SER B 940 -11.06 36.98 -33.21
C SER B 940 -11.35 35.53 -32.83
N THR B 941 -10.48 34.57 -33.13
CA THR B 941 -10.75 33.15 -32.85
C THR B 941 -9.90 32.72 -31.66
N ALA B 942 -10.53 32.64 -30.49
CA ALA B 942 -9.81 32.24 -29.28
C ALA B 942 -9.34 30.79 -29.36
N SER B 943 -10.11 29.93 -30.01
CA SER B 943 -9.80 28.51 -30.11
C SER B 943 -8.55 28.22 -30.95
N ALA B 944 -8.03 29.21 -31.67
CA ALA B 944 -6.86 28.99 -32.53
C ALA B 944 -5.67 28.44 -31.75
N LEU B 945 -5.54 28.78 -30.47
CA LEU B 945 -4.39 28.40 -29.66
C LEU B 945 -4.69 27.20 -28.75
N GLY B 946 -5.68 26.38 -29.12
CA GLY B 946 -6.04 25.24 -28.29
C GLY B 946 -4.89 24.28 -28.03
N LYS B 947 -3.98 24.11 -28.99
CA LYS B 947 -2.90 23.16 -28.80
C LYS B 947 -1.99 23.56 -27.65
N LEU B 948 -1.86 24.86 -27.38
CA LEU B 948 -1.06 25.32 -26.25
C LEU B 948 -1.88 25.48 -25.00
N GLN B 949 -3.14 25.89 -25.15
CA GLN B 949 -4.00 26.03 -23.98
C GLN B 949 -4.26 24.68 -23.33
N ASP B 950 -4.33 23.62 -24.13
CA ASP B 950 -4.53 22.28 -23.57
C ASP B 950 -3.31 21.82 -22.78
N VAL B 951 -2.11 22.17 -23.24
CA VAL B 951 -0.91 21.80 -22.49
C VAL B 951 -0.85 22.56 -21.18
N VAL B 952 -1.14 23.86 -21.22
CA VAL B 952 -1.16 24.66 -20.00
C VAL B 952 -2.20 24.11 -19.03
N ASN B 953 -3.38 23.75 -19.56
CA ASN B 953 -4.45 23.22 -18.72
C ASN B 953 -4.06 21.87 -18.12
N GLN B 954 -3.40 21.02 -18.90
CA GLN B 954 -3.00 19.72 -18.39
C GLN B 954 -1.98 19.87 -17.26
N ASN B 955 -1.05 20.81 -17.40
CA ASN B 955 -0.06 20.98 -16.33
C ASN B 955 -0.69 21.59 -15.09
N ALA B 956 -1.60 22.55 -15.29
CA ALA B 956 -2.32 23.13 -14.15
C ALA B 956 -3.18 22.09 -13.46
N GLN B 957 -3.82 21.22 -14.24
CA GLN B 957 -4.67 20.17 -13.66
C GLN B 957 -3.83 19.17 -12.90
N ALA B 958 -2.66 18.80 -13.42
CA ALA B 958 -1.80 17.87 -12.71
C ALA B 958 -1.33 18.46 -11.40
N LEU B 959 -0.95 19.74 -11.41
CA LEU B 959 -0.48 20.36 -10.17
C LEU B 959 -1.62 20.52 -9.17
N ASN B 960 -2.81 20.87 -9.65
CA ASN B 960 -3.96 21.01 -8.75
C ASN B 960 -4.36 19.66 -8.16
N THR B 961 -4.26 18.60 -8.95
CA THR B 961 -4.56 17.26 -8.45
C THR B 961 -3.54 16.86 -7.39
N LEU B 962 -2.26 17.12 -7.66
CA LEU B 962 -1.22 16.78 -6.68
C LEU B 962 -1.45 17.53 -5.37
N VAL B 963 -1.78 18.82 -5.46
CA VAL B 963 -2.01 19.59 -4.25
C VAL B 963 -3.25 19.09 -3.52
N LYS B 964 -4.34 18.84 -4.25
CA LYS B 964 -5.57 18.36 -3.63
C LYS B 964 -5.38 17.01 -2.95
N GLN B 965 -4.46 16.18 -3.45
CA GLN B 965 -4.24 14.88 -2.84
C GLN B 965 -3.80 14.98 -1.39
N LEU B 966 -3.28 16.14 -0.97
CA LEU B 966 -2.88 16.29 0.43
C LEU B 966 -4.07 16.26 1.37
N SER B 967 -5.27 16.54 0.87
CA SER B 967 -6.46 16.53 1.71
C SER B 967 -7.02 15.13 1.94
N SER B 968 -6.49 14.13 1.26
CA SER B 968 -7.01 12.78 1.39
C SER B 968 -6.46 12.12 2.64
N ASN B 969 -7.28 11.24 3.23
CA ASN B 969 -6.89 10.56 4.45
C ASN B 969 -6.05 9.31 4.19
N PHE B 970 -6.32 8.62 3.08
CA PHE B 970 -5.64 7.37 2.74
C PHE B 970 -5.76 6.32 3.84
N GLY B 971 -6.84 6.41 4.62
CA GLY B 971 -7.07 5.49 5.71
C GLY B 971 -6.70 6.02 7.07
N ALA B 972 -6.01 7.15 7.14
CA ALA B 972 -5.63 7.72 8.42
C ALA B 972 -6.81 8.37 9.12
N ILE B 973 -6.66 8.55 10.43
CA ILE B 973 -7.70 9.22 11.21
C ILE B 973 -7.83 10.69 10.83
N SER B 974 -6.79 11.28 10.25
CA SER B 974 -6.82 12.67 9.83
C SER B 974 -5.79 12.89 8.75
N SER B 975 -6.11 13.75 7.79
CA SER B 975 -5.16 14.11 6.75
C SER B 975 -4.05 15.05 7.23
N VAL B 976 -4.21 15.67 8.39
CA VAL B 976 -3.27 16.67 8.87
C VAL B 976 -2.17 15.98 9.67
N LEU B 977 -0.94 16.09 9.18
CA LEU B 977 0.19 15.44 9.84
C LEU B 977 0.43 16.06 11.22
N ASN B 978 0.29 17.38 11.33
CA ASN B 978 0.46 18.03 12.62
C ASN B 978 -0.66 17.64 13.59
N ASP B 979 -1.86 17.37 13.07
CA ASP B 979 -2.94 16.94 13.95
C ASP B 979 -2.75 15.50 14.40
N ILE B 980 -2.08 14.68 13.59
CA ILE B 980 -1.75 13.33 14.05
C ILE B 980 -0.65 13.40 15.10
N LEU B 981 0.41 14.18 14.84
CA LEU B 981 1.53 14.25 15.76
C LEU B 981 1.11 14.87 17.09
N SER B 982 0.21 15.84 17.06
CA SER B 982 -0.25 16.49 18.28
C SER B 982 -1.27 15.68 19.07
N ARG B 983 -1.78 14.58 18.51
CA ARG B 983 -2.79 13.79 19.19
C ARG B 983 -2.38 12.37 19.54
N LEU B 984 -1.45 11.77 18.79
CA LEU B 984 -1.09 10.38 19.01
C LEU B 984 0.33 10.23 19.53
N ASP B 985 0.50 9.26 20.42
CA ASP B 985 1.82 8.82 20.84
C ASP B 985 2.53 8.10 19.70
N PRO B 986 3.87 8.12 19.70
CA PRO B 986 4.65 7.47 18.61
C PRO B 986 4.13 6.10 18.19
N PRO B 987 3.78 5.19 19.11
CA PRO B 987 3.41 3.83 18.66
C PRO B 987 2.26 3.78 17.67
N GLU B 988 1.40 4.79 17.64
CA GLU B 988 0.29 4.86 16.69
C GLU B 988 0.51 5.94 15.65
N ALA B 989 1.18 7.03 16.04
CA ALA B 989 1.48 8.09 15.10
C ALA B 989 2.37 7.58 13.98
N GLU B 990 3.29 6.66 14.31
CA GLU B 990 4.16 6.12 13.27
C GLU B 990 3.35 5.34 12.24
N VAL B 991 2.31 4.65 12.68
CA VAL B 991 1.46 3.92 11.74
C VAL B 991 0.67 4.88 10.87
N GLN B 992 0.09 5.91 11.49
CA GLN B 992 -0.69 6.86 10.72
C GLN B 992 0.18 7.62 9.72
N ILE B 993 1.42 7.93 10.13
CA ILE B 993 2.35 8.61 9.24
C ILE B 993 2.78 7.68 8.11
N ASP B 994 3.01 6.41 8.42
CA ASP B 994 3.32 5.45 7.35
C ASP B 994 2.19 5.38 6.33
N ARG B 995 0.94 5.44 6.79
CA ARG B 995 -0.17 5.42 5.85
C ARG B 995 -0.18 6.67 4.98
N LEU B 996 0.05 7.84 5.59
CA LEU B 996 0.05 9.06 4.81
C LEU B 996 1.23 9.09 3.85
N ILE B 997 2.38 8.56 4.28
CA ILE B 997 3.55 8.50 3.42
C ILE B 997 3.29 7.60 2.23
N THR B 998 2.65 6.45 2.46
CA THR B 998 2.33 5.56 1.35
C THR B 998 1.43 6.26 0.35
N GLY B 999 0.37 6.92 0.84
CA GLY B 999 -0.54 7.58 -0.07
C GLY B 999 0.10 8.71 -0.84
N ARG B 1000 0.89 9.54 -0.16
CA ARG B 1000 1.49 10.70 -0.79
C ARG B 1000 2.63 10.30 -1.72
N LEU B 1001 3.37 9.25 -1.38
CA LEU B 1001 4.42 8.77 -2.25
C LEU B 1001 3.83 8.17 -3.52
N GLN B 1002 2.73 7.43 -3.39
CA GLN B 1002 2.06 6.92 -4.59
C GLN B 1002 1.55 8.07 -5.45
N SER B 1003 1.03 9.12 -4.82
CA SER B 1003 0.56 10.28 -5.57
C SER B 1003 1.71 10.94 -6.31
N LEU B 1004 2.86 11.11 -5.64
CA LEU B 1004 4.02 11.69 -6.29
C LEU B 1004 4.50 10.82 -7.45
N GLN B 1005 4.51 9.50 -7.26
CA GLN B 1005 4.95 8.62 -8.34
C GLN B 1005 4.03 8.75 -9.54
N THR B 1006 2.72 8.86 -9.30
CA THR B 1006 1.78 9.06 -10.40
C THR B 1006 2.05 10.38 -11.10
N TYR B 1007 2.26 11.45 -10.32
CA TYR B 1007 2.55 12.75 -10.90
C TYR B 1007 3.81 12.69 -11.76
N VAL B 1008 4.87 12.09 -11.24
CA VAL B 1008 6.13 12.02 -11.97
C VAL B 1008 5.98 11.21 -13.26
N THR B 1009 5.25 10.10 -13.19
CA THR B 1009 5.02 9.30 -14.40
C THR B 1009 4.26 10.12 -15.44
N GLN B 1010 3.23 10.84 -15.02
CA GLN B 1010 2.47 11.66 -15.97
C GLN B 1010 3.33 12.76 -16.55
N GLN B 1011 4.21 13.34 -15.73
CA GLN B 1011 5.07 14.40 -16.23
C GLN B 1011 6.11 13.85 -17.20
N LEU B 1012 6.60 12.63 -16.96
CA LEU B 1012 7.57 12.05 -17.89
C LEU B 1012 6.91 11.72 -19.22
N ILE B 1013 5.68 11.20 -19.19
CA ILE B 1013 5.02 10.86 -20.45
C ILE B 1013 4.69 12.13 -21.23
N ARG B 1014 4.14 13.13 -20.55
CA ARG B 1014 3.83 14.39 -21.22
C ARG B 1014 5.11 15.06 -21.73
N ALA B 1015 6.20 14.97 -20.96
CA ALA B 1015 7.47 15.53 -21.40
C ALA B 1015 7.99 14.82 -22.64
N ALA B 1016 7.82 13.50 -22.72
CA ALA B 1016 8.24 12.79 -23.92
C ALA B 1016 7.42 13.22 -25.13
N GLU B 1017 6.11 13.41 -24.93
CA GLU B 1017 5.27 13.89 -26.02
C GLU B 1017 5.68 15.29 -26.46
N ILE B 1018 5.95 16.17 -25.49
CA ILE B 1018 6.39 17.53 -25.81
C ILE B 1018 7.73 17.50 -26.52
N ARG B 1019 8.62 16.61 -26.12
CA ARG B 1019 9.91 16.47 -26.79
C ARG B 1019 9.71 16.07 -28.24
N ALA B 1020 8.81 15.12 -28.49
CA ALA B 1020 8.54 14.73 -29.87
C ALA B 1020 7.96 15.90 -30.66
N SER B 1021 7.06 16.67 -30.05
CA SER B 1021 6.51 17.84 -30.72
C SER B 1021 7.58 18.87 -31.00
N ALA B 1022 8.50 19.08 -30.06
CA ALA B 1022 9.59 20.03 -30.24
C ALA B 1022 10.52 19.59 -31.35
N ASN B 1023 10.79 18.28 -31.45
CA ASN B 1023 11.62 17.78 -32.53
C ASN B 1023 10.93 17.99 -33.87
N LEU B 1024 9.63 17.77 -33.91
CA LEU B 1024 8.89 18.04 -35.15
C LEU B 1024 8.96 19.52 -35.50
N ALA B 1025 8.82 20.39 -34.49
CA ALA B 1025 8.90 21.82 -34.73
C ALA B 1025 10.28 22.24 -35.23
N ALA B 1026 11.34 21.66 -34.67
CA ALA B 1026 12.68 21.98 -35.12
C ALA B 1026 12.91 21.49 -36.54
N THR B 1027 12.40 20.31 -36.87
CA THR B 1027 12.51 19.82 -38.25
C THR B 1027 11.77 20.74 -39.20
N LYS B 1028 10.58 21.20 -38.80
CA LYS B 1028 9.84 22.14 -39.63
C LYS B 1028 10.60 23.45 -39.79
N MET B 1029 11.18 23.96 -38.71
CA MET B 1029 11.96 25.19 -38.80
C MET B 1029 13.08 25.02 -39.83
N SER B 1030 13.84 23.93 -39.72
CA SER B 1030 15.00 23.74 -40.58
C SER B 1030 14.59 23.55 -42.04
N GLU B 1031 13.55 22.76 -42.29
CA GLU B 1031 13.17 22.43 -43.66
C GLU B 1031 12.04 23.30 -44.18
N CYS B 1032 11.72 24.39 -43.49
CA CYS B 1032 10.57 25.19 -43.86
C CYS B 1032 10.91 26.66 -43.89
N VAL B 1033 11.57 27.15 -42.84
CA VAL B 1033 11.96 28.55 -42.77
C VAL B 1033 13.32 28.79 -43.43
N LEU B 1034 14.31 27.96 -43.08
CA LEU B 1034 15.65 28.17 -43.62
C LEU B 1034 15.77 27.75 -45.07
N GLY B 1035 14.93 26.85 -45.55
CA GLY B 1035 15.01 26.40 -46.92
C GLY B 1035 13.66 26.48 -47.62
N GLN B 1036 13.43 25.54 -48.52
CA GLN B 1036 12.16 25.40 -49.22
C GLN B 1036 11.83 23.91 -49.30
N SER B 1037 10.63 23.56 -48.88
CA SER B 1037 10.24 22.17 -48.75
C SER B 1037 9.53 21.68 -49.99
N LYS B 1038 9.99 20.54 -50.52
CA LYS B 1038 9.30 19.85 -51.59
C LYS B 1038 8.33 18.81 -51.05
N ARG B 1039 8.24 18.70 -49.73
CA ARG B 1039 7.39 17.73 -49.06
C ARG B 1039 5.97 18.27 -49.04
N VAL B 1040 5.03 17.51 -49.62
CA VAL B 1040 3.66 17.97 -49.75
C VAL B 1040 2.99 17.99 -48.38
N ASP B 1041 2.33 19.11 -48.07
CA ASP B 1041 1.61 19.36 -46.83
C ASP B 1041 2.47 19.24 -45.59
N PHE B 1042 3.79 19.25 -45.74
CA PHE B 1042 4.66 19.36 -44.57
C PHE B 1042 4.61 20.77 -44.00
N CYS B 1043 4.54 21.77 -44.89
CA CYS B 1043 4.49 23.19 -44.52
C CYS B 1043 3.20 23.83 -44.99
N GLY B 1044 2.08 23.21 -44.67
CA GLY B 1044 0.78 23.74 -45.02
C GLY B 1044 0.28 23.19 -46.35
N LYS B 1045 -1.01 23.35 -46.58
CA LYS B 1045 -1.62 22.85 -47.81
C LYS B 1045 -1.25 23.76 -48.96
N GLY B 1046 -0.87 23.15 -50.07
CA GLY B 1046 -0.42 23.85 -51.26
C GLY B 1046 1.05 23.61 -51.50
N TYR B 1047 1.58 24.31 -52.50
CA TYR B 1047 3.00 24.21 -52.82
C TYR B 1047 3.76 25.21 -51.97
N HIS B 1048 4.63 24.72 -51.09
CA HIS B 1048 5.30 25.59 -50.15
C HIS B 1048 6.28 26.51 -50.85
N LEU B 1049 6.26 27.78 -50.47
CA LEU B 1049 7.26 28.75 -50.90
C LEU B 1049 8.21 29.09 -49.77
N MET B 1050 7.70 29.67 -48.69
CA MET B 1050 8.54 30.10 -47.58
C MET B 1050 7.68 30.14 -46.32
N SER B 1051 8.34 30.17 -45.17
CA SER B 1051 7.66 30.26 -43.89
C SER B 1051 8.33 31.31 -43.01
N PHE B 1052 7.55 31.86 -42.09
CA PHE B 1052 8.03 32.88 -41.16
C PHE B 1052 7.68 32.43 -39.75
N PRO B 1053 8.66 32.34 -38.84
CA PRO B 1053 8.34 31.97 -37.46
C PRO B 1053 7.81 33.15 -36.67
N GLN B 1054 6.98 32.83 -35.68
CA GLN B 1054 6.54 33.79 -34.70
C GLN B 1054 6.59 33.15 -33.32
N SER B 1055 7.00 33.92 -32.32
CA SER B 1055 7.09 33.37 -30.98
C SER B 1055 5.71 33.37 -30.32
N ALA B 1056 5.55 32.50 -29.33
CA ALA B 1056 4.31 32.44 -28.57
C ALA B 1056 4.64 31.91 -27.18
N PRO B 1057 3.76 32.16 -26.20
CA PRO B 1057 3.97 31.58 -24.86
C PRO B 1057 4.08 30.07 -24.91
N HIS B 1058 5.21 29.55 -24.42
CA HIS B 1058 5.46 28.11 -24.36
C HIS B 1058 5.25 27.42 -25.70
N GLY B 1059 5.57 28.09 -26.79
CA GLY B 1059 5.39 27.48 -28.09
C GLY B 1059 5.87 28.39 -29.20
N VAL B 1060 5.71 27.91 -30.43
CA VAL B 1060 6.12 28.62 -31.62
C VAL B 1060 4.97 28.57 -32.63
N VAL B 1061 4.80 29.66 -33.38
CA VAL B 1061 3.77 29.76 -34.41
C VAL B 1061 4.45 29.99 -35.76
N PHE B 1062 4.09 29.17 -36.75
CA PHE B 1062 4.64 29.27 -38.09
C PHE B 1062 3.59 29.86 -39.03
N LEU B 1063 4.00 30.84 -39.82
CA LEU B 1063 3.18 31.37 -40.90
C LEU B 1063 3.68 30.78 -42.20
N HIS B 1064 2.89 29.90 -42.81
CA HIS B 1064 3.27 29.21 -44.04
C HIS B 1064 2.66 29.92 -45.23
N VAL B 1065 3.50 30.36 -46.15
CA VAL B 1065 3.07 31.01 -47.38
C VAL B 1065 3.10 29.97 -48.49
N THR B 1066 1.95 29.69 -49.10
CA THR B 1066 1.83 28.61 -50.06
C THR B 1066 1.22 29.12 -51.36
N TYR B 1067 1.57 28.45 -52.46
CA TYR B 1067 1.05 28.74 -53.78
C TYR B 1067 -0.09 27.77 -54.08
N VAL B 1068 -1.28 28.29 -54.32
CA VAL B 1068 -2.46 27.46 -54.59
C VAL B 1068 -3.07 27.86 -55.92
N PRO B 1069 -3.18 26.94 -56.87
CA PRO B 1069 -3.92 27.23 -58.11
C PRO B 1069 -5.36 27.63 -57.81
N ALA B 1070 -5.84 28.64 -58.53
CA ALA B 1070 -7.14 29.24 -58.25
C ALA B 1070 -8.21 29.00 -59.31
N GLN B 1071 -7.89 29.13 -60.59
CA GLN B 1071 -8.88 28.99 -61.65
C GLN B 1071 -8.34 28.10 -62.75
N GLU B 1072 -9.24 27.30 -63.35
CA GLU B 1072 -8.85 26.31 -64.35
C GLU B 1072 -9.80 26.34 -65.53
N LYS B 1073 -9.31 25.89 -66.67
CA LYS B 1073 -10.11 25.70 -67.87
C LYS B 1073 -9.91 24.29 -68.40
N ASN B 1074 -10.91 23.78 -69.11
CA ASN B 1074 -10.85 22.47 -69.74
C ASN B 1074 -10.14 22.61 -71.09
N PHE B 1075 -8.96 22.01 -71.21
CA PHE B 1075 -8.21 21.98 -72.46
C PHE B 1075 -8.08 20.56 -72.97
N THR B 1076 -8.01 20.42 -74.29
CA THR B 1076 -7.71 19.14 -74.91
C THR B 1076 -6.20 18.96 -75.00
N THR B 1077 -5.73 17.74 -74.75
CA THR B 1077 -4.31 17.45 -74.72
C THR B 1077 -4.00 16.23 -75.57
N ALA B 1078 -2.70 15.93 -75.66
CA ALA B 1078 -2.18 14.77 -76.36
C ALA B 1078 -0.82 14.47 -75.78
N PRO B 1079 -0.45 13.20 -75.63
CA PRO B 1079 0.87 12.89 -75.05
C PRO B 1079 2.04 13.25 -75.94
N ALA B 1080 1.84 13.36 -77.25
CA ALA B 1080 2.94 13.63 -78.15
C ALA B 1080 2.39 14.16 -79.46
N ILE B 1081 3.26 14.83 -80.23
CA ILE B 1081 2.89 15.42 -81.51
C ILE B 1081 3.81 14.90 -82.61
N CYS B 1082 3.21 14.50 -83.73
CA CYS B 1082 3.95 14.12 -84.94
C CYS B 1082 4.21 15.34 -85.81
N HIS B 1083 5.43 15.41 -86.35
CA HIS B 1083 5.77 16.46 -87.32
C HIS B 1083 6.11 15.88 -88.68
N ASP B 1084 7.26 15.21 -88.82
CA ASP B 1084 7.63 14.55 -90.06
C ASP B 1084 7.62 13.03 -89.93
N GLY B 1085 6.88 12.52 -88.96
CA GLY B 1085 6.92 11.12 -88.59
C GLY B 1085 7.71 10.87 -87.33
N LYS B 1086 8.44 11.88 -86.86
CA LYS B 1086 9.19 11.84 -85.62
C LYS B 1086 8.25 12.15 -84.45
N ALA B 1087 8.53 11.54 -83.30
CA ALA B 1087 7.74 11.78 -82.11
C ALA B 1087 8.38 12.88 -81.28
N HIS B 1088 7.66 13.98 -81.11
CA HIS B 1088 8.14 15.14 -80.38
C HIS B 1088 7.54 15.15 -78.99
N PHE B 1089 8.39 15.27 -77.97
CA PHE B 1089 7.91 15.35 -76.60
C PHE B 1089 8.34 16.68 -75.98
N PRO B 1090 7.53 17.23 -75.09
CA PRO B 1090 7.92 18.49 -74.44
C PRO B 1090 9.12 18.31 -73.53
N ARG B 1091 10.00 19.31 -73.52
CA ARG B 1091 11.07 19.33 -72.53
C ARG B 1091 10.52 19.58 -71.14
N GLU B 1092 9.57 20.50 -71.02
CA GLU B 1092 8.84 20.76 -69.80
C GLU B 1092 7.40 21.04 -70.17
N GLY B 1093 6.47 20.59 -69.35
CA GLY B 1093 5.08 20.83 -69.63
C GLY B 1093 4.52 19.78 -70.56
N VAL B 1094 3.30 20.05 -71.02
CA VAL B 1094 2.59 19.12 -71.89
C VAL B 1094 2.02 19.88 -73.07
N PHE B 1095 1.62 19.12 -74.09
CA PHE B 1095 0.94 19.70 -75.24
C PHE B 1095 -0.55 19.86 -74.96
N VAL B 1096 -1.08 21.03 -75.33
CA VAL B 1096 -2.50 21.33 -75.17
C VAL B 1096 -3.00 21.93 -76.47
N SER B 1097 -4.31 21.86 -76.67
CA SER B 1097 -4.96 22.47 -77.81
C SER B 1097 -6.20 23.23 -77.35
N ASN B 1098 -6.36 24.44 -77.87
CA ASN B 1098 -7.55 25.24 -77.62
C ASN B 1098 -8.67 24.95 -78.61
N GLY B 1099 -8.51 23.92 -79.44
CA GLY B 1099 -9.48 23.55 -80.44
C GLY B 1099 -9.03 23.82 -81.86
N THR B 1100 -8.08 24.74 -82.06
CA THR B 1100 -7.59 25.02 -83.40
C THR B 1100 -6.06 24.96 -83.47
N HIS B 1101 -5.39 25.27 -82.37
CA HIS B 1101 -3.94 25.33 -82.35
C HIS B 1101 -3.39 24.56 -81.16
N TRP B 1102 -2.26 23.90 -81.35
CA TRP B 1102 -1.57 23.18 -80.30
C TRP B 1102 -0.47 24.05 -79.69
N PHE B 1103 -0.40 24.04 -78.35
CA PHE B 1103 0.62 24.80 -77.63
C PHE B 1103 1.24 23.94 -76.54
N VAL B 1104 2.40 24.37 -76.09
CA VAL B 1104 3.11 23.78 -74.96
C VAL B 1104 3.17 24.82 -73.85
N THR B 1105 2.89 24.39 -72.62
CA THR B 1105 2.88 25.33 -71.50
C THR B 1105 3.38 24.64 -70.25
N GLN B 1106 3.93 25.44 -69.35
CA GLN B 1106 4.39 24.92 -68.07
C GLN B 1106 3.23 24.34 -67.30
N ARG B 1107 3.50 23.25 -66.57
CA ARG B 1107 2.44 22.43 -66.00
C ARG B 1107 1.54 23.21 -65.04
N ASN B 1108 2.12 24.11 -64.26
CA ASN B 1108 1.40 24.75 -63.17
C ASN B 1108 0.89 26.16 -63.50
N PHE B 1109 0.96 26.58 -64.76
CA PHE B 1109 0.50 27.93 -65.12
C PHE B 1109 0.32 28.02 -66.62
N TYR B 1110 -0.88 28.38 -67.05
CA TYR B 1110 -1.17 28.43 -68.48
C TYR B 1110 -0.43 29.60 -69.12
N GLU B 1111 0.46 29.29 -70.06
CA GLU B 1111 1.27 30.29 -70.75
C GLU B 1111 1.64 29.73 -72.11
N PRO B 1112 0.71 29.76 -73.06
CA PRO B 1112 0.93 29.04 -74.33
C PRO B 1112 2.04 29.65 -75.15
N GLN B 1113 2.87 28.78 -75.71
CA GLN B 1113 3.96 29.18 -76.59
C GLN B 1113 3.87 28.39 -77.89
N ILE B 1114 4.42 28.95 -78.95
CA ILE B 1114 4.48 28.22 -80.21
C ILE B 1114 5.39 27.02 -80.05
N ILE B 1115 4.97 25.87 -80.58
CA ILE B 1115 5.74 24.64 -80.44
C ILE B 1115 6.91 24.71 -81.41
N THR B 1116 8.13 24.64 -80.86
CA THR B 1116 9.36 24.76 -81.63
C THR B 1116 10.35 23.68 -81.23
N THR B 1117 11.43 23.60 -82.00
CA THR B 1117 12.51 22.66 -81.69
C THR B 1117 13.28 23.06 -80.43
N ASP B 1118 13.07 24.27 -79.92
CA ASP B 1118 13.71 24.70 -78.69
C ASP B 1118 12.84 24.42 -77.48
N ASN B 1119 11.63 23.91 -77.70
CA ASN B 1119 10.71 23.52 -76.64
C ASN B 1119 10.59 22.03 -76.51
N THR B 1120 10.81 21.29 -77.59
CA THR B 1120 10.66 19.85 -77.62
C THR B 1120 11.96 19.19 -78.06
N PHE B 1121 12.00 17.87 -77.88
CA PHE B 1121 13.11 17.03 -78.32
C PHE B 1121 12.53 15.85 -79.07
N VAL B 1122 13.35 15.22 -79.91
CA VAL B 1122 12.90 14.14 -80.76
C VAL B 1122 13.41 12.83 -80.18
N SER B 1123 12.51 11.85 -80.07
CA SER B 1123 12.88 10.51 -79.62
C SER B 1123 11.90 9.51 -80.23
N GLY B 1124 12.42 8.56 -81.01
CA GLY B 1124 11.57 7.57 -81.61
C GLY B 1124 10.75 8.13 -82.76
N ASN B 1125 9.63 7.47 -83.03
CA ASN B 1125 8.78 7.80 -84.16
C ASN B 1125 7.31 7.63 -83.79
N CYS B 1126 6.44 8.02 -84.72
CA CYS B 1126 4.99 8.07 -84.51
C CYS B 1126 4.35 6.70 -84.34
N ASP B 1127 5.04 5.61 -84.66
CA ASP B 1127 4.43 4.29 -84.65
C ASP B 1127 4.47 3.63 -83.28
N VAL B 1128 5.03 4.28 -82.27
CA VAL B 1128 5.20 3.71 -80.95
C VAL B 1128 4.26 4.34 -79.94
N VAL B 1129 4.12 5.66 -79.97
CA VAL B 1129 3.41 6.38 -78.91
C VAL B 1129 1.91 6.28 -79.13
N ILE B 1130 1.19 5.85 -78.10
CA ILE B 1130 -0.25 5.72 -78.17
C ILE B 1130 -0.90 7.09 -77.98
N GLY B 1131 -1.71 7.51 -78.94
CA GLY B 1131 -2.39 8.79 -78.86
C GLY B 1131 -1.66 9.97 -79.44
N ILE B 1132 -0.54 9.75 -80.13
CA ILE B 1132 0.18 10.86 -80.74
C ILE B 1132 -0.66 11.46 -81.86
N VAL B 1133 -0.61 12.79 -82.00
CA VAL B 1133 -1.43 13.49 -82.97
C VAL B 1133 -0.53 14.21 -83.97
N ASN B 1134 -1.12 14.55 -85.12
CA ASN B 1134 -0.43 15.28 -86.17
C ASN B 1134 -0.50 16.78 -85.94
N ASN B 1135 0.63 17.45 -86.10
CA ASN B 1135 0.68 18.91 -86.10
C ASN B 1135 1.96 19.33 -86.80
N THR B 1136 2.37 20.58 -86.61
CA THR B 1136 3.62 21.09 -87.14
C THR B 1136 4.46 21.70 -86.03
N VAL B 1137 5.77 21.59 -86.16
CA VAL B 1137 6.72 22.17 -85.23
C VAL B 1137 7.51 23.25 -85.96
N TYR B 1138 7.43 24.47 -85.46
CA TYR B 1138 8.09 25.60 -86.10
C TYR B 1138 9.59 25.56 -85.83
N ASP B 1139 10.39 25.75 -86.87
CA ASP B 1139 11.84 25.78 -86.72
C ASP B 1139 12.33 27.21 -86.88
N PRO B 1140 12.75 27.88 -85.80
CA PRO B 1140 13.22 29.27 -85.94
C PRO B 1140 14.39 29.44 -86.87
N LEU B 1141 15.15 28.37 -87.16
CA LEU B 1141 16.30 28.48 -88.03
C LEU B 1141 15.89 28.63 -89.49
N GLN B 1142 14.79 27.98 -89.88
CA GLN B 1142 14.33 27.97 -91.26
C GLN B 1142 14.19 29.38 -91.84
N PRO B 1143 13.44 30.31 -91.23
CA PRO B 1143 13.35 31.66 -91.83
C PRO B 1143 14.68 32.39 -91.81
N GLU B 1144 15.58 32.02 -90.90
CA GLU B 1144 16.88 32.68 -90.81
C GLU B 1144 17.78 32.26 -91.97
N LEU B 1145 17.62 31.03 -92.45
CA LEU B 1145 18.35 30.59 -93.62
C LEU B 1145 17.63 30.98 -94.91
N ASP B 1146 16.30 31.12 -94.85
CA ASP B 1146 15.56 31.56 -96.04
C ASP B 1146 15.83 33.02 -96.35
N SER B 1147 15.89 33.86 -95.33
CA SER B 1147 16.16 35.29 -95.53
C SER B 1147 17.66 35.55 -95.63
N GLN C 14 -13.81 -67.69 9.16
CA GLN C 14 -14.00 -66.24 9.17
C GLN C 14 -12.67 -65.50 9.14
N CYS C 15 -11.60 -66.17 9.57
CA CYS C 15 -10.29 -65.54 9.60
C CYS C 15 -9.21 -66.47 9.02
N VAL C 16 -9.61 -67.35 8.09
CA VAL C 16 -8.68 -68.32 7.54
C VAL C 16 -7.53 -67.58 6.86
N ASN C 17 -6.34 -68.16 6.92
CA ASN C 17 -5.20 -67.62 6.22
C ASN C 17 -5.22 -68.03 4.76
N LEU C 18 -4.27 -67.49 3.99
CA LEU C 18 -4.13 -67.83 2.58
C LEU C 18 -2.69 -67.52 2.18
N THR C 19 -1.87 -68.56 2.10
CA THR C 19 -0.42 -68.43 1.97
C THR C 19 0.11 -69.34 0.88
N THR C 20 -0.53 -69.32 -0.29
CA THR C 20 0.05 -69.95 -1.46
C THR C 20 1.38 -69.27 -1.81
N ARG C 21 2.38 -70.07 -2.15
CA ARG C 21 3.74 -69.59 -2.30
C ARG C 21 4.16 -69.70 -3.77
N THR C 22 3.91 -68.62 -4.52
CA THR C 22 4.43 -68.46 -5.88
C THR C 22 5.06 -67.07 -5.94
N GLN C 23 6.38 -67.02 -5.87
CA GLN C 23 7.11 -65.75 -5.87
C GLN C 23 7.45 -65.31 -7.28
N LEU C 24 7.08 -64.07 -7.61
CA LEU C 24 7.48 -63.44 -8.86
C LEU C 24 7.84 -62.00 -8.55
N PRO C 25 8.86 -61.44 -9.23
CA PRO C 25 9.28 -60.09 -8.91
C PRO C 25 8.25 -59.07 -9.34
N PRO C 26 8.19 -57.91 -8.68
CA PRO C 26 7.24 -56.88 -9.09
C PRO C 26 7.64 -56.22 -10.39
N ALA C 27 6.66 -56.02 -11.26
CA ALA C 27 6.86 -55.41 -12.56
C ALA C 27 6.56 -53.93 -12.52
N TYR C 28 7.15 -53.20 -13.46
CA TYR C 28 6.98 -51.75 -13.55
C TYR C 28 6.53 -51.37 -14.95
N THR C 29 5.81 -50.25 -15.03
CA THR C 29 5.29 -49.75 -16.28
C THR C 29 5.27 -48.23 -16.23
N ASN C 30 5.23 -47.62 -17.41
CA ASN C 30 5.18 -46.17 -17.53
C ASN C 30 3.76 -45.71 -17.81
N SER C 31 3.27 -44.77 -17.00
CA SER C 31 1.96 -44.17 -17.21
C SER C 31 2.12 -42.98 -18.14
N PHE C 32 1.89 -43.22 -19.43
CA PHE C 32 2.18 -42.22 -20.46
C PHE C 32 1.43 -40.93 -20.17
N THR C 33 0.10 -40.99 -20.21
CA THR C 33 -0.76 -39.85 -19.87
C THR C 33 -2.01 -40.45 -19.23
N ARG C 34 -1.97 -40.58 -17.90
CA ARG C 34 -3.06 -41.18 -17.14
C ARG C 34 -3.08 -40.56 -15.75
N GLY C 35 -4.25 -40.58 -15.12
CA GLY C 35 -4.41 -40.02 -13.81
C GLY C 35 -4.94 -38.60 -13.77
N VAL C 36 -5.39 -38.07 -14.89
CA VAL C 36 -5.92 -36.71 -14.93
C VAL C 36 -7.36 -36.72 -14.44
N TYR C 37 -7.70 -35.76 -13.59
CA TYR C 37 -9.03 -35.68 -13.00
C TYR C 37 -9.46 -34.22 -12.92
N TYR C 38 -10.76 -34.01 -13.00
CA TYR C 38 -11.32 -32.67 -12.89
C TYR C 38 -11.03 -32.14 -11.48
N PRO C 39 -10.15 -31.15 -11.34
CA PRO C 39 -9.78 -30.69 -9.99
C PRO C 39 -10.94 -30.07 -9.23
N ASP C 40 -11.90 -29.48 -9.94
CA ASP C 40 -13.03 -28.82 -9.33
C ASP C 40 -14.29 -29.17 -10.12
N LYS C 41 -15.45 -28.90 -9.51
CA LYS C 41 -16.73 -29.17 -10.16
C LYS C 41 -17.19 -27.91 -10.89
N VAL C 42 -16.35 -27.49 -11.84
CA VAL C 42 -16.60 -26.29 -12.63
C VAL C 42 -16.59 -26.67 -14.10
N PHE C 43 -17.39 -25.97 -14.88
CA PHE C 43 -17.51 -26.20 -16.32
C PHE C 43 -16.63 -25.22 -17.08
N ARG C 44 -15.85 -25.75 -18.02
CA ARG C 44 -15.02 -24.92 -18.88
C ARG C 44 -15.07 -25.48 -20.29
N SER C 45 -15.04 -24.60 -21.28
CA SER C 45 -15.16 -25.00 -22.67
C SER C 45 -14.26 -24.12 -23.53
N SER C 46 -13.58 -24.75 -24.50
CA SER C 46 -12.70 -24.06 -25.43
C SER C 46 -11.80 -23.07 -24.69
N VAL C 47 -11.10 -23.58 -23.68
CA VAL C 47 -10.20 -22.77 -22.86
C VAL C 47 -9.11 -23.67 -22.31
N LEU C 48 -7.91 -23.10 -22.18
CA LEU C 48 -6.79 -23.79 -21.56
C LEU C 48 -6.59 -23.24 -20.16
N HIS C 49 -6.54 -24.15 -19.18
CA HIS C 49 -6.51 -23.79 -17.77
C HIS C 49 -5.34 -24.48 -17.09
N SER C 50 -4.57 -23.71 -16.32
CA SER C 50 -3.41 -24.21 -15.60
C SER C 50 -3.71 -24.28 -14.11
N THR C 51 -3.52 -25.46 -13.52
CA THR C 51 -3.82 -25.68 -12.11
C THR C 51 -2.76 -26.57 -11.49
N GLN C 52 -2.43 -26.28 -10.23
CA GLN C 52 -1.50 -27.09 -9.46
C GLN C 52 -2.31 -27.95 -8.47
N ASP C 53 -2.03 -29.25 -8.48
CA ASP C 53 -2.73 -30.20 -7.62
C ASP C 53 -1.98 -31.52 -7.64
N LEU C 54 -2.34 -32.40 -6.71
CA LEU C 54 -1.72 -33.72 -6.62
C LEU C 54 -2.11 -34.53 -7.86
N PHE C 55 -1.16 -34.71 -8.77
CA PHE C 55 -1.38 -35.45 -10.00
C PHE C 55 -0.36 -36.57 -10.13
N LEU C 56 -0.65 -37.47 -11.07
CA LEU C 56 0.29 -38.52 -11.43
C LEU C 56 1.17 -38.00 -12.55
N PRO C 57 2.47 -37.79 -12.32
CA PRO C 57 3.35 -37.27 -13.38
C PRO C 57 3.30 -38.15 -14.62
N PHE C 58 3.51 -37.51 -15.78
CA PHE C 58 3.45 -38.24 -17.03
C PHE C 58 4.66 -39.15 -17.17
N PHE C 59 4.45 -40.29 -17.83
CA PHE C 59 5.48 -41.32 -17.99
C PHE C 59 6.10 -41.68 -16.64
N SER C 60 5.23 -41.93 -15.67
CA SER C 60 5.64 -42.25 -14.32
C SER C 60 5.83 -43.74 -14.11
N ASN C 61 6.72 -44.08 -13.19
CA ASN C 61 7.16 -45.46 -12.97
C ASN C 61 6.20 -46.10 -11.98
N VAL C 62 5.23 -46.86 -12.49
CA VAL C 62 4.20 -47.46 -11.66
C VAL C 62 4.48 -48.95 -11.54
N THR C 63 4.13 -49.50 -10.38
CA THR C 63 4.27 -50.94 -10.15
C THR C 63 3.13 -51.70 -10.83
N TRP C 64 3.37 -52.99 -11.06
CA TRP C 64 2.42 -53.87 -11.73
C TRP C 64 2.28 -55.14 -10.90
N PHE C 65 1.04 -55.53 -10.63
CA PHE C 65 0.73 -56.70 -9.82
C PHE C 65 -0.21 -57.62 -10.59
N HIS C 66 0.04 -58.92 -10.49
CA HIS C 66 -0.72 -59.92 -11.23
C HIS C 66 -1.52 -60.78 -10.27
N ALA C 67 -2.58 -61.39 -10.81
CA ALA C 67 -3.43 -62.32 -10.05
C ALA C 67 -3.80 -63.51 -10.92
N ILE C 68 -2.85 -64.03 -11.67
CA ILE C 68 -3.11 -65.07 -12.66
C ILE C 68 -2.55 -66.39 -12.14
N HIS C 69 -3.11 -67.49 -12.66
CA HIS C 69 -2.66 -68.82 -12.29
C HIS C 69 -1.92 -69.49 -13.44
N LYS C 77 -0.48 -70.57 -9.31
CA LYS C 77 -1.29 -69.71 -8.47
C LYS C 77 -0.51 -68.49 -7.99
N ARG C 78 -0.52 -67.43 -8.79
CA ARG C 78 0.16 -66.19 -8.46
C ARG C 78 -0.86 -65.16 -8.01
N PHE C 79 -0.77 -64.75 -6.75
CA PHE C 79 -1.60 -63.67 -6.21
C PHE C 79 -0.70 -62.59 -5.63
N ASP C 80 -1.05 -61.33 -5.91
CA ASP C 80 -0.28 -60.18 -5.44
C ASP C 80 -1.28 -59.24 -4.77
N ASN C 81 -1.26 -59.22 -3.43
CA ASN C 81 -2.09 -58.28 -2.69
C ASN C 81 -1.41 -57.79 -1.41
N PRO C 82 -0.22 -57.21 -1.50
CA PRO C 82 0.46 -56.76 -0.28
C PRO C 82 -0.15 -55.45 0.23
N VAL C 83 0.35 -55.02 1.38
CA VAL C 83 -0.07 -53.75 1.98
C VAL C 83 0.86 -52.67 1.47
N LEU C 84 0.30 -51.67 0.81
CA LEU C 84 1.08 -50.63 0.16
C LEU C 84 0.85 -49.28 0.85
N PRO C 85 1.77 -48.33 0.69
CA PRO C 85 1.61 -47.03 1.34
C PRO C 85 0.61 -46.14 0.61
N PHE C 86 0.26 -45.05 1.29
CA PHE C 86 -0.70 -44.06 0.80
C PHE C 86 -0.16 -42.65 1.03
N ASN C 87 1.10 -42.45 0.60
CA ASN C 87 1.87 -41.26 0.97
C ASN C 87 1.05 -39.98 0.81
N ASP C 88 0.63 -39.69 -0.42
CA ASP C 88 -0.19 -38.52 -0.69
C ASP C 88 -1.41 -38.83 -1.54
N GLY C 89 -1.46 -39.99 -2.19
CA GLY C 89 -2.54 -40.33 -3.09
C GLY C 89 -2.16 -41.54 -3.90
N VAL C 90 -3.15 -42.04 -4.66
CA VAL C 90 -3.00 -43.27 -5.41
C VAL C 90 -3.78 -43.14 -6.72
N TYR C 91 -3.17 -43.60 -7.81
CA TYR C 91 -3.87 -43.82 -9.07
C TYR C 91 -3.99 -45.33 -9.25
N PHE C 92 -5.18 -45.87 -9.07
CA PHE C 92 -5.42 -47.30 -9.13
C PHE C 92 -6.23 -47.61 -10.39
N ALA C 93 -5.67 -48.45 -11.25
CA ALA C 93 -6.34 -48.86 -12.48
C ALA C 93 -6.39 -50.38 -12.52
N SER C 94 -7.46 -50.92 -13.12
CA SER C 94 -7.69 -52.36 -13.15
C SER C 94 -8.27 -52.76 -14.48
N THR C 95 -7.64 -53.74 -15.13
CA THR C 95 -8.17 -54.37 -16.33
C THR C 95 -8.84 -55.67 -15.91
N GLU C 96 -10.16 -55.74 -16.08
CA GLU C 96 -10.94 -56.85 -15.55
C GLU C 96 -12.01 -57.26 -16.55
N LYS C 97 -12.47 -58.50 -16.40
CA LYS C 97 -13.59 -59.02 -17.16
C LYS C 97 -14.63 -59.73 -16.31
N SER C 98 -14.31 -60.06 -15.05
CA SER C 98 -15.20 -60.80 -14.19
C SER C 98 -15.42 -60.11 -12.85
N ASN C 99 -14.96 -58.86 -12.68
CA ASN C 99 -15.10 -58.11 -11.45
C ASN C 99 -14.49 -58.87 -10.26
N ILE C 100 -13.25 -59.32 -10.44
CA ILE C 100 -12.57 -60.07 -9.39
C ILE C 100 -12.18 -59.15 -8.24
N ILE C 101 -11.76 -57.93 -8.55
CA ILE C 101 -11.38 -56.98 -7.51
C ILE C 101 -12.66 -56.33 -6.98
N ARG C 102 -12.89 -56.47 -5.68
CA ARG C 102 -14.13 -55.99 -5.08
C ARG C 102 -13.97 -54.66 -4.35
N GLY C 103 -12.81 -54.36 -3.80
CA GLY C 103 -12.63 -53.11 -3.10
C GLY C 103 -11.24 -52.97 -2.52
N TRP C 104 -11.11 -52.06 -1.56
CA TRP C 104 -9.83 -51.70 -0.98
C TRP C 104 -9.95 -51.58 0.53
N ILE C 105 -8.82 -51.34 1.18
CA ILE C 105 -8.75 -51.09 2.61
C ILE C 105 -7.75 -49.96 2.83
N PHE C 106 -8.07 -49.05 3.76
CA PHE C 106 -7.20 -47.92 4.05
C PHE C 106 -7.03 -47.77 5.56
N GLY C 107 -5.82 -47.42 5.98
CA GLY C 107 -5.53 -47.22 7.37
C GLY C 107 -4.05 -47.04 7.60
N THR C 108 -3.68 -47.01 8.88
CA THR C 108 -2.27 -46.93 9.28
C THR C 108 -1.72 -48.31 9.63
N THR C 109 -2.35 -49.00 10.58
CA THR C 109 -1.90 -50.30 11.05
C THR C 109 -2.84 -51.43 10.68
N LEU C 110 -4.08 -51.12 10.29
CA LEU C 110 -5.04 -52.12 9.83
C LEU C 110 -5.36 -53.16 10.90
N ASP C 111 -5.35 -52.75 12.17
CA ASP C 111 -5.68 -53.63 13.28
C ASP C 111 -6.63 -52.90 14.22
N SER C 112 -7.18 -53.64 15.18
CA SER C 112 -8.24 -53.11 16.03
C SER C 112 -7.81 -51.93 16.89
N LYS C 113 -6.52 -51.65 16.98
CA LYS C 113 -6.06 -50.55 17.83
C LYS C 113 -6.32 -49.19 17.21
N THR C 114 -6.51 -49.12 15.90
CA THR C 114 -6.72 -47.85 15.20
C THR C 114 -7.89 -47.99 14.24
N GLN C 115 -8.46 -46.84 13.86
CA GLN C 115 -9.54 -46.81 12.90
C GLN C 115 -9.01 -47.06 11.48
N SER C 116 -9.87 -47.63 10.65
CA SER C 116 -9.51 -47.98 9.28
C SER C 116 -10.73 -47.83 8.39
N LEU C 117 -10.48 -47.55 7.12
CA LEU C 117 -11.54 -47.33 6.14
C LEU C 117 -11.72 -48.57 5.28
N LEU C 118 -12.96 -48.86 4.93
CA LEU C 118 -13.31 -50.05 4.15
C LEU C 118 -14.27 -49.66 3.04
N ILE C 119 -14.01 -50.18 1.84
CA ILE C 119 -14.87 -49.99 0.67
C ILE C 119 -15.02 -51.34 0.00
N VAL C 120 -16.26 -51.84 -0.08
CA VAL C 120 -16.57 -53.09 -0.74
C VAL C 120 -17.85 -52.93 -1.54
N ASN C 121 -17.98 -53.73 -2.60
CA ASN C 121 -19.08 -53.62 -3.55
C ASN C 121 -19.86 -54.92 -3.53
N ASN C 122 -21.08 -54.87 -3.01
CA ASN C 122 -22.07 -55.91 -3.22
C ASN C 122 -22.72 -55.74 -4.60
N ALA C 123 -23.35 -56.81 -5.08
CA ALA C 123 -24.08 -56.72 -6.34
C ALA C 123 -25.14 -55.62 -6.27
N THR C 124 -24.95 -54.56 -7.05
CA THR C 124 -25.87 -53.42 -7.18
C THR C 124 -25.88 -52.50 -5.97
N ASN C 125 -24.82 -52.52 -5.14
CA ASN C 125 -24.72 -51.67 -3.96
C ASN C 125 -23.28 -51.67 -3.47
N VAL C 126 -22.97 -50.68 -2.63
CA VAL C 126 -21.64 -50.49 -2.08
C VAL C 126 -21.76 -50.37 -0.57
N VAL C 127 -20.76 -50.87 0.14
CA VAL C 127 -20.71 -50.78 1.60
C VAL C 127 -19.42 -50.06 1.97
N ILE C 128 -19.54 -49.00 2.75
CA ILE C 128 -18.41 -48.23 3.25
C ILE C 128 -18.58 -48.08 4.75
N LYS C 129 -17.52 -48.42 5.50
CA LYS C 129 -17.53 -48.33 6.95
C LYS C 129 -16.20 -47.74 7.42
N VAL C 130 -16.27 -46.97 8.49
CA VAL C 130 -15.08 -46.54 9.22
C VAL C 130 -15.21 -47.08 10.63
N CYS C 131 -14.71 -48.29 10.84
CA CYS C 131 -14.63 -48.91 12.16
C CYS C 131 -13.17 -49.18 12.49
N GLU C 132 -12.92 -49.53 13.74
CA GLU C 132 -11.66 -50.14 14.12
C GLU C 132 -11.76 -51.62 13.78
N PHE C 133 -11.10 -52.01 12.69
CA PHE C 133 -11.22 -53.36 12.14
C PHE C 133 -10.01 -54.19 12.55
N GLN C 134 -10.20 -55.50 12.63
CA GLN C 134 -9.09 -56.43 12.89
C GLN C 134 -8.98 -57.35 11.70
N PHE C 135 -8.26 -56.91 10.67
CA PHE C 135 -8.09 -57.72 9.48
C PHE C 135 -7.11 -58.86 9.73
N CYS C 136 -7.43 -60.01 9.17
CA CYS C 136 -6.52 -61.15 9.15
C CYS C 136 -5.61 -61.07 7.93
N ASN C 137 -4.50 -61.78 8.01
CA ASN C 137 -3.54 -61.79 6.90
C ASN C 137 -4.17 -62.40 5.65
N ASP C 138 -3.89 -61.78 4.51
CA ASP C 138 -4.41 -62.20 3.21
C ASP C 138 -5.94 -62.28 3.22
N PRO C 139 -6.64 -61.16 3.46
CA PRO C 139 -8.11 -61.20 3.43
C PRO C 139 -8.66 -61.32 2.02
N PHE C 140 -9.98 -61.43 1.91
CA PHE C 140 -10.67 -61.67 0.65
C PHE C 140 -12.16 -61.84 0.89
N LEU C 141 -12.98 -61.65 -0.15
CA LEU C 141 -14.39 -61.98 -0.06
C LEU C 141 -14.59 -63.45 -0.40
N GLY C 142 -15.48 -64.10 0.33
CA GLY C 142 -15.83 -65.49 0.06
C GLY C 142 -17.16 -65.59 -0.66
N VAL C 143 -17.22 -66.48 -1.63
CA VAL C 143 -18.44 -66.78 -2.38
C VAL C 143 -18.77 -68.25 -2.15
N TYR C 144 -20.04 -68.52 -1.82
CA TYR C 144 -20.52 -69.87 -1.60
C TYR C 144 -21.95 -69.96 -2.11
N TYR C 145 -22.61 -71.07 -1.78
CA TYR C 145 -24.02 -71.25 -2.03
C TYR C 145 -24.72 -71.47 -0.69
N HIS C 146 -25.96 -70.99 -0.59
CA HIS C 146 -26.61 -70.88 0.71
C HIS C 146 -27.76 -71.86 0.90
N LYS C 147 -28.30 -72.42 -0.18
CA LYS C 147 -29.34 -73.46 -0.14
C LYS C 147 -30.67 -72.92 0.37
N ASN C 148 -30.67 -71.69 0.89
CA ASN C 148 -31.88 -70.94 1.14
C ASN C 148 -31.72 -69.57 0.50
N ASN C 149 -32.85 -69.00 0.06
CA ASN C 149 -32.90 -67.84 -0.83
C ASN C 149 -32.46 -68.21 -2.23
N LYS C 150 -31.94 -69.43 -2.40
CA LYS C 150 -31.44 -69.96 -3.67
C LYS C 150 -30.62 -68.93 -4.44
N SER C 151 -29.45 -68.57 -3.91
CA SER C 151 -28.61 -67.54 -4.53
C SER C 151 -27.26 -67.53 -3.84
N TRP C 152 -26.21 -67.44 -4.65
CA TRP C 152 -24.82 -67.49 -4.18
C TRP C 152 -24.51 -66.21 -3.42
N MET C 153 -24.47 -66.27 -2.10
CA MET C 153 -24.23 -65.08 -1.31
C MET C 153 -22.73 -64.78 -1.23
N GLU C 154 -22.42 -63.61 -0.66
CA GLU C 154 -21.09 -63.01 -0.74
C GLU C 154 -20.66 -62.49 0.63
N SER C 155 -20.73 -63.34 1.64
CA SER C 155 -20.45 -62.90 3.01
C SER C 155 -19.04 -62.34 3.13
N GLU C 156 -18.91 -61.19 3.79
CA GLU C 156 -17.69 -60.40 3.79
C GLU C 156 -16.86 -60.60 5.06
N PHE C 157 -17.23 -61.55 5.91
CA PHE C 157 -16.57 -61.71 7.20
C PHE C 157 -15.20 -62.37 7.10
N ARG C 158 -14.77 -62.78 5.90
CA ARG C 158 -13.41 -63.26 5.74
C ARG C 158 -12.40 -62.12 5.79
N VAL C 159 -12.80 -60.93 5.35
CA VAL C 159 -11.88 -59.79 5.34
C VAL C 159 -11.50 -59.40 6.77
N TYR C 160 -12.49 -59.07 7.59
CA TYR C 160 -12.24 -58.57 8.95
C TYR C 160 -12.91 -59.48 9.97
N SER C 161 -12.27 -59.60 11.13
CA SER C 161 -12.81 -60.41 12.22
C SER C 161 -13.78 -59.63 13.09
N SER C 162 -13.41 -58.42 13.51
CA SER C 162 -14.22 -57.64 14.42
C SER C 162 -14.27 -56.19 13.94
N ALA C 163 -15.32 -55.49 14.36
CA ALA C 163 -15.54 -54.09 13.99
C ALA C 163 -15.93 -53.29 15.23
N ASN C 164 -14.97 -52.59 15.82
CA ASN C 164 -15.24 -51.73 16.96
C ASN C 164 -15.10 -50.26 16.58
N ASN C 165 -15.68 -49.41 17.43
CA ASN C 165 -15.64 -47.95 17.30
C ASN C 165 -16.00 -47.52 15.88
N CYS C 166 -17.20 -47.90 15.45
CA CYS C 166 -17.74 -47.43 14.18
C CYS C 166 -18.38 -46.06 14.34
N THR C 167 -18.05 -45.16 13.42
CA THR C 167 -18.57 -43.80 13.39
C THR C 167 -19.26 -43.43 12.09
N PHE C 168 -18.91 -44.06 10.97
CA PHE C 168 -19.37 -43.64 9.66
C PHE C 168 -19.77 -44.85 8.84
N GLU C 169 -20.86 -44.71 8.10
CA GLU C 169 -21.34 -45.73 7.17
C GLU C 169 -21.99 -45.04 5.99
N TYR C 170 -21.96 -45.70 4.83
CA TYR C 170 -22.43 -45.09 3.60
C TYR C 170 -22.64 -46.16 2.55
N VAL C 171 -23.73 -46.03 1.79
CA VAL C 171 -24.11 -46.96 0.73
C VAL C 171 -24.47 -46.16 -0.52
N SER C 172 -24.15 -46.72 -1.68
CA SER C 172 -24.37 -46.03 -2.95
C SER C 172 -24.31 -47.06 -4.08
N GLN C 173 -24.45 -46.56 -5.31
CA GLN C 173 -24.48 -47.42 -6.48
C GLN C 173 -23.09 -47.98 -6.76
N PRO C 174 -23.00 -49.10 -7.49
CA PRO C 174 -21.69 -49.73 -7.72
C PRO C 174 -20.65 -48.78 -8.28
N PHE C 175 -19.47 -48.82 -7.68
CA PHE C 175 -18.32 -48.10 -8.23
C PHE C 175 -17.73 -48.82 -9.43
N LEU C 176 -17.69 -50.15 -9.38
CA LEU C 176 -17.14 -50.97 -10.46
C LEU C 176 -18.28 -51.69 -11.16
N MET C 177 -18.45 -51.43 -12.45
CA MET C 177 -19.56 -51.95 -13.22
C MET C 177 -19.06 -52.40 -14.58
N ASP C 178 -19.76 -53.38 -15.17
CA ASP C 178 -19.39 -53.90 -16.47
C ASP C 178 -20.26 -53.28 -17.57
N ASN C 185 -9.10 -60.15 -23.96
CA ASN C 185 -9.34 -60.64 -22.60
C ASN C 185 -10.08 -59.60 -21.77
N PHE C 186 -9.39 -58.50 -21.47
CA PHE C 186 -9.97 -57.40 -20.70
C PHE C 186 -10.68 -56.46 -21.66
N LYS C 187 -12.01 -56.39 -21.57
CA LYS C 187 -12.80 -55.56 -22.46
C LYS C 187 -13.11 -54.19 -21.87
N ASN C 188 -12.88 -54.01 -20.57
CA ASN C 188 -13.16 -52.76 -19.89
C ASN C 188 -12.00 -52.38 -18.99
N LEU C 189 -11.84 -51.09 -18.76
CA LEU C 189 -10.78 -50.56 -17.91
C LEU C 189 -11.40 -49.63 -16.87
N ARG C 190 -11.07 -49.87 -15.60
CA ARG C 190 -11.56 -49.05 -14.50
C ARG C 190 -10.36 -48.38 -13.83
N GLU C 191 -10.33 -47.05 -13.89
CA GLU C 191 -9.28 -46.25 -13.26
C GLU C 191 -9.86 -45.48 -12.09
N PHE C 192 -9.11 -45.45 -10.99
CA PHE C 192 -9.55 -44.76 -9.79
C PHE C 192 -8.42 -43.88 -9.27
N VAL C 193 -8.82 -42.83 -8.55
CA VAL C 193 -7.88 -41.89 -7.92
C VAL C 193 -8.34 -41.67 -6.50
N PHE C 194 -7.46 -41.94 -5.54
CA PHE C 194 -7.77 -41.78 -4.13
C PHE C 194 -6.93 -40.65 -3.54
N LYS C 195 -7.56 -39.82 -2.72
CA LYS C 195 -6.88 -38.74 -2.04
C LYS C 195 -7.38 -38.64 -0.60
N ASN C 196 -6.51 -38.15 0.28
CA ASN C 196 -6.80 -38.04 1.70
C ASN C 196 -6.57 -36.60 2.16
N ILE C 197 -7.18 -35.66 1.45
CA ILE C 197 -7.10 -34.24 1.77
C ILE C 197 -7.72 -34.00 3.14
N ASP C 198 -7.50 -32.80 3.69
CA ASP C 198 -7.51 -32.50 5.13
C ASP C 198 -8.53 -33.30 5.91
N GLY C 199 -9.79 -33.26 5.46
CA GLY C 199 -10.86 -33.98 6.11
C GLY C 199 -11.72 -34.74 5.12
N TYR C 200 -11.37 -34.66 3.84
CA TYR C 200 -12.16 -35.25 2.77
C TYR C 200 -11.37 -36.37 2.12
N PHE C 201 -11.99 -37.53 1.95
CA PHE C 201 -11.39 -38.61 1.18
C PHE C 201 -12.00 -38.49 -0.20
N LYS C 202 -11.21 -38.04 -1.17
CA LYS C 202 -11.75 -37.76 -2.49
C LYS C 202 -11.43 -38.89 -3.44
N ILE C 203 -12.39 -39.22 -4.30
CA ILE C 203 -12.30 -40.35 -5.21
C ILE C 203 -12.70 -39.88 -6.60
N TYR C 204 -11.85 -40.14 -7.58
CA TYR C 204 -12.15 -39.88 -8.98
C TYR C 204 -12.08 -41.20 -9.73
N SER C 205 -13.02 -41.39 -10.65
CA SER C 205 -13.19 -42.69 -11.28
C SER C 205 -13.53 -42.51 -12.75
N LYS C 206 -13.26 -43.54 -13.53
CA LYS C 206 -13.62 -43.57 -14.95
C LYS C 206 -13.67 -45.01 -15.41
N HIS C 207 -14.61 -45.30 -16.30
CA HIS C 207 -14.75 -46.63 -16.89
C HIS C 207 -14.57 -46.49 -18.39
N THR C 208 -13.50 -47.11 -18.91
CA THR C 208 -13.18 -47.02 -20.33
C THR C 208 -13.07 -48.42 -20.93
N PRO C 209 -13.80 -48.72 -22.01
CA PRO C 209 -13.64 -50.02 -22.65
C PRO C 209 -12.44 -50.00 -23.59
N ILE C 210 -11.68 -51.10 -23.56
CA ILE C 210 -10.47 -51.26 -24.37
C ILE C 210 -10.28 -52.73 -24.66
N ASN C 211 -9.53 -53.02 -25.73
CA ASN C 211 -9.25 -54.39 -26.13
C ASN C 211 -7.82 -54.83 -25.81
N LEU C 212 -6.93 -53.90 -25.47
CA LEU C 212 -5.57 -54.26 -25.10
C LEU C 212 -5.57 -55.21 -23.90
N VAL C 213 -4.69 -56.21 -23.96
CA VAL C 213 -4.64 -57.24 -22.93
C VAL C 213 -3.33 -57.25 -22.15
N ARG C 214 -2.28 -56.60 -22.63
CA ARG C 214 -0.98 -56.70 -21.98
C ARG C 214 -0.84 -55.73 -20.81
N ASP C 215 -1.02 -54.44 -21.07
CA ASP C 215 -0.74 -53.43 -20.07
C ASP C 215 -1.67 -52.24 -20.30
N LEU C 216 -1.34 -51.10 -19.70
CA LEU C 216 -2.18 -49.93 -19.83
C LEU C 216 -2.26 -49.50 -21.29
N PRO C 217 -3.42 -49.06 -21.77
CA PRO C 217 -3.51 -48.52 -23.14
C PRO C 217 -3.07 -47.05 -23.18
N GLN C 218 -2.04 -46.78 -23.97
CA GLN C 218 -1.59 -45.41 -24.16
C GLN C 218 -2.71 -44.56 -24.77
N GLY C 219 -2.91 -43.38 -24.21
CA GLY C 219 -3.99 -42.52 -24.67
C GLY C 219 -4.28 -41.44 -23.64
N PHE C 220 -5.53 -40.99 -23.62
CA PHE C 220 -5.96 -39.98 -22.68
C PHE C 220 -7.40 -40.24 -22.27
N SER C 221 -7.67 -40.06 -20.99
CA SER C 221 -9.02 -40.17 -20.45
C SER C 221 -9.02 -39.55 -19.06
N ALA C 222 -9.97 -38.65 -18.81
CA ALA C 222 -10.04 -37.96 -17.54
C ALA C 222 -10.95 -38.70 -16.57
N LEU C 223 -10.65 -38.57 -15.28
CA LEU C 223 -11.39 -39.25 -14.22
C LEU C 223 -12.33 -38.25 -13.56
N GLU C 224 -13.61 -38.57 -13.52
CA GLU C 224 -14.56 -37.66 -12.92
C GLU C 224 -14.71 -37.96 -11.42
N PRO C 225 -14.90 -36.94 -10.60
CA PRO C 225 -15.04 -37.17 -9.16
C PRO C 225 -16.27 -38.02 -8.86
N LEU C 226 -16.19 -38.78 -7.78
CA LEU C 226 -17.25 -39.70 -7.41
C LEU C 226 -17.84 -39.41 -6.05
N VAL C 227 -17.01 -39.24 -5.02
CA VAL C 227 -17.46 -38.96 -3.67
C VAL C 227 -16.39 -38.14 -2.95
N ASP C 228 -16.75 -37.65 -1.76
CA ASP C 228 -15.84 -36.95 -0.85
C ASP C 228 -16.29 -37.34 0.57
N LEU C 229 -15.66 -38.36 1.11
CA LEU C 229 -16.10 -38.99 2.35
C LEU C 229 -15.51 -38.28 3.56
N PRO C 230 -16.33 -37.88 4.52
CA PRO C 230 -15.82 -37.19 5.72
C PRO C 230 -15.39 -38.15 6.82
N ILE C 231 -14.38 -38.96 6.53
CA ILE C 231 -13.92 -39.95 7.51
C ILE C 231 -13.12 -39.28 8.62
N GLY C 232 -12.30 -38.30 8.26
CA GLY C 232 -11.50 -37.53 9.21
C GLY C 232 -10.56 -38.40 10.00
N ILE C 233 -9.63 -39.08 9.31
CA ILE C 233 -8.66 -39.96 9.94
C ILE C 233 -7.31 -39.75 9.28
N ASN C 234 -6.33 -40.52 9.74
CA ASN C 234 -4.96 -40.47 9.26
C ASN C 234 -4.67 -41.77 8.52
N ILE C 235 -4.18 -41.66 7.28
CA ILE C 235 -4.00 -42.80 6.40
C ILE C 235 -2.56 -42.81 5.91
N THR C 236 -1.90 -43.95 6.04
CA THR C 236 -0.55 -44.13 5.51
C THR C 236 -0.36 -45.40 4.70
N ARG C 237 -1.24 -46.39 4.83
CA ARG C 237 -1.11 -47.65 4.12
C ARG C 237 -2.46 -48.04 3.55
N PHE C 238 -2.44 -48.90 2.54
CA PHE C 238 -3.68 -49.35 1.93
C PHE C 238 -3.46 -50.70 1.27
N GLN C 239 -4.57 -51.44 1.13
CA GLN C 239 -4.55 -52.77 0.56
C GLN C 239 -5.80 -52.96 -0.28
N THR C 240 -5.74 -53.91 -1.21
CA THR C 240 -6.81 -54.18 -2.15
C THR C 240 -7.53 -55.48 -1.79
N LEU C 241 -8.77 -55.59 -2.24
CA LEU C 241 -9.62 -56.74 -1.97
C LEU C 241 -10.01 -57.39 -3.28
N LEU C 242 -9.85 -58.71 -3.35
CA LEU C 242 -10.16 -59.48 -4.55
C LEU C 242 -11.06 -60.66 -4.18
N ALA C 243 -11.57 -61.33 -5.20
CA ALA C 243 -12.43 -62.49 -5.03
C ALA C 243 -11.77 -63.73 -5.61
N LEU C 244 -12.22 -64.88 -5.14
CA LEU C 244 -11.64 -66.17 -5.50
C LEU C 244 -12.72 -67.08 -6.06
N HIS C 245 -12.31 -68.01 -6.92
CA HIS C 245 -13.22 -68.95 -7.55
C HIS C 245 -12.90 -70.35 -7.07
N ARG C 246 -13.94 -71.05 -6.60
CA ARG C 246 -13.81 -72.41 -6.07
C ARG C 246 -14.97 -73.26 -6.57
N SER C 247 -15.26 -73.17 -7.87
CA SER C 247 -16.45 -73.80 -8.42
C SER C 247 -16.19 -75.27 -8.73
N TYR C 248 -15.10 -75.57 -9.45
CA TYR C 248 -14.87 -76.93 -9.92
C TYR C 248 -14.70 -77.93 -8.78
N LEU C 249 -14.19 -77.48 -7.64
CA LEU C 249 -14.15 -78.30 -6.44
C LEU C 249 -13.82 -77.42 -5.24
N THR C 250 -14.15 -77.92 -4.05
CA THR C 250 -13.95 -77.19 -2.81
C THR C 250 -13.32 -78.11 -1.76
N PRO C 251 -12.03 -77.95 -1.46
CA PRO C 251 -11.45 -78.65 -0.31
C PRO C 251 -11.64 -77.86 0.97
N GLY C 252 -11.20 -78.41 2.09
CA GLY C 252 -11.29 -77.68 3.35
C GLY C 252 -10.58 -76.36 3.29
N ASP C 253 -11.09 -75.40 4.06
CA ASP C 253 -10.52 -74.06 4.11
C ASP C 253 -9.04 -74.11 4.48
N SER C 254 -8.18 -73.69 3.56
CA SER C 254 -6.74 -73.65 3.76
C SER C 254 -6.14 -72.83 2.62
N SER C 255 -4.81 -72.76 2.56
CA SER C 255 -4.10 -72.06 1.49
C SER C 255 -4.06 -72.92 0.22
N SER C 256 -5.26 -73.26 -0.27
CA SER C 256 -5.42 -74.13 -1.42
C SER C 256 -6.87 -74.06 -1.86
N GLY C 257 -7.19 -74.79 -2.93
CA GLY C 257 -8.56 -74.85 -3.42
C GLY C 257 -9.11 -73.56 -3.98
N TRP C 258 -8.26 -72.58 -4.26
CA TRP C 258 -8.69 -71.30 -4.80
C TRP C 258 -8.02 -71.05 -6.14
N THR C 259 -8.74 -70.36 -7.02
CA THR C 259 -8.23 -70.03 -8.34
C THR C 259 -8.67 -68.61 -8.68
N ALA C 260 -7.73 -67.82 -9.19
CA ALA C 260 -7.99 -66.43 -9.53
C ALA C 260 -7.90 -66.25 -11.04
N GLY C 261 -8.95 -65.70 -11.63
CA GLY C 261 -8.93 -65.37 -13.04
C GLY C 261 -7.96 -64.25 -13.36
N ALA C 262 -7.80 -63.98 -14.64
CA ALA C 262 -6.84 -62.99 -15.10
C ALA C 262 -7.40 -61.60 -14.79
N ALA C 263 -6.89 -60.99 -13.73
CA ALA C 263 -7.22 -59.61 -13.38
C ALA C 263 -5.99 -58.96 -12.76
N ALA C 264 -5.49 -57.91 -13.40
CA ALA C 264 -4.29 -57.22 -12.94
C ALA C 264 -4.62 -55.77 -12.63
N TYR C 265 -3.80 -55.16 -11.77
CA TYR C 265 -4.00 -53.79 -11.35
C TYR C 265 -2.66 -53.09 -11.24
N TYR C 266 -2.68 -51.77 -11.44
CA TYR C 266 -1.49 -50.94 -11.40
C TYR C 266 -1.68 -49.86 -10.34
N VAL C 267 -0.59 -49.53 -9.64
CA VAL C 267 -0.62 -48.59 -8.53
C VAL C 267 0.38 -47.48 -8.82
N GLY C 268 -0.08 -46.23 -8.74
CA GLY C 268 0.78 -45.08 -8.93
C GLY C 268 0.52 -44.01 -7.88
N TYR C 269 1.59 -43.38 -7.41
CA TYR C 269 1.51 -42.39 -6.34
C TYR C 269 1.49 -40.98 -6.93
N LEU C 270 0.59 -40.15 -6.41
CA LEU C 270 0.46 -38.79 -6.90
C LEU C 270 1.45 -37.86 -6.22
N GLN C 271 1.69 -36.71 -6.84
CA GLN C 271 2.59 -35.70 -6.32
C GLN C 271 2.04 -34.33 -6.66
N PRO C 272 2.36 -33.31 -5.87
CA PRO C 272 1.96 -31.94 -6.22
C PRO C 272 2.59 -31.52 -7.54
N ARG C 273 1.74 -31.27 -8.54
CA ARG C 273 2.21 -30.97 -9.88
C ARG C 273 1.31 -29.91 -10.50
N THR C 274 1.90 -29.09 -11.35
CA THR C 274 1.17 -28.04 -12.06
C THR C 274 0.82 -28.54 -13.45
N PHE C 275 -0.46 -28.69 -13.71
CA PHE C 275 -0.95 -29.18 -15.00
C PHE C 275 -1.59 -28.04 -15.80
N LEU C 276 -1.52 -28.17 -17.12
CA LEU C 276 -2.22 -27.29 -18.05
C LEU C 276 -3.30 -28.12 -18.72
N LEU C 277 -4.57 -27.79 -18.48
CA LEU C 277 -5.69 -28.59 -18.94
C LEU C 277 -6.34 -27.96 -20.15
N LYS C 278 -6.74 -28.81 -21.10
CA LYS C 278 -7.48 -28.39 -22.28
C LYS C 278 -8.96 -28.71 -22.11
N TYR C 279 -9.81 -27.90 -22.74
CA TYR C 279 -11.26 -28.08 -22.70
C TYR C 279 -11.84 -27.95 -24.09
N ASN C 280 -12.73 -28.87 -24.45
CA ASN C 280 -13.38 -28.86 -25.76
C ASN C 280 -14.67 -28.05 -25.67
N GLU C 281 -15.48 -28.06 -26.73
CA GLU C 281 -16.77 -27.38 -26.68
C GLU C 281 -17.67 -28.00 -25.61
N ASN C 282 -17.83 -29.33 -25.64
CA ASN C 282 -18.67 -30.01 -24.67
C ASN C 282 -18.27 -29.69 -23.23
N GLY C 283 -16.98 -29.50 -22.97
CA GLY C 283 -16.50 -29.36 -21.62
C GLY C 283 -15.63 -30.47 -21.11
N THR C 284 -15.25 -31.41 -21.96
CA THR C 284 -14.40 -32.52 -21.56
C THR C 284 -12.94 -32.14 -21.77
N ILE C 285 -12.05 -32.85 -21.08
CA ILE C 285 -10.66 -32.44 -21.02
C ILE C 285 -9.92 -32.81 -22.30
N THR C 286 -9.81 -34.12 -22.57
CA THR C 286 -9.38 -34.67 -23.85
C THR C 286 -7.88 -34.48 -24.07
N ASP C 287 -7.22 -33.70 -23.22
CA ASP C 287 -5.78 -33.47 -23.33
C ASP C 287 -5.32 -32.62 -22.15
N ALA C 288 -4.01 -32.65 -21.90
CA ALA C 288 -3.40 -31.92 -20.80
C ALA C 288 -1.89 -31.96 -20.99
N VAL C 289 -1.18 -31.25 -20.12
CA VAL C 289 0.27 -31.12 -20.20
C VAL C 289 0.82 -30.98 -18.79
N ASP C 290 1.92 -31.69 -18.52
CA ASP C 290 2.60 -31.63 -17.23
C ASP C 290 3.77 -30.64 -17.37
N CYS C 291 3.65 -29.50 -16.69
CA CYS C 291 4.55 -28.38 -16.97
C CYS C 291 6.00 -28.70 -16.64
N ALA C 292 6.24 -29.62 -15.71
CA ALA C 292 7.61 -29.93 -15.28
C ALA C 292 8.17 -31.18 -15.93
N LEU C 293 7.42 -31.81 -16.84
CA LEU C 293 7.93 -32.97 -17.57
C LEU C 293 9.22 -32.62 -18.33
N ASP C 294 9.17 -31.64 -19.20
CA ASP C 294 10.33 -31.25 -19.99
C ASP C 294 10.28 -29.75 -20.25
N PRO C 295 11.41 -29.15 -20.65
CA PRO C 295 11.37 -27.72 -20.99
C PRO C 295 10.35 -27.37 -22.05
N LEU C 296 10.06 -28.28 -22.99
CA LEU C 296 9.03 -27.99 -23.97
C LEU C 296 7.66 -27.85 -23.31
N SER C 297 7.38 -28.71 -22.31
CA SER C 297 6.16 -28.55 -21.54
C SER C 297 6.18 -27.25 -20.74
N GLU C 298 7.36 -26.86 -20.24
CA GLU C 298 7.46 -25.58 -19.53
C GLU C 298 7.09 -24.44 -20.47
N THR C 299 7.56 -24.52 -21.72
CA THR C 299 7.24 -23.49 -22.71
C THR C 299 5.74 -23.48 -23.02
N LYS C 300 5.17 -24.66 -23.21
CA LYS C 300 3.74 -24.76 -23.49
C LYS C 300 2.91 -24.15 -22.37
N CYS C 301 3.27 -24.44 -21.11
CA CYS C 301 2.56 -23.86 -19.98
C CYS C 301 2.77 -22.36 -19.91
N THR C 302 3.99 -21.90 -20.17
CA THR C 302 4.27 -20.46 -20.14
C THR C 302 3.44 -19.71 -21.18
N LEU C 303 3.29 -20.27 -22.37
CA LEU C 303 2.55 -19.59 -23.44
C LEU C 303 1.06 -19.86 -23.39
N LYS C 304 0.59 -20.68 -22.44
CA LYS C 304 -0.82 -21.02 -22.31
C LYS C 304 -1.40 -21.52 -23.63
N SER C 305 -0.68 -22.42 -24.28
CA SER C 305 -1.14 -22.99 -25.54
C SER C 305 -0.54 -24.36 -25.74
N PHE C 306 -1.25 -25.18 -26.52
CA PHE C 306 -0.75 -26.50 -26.90
C PHE C 306 0.01 -26.45 -28.21
N THR C 307 0.12 -25.26 -28.83
CA THR C 307 0.88 -25.05 -30.04
C THR C 307 1.91 -23.97 -29.75
N VAL C 308 3.16 -24.22 -30.13
CA VAL C 308 4.24 -23.28 -29.92
C VAL C 308 4.78 -22.84 -31.27
N GLU C 309 4.75 -21.53 -31.53
CA GLU C 309 5.30 -21.01 -32.77
C GLU C 309 6.83 -21.06 -32.74
N LYS C 310 7.41 -21.08 -33.93
CA LYS C 310 8.86 -21.09 -34.06
C LYS C 310 9.48 -19.85 -33.42
N GLY C 311 10.50 -20.06 -32.60
CA GLY C 311 11.18 -18.97 -31.94
C GLY C 311 11.81 -19.43 -30.64
N ILE C 312 12.28 -18.44 -29.88
CA ILE C 312 12.93 -18.66 -28.60
C ILE C 312 12.09 -18.01 -27.51
N TYR C 313 11.81 -18.76 -26.45
CA TYR C 313 10.99 -18.29 -25.35
C TYR C 313 11.75 -18.41 -24.04
N GLN C 314 11.56 -17.44 -23.16
CA GLN C 314 12.09 -17.46 -21.80
C GLN C 314 11.03 -18.00 -20.86
N THR C 315 11.32 -19.14 -20.24
CA THR C 315 10.32 -19.90 -19.49
C THR C 315 10.62 -19.97 -17.99
N SER C 316 11.82 -20.40 -17.61
CA SER C 316 12.14 -20.65 -16.21
C SER C 316 13.49 -20.04 -15.88
N ASN C 317 14.02 -20.40 -14.71
CA ASN C 317 15.31 -19.89 -14.24
C ASN C 317 16.08 -21.02 -13.58
N PHE C 318 17.33 -21.20 -14.02
CA PHE C 318 18.21 -22.20 -13.45
C PHE C 318 18.85 -21.68 -12.18
N ARG C 319 18.83 -22.50 -11.13
CA ARG C 319 19.44 -22.15 -9.86
C ARG C 319 20.07 -23.39 -9.27
N VAL C 320 21.36 -23.29 -8.95
CA VAL C 320 22.06 -24.39 -8.27
C VAL C 320 21.62 -24.43 -6.82
N GLN C 321 21.25 -25.62 -6.35
CA GLN C 321 20.80 -25.68 -4.97
C GLN C 321 21.95 -26.07 -4.06
N PRO C 322 21.92 -25.64 -2.79
CA PRO C 322 22.93 -26.09 -1.84
C PRO C 322 22.75 -27.56 -1.50
N THR C 323 23.87 -28.20 -1.15
CA THR C 323 23.88 -29.61 -0.80
C THR C 323 23.87 -29.84 0.70
N GLU C 324 24.53 -28.98 1.46
CA GLU C 324 24.64 -29.16 2.90
C GLU C 324 24.76 -27.80 3.56
N SER C 325 24.47 -27.76 4.85
CA SER C 325 24.61 -26.54 5.63
C SER C 325 25.98 -26.49 6.29
N ILE C 326 26.47 -25.27 6.51
CA ILE C 326 27.74 -25.03 7.17
C ILE C 326 27.47 -24.19 8.40
N VAL C 327 27.79 -24.73 9.57
CA VAL C 327 27.56 -24.07 10.84
C VAL C 327 28.92 -23.80 11.48
N ARG C 328 29.24 -22.53 11.70
CA ARG C 328 30.51 -22.13 12.28
C ARG C 328 30.26 -21.21 13.47
N PHE C 329 30.85 -21.54 14.60
CA PHE C 329 30.83 -20.71 15.79
C PHE C 329 32.17 -20.83 16.50
N PRO C 330 32.55 -19.83 17.28
CA PRO C 330 33.78 -19.95 18.09
C PRO C 330 33.72 -21.18 18.98
N ASN C 331 34.86 -21.89 19.04
CA ASN C 331 34.92 -23.16 19.75
C ASN C 331 35.21 -22.93 21.24
N ILE C 332 34.24 -22.27 21.88
CA ILE C 332 34.31 -21.97 23.30
C ILE C 332 33.28 -22.87 24.00
N THR C 333 33.28 -22.83 25.32
CA THR C 333 32.51 -23.80 26.12
C THR C 333 32.25 -23.18 27.49
N ASN C 334 31.04 -22.67 27.67
CA ASN C 334 30.61 -22.05 28.92
C ASN C 334 29.11 -21.85 28.87
N LEU C 335 28.50 -21.83 30.05
CA LEU C 335 27.05 -21.66 30.16
C LEU C 335 26.76 -20.30 30.79
N CYS C 336 25.75 -19.62 30.23
CA CYS C 336 25.35 -18.33 30.77
C CYS C 336 24.74 -18.51 32.16
N PRO C 337 25.08 -17.65 33.11
CA PRO C 337 24.61 -17.83 34.49
C PRO C 337 23.18 -17.34 34.71
N PHE C 338 22.25 -17.92 33.95
CA PHE C 338 20.84 -17.61 34.14
C PHE C 338 20.32 -18.16 35.47
N GLY C 339 20.98 -19.16 36.04
CA GLY C 339 20.51 -19.72 37.29
C GLY C 339 20.58 -18.71 38.43
N GLU C 340 21.66 -17.95 38.49
CA GLU C 340 21.81 -16.94 39.55
C GLU C 340 21.02 -15.67 39.26
N VAL C 341 20.38 -15.60 38.10
CA VAL C 341 19.47 -14.50 37.79
C VAL C 341 18.02 -14.86 38.09
N PHE C 342 17.59 -16.04 37.66
CA PHE C 342 16.21 -16.45 37.87
C PHE C 342 16.01 -17.01 39.28
N ASN C 343 16.85 -17.97 39.68
CA ASN C 343 16.77 -18.57 41.01
C ASN C 343 17.56 -17.79 42.05
N ALA C 344 17.75 -16.48 41.83
CA ALA C 344 18.42 -15.65 42.79
C ALA C 344 17.64 -15.59 44.10
N THR C 345 18.37 -15.53 45.21
CA THR C 345 17.74 -15.61 46.53
C THR C 345 16.82 -14.41 46.77
N ARG C 346 17.32 -13.21 46.53
CA ARG C 346 16.53 -12.00 46.69
C ARG C 346 16.61 -11.15 45.42
N PHE C 347 15.54 -10.41 45.18
CA PHE C 347 15.39 -9.55 44.01
C PHE C 347 15.41 -8.09 44.42
N ALA C 348 15.56 -7.23 43.42
CA ALA C 348 15.68 -5.80 43.66
C ALA C 348 14.32 -5.12 43.55
N SER C 349 14.21 -3.96 44.18
CA SER C 349 13.02 -3.12 44.02
C SER C 349 12.94 -2.59 42.59
N VAL C 350 11.71 -2.32 42.15
CA VAL C 350 11.50 -1.93 40.76
C VAL C 350 12.11 -0.56 40.47
N TYR C 351 12.10 0.35 41.45
CA TYR C 351 12.72 1.66 41.23
C TYR C 351 14.23 1.54 41.14
N ALA C 352 14.82 0.59 41.86
CA ALA C 352 16.26 0.34 41.78
C ALA C 352 16.51 -1.02 41.14
N TRP C 353 15.82 -1.28 40.02
CA TRP C 353 15.92 -2.57 39.35
C TRP C 353 17.36 -2.89 38.98
N ASN C 354 17.78 -4.12 39.28
CA ASN C 354 19.12 -4.57 38.99
C ASN C 354 19.24 -4.97 37.52
N ARG C 355 20.43 -4.78 36.97
CA ARG C 355 20.73 -5.18 35.60
C ARG C 355 21.95 -6.08 35.60
N LYS C 356 21.82 -7.24 34.95
CA LYS C 356 22.92 -8.17 34.75
C LYS C 356 23.25 -8.22 33.27
N ARG C 357 24.54 -8.10 32.95
CA ARG C 357 25.01 -8.13 31.58
C ARG C 357 25.58 -9.52 31.30
N ILE C 358 24.96 -10.22 30.36
CA ILE C 358 25.35 -11.58 30.00
C ILE C 358 26.22 -11.52 28.75
N SER C 359 27.40 -12.12 28.83
CA SER C 359 28.33 -12.09 27.71
C SER C 359 29.30 -13.26 27.82
N ASN C 360 29.82 -13.67 26.67
CA ASN C 360 30.86 -14.69 26.57
C ASN C 360 30.41 -16.01 27.22
N CYS C 361 29.31 -16.55 26.70
CA CYS C 361 28.74 -17.78 27.23
C CYS C 361 27.74 -18.32 26.22
N VAL C 362 27.27 -19.53 26.49
CA VAL C 362 26.29 -20.22 25.66
C VAL C 362 25.10 -20.56 26.54
N ALA C 363 23.89 -20.23 26.09
CA ALA C 363 22.68 -20.44 26.87
C ALA C 363 21.63 -21.16 26.04
N ASP C 364 20.78 -21.92 26.73
CA ASP C 364 19.66 -22.61 26.11
C ASP C 364 18.36 -21.96 26.59
N TYR C 365 17.77 -21.13 25.74
CA TYR C 365 16.49 -20.52 26.05
C TYR C 365 15.34 -21.51 25.97
N SER C 366 15.55 -22.64 25.29
CA SER C 366 14.49 -23.65 25.19
C SER C 366 14.13 -24.22 26.56
N VAL C 367 15.13 -24.44 27.42
CA VAL C 367 14.83 -24.96 28.75
C VAL C 367 14.10 -23.91 29.59
N LEU C 368 14.52 -22.65 29.46
CA LEU C 368 13.82 -21.56 30.14
C LEU C 368 12.36 -21.53 29.73
N TYR C 369 12.08 -21.56 28.42
CA TYR C 369 10.71 -21.55 27.95
C TYR C 369 9.96 -22.80 28.40
N ASN C 370 10.65 -23.95 28.43
CA ASN C 370 10.03 -25.19 28.87
C ASN C 370 9.55 -25.10 30.31
N SER C 371 10.36 -24.48 31.17
CA SER C 371 10.01 -24.41 32.59
C SER C 371 8.66 -23.70 32.77
N ALA C 372 7.77 -24.34 33.52
CA ALA C 372 6.44 -23.80 33.78
C ALA C 372 6.36 -23.01 35.07
N SER C 373 7.50 -22.64 35.66
CA SER C 373 7.48 -21.82 36.87
C SER C 373 7.01 -20.39 36.58
N PHE C 374 7.02 -19.97 35.32
CA PHE C 374 6.77 -18.58 34.96
C PHE C 374 5.30 -18.41 34.60
N SER C 375 4.67 -17.38 35.18
CA SER C 375 3.30 -17.05 34.85
C SER C 375 3.19 -16.10 33.66
N THR C 376 4.23 -15.30 33.40
CA THR C 376 4.28 -14.42 32.24
C THR C 376 5.54 -14.74 31.44
N PHE C 377 5.37 -14.89 30.12
CA PHE C 377 6.50 -15.13 29.22
C PHE C 377 6.13 -14.56 27.85
N LYS C 378 6.27 -13.25 27.71
CA LYS C 378 5.99 -12.55 26.45
C LYS C 378 7.29 -12.08 25.83
N CYS C 379 7.49 -12.39 24.55
CA CYS C 379 8.67 -11.96 23.82
C CYS C 379 8.29 -10.96 22.74
N TYR C 380 9.23 -10.07 22.41
CA TYR C 380 9.02 -9.03 21.43
C TYR C 380 10.16 -9.03 20.41
N GLY C 381 9.80 -8.89 19.13
CA GLY C 381 10.77 -8.94 18.06
C GLY C 381 11.43 -10.27 17.80
N VAL C 382 11.16 -11.29 18.62
CA VAL C 382 11.72 -12.62 18.41
C VAL C 382 10.92 -13.60 19.27
N SER C 383 10.73 -14.82 18.76
CA SER C 383 10.01 -15.81 19.53
C SER C 383 10.96 -16.74 20.27
N PRO C 384 10.56 -17.21 21.46
CA PRO C 384 11.48 -18.04 22.25
C PRO C 384 11.81 -19.37 21.58
N THR C 385 10.89 -19.93 20.81
CA THR C 385 11.15 -21.20 20.15
C THR C 385 12.28 -21.07 19.14
N LYS C 386 12.40 -19.91 18.51
CA LYS C 386 13.49 -19.58 17.60
C LYS C 386 14.52 -18.70 18.27
N LEU C 387 14.80 -18.94 19.55
CA LEU C 387 15.77 -18.17 20.31
C LEU C 387 17.04 -18.94 20.65
N ASN C 388 16.98 -20.28 20.71
CA ASN C 388 18.13 -21.08 21.05
C ASN C 388 18.97 -21.45 19.83
N ASP C 389 18.93 -20.62 18.78
CA ASP C 389 19.81 -20.78 17.63
C ASP C 389 20.26 -19.44 17.07
N LEU C 390 20.26 -18.38 17.88
CA LEU C 390 20.68 -17.06 17.44
C LEU C 390 21.70 -16.49 18.41
N CYS C 391 22.80 -15.97 17.88
CA CYS C 391 23.87 -15.44 18.69
C CYS C 391 23.69 -13.93 18.86
N PHE C 392 23.99 -13.44 20.06
CA PHE C 392 23.96 -12.02 20.35
C PHE C 392 25.30 -11.60 20.94
N THR C 393 25.61 -10.31 20.79
CA THR C 393 26.86 -9.80 21.33
C THR C 393 26.76 -9.55 22.84
N ASN C 394 25.63 -9.01 23.30
CA ASN C 394 25.40 -8.81 24.73
C ASN C 394 23.92 -9.03 25.03
N VAL C 395 23.66 -9.57 26.23
CA VAL C 395 22.31 -9.73 26.74
C VAL C 395 22.24 -9.10 28.13
N TYR C 396 21.24 -8.25 28.34
CA TYR C 396 21.02 -7.60 29.62
C TYR C 396 19.83 -8.26 30.31
N ALA C 397 20.02 -8.64 31.56
CA ALA C 397 18.98 -9.29 32.36
C ALA C 397 18.58 -8.34 33.49
N ASP C 398 17.45 -7.66 33.31
CA ASP C 398 16.92 -6.77 34.33
C ASP C 398 15.92 -7.53 35.19
N SER C 399 16.07 -7.43 36.50
CA SER C 399 15.25 -8.17 37.44
C SER C 399 14.74 -7.24 38.54
N PHE C 400 13.49 -7.43 38.92
CA PHE C 400 12.86 -6.62 39.96
C PHE C 400 11.60 -7.33 40.44
N VAL C 401 10.89 -6.71 41.37
CA VAL C 401 9.66 -7.25 41.93
C VAL C 401 8.58 -6.19 41.84
N ILE C 402 7.42 -6.57 41.30
CA ILE C 402 6.24 -5.74 41.27
C ILE C 402 5.05 -6.59 41.70
N ARG C 403 3.87 -5.96 41.75
CA ARG C 403 2.66 -6.66 42.11
C ARG C 403 1.92 -7.11 40.85
N GLY C 404 0.88 -7.92 41.06
CA GLY C 404 0.15 -8.57 39.98
C GLY C 404 -0.35 -7.63 38.89
N ASP C 405 -1.19 -6.66 39.29
CA ASP C 405 -1.82 -5.76 38.32
C ASP C 405 -0.83 -4.83 37.63
N GLU C 406 0.42 -4.79 38.08
CA GLU C 406 1.45 -3.98 37.43
C GLU C 406 2.28 -4.78 36.43
N VAL C 407 2.07 -6.10 36.36
CA VAL C 407 2.83 -6.94 35.43
C VAL C 407 2.56 -6.51 33.99
N ARG C 408 1.32 -6.13 33.69
CA ARG C 408 0.96 -5.72 32.33
C ARG C 408 1.68 -4.44 31.91
N GLN C 409 2.23 -3.68 32.84
CA GLN C 409 2.94 -2.45 32.47
C GLN C 409 4.34 -2.70 31.95
N ILE C 410 4.85 -3.93 32.05
CA ILE C 410 6.21 -4.24 31.57
C ILE C 410 6.06 -4.69 30.13
N ALA C 411 5.97 -3.72 29.23
CA ALA C 411 5.78 -3.98 27.80
C ALA C 411 6.09 -2.68 27.05
N PRO C 412 6.47 -2.79 25.78
CA PRO C 412 6.74 -1.58 24.99
C PRO C 412 5.48 -0.74 24.83
N GLY C 413 5.63 0.57 25.03
CA GLY C 413 4.52 1.48 24.86
C GLY C 413 3.43 1.35 25.89
N GLN C 414 3.81 1.16 27.15
CA GLN C 414 2.86 1.11 28.25
C GLN C 414 3.05 2.29 29.18
N THR C 415 1.99 2.63 29.92
CA THR C 415 1.98 3.78 30.81
C THR C 415 1.54 3.34 32.19
N GLY C 416 1.97 4.09 33.19
CA GLY C 416 1.66 3.78 34.57
C GLY C 416 2.76 4.28 35.48
N LYS C 417 2.58 4.04 36.78
CA LYS C 417 3.57 4.47 37.74
C LYS C 417 4.89 3.75 37.54
N ILE C 418 4.85 2.49 37.13
CA ILE C 418 6.07 1.72 36.97
C ILE C 418 6.76 2.06 35.65
N ALA C 419 5.99 2.05 34.55
CA ALA C 419 6.59 2.31 33.25
C ALA C 419 7.03 3.76 33.09
N ASP C 420 6.45 4.70 33.84
CA ASP C 420 6.85 6.09 33.70
C ASP C 420 7.95 6.48 34.67
N TYR C 421 7.90 5.98 35.90
CA TYR C 421 8.78 6.46 36.96
C TYR C 421 9.76 5.41 37.46
N ASN C 422 9.60 4.14 37.08
CA ASN C 422 10.41 3.07 37.64
C ASN C 422 11.21 2.33 36.60
N TYR C 423 10.56 1.80 35.56
CA TYR C 423 11.24 1.00 34.55
C TYR C 423 10.53 1.19 33.22
N LYS C 424 11.20 1.79 32.25
CA LYS C 424 10.63 2.09 30.94
C LYS C 424 11.35 1.27 29.87
N LEU C 425 10.56 0.61 29.02
CA LEU C 425 10.97 -0.18 27.87
C LEU C 425 10.85 0.62 26.58
N PRO C 426 11.87 0.54 25.72
CA PRO C 426 11.81 1.24 24.43
C PRO C 426 10.77 0.62 23.52
N ASP C 427 10.38 1.39 22.50
CA ASP C 427 9.39 0.91 21.55
C ASP C 427 9.98 -0.09 20.56
N ASP C 428 11.29 0.01 20.30
CA ASP C 428 12.00 -0.96 19.48
C ASP C 428 12.64 -2.07 20.30
N PHE C 429 12.01 -2.46 21.41
CA PHE C 429 12.60 -3.46 22.29
C PHE C 429 12.64 -4.82 21.62
N THR C 430 13.78 -5.49 21.73
CA THR C 430 13.96 -6.84 21.19
C THR C 430 14.36 -7.75 22.35
N GLY C 431 13.40 -8.54 22.84
CA GLY C 431 13.68 -9.42 23.95
C GLY C 431 12.39 -10.04 24.49
N CYS C 432 12.50 -10.59 25.70
CA CYS C 432 11.40 -11.27 26.34
C CYS C 432 11.22 -10.74 27.76
N VAL C 433 9.96 -10.75 28.21
CA VAL C 433 9.58 -10.33 29.55
C VAL C 433 9.06 -11.56 30.28
N ILE C 434 9.70 -11.90 31.39
CA ILE C 434 9.35 -13.09 32.16
C ILE C 434 8.98 -12.66 33.57
N ALA C 435 7.90 -13.24 34.08
CA ALA C 435 7.44 -12.94 35.43
C ALA C 435 6.77 -14.19 36.02
N TRP C 436 6.77 -14.27 37.34
CA TRP C 436 6.11 -15.36 38.04
C TRP C 436 5.70 -14.88 39.43
N ASN C 437 4.64 -15.49 39.95
CA ASN C 437 4.10 -15.09 41.24
C ASN C 437 5.04 -15.52 42.36
N SER C 438 5.52 -14.56 43.13
CA SER C 438 6.45 -14.80 44.23
C SER C 438 5.82 -14.50 45.58
N ASN C 439 4.53 -14.81 45.73
CA ASN C 439 3.86 -14.53 47.00
C ASN C 439 4.40 -15.37 48.13
N ASN C 440 4.88 -16.59 47.83
CA ASN C 440 5.42 -17.44 48.88
C ASN C 440 6.79 -16.97 49.36
N LEU C 441 7.50 -16.18 48.56
CA LEU C 441 8.85 -15.73 48.92
C LEU C 441 8.91 -14.27 49.31
N ASP C 442 8.14 -13.38 48.66
CA ASP C 442 8.29 -11.95 48.83
C ASP C 442 7.17 -11.33 49.65
N SER C 443 6.42 -12.14 50.40
CA SER C 443 5.33 -11.67 51.24
C SER C 443 5.63 -11.99 52.70
N LYS C 444 5.28 -11.07 53.58
CA LYS C 444 5.42 -11.26 55.01
C LYS C 444 4.04 -11.21 55.65
N VAL C 445 3.88 -11.96 56.75
CA VAL C 445 2.61 -12.02 57.45
C VAL C 445 2.17 -10.62 57.88
N GLY C 446 3.11 -9.81 58.34
CA GLY C 446 2.86 -8.43 58.66
C GLY C 446 3.05 -7.48 57.51
N GLY C 447 3.35 -8.00 56.32
CA GLY C 447 3.61 -7.18 55.16
C GLY C 447 5.09 -7.03 54.87
N ASN C 448 5.48 -7.24 53.62
CA ASN C 448 6.87 -7.09 53.22
C ASN C 448 7.04 -5.69 52.65
N TYR C 449 7.78 -4.85 53.38
CA TYR C 449 7.98 -3.45 53.01
C TYR C 449 9.38 -3.18 52.50
N ASN C 450 10.10 -4.22 52.08
CA ASN C 450 11.46 -4.03 51.56
C ASN C 450 11.47 -3.72 50.08
N TYR C 451 10.42 -4.08 49.35
CA TYR C 451 10.32 -3.79 47.92
C TYR C 451 9.60 -2.46 47.75
N LEU C 452 10.28 -1.51 47.12
CA LEU C 452 9.75 -0.16 46.96
C LEU C 452 9.53 0.16 45.49
N TYR C 453 8.84 1.27 45.25
CA TYR C 453 8.63 1.77 43.90
C TYR C 453 8.54 3.29 43.96
N ARG C 454 8.95 3.93 42.87
CA ARG C 454 8.90 5.39 42.78
C ARG C 454 7.47 5.83 42.48
N LEU C 455 6.92 6.67 43.35
CA LEU C 455 5.55 7.15 43.20
C LEU C 455 5.48 8.55 42.61
N PHE C 456 6.44 9.41 42.90
CA PHE C 456 6.46 10.78 42.40
C PHE C 456 7.76 11.03 41.64
N ARG C 457 7.63 11.73 40.51
CA ARG C 457 8.78 12.08 39.68
C ARG C 457 8.36 13.19 38.73
N LYS C 458 9.29 14.13 38.49
CA LYS C 458 8.94 15.32 37.71
C LYS C 458 8.64 14.97 36.26
N SER C 459 9.24 13.91 35.73
CA SER C 459 9.03 13.52 34.34
C SER C 459 9.17 12.01 34.22
N ASN C 460 8.84 11.50 33.04
CA ASN C 460 8.92 10.08 32.78
C ASN C 460 10.35 9.65 32.50
N LEU C 461 10.64 8.39 32.77
CA LEU C 461 11.96 7.83 32.52
C LEU C 461 12.17 7.57 31.04
N LYS C 462 13.40 7.79 30.58
CA LYS C 462 13.82 7.29 29.28
C LYS C 462 13.87 5.76 29.29
N PRO C 463 13.80 5.13 28.13
CA PRO C 463 13.93 3.66 28.07
C PRO C 463 15.25 3.20 28.67
N PHE C 464 15.17 2.17 29.52
CA PHE C 464 16.32 1.55 30.16
C PHE C 464 17.04 2.51 31.10
N GLU C 465 16.34 3.51 31.61
CA GLU C 465 16.89 4.43 32.60
C GLU C 465 16.47 4.00 34.00
N ARG C 466 17.36 4.20 34.96
CA ARG C 466 17.11 3.85 36.35
C ARG C 466 17.22 5.12 37.19
N ASP C 467 16.24 5.34 38.05
CA ASP C 467 16.20 6.51 38.93
C ASP C 467 16.13 6.00 40.37
N ILE C 468 17.21 6.18 41.12
CA ILE C 468 17.28 5.75 42.51
C ILE C 468 17.44 6.94 43.46
N SER C 469 17.11 8.15 42.99
CA SER C 469 17.19 9.32 43.84
C SER C 469 16.12 9.28 44.93
N THR C 470 16.46 9.84 46.09
CA THR C 470 15.53 9.93 47.21
C THR C 470 15.24 11.38 47.58
N GLU C 471 15.29 12.28 46.60
CA GLU C 471 15.00 13.69 46.86
C GLU C 471 13.50 13.88 47.09
N ILE C 472 13.18 14.86 47.93
CA ILE C 472 11.78 15.16 48.21
C ILE C 472 11.12 15.76 46.97
N TYR C 473 9.98 15.21 46.59
CA TYR C 473 9.26 15.66 45.40
C TYR C 473 8.53 16.97 45.71
N GLN C 474 8.94 18.05 45.04
CA GLN C 474 8.30 19.35 45.20
C GLN C 474 7.06 19.39 44.31
N ALA C 475 5.90 19.16 44.90
CA ALA C 475 4.65 19.15 44.13
C ALA C 475 4.14 20.54 43.84
N GLY C 476 4.34 21.50 44.74
CA GLY C 476 3.86 22.85 44.59
C GLY C 476 4.92 23.79 44.04
N SER C 477 4.72 25.07 44.31
CA SER C 477 5.63 26.11 43.86
C SER C 477 6.70 26.47 44.88
N THR C 478 6.44 26.23 46.16
CA THR C 478 7.42 26.55 47.20
C THR C 478 8.48 25.47 47.26
N PRO C 479 9.77 25.82 47.26
CA PRO C 479 10.82 24.80 47.35
C PRO C 479 10.75 24.08 48.70
N CYS C 480 11.23 22.85 48.70
CA CYS C 480 11.11 21.98 49.87
C CYS C 480 12.34 21.98 50.76
N ASN C 481 13.52 22.27 50.20
CA ASN C 481 14.77 22.31 50.97
C ASN C 481 15.00 21.00 51.72
N GLY C 482 14.61 19.89 51.08
CA GLY C 482 14.75 18.58 51.69
C GLY C 482 13.86 18.35 52.89
N VAL C 483 12.77 19.09 53.01
CA VAL C 483 11.83 18.94 54.12
C VAL C 483 10.54 18.35 53.58
N GLU C 484 10.15 17.20 54.11
CA GLU C 484 8.91 16.55 53.71
C GLU C 484 7.71 17.23 54.39
N GLY C 485 6.60 17.25 53.69
CA GLY C 485 5.39 17.85 54.21
C GLY C 485 4.49 18.30 53.08
N PHE C 486 3.88 19.47 53.27
CA PHE C 486 2.86 19.96 52.33
C PHE C 486 3.49 20.26 50.98
N ASN C 487 2.96 19.61 49.94
CA ASN C 487 3.49 19.72 48.58
C ASN C 487 4.96 19.29 48.52
N CYS C 488 5.37 18.42 49.43
CA CYS C 488 6.75 17.93 49.49
C CYS C 488 6.70 16.46 49.89
N TYR C 489 6.59 15.59 48.89
CA TYR C 489 6.33 14.18 49.11
C TYR C 489 7.63 13.38 49.03
N PHE C 490 7.65 12.26 49.75
CA PHE C 490 8.70 11.26 49.54
C PHE C 490 8.43 10.48 48.25
N PRO C 491 9.40 10.39 47.35
CA PRO C 491 9.11 9.84 46.01
C PRO C 491 8.98 8.34 45.96
N LEU C 492 9.30 7.63 47.03
CA LEU C 492 9.29 6.18 47.05
C LEU C 492 8.19 5.68 47.98
N GLN C 493 7.43 4.70 47.50
CA GLN C 493 6.40 4.05 48.29
C GLN C 493 6.68 2.55 48.37
N SER C 494 6.27 1.93 49.46
CA SER C 494 6.53 0.51 49.71
C SER C 494 5.29 -0.31 49.40
N TYR C 495 5.50 -1.47 48.79
CA TYR C 495 4.42 -2.43 48.60
C TYR C 495 4.01 -3.07 49.92
N GLY C 496 2.73 -3.43 50.00
CA GLY C 496 2.22 -4.16 51.15
C GLY C 496 2.82 -5.55 51.23
N PHE C 497 2.50 -6.38 50.22
CA PHE C 497 3.02 -7.74 50.09
C PHE C 497 2.72 -8.58 51.34
N GLN C 498 1.43 -8.88 51.49
CA GLN C 498 0.94 -9.80 52.49
C GLN C 498 0.38 -11.05 51.84
N PRO C 499 0.49 -12.22 52.49
CA PRO C 499 0.00 -13.46 51.87
C PRO C 499 -1.47 -13.41 51.51
N THR C 500 -2.29 -12.73 52.30
CA THR C 500 -3.72 -12.63 52.05
C THR C 500 -4.08 -11.60 50.98
N ASN C 501 -3.09 -10.99 50.34
CA ASN C 501 -3.36 -10.01 49.30
C ASN C 501 -3.99 -10.68 48.09
N GLY C 502 -4.79 -9.91 47.37
CA GLY C 502 -5.28 -10.37 46.08
C GLY C 502 -4.16 -10.61 45.10
N VAL C 503 -4.46 -11.42 44.08
CA VAL C 503 -3.43 -11.82 43.13
C VAL C 503 -2.83 -10.60 42.43
N GLY C 504 -3.67 -9.60 42.14
CA GLY C 504 -3.17 -8.37 41.57
C GLY C 504 -2.28 -7.58 42.52
N TYR C 505 -2.36 -7.87 43.82
CA TYR C 505 -1.55 -7.20 44.82
C TYR C 505 -0.50 -8.13 45.43
N GLN C 506 -0.32 -9.31 44.87
CA GLN C 506 0.73 -10.20 45.34
C GLN C 506 2.04 -9.90 44.63
N PRO C 507 3.17 -10.23 45.24
CA PRO C 507 4.45 -9.92 44.60
C PRO C 507 4.73 -10.84 43.43
N TYR C 508 5.38 -10.27 42.41
CA TYR C 508 5.79 -11.01 41.24
C TYR C 508 7.25 -10.67 40.94
N ARG C 509 8.05 -11.69 40.67
CA ARG C 509 9.45 -11.49 40.31
C ARG C 509 9.54 -11.45 38.79
N VAL C 510 10.06 -10.35 38.26
CA VAL C 510 10.11 -10.10 36.82
C VAL C 510 11.55 -10.12 36.38
N VAL C 511 11.81 -10.83 35.27
CA VAL C 511 13.11 -10.84 34.62
C VAL C 511 12.91 -10.43 33.17
N VAL C 512 13.59 -9.35 32.76
CA VAL C 512 13.48 -8.83 31.40
C VAL C 512 14.81 -9.12 30.70
N LEU C 513 14.76 -9.99 29.70
CA LEU C 513 15.91 -10.29 28.86
C LEU C 513 15.85 -9.41 27.62
N SER C 514 16.88 -8.58 27.43
CA SER C 514 17.01 -7.75 26.24
C SER C 514 18.19 -8.22 25.40
N PHE C 515 17.95 -8.42 24.11
CA PHE C 515 18.97 -8.86 23.17
C PHE C 515 19.36 -7.69 22.27
N GLU C 516 20.66 -7.49 22.10
CA GLU C 516 21.18 -6.42 21.25
C GLU C 516 22.01 -7.06 20.14
N LEU C 517 21.75 -6.63 18.91
CA LEU C 517 22.50 -7.13 17.75
C LEU C 517 23.55 -6.10 17.31
N LEU C 518 24.48 -5.79 18.21
CA LEU C 518 25.62 -4.98 17.84
C LEU C 518 26.41 -5.71 16.75
N HIS C 519 26.78 -4.98 15.70
CA HIS C 519 27.57 -5.62 14.65
C HIS C 519 28.97 -5.87 15.20
N ALA C 520 29.16 -7.02 15.82
CA ALA C 520 30.37 -7.32 16.58
C ALA C 520 30.44 -8.81 16.78
N PRO C 521 31.54 -9.34 17.36
CA PRO C 521 31.56 -10.79 17.62
C PRO C 521 30.51 -11.21 18.62
N ALA C 522 29.51 -11.93 18.12
CA ALA C 522 28.38 -12.40 18.93
C ALA C 522 28.85 -13.51 19.86
N THR C 523 28.89 -13.21 21.16
CA THR C 523 29.37 -14.18 22.15
C THR C 523 28.25 -15.04 22.72
N VAL C 524 27.14 -14.41 23.12
CA VAL C 524 25.99 -15.14 23.66
C VAL C 524 25.33 -15.91 22.54
N CYS C 525 25.53 -17.24 22.52
CA CYS C 525 24.93 -18.09 21.50
C CYS C 525 23.99 -19.13 22.09
N GLY C 526 23.16 -19.65 21.19
CA GLY C 526 22.11 -20.61 21.47
C GLY C 526 22.40 -22.06 21.10
N PRO C 527 22.78 -22.87 22.10
CA PRO C 527 23.68 -24.01 21.88
C PRO C 527 23.34 -24.89 20.68
N LYS C 528 24.16 -24.82 19.63
CA LYS C 528 23.88 -25.62 18.45
C LYS C 528 25.14 -26.07 17.72
N LYS C 529 26.32 -25.88 18.30
CA LYS C 529 27.57 -26.52 17.86
C LYS C 529 27.99 -26.20 16.42
N SER C 530 29.28 -26.05 16.19
CA SER C 530 29.74 -25.81 14.84
C SER C 530 29.89 -27.12 14.08
N THR C 531 30.01 -27.00 12.75
CA THR C 531 30.23 -28.10 11.83
C THR C 531 31.51 -27.83 11.04
N ASN C 532 31.90 -28.82 10.23
CA ASN C 532 33.04 -28.63 9.36
C ASN C 532 32.67 -27.71 8.20
N LEU C 533 33.68 -27.05 7.64
CA LEU C 533 33.49 -26.10 6.55
C LEU C 533 33.89 -26.73 5.23
N VAL C 534 33.03 -26.57 4.22
CA VAL C 534 33.22 -27.13 2.89
C VAL C 534 33.43 -25.98 1.92
N LYS C 535 34.56 -26.00 1.22
CA LYS C 535 34.93 -24.94 0.29
C LYS C 535 34.55 -25.30 -1.14
N ASN C 536 34.36 -24.26 -1.96
CA ASN C 536 34.10 -24.41 -3.39
C ASN C 536 32.83 -25.18 -3.70
N LYS C 537 31.84 -25.10 -2.81
CA LYS C 537 30.55 -25.75 -3.04
C LYS C 537 29.44 -24.82 -2.59
N CYS C 538 28.28 -24.94 -3.25
CA CYS C 538 27.11 -24.17 -2.87
C CYS C 538 26.56 -24.71 -1.56
N VAL C 539 26.61 -23.90 -0.50
CA VAL C 539 26.18 -24.32 0.83
C VAL C 539 25.33 -23.22 1.47
N ASN C 540 24.55 -23.63 2.46
CA ASN C 540 23.78 -22.71 3.30
C ASN C 540 24.59 -22.52 4.58
N PHE C 541 25.21 -21.36 4.73
CA PHE C 541 26.18 -21.12 5.78
C PHE C 541 25.56 -20.34 6.94
N ASN C 542 26.17 -20.49 8.12
CA ASN C 542 25.76 -19.76 9.31
C ASN C 542 27.03 -19.37 10.06
N PHE C 543 27.41 -18.10 9.97
CA PHE C 543 28.60 -17.58 10.65
C PHE C 543 28.17 -16.65 11.77
N ASN C 544 28.31 -17.12 13.02
CA ASN C 544 27.99 -16.33 14.21
C ASN C 544 26.56 -15.81 14.15
N GLY C 545 25.64 -16.63 13.66
CA GLY C 545 24.25 -16.26 13.56
C GLY C 545 23.85 -15.63 12.24
N LEU C 546 24.81 -15.28 11.39
CA LEU C 546 24.54 -14.68 10.09
C LEU C 546 24.39 -15.81 9.07
N THR C 547 23.23 -15.90 8.45
CA THR C 547 22.90 -17.02 7.58
C THR C 547 22.80 -16.55 6.13
N GLY C 548 22.91 -17.52 5.22
CA GLY C 548 22.78 -17.25 3.81
C GLY C 548 23.18 -18.46 3.01
N THR C 549 23.05 -18.33 1.69
CA THR C 549 23.41 -19.38 0.75
C THR C 549 24.45 -18.85 -0.23
N GLY C 550 25.49 -19.63 -0.46
CA GLY C 550 26.53 -19.23 -1.38
C GLY C 550 27.69 -20.20 -1.33
N VAL C 551 28.66 -19.95 -2.20
CA VAL C 551 29.88 -20.75 -2.30
C VAL C 551 30.96 -20.06 -1.50
N LEU C 552 31.58 -20.79 -0.57
CA LEU C 552 32.64 -20.27 0.27
C LEU C 552 33.99 -20.65 -0.33
N THR C 553 34.80 -19.66 -0.66
CA THR C 553 36.10 -19.88 -1.27
C THR C 553 37.16 -19.10 -0.49
N GLU C 554 38.42 -19.42 -0.74
CA GLU C 554 39.52 -18.66 -0.18
C GLU C 554 39.59 -17.28 -0.82
N SER C 555 40.13 -16.32 -0.06
CA SER C 555 40.20 -14.94 -0.51
C SER C 555 41.55 -14.34 -0.18
N ASN C 556 41.85 -13.22 -0.83
CA ASN C 556 43.04 -12.43 -0.57
C ASN C 556 42.68 -11.05 -0.05
N LYS C 557 41.52 -10.93 0.58
CA LYS C 557 41.05 -9.67 1.12
C LYS C 557 41.57 -9.51 2.55
N LYS C 558 42.44 -8.53 2.76
CA LYS C 558 43.13 -8.34 4.03
C LYS C 558 42.23 -7.56 4.99
N PHE C 559 41.42 -8.29 5.74
CA PHE C 559 40.61 -7.67 6.78
C PHE C 559 41.50 -7.21 7.93
N LEU C 560 41.13 -6.09 8.54
CA LEU C 560 41.87 -5.60 9.69
C LEU C 560 41.53 -6.43 10.93
N PRO C 561 42.44 -6.49 11.91
CA PRO C 561 42.22 -7.36 13.07
C PRO C 561 40.89 -7.15 13.78
N PHE C 562 40.30 -5.97 13.68
CA PHE C 562 39.02 -5.71 14.32
C PHE C 562 37.83 -5.98 13.40
N GLN C 563 38.07 -6.25 12.12
CA GLN C 563 37.00 -6.45 11.16
C GLN C 563 36.64 -7.92 11.08
N GLN C 564 35.35 -8.22 11.14
CA GLN C 564 34.86 -9.59 11.11
C GLN C 564 34.06 -9.92 9.86
N PHE C 565 33.32 -8.95 9.31
CA PHE C 565 32.48 -9.17 8.15
C PHE C 565 32.77 -8.12 7.10
N GLY C 566 32.60 -8.51 5.84
CA GLY C 566 32.65 -7.57 4.73
C GLY C 566 31.29 -7.42 4.09
N ARG C 567 31.08 -6.31 3.38
CA ARG C 567 29.79 -6.07 2.73
C ARG C 567 30.02 -5.54 1.32
N ASP C 568 29.05 -5.82 0.45
CA ASP C 568 29.05 -5.37 -0.92
C ASP C 568 28.28 -4.06 -1.06
N ILE C 569 28.16 -3.58 -2.30
CA ILE C 569 27.48 -2.32 -2.58
C ILE C 569 26.04 -2.38 -2.10
N ALA C 570 25.40 -3.54 -2.26
CA ALA C 570 24.01 -3.73 -1.86
C ALA C 570 23.84 -3.95 -0.36
N ASP C 571 24.92 -3.85 0.41
CA ASP C 571 24.97 -4.07 1.86
C ASP C 571 24.84 -5.55 2.21
N THR C 572 24.92 -6.44 1.23
CA THR C 572 24.93 -7.86 1.50
C THR C 572 26.33 -8.30 1.89
N THR C 573 26.42 -9.47 2.51
CA THR C 573 27.72 -9.94 2.98
C THR C 573 28.59 -10.36 1.80
N ASP C 574 29.81 -9.82 1.76
CA ASP C 574 30.79 -10.12 0.73
C ASP C 574 31.78 -11.19 1.16
N ALA C 575 32.22 -11.15 2.41
CA ALA C 575 33.19 -12.10 2.93
C ALA C 575 33.05 -12.15 4.44
N VAL C 576 33.48 -13.27 5.02
CA VAL C 576 33.44 -13.45 6.47
C VAL C 576 34.78 -14.00 6.94
N ARG C 577 35.07 -13.74 8.21
CA ARG C 577 36.20 -14.34 8.90
C ARG C 577 35.70 -15.53 9.70
N ASP C 578 36.30 -16.70 9.46
CA ASP C 578 35.89 -17.92 10.14
C ASP C 578 36.10 -17.77 11.64
N PRO C 579 35.07 -17.97 12.46
CA PRO C 579 35.22 -17.71 13.90
C PRO C 579 36.20 -18.62 14.61
N GLN C 580 36.58 -19.74 14.00
CA GLN C 580 37.52 -20.68 14.60
C GLN C 580 38.94 -20.47 14.09
N THR C 581 39.11 -20.24 12.79
CA THR C 581 40.41 -19.97 12.19
C THR C 581 40.33 -18.62 11.48
N LEU C 582 41.18 -17.68 11.89
CA LEU C 582 41.03 -16.28 11.46
C LEU C 582 41.53 -16.12 10.03
N GLU C 583 40.75 -16.66 9.10
CA GLU C 583 40.97 -16.49 7.68
C GLU C 583 39.75 -15.87 7.03
N ILE C 584 39.96 -15.21 5.90
CA ILE C 584 38.90 -14.50 5.19
C ILE C 584 38.44 -15.35 4.02
N LEU C 585 37.14 -15.64 3.97
CA LEU C 585 36.53 -16.44 2.92
C LEU C 585 35.56 -15.59 2.12
N ASP C 586 35.67 -15.62 0.80
CA ASP C 586 34.72 -14.94 -0.06
C ASP C 586 33.43 -15.74 -0.21
N ILE C 587 32.32 -15.01 -0.30
CA ILE C 587 31.00 -15.59 -0.48
C ILE C 587 30.53 -15.21 -1.88
N THR C 588 30.43 -16.20 -2.76
CA THR C 588 29.96 -15.98 -4.12
C THR C 588 28.61 -16.65 -4.30
N PRO C 589 27.55 -15.88 -4.58
CA PRO C 589 26.22 -16.48 -4.75
C PRO C 589 26.24 -17.62 -5.76
N CYS C 590 25.45 -18.64 -5.48
CA CYS C 590 25.47 -19.85 -6.29
C CYS C 590 25.00 -19.55 -7.71
N SER C 591 25.60 -20.23 -8.68
CA SER C 591 25.34 -19.97 -10.08
C SER C 591 23.86 -20.02 -10.41
N PHE C 592 23.37 -18.98 -11.07
CA PHE C 592 21.98 -18.89 -11.47
C PHE C 592 21.91 -18.20 -12.83
N GLY C 593 20.74 -18.31 -13.46
CA GLY C 593 20.53 -17.62 -14.72
C GLY C 593 19.19 -18.02 -15.33
N GLY C 594 18.79 -17.24 -16.31
CA GLY C 594 17.54 -17.52 -17.00
C GLY C 594 17.64 -18.75 -17.86
N VAL C 595 16.49 -19.38 -18.11
CA VAL C 595 16.40 -20.56 -18.96
C VAL C 595 15.50 -20.23 -20.14
N SER C 596 16.04 -20.37 -21.34
CA SER C 596 15.30 -20.13 -22.57
C SER C 596 15.24 -21.44 -23.35
N VAL C 597 14.12 -21.66 -24.03
CA VAL C 597 13.91 -22.87 -24.82
C VAL C 597 13.89 -22.47 -26.29
N ILE C 598 14.80 -23.06 -27.06
CA ILE C 598 14.94 -22.78 -28.48
C ILE C 598 14.26 -23.91 -29.23
N THR C 599 13.18 -23.60 -29.94
CA THR C 599 12.42 -24.65 -30.58
C THR C 599 11.83 -24.20 -31.91
N PRO C 600 11.80 -25.06 -32.91
CA PRO C 600 10.95 -24.82 -34.07
C PRO C 600 9.50 -25.01 -33.70
N GLY C 601 8.63 -24.46 -34.54
CA GLY C 601 7.20 -24.53 -34.26
C GLY C 601 6.71 -25.97 -34.17
N THR C 602 5.65 -26.16 -33.36
CA THR C 602 5.10 -27.49 -33.16
C THR C 602 4.46 -28.05 -34.43
N ASN C 603 4.31 -27.22 -35.46
CA ASN C 603 3.85 -27.67 -36.78
C ASN C 603 4.98 -28.34 -37.55
N THR C 604 6.21 -28.30 -37.04
CA THR C 604 7.34 -28.92 -37.71
C THR C 604 7.95 -30.07 -36.94
N SER C 605 8.29 -29.87 -35.67
CA SER C 605 8.95 -30.91 -34.90
C SER C 605 8.74 -30.65 -33.40
N ASN C 606 8.77 -31.73 -32.63
CA ASN C 606 8.69 -31.65 -31.19
C ASN C 606 10.07 -31.76 -30.53
N GLN C 607 11.13 -31.64 -31.32
CA GLN C 607 12.48 -31.60 -30.78
C GLN C 607 12.83 -30.19 -30.35
N VAL C 608 13.46 -30.06 -29.18
CA VAL C 608 13.81 -28.75 -28.65
C VAL C 608 15.26 -28.73 -28.21
N ALA C 609 15.79 -27.51 -28.15
CA ALA C 609 17.10 -27.22 -27.57
C ALA C 609 16.91 -26.28 -26.39
N VAL C 610 17.78 -26.42 -25.39
CA VAL C 610 17.69 -25.64 -24.16
C VAL C 610 18.94 -24.80 -24.02
N LEU C 611 18.76 -23.49 -23.85
CA LEU C 611 19.84 -22.54 -23.60
C LEU C 611 19.81 -22.10 -22.15
N TYR C 612 20.89 -22.34 -21.41
CA TYR C 612 21.05 -21.86 -20.04
C TYR C 612 21.84 -20.56 -20.09
N GLN C 613 21.16 -19.44 -19.82
CA GLN C 613 21.72 -18.13 -20.06
C GLN C 613 22.81 -17.78 -19.07
N ASP C 614 23.94 -17.26 -19.59
CA ASP C 614 25.02 -16.70 -18.78
C ASP C 614 25.52 -17.66 -17.72
N VAL C 615 25.67 -18.94 -18.09
CA VAL C 615 26.28 -19.93 -17.22
C VAL C 615 27.33 -20.70 -18.00
N ASN C 616 28.22 -21.35 -17.26
CA ASN C 616 29.20 -22.25 -17.86
C ASN C 616 28.61 -23.66 -17.94
N CYS C 617 29.13 -24.46 -18.86
CA CYS C 617 28.65 -25.83 -19.04
C CYS C 617 29.24 -26.76 -17.97
N THR C 618 28.97 -26.42 -16.72
CA THR C 618 29.49 -27.24 -15.61
C THR C 618 28.39 -27.73 -14.69
N GLU C 619 27.73 -26.80 -13.98
CA GLU C 619 26.69 -27.16 -13.04
C GLU C 619 25.52 -27.87 -13.70
N VAL C 620 25.27 -27.60 -14.97
CA VAL C 620 24.15 -28.21 -15.68
C VAL C 620 24.36 -29.71 -15.83
N ASN C 641 26.44 -33.35 -27.17
CA ASN C 641 25.79 -32.33 -27.99
C ASN C 641 25.61 -31.04 -27.20
N VAL C 642 26.72 -30.55 -26.64
CA VAL C 642 26.74 -29.35 -25.81
C VAL C 642 27.69 -28.36 -26.44
N PHE C 643 27.21 -27.16 -26.73
CA PHE C 643 27.99 -26.10 -27.38
C PHE C 643 28.05 -24.89 -26.46
N GLN C 644 29.26 -24.54 -26.03
CA GLN C 644 29.47 -23.37 -25.18
C GLN C 644 29.64 -22.12 -26.04
N THR C 645 28.80 -21.12 -25.77
CA THR C 645 28.85 -19.83 -26.44
C THR C 645 28.94 -18.73 -25.40
N ARG C 646 29.13 -17.49 -25.87
CA ARG C 646 29.18 -16.37 -24.96
C ARG C 646 27.81 -15.94 -24.46
N ALA C 647 26.74 -16.54 -24.99
CA ALA C 647 25.39 -16.27 -24.52
C ALA C 647 24.97 -17.20 -23.38
N GLY C 648 25.74 -18.23 -23.10
CA GLY C 648 25.38 -19.25 -22.15
C GLY C 648 25.71 -20.62 -22.68
N CYS C 649 25.25 -21.65 -21.97
CA CYS C 649 25.53 -23.03 -22.34
C CYS C 649 24.37 -23.56 -23.17
N LEU C 650 24.63 -23.87 -24.44
CA LEU C 650 23.60 -24.31 -25.38
C LEU C 650 23.67 -25.83 -25.52
N ILE C 651 22.60 -26.51 -25.13
CA ILE C 651 22.52 -27.96 -25.15
C ILE C 651 21.41 -28.40 -26.08
N GLY C 652 21.72 -29.32 -27.00
CA GLY C 652 20.76 -29.88 -27.91
C GLY C 652 20.86 -29.42 -29.34
N ALA C 653 21.55 -28.31 -29.60
CA ALA C 653 21.76 -27.81 -30.95
C ALA C 653 23.13 -28.22 -31.44
N GLU C 654 23.19 -28.73 -32.67
CA GLU C 654 24.47 -29.12 -33.27
C GLU C 654 25.17 -27.87 -33.81
N HIS C 655 26.46 -27.75 -33.52
CA HIS C 655 27.24 -26.62 -34.00
C HIS C 655 27.69 -26.86 -35.43
N VAL C 656 27.31 -25.97 -36.33
CA VAL C 656 27.58 -26.11 -37.76
C VAL C 656 28.51 -24.97 -38.17
N ASN C 657 29.57 -25.31 -38.89
CA ASN C 657 30.51 -24.29 -39.35
C ASN C 657 29.89 -23.39 -40.43
N ASN C 658 28.97 -23.94 -41.23
CA ASN C 658 28.39 -23.19 -42.33
C ASN C 658 27.47 -22.10 -41.80
N SER C 659 27.62 -20.89 -42.34
CA SER C 659 26.75 -19.78 -41.97
C SER C 659 25.49 -19.76 -42.83
N TYR C 660 24.44 -19.19 -42.26
CA TYR C 660 23.15 -19.05 -42.93
C TYR C 660 22.50 -17.75 -42.45
N GLU C 661 21.33 -17.45 -43.02
CA GLU C 661 20.55 -16.33 -42.53
C GLU C 661 19.96 -16.67 -41.17
N CYS C 662 19.91 -15.67 -40.29
CA CYS C 662 19.38 -15.90 -38.96
C CYS C 662 17.92 -16.28 -39.00
N ASP C 663 17.56 -17.32 -38.22
CA ASP C 663 16.18 -17.80 -38.19
C ASP C 663 15.59 -17.61 -36.79
N ILE C 664 16.08 -18.33 -35.80
CA ILE C 664 15.68 -18.17 -34.40
C ILE C 664 16.85 -17.49 -33.67
N PRO C 665 16.73 -16.21 -33.30
CA PRO C 665 17.89 -15.52 -32.73
C PRO C 665 18.19 -16.04 -31.33
N ILE C 666 19.47 -16.22 -31.06
CA ILE C 666 19.95 -16.60 -29.73
C ILE C 666 20.67 -15.45 -29.04
N GLY C 667 21.62 -14.83 -29.73
CA GLY C 667 22.38 -13.73 -29.17
C GLY C 667 23.86 -13.88 -29.45
N ALA C 668 24.60 -12.78 -29.36
CA ALA C 668 26.05 -12.78 -29.55
C ALA C 668 26.45 -13.37 -30.91
N GLY C 669 25.63 -13.10 -31.93
CA GLY C 669 25.94 -13.52 -33.27
C GLY C 669 25.50 -14.92 -33.63
N ILE C 670 24.95 -15.68 -32.69
CA ILE C 670 24.56 -17.06 -32.91
C ILE C 670 23.05 -17.12 -33.13
N CYS C 671 22.64 -17.83 -34.17
CA CYS C 671 21.24 -18.08 -34.45
C CYS C 671 21.04 -19.57 -34.66
N ALA C 672 19.79 -20.00 -34.48
CA ALA C 672 19.45 -21.40 -34.63
C ALA C 672 18.31 -21.59 -35.62
N SER C 673 18.27 -22.79 -36.21
CA SER C 673 17.26 -23.15 -37.18
C SER C 673 17.10 -24.67 -37.17
N TYR C 674 16.03 -25.14 -37.79
CA TYR C 674 15.74 -26.57 -37.87
C TYR C 674 16.03 -27.04 -39.29
N GLN C 675 17.11 -27.80 -39.45
CA GLN C 675 17.59 -28.22 -40.77
C GLN C 675 18.24 -29.60 -40.64
N THR C 676 18.70 -30.12 -41.77
CA THR C 676 19.35 -31.42 -41.81
C THR C 676 20.86 -31.28 -41.65
N SER C 689 16.27 -36.91 -40.09
CA SER C 689 17.45 -36.28 -40.66
C SER C 689 17.57 -34.84 -40.20
N GLN C 690 16.44 -34.23 -39.85
CA GLN C 690 16.41 -32.85 -39.40
C GLN C 690 16.70 -32.76 -37.90
N SER C 691 17.37 -31.68 -37.52
CA SER C 691 17.67 -31.41 -36.12
C SER C 691 17.91 -29.92 -35.96
N ILE C 692 17.95 -29.48 -34.71
CA ILE C 692 18.23 -28.07 -34.42
C ILE C 692 19.74 -27.85 -34.50
N ILE C 693 20.14 -26.82 -35.25
CA ILE C 693 21.54 -26.50 -35.42
C ILE C 693 21.80 -25.08 -34.94
N ALA C 694 23.06 -24.81 -34.59
CA ALA C 694 23.49 -23.48 -34.17
C ALA C 694 24.70 -23.07 -34.97
N TYR C 695 24.75 -21.80 -35.35
CA TYR C 695 25.82 -21.30 -36.20
C TYR C 695 25.91 -19.80 -36.02
N THR C 696 27.05 -19.24 -36.46
CA THR C 696 27.17 -17.79 -36.57
C THR C 696 26.44 -17.34 -37.82
N MET C 697 25.53 -16.39 -37.66
CA MET C 697 24.67 -16.01 -38.77
C MET C 697 25.45 -15.27 -39.85
N SER C 698 25.06 -15.50 -41.09
CA SER C 698 25.60 -14.76 -42.21
C SER C 698 24.91 -13.40 -42.31
N LEU C 699 25.67 -12.40 -42.76
CA LEU C 699 25.14 -11.06 -42.94
C LEU C 699 24.68 -10.80 -44.37
N GLY C 700 24.39 -11.86 -45.12
CA GLY C 700 24.03 -11.73 -46.52
C GLY C 700 25.13 -12.25 -47.42
N ALA C 701 24.78 -12.40 -48.69
CA ALA C 701 25.75 -12.85 -49.67
C ALA C 701 26.81 -11.78 -49.90
N GLU C 702 28.05 -12.24 -50.13
CA GLU C 702 29.16 -11.34 -50.44
C GLU C 702 29.20 -11.07 -51.93
N ASN C 703 29.29 -9.79 -52.29
CA ASN C 703 29.26 -9.39 -53.69
C ASN C 703 30.15 -8.16 -53.84
N SER C 704 31.36 -8.36 -54.34
CA SER C 704 32.26 -7.25 -54.60
C SER C 704 31.80 -6.47 -55.83
N VAL C 705 32.11 -5.18 -55.84
CA VAL C 705 31.77 -4.29 -56.95
C VAL C 705 33.00 -4.11 -57.82
N ALA C 706 32.81 -4.25 -59.13
CA ALA C 706 33.92 -4.13 -60.09
C ALA C 706 34.23 -2.65 -60.32
N TYR C 707 34.72 -2.02 -59.25
CA TYR C 707 35.01 -0.60 -59.31
C TYR C 707 36.25 -0.31 -60.12
N SER C 708 36.17 0.73 -60.94
CA SER C 708 37.33 1.27 -61.64
C SER C 708 37.04 2.72 -61.97
N ASN C 709 38.09 3.44 -62.35
CA ASN C 709 37.98 4.87 -62.61
C ASN C 709 37.38 5.21 -63.97
N ASN C 710 37.17 4.22 -64.84
CA ASN C 710 36.64 4.52 -66.16
C ASN C 710 35.58 3.52 -66.61
N SER C 711 34.80 2.97 -65.68
CA SER C 711 33.76 2.01 -66.00
C SER C 711 32.50 2.40 -65.23
N ILE C 712 31.38 2.49 -65.93
CA ILE C 712 30.09 2.85 -65.34
C ILE C 712 29.07 1.79 -65.72
N ALA C 713 28.22 1.42 -64.76
CA ALA C 713 27.13 0.49 -65.01
C ALA C 713 25.84 1.30 -65.12
N ILE C 714 25.17 1.16 -66.26
CA ILE C 714 23.95 1.89 -66.56
C ILE C 714 22.85 0.88 -66.84
N PRO C 715 21.71 0.95 -66.16
CA PRO C 715 20.65 -0.03 -66.42
C PRO C 715 20.10 0.09 -67.84
N THR C 716 19.84 -1.06 -68.45
CA THR C 716 19.28 -1.11 -69.80
C THR C 716 17.80 -1.45 -69.80
N ASN C 717 17.29 -1.99 -68.70
CA ASN C 717 15.89 -2.36 -68.55
C ASN C 717 15.47 -2.03 -67.13
N PHE C 718 14.16 -2.09 -66.89
CA PHE C 718 13.63 -1.70 -65.59
C PHE C 718 12.45 -2.60 -65.24
N THR C 719 12.11 -2.62 -63.96
CA THR C 719 10.96 -3.34 -63.45
C THR C 719 10.16 -2.44 -62.51
N ILE C 720 8.84 -2.54 -62.60
CA ILE C 720 7.93 -1.86 -61.68
C ILE C 720 7.56 -2.85 -60.59
N SER C 721 7.88 -2.51 -59.34
CA SER C 721 7.59 -3.38 -58.21
C SER C 721 6.63 -2.67 -57.26
N VAL C 722 5.86 -3.47 -56.53
CA VAL C 722 4.94 -2.98 -55.51
C VAL C 722 5.28 -3.66 -54.19
N THR C 723 5.47 -2.85 -53.16
CA THR C 723 5.78 -3.33 -51.82
C THR C 723 4.67 -2.93 -50.86
N THR C 724 4.58 -3.64 -49.75
CA THR C 724 3.52 -3.40 -48.76
C THR C 724 4.13 -2.91 -47.46
N GLU C 725 3.71 -1.73 -47.02
CA GLU C 725 4.09 -1.16 -45.74
C GLU C 725 2.85 -1.01 -44.89
N ILE C 726 2.84 -1.64 -43.71
CA ILE C 726 1.67 -1.65 -42.84
C ILE C 726 1.99 -0.89 -41.56
N LEU C 727 1.16 0.08 -41.22
CA LEU C 727 1.38 0.90 -40.03
C LEU C 727 0.12 0.89 -39.17
N PRO C 728 0.23 0.67 -37.87
CA PRO C 728 -0.91 0.91 -36.98
C PRO C 728 -1.29 2.39 -36.98
N VAL C 729 -2.59 2.66 -36.86
CA VAL C 729 -3.10 4.02 -36.79
C VAL C 729 -3.82 4.29 -35.49
N SER C 730 -4.62 3.34 -35.01
CA SER C 730 -5.41 3.55 -33.80
C SER C 730 -5.42 2.29 -32.96
N MET C 731 -5.90 2.43 -31.73
CA MET C 731 -6.08 1.30 -30.82
C MET C 731 -7.46 1.41 -30.18
N THR C 732 -7.94 0.27 -29.68
CA THR C 732 -9.28 0.20 -29.10
C THR C 732 -9.48 1.25 -28.00
N LYS C 733 -10.58 1.99 -28.11
CA LYS C 733 -10.89 3.08 -27.18
C LYS C 733 -11.50 2.48 -25.92
N THR C 734 -10.65 1.93 -25.07
CA THR C 734 -11.15 1.32 -23.86
C THR C 734 -11.52 2.38 -22.83
N SER C 735 -12.41 2.00 -21.92
CA SER C 735 -12.80 2.86 -20.82
C SER C 735 -13.13 1.97 -19.63
N VAL C 736 -12.58 2.31 -18.47
CA VAL C 736 -12.74 1.51 -17.26
C VAL C 736 -13.42 2.38 -16.20
N ASP C 737 -14.52 1.87 -15.64
CA ASP C 737 -15.18 2.54 -14.53
C ASP C 737 -14.40 2.13 -13.28
N CYS C 738 -13.51 3.00 -12.84
CA CYS C 738 -12.64 2.70 -11.72
C CYS C 738 -13.41 2.41 -10.44
N THR C 739 -14.53 3.09 -10.23
CA THR C 739 -15.29 2.88 -9.00
C THR C 739 -15.97 1.50 -9.01
N MET C 740 -16.60 1.14 -10.12
CA MET C 740 -17.23 -0.17 -10.21
C MET C 740 -16.19 -1.27 -10.19
N TYR C 741 -15.04 -1.04 -10.79
CA TYR C 741 -14.00 -2.06 -10.80
C TYR C 741 -13.49 -2.33 -9.39
N ILE C 742 -13.17 -1.28 -8.64
CA ILE C 742 -12.58 -1.49 -7.32
C ILE C 742 -13.64 -1.96 -6.33
N CYS C 743 -14.79 -1.29 -6.30
CA CYS C 743 -15.81 -1.52 -5.28
C CYS C 743 -17.16 -1.84 -5.92
N GLY C 744 -17.20 -2.87 -6.75
CA GLY C 744 -18.42 -3.17 -7.47
C GLY C 744 -19.59 -3.50 -6.58
N ASP C 745 -20.61 -2.65 -6.62
CA ASP C 745 -21.85 -2.83 -5.86
C ASP C 745 -21.58 -3.02 -4.36
N SER C 746 -20.65 -2.23 -3.83
CA SER C 746 -20.33 -2.27 -2.40
C SER C 746 -20.29 -0.85 -1.85
N THR C 747 -21.27 -0.52 -1.00
CA THR C 747 -21.31 0.81 -0.42
C THR C 747 -20.16 1.04 0.56
N GLU C 748 -19.85 0.03 1.38
CA GLU C 748 -18.76 0.18 2.34
C GLU C 748 -17.42 0.36 1.62
N CYS C 749 -17.20 -0.44 0.58
CA CYS C 749 -15.96 -0.32 -0.18
C CYS C 749 -15.90 1.04 -0.86
N SER C 750 -17.02 1.52 -1.42
CA SER C 750 -17.03 2.83 -2.04
C SER C 750 -16.71 3.92 -1.02
N ASN C 751 -17.28 3.82 0.18
CA ASN C 751 -17.02 4.81 1.21
C ASN C 751 -15.56 4.80 1.63
N LEU C 752 -14.93 3.63 1.67
CA LEU C 752 -13.51 3.58 1.97
C LEU C 752 -12.69 4.12 0.80
N LEU C 753 -13.12 3.84 -0.43
CA LEU C 753 -12.43 4.34 -1.62
C LEU C 753 -12.45 5.86 -1.67
N LEU C 754 -13.51 6.48 -1.14
CA LEU C 754 -13.62 7.93 -1.17
C LEU C 754 -12.47 8.59 -0.40
N GLN C 755 -11.78 7.85 0.45
CA GLN C 755 -10.65 8.39 1.20
C GLN C 755 -9.39 8.55 0.35
N TYR C 756 -9.41 8.06 -0.89
CA TYR C 756 -8.27 8.19 -1.80
C TYR C 756 -8.42 9.36 -2.76
N GLY C 757 -9.44 10.19 -2.58
CA GLY C 757 -9.58 11.39 -3.39
C GLY C 757 -9.80 11.14 -4.87
N SER C 758 -8.95 11.77 -5.68
CA SER C 758 -9.08 11.81 -7.13
C SER C 758 -8.39 10.65 -7.86
N PHE C 759 -7.86 9.67 -7.12
CA PHE C 759 -7.18 8.56 -7.77
C PHE C 759 -8.04 7.89 -8.84
N CYS C 760 -9.35 7.82 -8.59
CA CYS C 760 -10.29 7.19 -9.51
C CYS C 760 -10.54 8.09 -10.72
N THR C 761 -10.95 9.33 -10.46
CA THR C 761 -11.36 10.23 -11.52
C THR C 761 -10.21 10.64 -12.42
N GLN C 762 -8.98 10.69 -11.90
CA GLN C 762 -7.87 11.03 -12.78
C GLN C 762 -7.48 9.88 -13.70
N LEU C 763 -7.81 8.64 -13.33
CA LEU C 763 -7.55 7.54 -14.24
C LEU C 763 -8.65 7.50 -15.30
N ASN C 764 -9.87 7.85 -14.89
CA ASN C 764 -10.93 8.01 -15.88
C ASN C 764 -10.58 9.13 -16.86
N ARG C 765 -9.96 10.20 -16.36
CA ARG C 765 -9.53 11.30 -17.23
C ARG C 765 -8.45 10.83 -18.21
N ALA C 766 -7.46 10.08 -17.72
CA ALA C 766 -6.40 9.61 -18.60
C ALA C 766 -6.94 8.70 -19.68
N LEU C 767 -7.88 7.81 -19.33
CA LEU C 767 -8.45 6.93 -20.34
C LEU C 767 -9.31 7.70 -21.33
N THR C 768 -10.00 8.73 -20.86
CA THR C 768 -10.74 9.59 -21.79
C THR C 768 -9.80 10.28 -22.77
N GLY C 769 -8.68 10.79 -22.27
CA GLY C 769 -7.69 11.40 -23.16
C GLY C 769 -7.17 10.44 -24.20
N ILE C 770 -6.93 9.18 -23.80
CA ILE C 770 -6.48 8.18 -24.76
C ILE C 770 -7.55 7.94 -25.82
N ALA C 771 -8.80 7.77 -25.39
CA ALA C 771 -9.89 7.54 -26.34
C ALA C 771 -10.02 8.70 -27.31
N VAL C 772 -9.83 9.93 -26.85
CA VAL C 772 -9.94 11.09 -27.72
C VAL C 772 -8.78 11.10 -28.72
N GLU C 773 -7.56 10.87 -28.25
CA GLU C 773 -6.43 10.91 -29.16
C GLU C 773 -6.47 9.78 -30.18
N GLN C 774 -7.19 8.69 -29.93
CA GLN C 774 -7.31 7.67 -30.97
C GLN C 774 -8.13 8.19 -32.15
N ASP C 775 -9.16 8.98 -31.88
CA ASP C 775 -9.94 9.54 -32.98
C ASP C 775 -9.21 10.69 -33.62
N LYS C 776 -8.42 11.43 -32.84
CA LYS C 776 -7.57 12.45 -33.43
C LYS C 776 -6.57 11.83 -34.40
N ASN C 777 -6.00 10.68 -34.03
CA ASN C 777 -5.05 9.99 -34.90
C ASN C 777 -5.73 9.55 -36.18
N THR C 778 -6.93 8.96 -36.07
CA THR C 778 -7.63 8.51 -37.27
C THR C 778 -7.94 9.70 -38.18
N GLN C 779 -8.38 10.81 -37.58
CA GLN C 779 -8.71 12.01 -38.35
C GLN C 779 -7.50 12.57 -39.05
N GLU C 780 -6.36 12.62 -38.35
CA GLU C 780 -5.15 13.16 -38.95
C GLU C 780 -4.62 12.27 -40.05
N VAL C 781 -4.80 10.95 -39.94
CA VAL C 781 -4.28 10.06 -40.97
C VAL C 781 -5.15 10.10 -42.23
N PHE C 782 -6.46 9.99 -42.08
CA PHE C 782 -7.30 9.84 -43.25
C PHE C 782 -7.97 11.12 -43.74
N ALA C 783 -8.39 12.01 -42.85
CA ALA C 783 -9.18 13.17 -43.27
C ALA C 783 -8.29 14.33 -43.71
N GLN C 784 -7.50 14.07 -44.75
CA GLN C 784 -6.61 15.06 -45.33
C GLN C 784 -7.14 15.61 -46.66
N VAL C 785 -8.31 15.18 -47.10
CA VAL C 785 -8.88 15.60 -48.38
C VAL C 785 -10.18 16.35 -48.13
N LYS C 786 -10.31 17.52 -48.75
CA LYS C 786 -11.47 18.38 -48.55
C LYS C 786 -12.73 17.86 -49.22
N GLN C 787 -12.61 16.98 -50.21
CA GLN C 787 -13.77 16.51 -50.96
C GLN C 787 -13.73 15.01 -51.11
N ILE C 788 -14.91 14.43 -51.32
CA ILE C 788 -15.08 13.00 -51.56
C ILE C 788 -15.10 12.77 -53.06
N TYR C 789 -14.01 12.23 -53.60
CA TYR C 789 -13.88 11.99 -55.02
C TYR C 789 -14.35 10.59 -55.38
N LYS C 790 -14.79 10.43 -56.63
CA LYS C 790 -15.21 9.13 -57.14
C LYS C 790 -14.70 8.98 -58.57
N THR C 791 -14.38 7.73 -58.93
CA THR C 791 -13.86 7.44 -60.25
C THR C 791 -14.95 7.54 -61.31
N PRO C 792 -14.58 7.77 -62.56
CA PRO C 792 -15.55 7.75 -63.65
C PRO C 792 -16.05 6.34 -63.91
N PRO C 793 -17.23 6.19 -64.52
CA PRO C 793 -17.72 4.84 -64.85
C PRO C 793 -16.86 4.09 -65.86
N ILE C 794 -16.03 4.78 -66.65
CA ILE C 794 -15.21 4.13 -67.66
C ILE C 794 -13.77 4.07 -67.17
N LYS C 795 -13.26 2.85 -67.01
CA LYS C 795 -11.91 2.64 -66.48
C LYS C 795 -10.89 2.58 -67.63
N ASP C 796 -10.83 3.67 -68.38
CA ASP C 796 -9.91 3.79 -69.52
C ASP C 796 -8.60 4.44 -69.06
N PHE C 797 -7.83 3.66 -68.30
CA PHE C 797 -6.61 4.15 -67.68
C PHE C 797 -5.36 3.71 -68.44
N GLY C 798 -5.43 3.60 -69.77
CA GLY C 798 -4.23 3.35 -70.54
C GLY C 798 -3.67 1.96 -70.39
N GLY C 799 -4.48 0.99 -69.98
CA GLY C 799 -4.02 -0.36 -69.75
C GLY C 799 -3.71 -0.68 -68.30
N PHE C 800 -3.72 0.31 -67.43
CA PHE C 800 -3.46 0.09 -66.02
C PHE C 800 -4.74 -0.38 -65.35
N ASN C 801 -4.69 -1.57 -64.75
CA ASN C 801 -5.87 -2.21 -64.16
C ASN C 801 -5.89 -1.89 -62.68
N PHE C 802 -6.93 -1.19 -62.24
CA PHE C 802 -7.12 -0.83 -60.84
C PHE C 802 -8.32 -1.51 -60.22
N SER C 803 -8.87 -2.54 -60.88
CA SER C 803 -10.10 -3.16 -60.41
C SER C 803 -9.92 -3.85 -59.08
N GLN C 804 -8.67 -4.12 -58.67
CA GLN C 804 -8.43 -4.82 -57.42
C GLN C 804 -8.21 -3.90 -56.24
N ILE C 805 -8.14 -2.59 -56.47
CA ILE C 805 -8.00 -1.62 -55.38
C ILE C 805 -9.17 -0.65 -55.29
N LEU C 806 -10.01 -0.54 -56.31
CA LEU C 806 -11.17 0.32 -56.25
C LEU C 806 -12.32 -0.37 -55.52
N PRO C 807 -13.23 0.41 -54.93
CA PRO C 807 -14.38 -0.18 -54.24
C PRO C 807 -15.21 -1.08 -55.13
N ASP C 808 -15.74 -2.16 -54.54
CA ASP C 808 -16.60 -3.08 -55.26
C ASP C 808 -18.04 -2.71 -54.94
N PRO C 809 -18.80 -2.15 -55.89
CA PRO C 809 -20.17 -1.70 -55.57
C PRO C 809 -21.09 -2.83 -55.14
N SER C 810 -20.73 -4.08 -55.37
CA SER C 810 -21.59 -5.22 -55.09
C SER C 810 -21.52 -5.69 -53.64
N LYS C 811 -20.62 -5.14 -52.84
CA LYS C 811 -20.47 -5.59 -51.47
C LYS C 811 -21.39 -4.80 -50.53
N PRO C 812 -21.77 -5.38 -49.39
CA PRO C 812 -22.55 -4.63 -48.40
C PRO C 812 -21.80 -3.42 -47.85
N SER C 813 -20.47 -3.41 -47.98
CA SER C 813 -19.63 -2.28 -47.59
C SER C 813 -18.66 -2.04 -48.73
N LYS C 814 -18.66 -0.84 -49.28
CA LYS C 814 -17.96 -0.59 -50.54
C LYS C 814 -16.46 -0.54 -50.25
N ARG C 815 -15.89 -1.72 -50.03
CA ARG C 815 -14.47 -1.93 -49.83
C ARG C 815 -13.89 -2.64 -51.04
N SER C 816 -12.57 -2.47 -51.22
CA SER C 816 -11.90 -3.14 -52.31
C SER C 816 -11.65 -4.60 -51.98
N PHE C 817 -11.27 -5.37 -53.00
CA PHE C 817 -10.93 -6.77 -52.79
C PHE C 817 -9.80 -6.91 -51.79
N ILE C 818 -8.75 -6.08 -51.93
CA ILE C 818 -7.63 -6.11 -51.00
C ILE C 818 -8.09 -5.75 -49.60
N GLU C 819 -8.98 -4.75 -49.48
CA GLU C 819 -9.51 -4.40 -48.18
C GLU C 819 -10.25 -5.57 -47.54
N ASP C 820 -11.05 -6.29 -48.33
CA ASP C 820 -11.72 -7.48 -47.83
C ASP C 820 -10.71 -8.51 -47.36
N LEU C 821 -9.62 -8.67 -48.11
CA LEU C 821 -8.58 -9.62 -47.70
C LEU C 821 -7.96 -9.21 -46.38
N LEU C 822 -7.77 -7.90 -46.18
CA LEU C 822 -7.18 -7.41 -44.94
C LEU C 822 -8.12 -7.65 -43.77
N PHE C 823 -9.42 -7.41 -43.98
CA PHE C 823 -10.40 -7.66 -42.93
C PHE C 823 -10.56 -9.15 -42.64
N ASN C 824 -10.25 -10.01 -43.60
CA ASN C 824 -10.38 -11.44 -43.41
C ASN C 824 -9.15 -12.07 -42.78
N LYS C 825 -8.12 -11.27 -42.48
CA LYS C 825 -6.91 -11.76 -41.84
C LYS C 825 -6.75 -11.32 -40.39
N VAL C 826 -7.24 -10.14 -40.03
CA VAL C 826 -7.13 -9.64 -38.66
C VAL C 826 -8.37 -10.08 -37.88
N THR C 827 -8.15 -10.70 -36.74
CA THR C 827 -9.25 -11.21 -35.92
C THR C 827 -9.31 -10.51 -34.57
N LYS C 854 -14.94 -6.48 -19.46
CA LYS C 854 -16.13 -7.17 -19.95
C LYS C 854 -17.35 -6.76 -19.14
N PHE C 855 -17.54 -7.40 -17.99
CA PHE C 855 -18.62 -7.04 -17.06
C PHE C 855 -18.08 -6.59 -15.71
N ASN C 856 -16.83 -6.12 -15.66
CA ASN C 856 -16.18 -5.68 -14.44
C ASN C 856 -16.00 -4.16 -14.44
N GLY C 857 -16.84 -3.46 -15.17
CA GLY C 857 -16.74 -2.02 -15.32
C GLY C 857 -15.87 -1.61 -16.49
N LEU C 858 -15.44 -2.56 -17.30
CA LEU C 858 -14.60 -2.31 -18.46
C LEU C 858 -15.50 -2.33 -19.70
N THR C 859 -15.54 -1.20 -20.41
CA THR C 859 -16.37 -1.09 -21.60
C THR C 859 -15.51 -0.61 -22.76
N VAL C 860 -16.05 -0.74 -23.97
CA VAL C 860 -15.37 -0.32 -25.18
C VAL C 860 -16.25 0.68 -25.92
N LEU C 861 -15.71 1.82 -26.21
CA LEU C 861 -16.48 2.78 -26.98
C LEU C 861 -16.26 2.54 -28.47
N PRO C 862 -17.25 2.81 -29.32
CA PRO C 862 -17.03 2.66 -30.75
C PRO C 862 -16.14 3.77 -31.26
N PRO C 863 -15.44 3.56 -32.37
CA PRO C 863 -14.68 4.64 -32.99
C PRO C 863 -15.62 5.68 -33.60
N LEU C 864 -15.10 6.90 -33.71
CA LEU C 864 -15.89 7.96 -34.34
C LEU C 864 -16.10 7.69 -35.82
N LEU C 865 -15.07 7.21 -36.51
CA LEU C 865 -15.15 6.94 -37.94
C LEU C 865 -15.36 5.43 -38.14
N THR C 866 -16.50 5.08 -38.73
CA THR C 866 -16.82 3.68 -38.96
C THR C 866 -15.98 3.12 -40.10
N ASP C 867 -15.98 1.78 -40.20
CA ASP C 867 -15.22 1.13 -41.27
C ASP C 867 -15.71 1.58 -42.65
N GLU C 868 -17.02 1.78 -42.79
CA GLU C 868 -17.57 2.27 -44.05
C GLU C 868 -17.04 3.66 -44.37
N MET C 869 -16.96 4.53 -43.38
CA MET C 869 -16.47 5.89 -43.61
C MET C 869 -14.98 5.88 -43.93
N ILE C 870 -14.22 4.97 -43.30
CA ILE C 870 -12.81 4.84 -43.63
C ILE C 870 -12.65 4.34 -45.06
N ALA C 871 -13.46 3.37 -45.47
CA ALA C 871 -13.43 2.89 -46.84
C ALA C 871 -13.77 4.00 -47.82
N GLN C 872 -14.74 4.85 -47.47
CA GLN C 872 -15.08 5.96 -48.37
C GLN C 872 -13.95 6.98 -48.45
N TYR C 873 -13.25 7.23 -47.33
CA TYR C 873 -12.12 8.14 -47.38
C TYR C 873 -10.98 7.57 -48.21
N THR C 874 -10.70 6.28 -48.08
CA THR C 874 -9.64 5.68 -48.87
C THR C 874 -10.03 5.65 -50.35
N SER C 875 -11.31 5.46 -50.64
CA SER C 875 -11.77 5.53 -52.03
C SER C 875 -11.58 6.94 -52.58
N ALA C 876 -11.92 7.96 -51.79
CA ALA C 876 -11.75 9.33 -52.25
C ALA C 876 -10.29 9.63 -52.50
N LEU C 877 -9.40 9.19 -51.60
CA LEU C 877 -7.98 9.46 -51.78
C LEU C 877 -7.42 8.73 -53.00
N LEU C 878 -7.87 7.49 -53.22
CA LEU C 878 -7.38 6.72 -54.34
C LEU C 878 -7.85 7.32 -55.66
N ALA C 879 -9.13 7.68 -55.73
CA ALA C 879 -9.66 8.29 -56.95
C ALA C 879 -8.99 9.63 -57.20
N GLY C 880 -8.76 10.41 -56.15
CA GLY C 880 -8.07 11.68 -56.32
C GLY C 880 -6.67 11.49 -56.89
N THR C 881 -5.90 10.58 -56.30
CA THR C 881 -4.55 10.34 -56.80
C THR C 881 -4.60 9.91 -58.26
N ILE C 882 -5.49 8.97 -58.59
CA ILE C 882 -5.50 8.40 -59.93
C ILE C 882 -5.89 9.46 -60.96
N THR C 883 -6.87 10.30 -60.64
CA THR C 883 -7.37 11.22 -61.65
C THR C 883 -6.64 12.55 -61.67
N SER C 884 -5.90 12.93 -60.63
CA SER C 884 -5.33 14.26 -60.59
C SER C 884 -3.87 14.34 -60.16
N GLY C 885 -3.16 13.21 -60.01
CA GLY C 885 -1.78 13.34 -59.56
C GLY C 885 -1.73 13.99 -58.19
N TRP C 886 -0.88 15.02 -58.06
CA TRP C 886 -0.72 15.74 -56.81
C TRP C 886 -1.57 17.00 -56.74
N THR C 887 -2.35 17.29 -57.78
CA THR C 887 -3.09 18.54 -57.82
C THR C 887 -4.24 18.55 -56.82
N PHE C 888 -4.85 17.39 -56.54
CA PHE C 888 -5.92 17.38 -55.56
C PHE C 888 -5.38 17.54 -54.14
N GLY C 889 -4.12 17.17 -53.93
CA GLY C 889 -3.49 17.35 -52.64
C GLY C 889 -3.11 18.80 -52.44
N ALA C 890 -2.52 19.40 -53.47
CA ALA C 890 -2.08 20.79 -53.33
C ALA C 890 -3.27 21.75 -53.32
N GLY C 891 -4.24 21.51 -54.18
CA GLY C 891 -5.38 22.40 -54.34
C GLY C 891 -6.61 21.66 -54.83
N ALA C 892 -7.15 22.08 -55.97
CA ALA C 892 -8.31 21.43 -56.57
C ALA C 892 -7.85 20.24 -57.40
N ALA C 893 -8.75 19.26 -57.54
CA ALA C 893 -8.47 18.07 -58.32
C ALA C 893 -8.58 18.40 -59.81
N LEU C 894 -7.45 18.38 -60.50
CA LEU C 894 -7.37 18.75 -61.90
C LEU C 894 -7.22 17.47 -62.73
N GLN C 895 -8.21 17.16 -63.56
CA GLN C 895 -8.18 15.92 -64.30
C GLN C 895 -6.98 15.89 -65.23
N ILE C 896 -6.36 14.72 -65.33
CA ILE C 896 -5.21 14.52 -66.21
C ILE C 896 -5.17 13.06 -66.65
N PRO C 897 -4.85 12.77 -67.91
CA PRO C 897 -4.67 11.37 -68.31
C PRO C 897 -3.62 10.66 -67.45
N PHE C 898 -3.91 9.41 -67.10
CA PHE C 898 -3.03 8.66 -66.22
C PHE C 898 -1.65 8.48 -66.83
N ALA C 899 -1.59 8.24 -68.13
CA ALA C 899 -0.29 8.08 -68.79
C ALA C 899 0.55 9.35 -68.66
N MET C 900 -0.09 10.51 -68.76
CA MET C 900 0.62 11.78 -68.60
C MET C 900 1.04 11.98 -67.15
N GLN C 901 0.20 11.55 -66.21
CA GLN C 901 0.59 11.60 -64.80
C GLN C 901 1.83 10.75 -64.56
N MET C 902 1.87 9.56 -65.15
CA MET C 902 3.05 8.72 -65.04
C MET C 902 4.25 9.35 -65.73
N ALA C 903 4.01 10.12 -66.80
CA ALA C 903 5.11 10.83 -67.44
C ALA C 903 5.73 11.82 -66.47
N TYR C 904 4.88 12.49 -65.68
CA TYR C 904 5.42 13.39 -64.66
C TYR C 904 6.16 12.59 -63.59
N ARG C 905 5.60 11.45 -63.19
CA ARG C 905 6.23 10.64 -62.16
C ARG C 905 7.61 10.16 -62.59
N PHE C 906 7.75 9.84 -63.87
CA PHE C 906 9.05 9.43 -64.40
C PHE C 906 10.01 10.59 -64.49
N ASN C 907 9.53 11.76 -64.93
CA ASN C 907 10.38 12.94 -64.94
C ASN C 907 10.88 13.28 -63.54
N GLY C 908 10.06 13.02 -62.53
CA GLY C 908 10.44 13.30 -61.14
C GLY C 908 11.57 12.46 -60.61
N ILE C 909 11.90 11.35 -61.28
CA ILE C 909 12.99 10.49 -60.84
C ILE C 909 14.14 10.48 -61.83
N GLY C 910 14.16 11.42 -62.77
CA GLY C 910 15.27 11.50 -63.70
C GLY C 910 15.20 10.54 -64.87
N VAL C 911 14.00 10.11 -65.25
CA VAL C 911 13.81 9.24 -66.41
C VAL C 911 12.90 9.97 -67.39
N THR C 912 13.41 10.20 -68.60
CA THR C 912 12.66 10.98 -69.58
C THR C 912 11.37 10.26 -69.96
N GLN C 913 10.29 11.04 -70.08
CA GLN C 913 8.96 10.48 -70.32
C GLN C 913 8.85 9.64 -71.59
N ASN C 914 9.75 9.80 -72.57
CA ASN C 914 9.62 9.00 -73.77
C ASN C 914 9.84 7.54 -73.48
N VAL C 915 10.57 7.21 -72.42
CA VAL C 915 10.74 5.82 -72.01
C VAL C 915 9.41 5.24 -71.57
N LEU C 916 8.66 6.02 -70.79
CA LEU C 916 7.33 5.61 -70.37
C LEU C 916 6.44 5.38 -71.58
N TYR C 917 6.43 6.32 -72.51
CA TYR C 917 5.52 6.20 -73.64
C TYR C 917 5.89 5.00 -74.50
N GLU C 918 7.18 4.75 -74.71
CA GLU C 918 7.61 3.61 -75.51
C GLU C 918 7.32 2.28 -74.81
N ASN C 919 7.39 2.23 -73.48
CA ASN C 919 7.20 0.98 -72.77
C ASN C 919 5.90 0.92 -71.97
N GLN C 920 4.90 1.70 -72.37
CA GLN C 920 3.64 1.77 -71.61
C GLN C 920 2.98 0.41 -71.44
N LYS C 921 2.98 -0.41 -72.49
CA LYS C 921 2.32 -1.71 -72.39
C LYS C 921 3.05 -2.63 -71.43
N LEU C 922 4.38 -2.64 -71.49
CA LEU C 922 5.16 -3.46 -70.58
C LEU C 922 4.94 -3.00 -69.14
N ILE C 923 4.94 -1.69 -68.93
CA ILE C 923 4.77 -1.15 -67.58
C ILE C 923 3.39 -1.51 -67.03
N ALA C 924 2.35 -1.37 -67.85
CA ALA C 924 1.01 -1.73 -67.39
C ALA C 924 0.92 -3.21 -67.04
N ASN C 925 1.53 -4.07 -67.87
CA ASN C 925 1.46 -5.50 -67.57
C ASN C 925 2.23 -5.85 -66.30
N GLN C 926 3.39 -5.23 -66.11
CA GLN C 926 4.16 -5.47 -64.89
C GLN C 926 3.43 -4.95 -63.67
N PHE C 927 2.77 -3.80 -63.78
CA PHE C 927 2.01 -3.26 -62.67
C PHE C 927 0.88 -4.23 -62.29
N ASN C 928 0.15 -4.73 -63.29
CA ASN C 928 -0.94 -5.66 -63.00
C ASN C 928 -0.41 -6.94 -62.36
N SER C 929 0.74 -7.42 -62.83
CA SER C 929 1.31 -8.62 -62.24
C SER C 929 1.74 -8.38 -60.80
N ALA C 930 2.32 -7.21 -60.52
CA ALA C 930 2.68 -6.87 -59.15
C ALA C 930 1.46 -6.80 -58.26
N ILE C 931 0.34 -6.27 -58.78
CA ILE C 931 -0.89 -6.23 -57.98
C ILE C 931 -1.36 -7.64 -57.68
N GLY C 932 -1.33 -8.52 -58.68
CA GLY C 932 -1.68 -9.91 -58.43
C GLY C 932 -0.78 -10.56 -57.40
N LYS C 933 0.52 -10.23 -57.43
CA LYS C 933 1.44 -10.77 -56.43
C LYS C 933 1.12 -10.25 -55.04
N ILE C 934 0.71 -8.98 -54.94
CA ILE C 934 0.31 -8.44 -53.66
C ILE C 934 -0.90 -9.19 -53.14
N GLN C 935 -1.86 -9.47 -54.02
CA GLN C 935 -3.04 -10.22 -53.59
C GLN C 935 -2.65 -11.62 -53.11
N ASP C 936 -1.75 -12.28 -53.83
CA ASP C 936 -1.34 -13.63 -53.43
C ASP C 936 -0.60 -13.59 -52.10
N SER C 937 0.23 -12.58 -51.89
CA SER C 937 0.95 -12.46 -50.63
C SER C 937 -0.01 -12.25 -49.47
N LEU C 938 -0.95 -11.30 -49.63
CA LEU C 938 -1.89 -11.06 -48.54
C LEU C 938 -2.81 -12.25 -48.31
N SER C 939 -3.15 -12.98 -49.36
CA SER C 939 -4.04 -14.14 -49.24
C SER C 939 -3.33 -15.38 -48.72
N SER C 940 -2.00 -15.41 -48.71
CA SER C 940 -1.29 -16.62 -48.32
C SER C 940 -0.37 -16.48 -47.11
N THR C 941 0.09 -15.27 -46.78
CA THR C 941 1.03 -15.06 -45.68
C THR C 941 0.28 -14.42 -44.52
N ALA C 942 -0.08 -15.25 -43.53
CA ALA C 942 -0.83 -14.73 -42.38
C ALA C 942 0.01 -13.75 -41.57
N SER C 943 1.32 -13.99 -41.48
CA SER C 943 2.23 -13.15 -40.70
C SER C 943 2.39 -11.75 -41.25
N ALA C 944 1.88 -11.48 -42.46
CA ALA C 944 2.05 -10.15 -43.06
C ALA C 944 1.47 -9.05 -42.19
N LEU C 945 0.43 -9.35 -41.40
CA LEU C 945 -0.25 -8.35 -40.59
C LEU C 945 0.18 -8.40 -39.13
N GLY C 946 1.38 -8.94 -38.87
CA GLY C 946 1.85 -9.06 -37.50
C GLY C 946 1.92 -7.73 -36.76
N LYS C 947 2.23 -6.65 -37.46
CA LYS C 947 2.36 -5.36 -36.79
C LYS C 947 1.04 -4.89 -36.19
N LEU C 948 -0.08 -5.29 -36.77
CA LEU C 948 -1.40 -4.94 -36.22
C LEU C 948 -1.91 -6.01 -35.27
N GLN C 949 -1.61 -7.27 -35.58
CA GLN C 949 -2.03 -8.35 -34.69
C GLN C 949 -1.34 -8.25 -33.35
N ASP C 950 -0.09 -7.77 -33.32
CA ASP C 950 0.62 -7.60 -32.06
C ASP C 950 -0.02 -6.51 -31.21
N VAL C 951 -0.49 -5.43 -31.84
CA VAL C 951 -1.15 -4.38 -31.07
C VAL C 951 -2.47 -4.90 -30.50
N VAL C 952 -3.24 -5.61 -31.33
CA VAL C 952 -4.50 -6.19 -30.84
C VAL C 952 -4.23 -7.14 -29.68
N ASN C 953 -3.18 -7.97 -29.83
CA ASN C 953 -2.84 -8.95 -28.80
C ASN C 953 -2.38 -8.26 -27.53
N GLN C 954 -1.60 -7.18 -27.64
CA GLN C 954 -1.14 -6.47 -26.46
C GLN C 954 -2.31 -5.85 -25.71
N ASN C 955 -3.29 -5.29 -26.43
CA ASN C 955 -4.42 -4.69 -25.74
C ASN C 955 -5.30 -5.76 -25.11
N ALA C 956 -5.48 -6.88 -25.80
CA ALA C 956 -6.25 -7.98 -25.21
C ALA C 956 -5.54 -8.55 -23.99
N GLN C 957 -4.22 -8.66 -24.05
CA GLN C 957 -3.45 -9.17 -22.92
C GLN C 957 -3.52 -8.22 -21.73
N ALA C 958 -3.45 -6.91 -21.99
CA ALA C 958 -3.55 -5.95 -20.89
C ALA C 958 -4.91 -6.03 -20.23
N LEU C 959 -5.97 -6.14 -21.04
CA LEU C 959 -7.31 -6.21 -20.46
C LEU C 959 -7.51 -7.52 -19.72
N ASN C 960 -6.98 -8.62 -20.26
CA ASN C 960 -7.12 -9.91 -19.59
C ASN C 960 -6.34 -9.93 -18.29
N THR C 961 -5.16 -9.29 -18.26
CA THR C 961 -4.39 -9.22 -17.04
C THR C 961 -5.12 -8.40 -15.98
N LEU C 962 -5.67 -7.25 -16.39
CA LEU C 962 -6.40 -6.41 -15.45
C LEU C 962 -7.60 -7.16 -14.88
N VAL C 963 -8.32 -7.88 -15.74
CA VAL C 963 -9.50 -8.62 -15.27
C VAL C 963 -9.07 -9.77 -14.35
N LYS C 964 -8.03 -10.51 -14.73
CA LYS C 964 -7.55 -11.63 -13.91
C LYS C 964 -7.07 -11.17 -12.54
N GLN C 965 -6.57 -9.94 -12.45
CA GLN C 965 -6.08 -9.44 -11.17
C GLN C 965 -7.17 -9.41 -10.10
N LEU C 966 -8.44 -9.44 -10.50
CA LEU C 966 -9.52 -9.44 -9.51
C LEU C 966 -9.55 -10.72 -8.68
N SER C 967 -8.95 -11.79 -9.17
CA SER C 967 -8.95 -13.06 -8.42
C SER C 967 -7.85 -13.11 -7.37
N SER C 968 -6.97 -12.11 -7.32
CA SER C 968 -5.87 -12.12 -6.37
C SER C 968 -6.34 -11.66 -5.00
N ASN C 969 -5.71 -12.21 -3.96
CA ASN C 969 -6.05 -11.86 -2.58
C ASN C 969 -5.33 -10.61 -2.09
N PHE C 970 -4.12 -10.36 -2.55
CA PHE C 970 -3.31 -9.23 -2.10
C PHE C 970 -3.11 -9.26 -0.59
N GLY C 971 -3.13 -10.45 -0.01
CA GLY C 971 -2.96 -10.64 1.41
C GLY C 971 -4.25 -10.83 2.17
N ALA C 972 -5.40 -10.62 1.53
CA ALA C 972 -6.68 -10.80 2.20
C ALA C 972 -7.01 -12.27 2.35
N ILE C 973 -7.94 -12.56 3.27
CA ILE C 973 -8.40 -13.93 3.47
C ILE C 973 -9.16 -14.45 2.25
N SER C 974 -9.71 -13.56 1.43
CA SER C 974 -10.46 -13.98 0.25
C SER C 974 -10.47 -12.83 -0.75
N SER C 975 -10.41 -13.19 -2.03
CA SER C 975 -10.51 -12.20 -3.10
C SER C 975 -11.91 -11.66 -3.31
N VAL C 976 -12.94 -12.31 -2.76
CA VAL C 976 -14.32 -11.92 -3.03
C VAL C 976 -14.76 -10.87 -2.00
N LEU C 977 -15.08 -9.68 -2.50
CA LEU C 977 -15.48 -8.58 -1.62
C LEU C 977 -16.78 -8.89 -0.90
N ASN C 978 -17.72 -9.52 -1.62
CA ASN C 978 -18.99 -9.90 -0.98
C ASN C 978 -18.79 -11.00 0.05
N ASP C 979 -17.80 -11.86 -0.15
CA ASP C 979 -17.52 -12.90 0.84
C ASP C 979 -16.83 -12.32 2.07
N ILE C 980 -16.07 -11.24 1.89
CA ILE C 980 -15.50 -10.57 3.06
C ILE C 980 -16.60 -9.83 3.82
N LEU C 981 -17.45 -9.09 3.10
CA LEU C 981 -18.48 -8.31 3.77
C LEU C 981 -19.51 -9.20 4.46
N SER C 982 -19.82 -10.36 3.88
CA SER C 982 -20.78 -11.28 4.46
C SER C 982 -20.20 -12.11 5.60
N ARG C 983 -18.90 -12.08 5.83
CA ARG C 983 -18.26 -12.89 6.87
C ARG C 983 -17.60 -12.10 7.99
N LEU C 984 -17.16 -10.87 7.74
CA LEU C 984 -16.43 -10.10 8.74
C LEU C 984 -17.23 -8.91 9.22
N ASP C 985 -17.09 -8.62 10.51
CA ASP C 985 -17.59 -7.39 11.09
C ASP C 985 -16.76 -6.19 10.59
N PRO C 986 -17.36 -5.01 10.55
CA PRO C 986 -16.67 -3.80 10.05
C PRO C 986 -15.23 -3.66 10.55
N PRO C 987 -14.95 -3.87 11.85
CA PRO C 987 -13.57 -3.58 12.33
C PRO C 987 -12.48 -4.35 11.61
N GLU C 988 -12.80 -5.50 11.01
CA GLU C 988 -11.83 -6.28 10.24
C GLU C 988 -12.09 -6.24 8.75
N ALA C 989 -13.37 -6.15 8.37
CA ALA C 989 -13.71 -6.03 6.96
C ALA C 989 -13.14 -4.76 6.36
N GLU C 990 -13.10 -3.67 7.14
CA GLU C 990 -12.53 -2.44 6.61
C GLU C 990 -11.04 -2.59 6.31
N VAL C 991 -10.34 -3.38 7.13
CA VAL C 991 -8.92 -3.63 6.88
C VAL C 991 -8.74 -4.48 5.64
N GLN C 992 -9.55 -5.54 5.50
CA GLN C 992 -9.42 -6.41 4.34
C GLN C 992 -9.78 -5.65 3.07
N ILE C 993 -10.77 -4.77 3.15
CA ILE C 993 -11.15 -3.97 2.00
C ILE C 993 -10.07 -2.96 1.66
N ASP C 994 -9.43 -2.36 2.68
CA ASP C 994 -8.31 -1.48 2.41
C ASP C 994 -7.19 -2.21 1.67
N ARG C 995 -6.94 -3.46 2.05
CA ARG C 995 -5.92 -4.24 1.35
C ARG C 995 -6.32 -4.49 -0.10
N LEU C 996 -7.59 -4.84 -0.32
CA LEU C 996 -8.02 -5.09 -1.70
C LEU C 996 -8.03 -3.82 -2.52
N ILE C 997 -8.38 -2.69 -1.90
CA ILE C 997 -8.36 -1.41 -2.60
C ILE C 997 -6.94 -1.06 -2.99
N THR C 998 -5.98 -1.26 -2.09
CA THR C 998 -4.59 -0.99 -2.43
C THR C 998 -4.15 -1.82 -3.62
N GLY C 999 -4.45 -3.12 -3.58
CA GLY C 999 -4.03 -3.99 -4.67
C GLY C 999 -4.68 -3.63 -6.00
N ARG C 1000 -5.98 -3.37 -5.96
CA ARG C 1000 -6.71 -3.10 -7.20
C ARG C 1000 -6.37 -1.73 -7.76
N LEU C 1001 -6.12 -0.75 -6.88
CA LEU C 1001 -5.72 0.57 -7.33
C LEU C 1001 -4.33 0.51 -7.96
N GLN C 1002 -3.42 -0.26 -7.36
CA GLN C 1002 -2.11 -0.42 -7.98
C GLN C 1002 -2.23 -1.12 -9.33
N SER C 1003 -3.12 -2.11 -9.44
CA SER C 1003 -3.32 -2.78 -10.71
C SER C 1003 -3.86 -1.82 -11.77
N LEU C 1004 -4.83 -0.99 -11.39
CA LEU C 1004 -5.36 0.00 -12.33
C LEU C 1004 -4.29 1.00 -12.74
N GLN C 1005 -3.47 1.45 -11.80
CA GLN C 1005 -2.42 2.40 -12.15
C GLN C 1005 -1.43 1.78 -13.12
N THR C 1006 -1.08 0.50 -12.91
CA THR C 1006 -0.18 -0.17 -13.83
C THR C 1006 -0.82 -0.27 -15.22
N TYR C 1007 -2.09 -0.66 -15.27
CA TYR C 1007 -2.79 -0.75 -16.54
C TYR C 1007 -2.79 0.59 -17.26
N VAL C 1008 -3.13 1.66 -16.54
CA VAL C 1008 -3.20 2.98 -17.15
C VAL C 1008 -1.83 3.42 -17.66
N THR C 1009 -0.78 3.18 -16.88
CA THR C 1009 0.56 3.53 -17.34
C THR C 1009 0.94 2.78 -18.60
N GLN C 1010 0.65 1.47 -18.65
CA GLN C 1010 0.97 0.70 -19.85
C GLN C 1010 0.16 1.19 -21.04
N GLN C 1011 -1.09 1.56 -20.81
CA GLN C 1011 -1.92 2.06 -21.89
C GLN C 1011 -1.43 3.42 -22.37
N LEU C 1012 -0.96 4.26 -21.47
CA LEU C 1012 -0.45 5.56 -21.88
C LEU C 1012 0.82 5.43 -22.70
N ILE C 1013 1.72 4.51 -22.30
CA ILE C 1013 2.96 4.34 -23.06
C ILE C 1013 2.67 3.75 -24.43
N ARG C 1014 1.83 2.70 -24.48
CA ARG C 1014 1.49 2.12 -25.77
C ARG C 1014 0.74 3.12 -26.64
N ALA C 1015 -0.14 3.92 -26.02
CA ALA C 1015 -0.86 4.95 -26.77
C ALA C 1015 0.09 6.00 -27.33
N ALA C 1016 1.12 6.36 -26.57
CA ALA C 1016 2.09 7.31 -27.10
C ALA C 1016 2.84 6.71 -28.29
N GLU C 1017 3.18 5.43 -28.21
CA GLU C 1017 3.84 4.78 -29.34
C GLU C 1017 2.90 4.74 -30.55
N ILE C 1018 1.64 4.41 -30.33
CA ILE C 1018 0.66 4.38 -31.41
C ILE C 1018 0.48 5.77 -32.01
N ARG C 1019 0.47 6.80 -31.16
CA ARG C 1019 0.36 8.17 -31.65
C ARG C 1019 1.55 8.53 -32.53
N ALA C 1020 2.76 8.15 -32.11
CA ALA C 1020 3.94 8.41 -32.94
C ALA C 1020 3.83 7.66 -34.27
N SER C 1021 3.36 6.41 -34.23
CA SER C 1021 3.19 5.65 -35.46
C SER C 1021 2.14 6.29 -36.36
N ALA C 1022 1.04 6.77 -35.78
CA ALA C 1022 -0.01 7.43 -36.55
C ALA C 1022 0.51 8.71 -37.18
N ASN C 1023 1.34 9.47 -36.46
CA ASN C 1023 1.91 10.68 -37.04
C ASN C 1023 2.85 10.34 -38.19
N LEU C 1024 3.63 9.26 -38.03
CA LEU C 1024 4.49 8.82 -39.12
C LEU C 1024 3.65 8.38 -40.32
N ALA C 1025 2.56 7.67 -40.06
CA ALA C 1025 1.67 7.24 -41.14
C ALA C 1025 1.04 8.43 -41.85
N ALA C 1026 0.63 9.45 -41.11
CA ALA C 1026 0.05 10.64 -41.72
C ALA C 1026 1.08 11.39 -42.56
N THR C 1027 2.31 11.49 -42.05
CA THR C 1027 3.37 12.12 -42.82
C THR C 1027 3.62 11.34 -44.11
N LYS C 1028 3.65 10.01 -44.02
CA LYS C 1028 3.81 9.20 -45.21
C LYS C 1028 2.67 9.40 -46.18
N MET C 1029 1.43 9.44 -45.67
CA MET C 1029 0.28 9.67 -46.53
C MET C 1029 0.44 10.98 -47.29
N SER C 1030 0.78 12.04 -46.57
CA SER C 1030 0.86 13.36 -47.19
C SER C 1030 1.99 13.43 -48.21
N GLU C 1031 3.15 12.88 -47.88
CA GLU C 1031 4.33 13.00 -48.74
C GLU C 1031 4.54 11.79 -49.62
N CYS C 1032 3.53 10.92 -49.74
CA CYS C 1032 3.71 9.67 -50.46
C CYS C 1032 2.55 9.42 -51.41
N VAL C 1033 1.33 9.58 -50.90
CA VAL C 1033 0.13 9.39 -51.72
C VAL C 1033 -0.25 10.67 -52.44
N LEU C 1034 -0.30 11.78 -51.71
CA LEU C 1034 -0.74 13.03 -52.31
C LEU C 1034 0.31 13.66 -53.22
N GLY C 1035 1.59 13.35 -53.01
CA GLY C 1035 2.64 13.90 -53.83
C GLY C 1035 3.55 12.81 -54.37
N GLN C 1036 4.83 13.17 -54.50
CA GLN C 1036 5.86 12.23 -54.91
C GLN C 1036 7.09 12.49 -54.07
N SER C 1037 7.62 11.44 -53.45
CA SER C 1037 8.70 11.58 -52.49
C SER C 1037 10.05 11.39 -53.16
N LYS C 1038 10.95 12.34 -52.91
CA LYS C 1038 12.33 12.22 -53.34
C LYS C 1038 13.19 11.59 -52.25
N ARG C 1039 12.58 11.26 -51.11
CA ARG C 1039 13.27 10.69 -49.98
C ARG C 1039 13.47 9.20 -50.21
N VAL C 1040 14.74 8.76 -50.19
CA VAL C 1040 15.07 7.38 -50.51
C VAL C 1040 14.56 6.45 -49.41
N ASP C 1041 13.87 5.39 -49.81
CA ASP C 1041 13.30 4.36 -48.93
C ASP C 1041 12.31 4.92 -47.92
N PHE C 1042 11.84 6.16 -48.09
CA PHE C 1042 10.74 6.64 -47.27
C PHE C 1042 9.44 5.98 -47.70
N CYS C 1043 9.28 5.76 -49.00
CA CYS C 1043 8.10 5.15 -49.60
C CYS C 1043 8.42 3.84 -50.31
N GLY C 1044 9.13 2.95 -49.64
CA GLY C 1044 9.47 1.67 -50.21
C GLY C 1044 10.83 1.68 -50.91
N LYS C 1045 11.34 0.47 -51.14
CA LYS C 1045 12.64 0.31 -51.79
C LYS C 1045 12.52 0.60 -53.28
N GLY C 1046 13.47 1.37 -53.80
CA GLY C 1046 13.46 1.78 -55.19
C GLY C 1046 13.22 3.27 -55.30
N TYR C 1047 13.08 3.74 -56.54
CA TYR C 1047 12.80 5.14 -56.79
C TYR C 1047 11.29 5.30 -56.74
N HIS C 1048 10.80 6.07 -55.78
CA HIS C 1048 9.37 6.17 -55.57
C HIS C 1048 8.69 6.90 -56.73
N LEU C 1049 7.59 6.33 -57.19
CA LEU C 1049 6.70 6.99 -58.15
C LEU C 1049 5.42 7.46 -57.49
N MET C 1050 4.62 6.54 -56.96
CA MET C 1050 3.34 6.88 -56.35
C MET C 1050 2.98 5.79 -55.35
N SER C 1051 2.03 6.11 -54.48
CA SER C 1051 1.52 5.18 -53.50
C SER C 1051 0.01 5.21 -53.47
N PHE C 1052 -0.60 4.10 -53.04
CA PHE C 1052 -2.05 4.00 -52.94
C PHE C 1052 -2.40 3.52 -51.54
N PRO C 1053 -3.23 4.25 -50.80
CA PRO C 1053 -3.63 3.79 -49.48
C PRO C 1053 -4.73 2.74 -49.57
N GLN C 1054 -4.75 1.85 -48.58
CA GLN C 1054 -5.84 0.92 -48.38
C GLN C 1054 -6.17 0.86 -46.90
N SER C 1055 -7.46 0.75 -46.59
CA SER C 1055 -7.85 0.71 -45.20
C SER C 1055 -7.66 -0.69 -44.64
N ALA C 1056 -7.51 -0.76 -43.32
CA ALA C 1056 -7.37 -2.03 -42.62
C ALA C 1056 -7.89 -1.85 -41.21
N PRO C 1057 -8.26 -2.94 -40.53
CA PRO C 1057 -8.68 -2.83 -39.13
C PRO C 1057 -7.61 -2.18 -38.27
N HIS C 1058 -7.97 -1.07 -37.64
CA HIS C 1058 -7.08 -0.34 -36.74
C HIS C 1058 -5.74 0.01 -37.38
N GLY C 1059 -5.74 0.27 -38.69
CA GLY C 1059 -4.49 0.61 -39.33
C GLY C 1059 -4.69 0.94 -40.79
N VAL C 1060 -3.57 1.23 -41.46
CA VAL C 1060 -3.55 1.59 -42.86
C VAL C 1060 -2.45 0.78 -43.55
N VAL C 1061 -2.70 0.39 -44.79
CA VAL C 1061 -1.74 -0.37 -45.60
C VAL C 1061 -1.41 0.45 -46.84
N PHE C 1062 -0.11 0.63 -47.09
CA PHE C 1062 0.36 1.38 -48.24
C PHE C 1062 0.91 0.44 -49.30
N LEU C 1063 0.48 0.64 -50.54
CA LEU C 1063 1.05 -0.03 -51.70
C LEU C 1063 1.99 0.94 -52.40
N HIS C 1064 3.29 0.68 -52.34
CA HIS C 1064 4.29 1.57 -52.91
C HIS C 1064 4.70 1.07 -54.29
N VAL C 1065 4.53 1.90 -55.30
CA VAL C 1065 4.92 1.59 -56.67
C VAL C 1065 6.26 2.26 -56.92
N THR C 1066 7.29 1.44 -57.21
CA THR C 1066 8.66 1.94 -57.32
C THR C 1066 9.29 1.51 -58.64
N TYR C 1067 10.24 2.32 -59.09
CA TYR C 1067 11.01 2.05 -60.30
C TYR C 1067 12.34 1.44 -59.88
N VAL C 1068 12.62 0.23 -60.35
CA VAL C 1068 13.85 -0.48 -60.00
C VAL C 1068 14.61 -0.86 -61.27
N PRO C 1069 15.85 -0.42 -61.43
CA PRO C 1069 16.68 -0.90 -62.54
C PRO C 1069 16.83 -2.42 -62.49
N ALA C 1070 16.76 -3.06 -63.66
CA ALA C 1070 16.73 -4.51 -63.73
C ALA C 1070 17.96 -5.14 -64.35
N GLN C 1071 18.48 -4.61 -65.47
CA GLN C 1071 19.61 -5.20 -66.16
C GLN C 1071 20.63 -4.12 -66.50
N GLU C 1072 21.91 -4.48 -66.44
CA GLU C 1072 22.99 -3.52 -66.62
C GLU C 1072 24.06 -4.12 -67.53
N LYS C 1073 24.81 -3.22 -68.18
CA LYS C 1073 25.97 -3.59 -68.97
C LYS C 1073 27.18 -2.75 -68.54
N ASN C 1074 28.37 -3.31 -68.75
CA ASN C 1074 29.61 -2.59 -68.45
C ASN C 1074 29.96 -1.68 -69.63
N PHE C 1075 29.93 -0.38 -69.40
CA PHE C 1075 30.30 0.60 -70.41
C PHE C 1075 31.52 1.39 -69.94
N THR C 1076 32.33 1.82 -70.90
CA THR C 1076 33.44 2.73 -70.61
C THR C 1076 32.92 4.15 -70.65
N THR C 1077 33.39 4.98 -69.73
CA THR C 1077 32.91 6.35 -69.61
C THR C 1077 34.08 7.32 -69.54
N ALA C 1078 33.74 8.61 -69.50
CA ALA C 1078 34.71 9.69 -69.38
C ALA C 1078 33.98 10.89 -68.81
N PRO C 1079 34.62 11.68 -67.93
CA PRO C 1079 33.92 12.83 -67.36
C PRO C 1079 33.67 13.95 -68.35
N ALA C 1080 34.43 14.01 -69.44
CA ALA C 1080 34.30 15.10 -70.40
C ALA C 1080 34.92 14.67 -71.71
N ILE C 1081 34.54 15.36 -72.78
CA ILE C 1081 35.03 15.07 -74.13
C ILE C 1081 35.65 16.33 -74.72
N CYS C 1082 36.83 16.17 -75.30
CA CYS C 1082 37.49 17.24 -76.06
C CYS C 1082 37.03 17.23 -77.50
N HIS C 1083 36.77 18.42 -78.05
CA HIS C 1083 36.46 18.57 -79.47
C HIS C 1083 37.51 19.40 -80.18
N ASP C 1084 37.56 20.72 -79.95
CA ASP C 1084 38.59 21.58 -80.51
C ASP C 1084 39.55 22.09 -79.45
N GLY C 1085 39.67 21.37 -78.34
CA GLY C 1085 40.42 21.83 -77.19
C GLY C 1085 39.53 22.33 -76.08
N LYS C 1086 38.25 22.52 -76.38
CA LYS C 1086 37.24 22.91 -75.40
C LYS C 1086 36.76 21.69 -74.62
N ALA C 1087 36.41 21.91 -73.36
CA ALA C 1087 35.90 20.82 -72.52
C ALA C 1087 34.38 20.84 -72.56
N HIS C 1088 33.81 19.75 -73.07
CA HIS C 1088 32.36 19.62 -73.22
C HIS C 1088 31.81 18.74 -72.09
N PHE C 1089 30.80 19.26 -71.40
CA PHE C 1089 30.17 18.47 -70.36
C PHE C 1089 28.69 18.25 -70.69
N PRO C 1090 28.13 17.10 -70.30
CA PRO C 1090 26.71 16.85 -70.56
C PRO C 1090 25.83 17.80 -69.76
N ARG C 1091 24.73 18.23 -70.38
CA ARG C 1091 23.71 18.97 -69.64
C ARG C 1091 22.99 18.03 -68.67
N GLU C 1092 22.67 16.82 -69.13
CA GLU C 1092 22.10 15.78 -68.30
C GLU C 1092 22.73 14.46 -68.74
N GLY C 1093 22.97 13.58 -67.79
CA GLY C 1093 23.55 12.31 -68.13
C GLY C 1093 25.07 12.40 -68.18
N VAL C 1094 25.67 11.33 -68.69
CA VAL C 1094 27.12 11.21 -68.76
C VAL C 1094 27.53 10.75 -70.14
N PHE C 1095 28.82 10.89 -70.44
CA PHE C 1095 29.35 10.37 -71.69
C PHE C 1095 29.68 8.89 -71.54
N VAL C 1096 29.28 8.10 -72.53
CA VAL C 1096 29.53 6.67 -72.52
C VAL C 1096 30.08 6.27 -73.88
N SER C 1097 30.77 5.14 -73.90
CA SER C 1097 31.29 4.55 -75.14
C SER C 1097 30.98 3.06 -75.15
N ASN C 1098 30.50 2.58 -76.29
CA ASN C 1098 30.26 1.16 -76.48
C ASN C 1098 31.49 0.42 -76.99
N GLY C 1099 32.64 1.10 -77.02
CA GLY C 1099 33.89 0.54 -77.49
C GLY C 1099 34.37 1.12 -78.80
N THR C 1100 33.48 1.71 -79.60
CA THR C 1100 33.89 2.31 -80.87
C THR C 1100 33.37 3.74 -81.00
N HIS C 1101 32.22 4.03 -80.39
CA HIS C 1101 31.58 5.33 -80.51
C HIS C 1101 31.19 5.85 -79.14
N TRP C 1102 31.29 7.16 -78.96
CA TRP C 1102 30.89 7.82 -77.73
C TRP C 1102 29.47 8.35 -77.84
N PHE C 1103 28.68 8.12 -76.80
CA PHE C 1103 27.30 8.58 -76.75
C PHE C 1103 27.00 9.21 -75.39
N VAL C 1104 25.93 9.99 -75.35
CA VAL C 1104 25.40 10.58 -74.12
C VAL C 1104 24.02 9.98 -73.86
N THR C 1105 23.76 9.61 -72.61
CA THR C 1105 22.50 8.97 -72.27
C THR C 1105 22.06 9.40 -70.88
N GLN C 1106 20.74 9.37 -70.67
CA GLN C 1106 20.19 9.69 -69.36
C GLN C 1106 20.66 8.70 -68.31
N ARG C 1107 20.89 9.23 -67.09
CA ARG C 1107 21.60 8.48 -66.06
C ARG C 1107 20.89 7.18 -65.68
N ASN C 1108 19.56 7.17 -65.66
CA ASN C 1108 18.81 6.04 -65.11
C ASN C 1108 18.26 5.09 -66.16
N PHE C 1109 18.66 5.22 -67.42
CA PHE C 1109 18.17 4.34 -68.47
C PHE C 1109 19.06 4.46 -69.69
N TYR C 1110 19.63 3.34 -70.14
CA TYR C 1110 20.56 3.39 -71.25
C TYR C 1110 19.79 3.69 -72.54
N GLU C 1111 20.10 4.83 -73.15
CA GLU C 1111 19.43 5.27 -74.38
C GLU C 1111 20.39 6.17 -75.14
N PRO C 1112 21.36 5.59 -75.85
CA PRO C 1112 22.44 6.40 -76.40
C PRO C 1112 21.95 7.33 -77.50
N GLN C 1113 22.43 8.57 -77.45
CA GLN C 1113 22.13 9.58 -78.44
C GLN C 1113 23.44 10.16 -78.97
N ILE C 1114 23.39 10.70 -80.18
CA ILE C 1114 24.55 11.37 -80.75
C ILE C 1114 24.88 12.62 -79.95
N ILE C 1115 26.17 12.81 -79.68
CA ILE C 1115 26.65 13.94 -78.89
C ILE C 1115 26.63 15.19 -79.76
N THR C 1116 25.88 16.21 -79.32
CA THR C 1116 25.71 17.43 -80.10
C THR C 1116 25.86 18.64 -79.18
N THR C 1117 25.91 19.82 -79.81
CA THR C 1117 25.98 21.07 -79.07
C THR C 1117 24.69 21.39 -78.33
N ASP C 1118 23.61 20.69 -78.62
CA ASP C 1118 22.35 20.88 -77.92
C ASP C 1118 22.22 19.93 -76.75
N ASN C 1119 23.18 19.04 -76.56
CA ASN C 1119 23.23 18.13 -75.43
C ASN C 1119 24.30 18.50 -74.41
N THR C 1120 25.35 19.19 -74.84
CA THR C 1120 26.45 19.55 -73.98
C THR C 1120 26.64 21.07 -73.98
N PHE C 1121 27.46 21.52 -73.04
CA PHE C 1121 27.87 22.91 -72.92
C PHE C 1121 29.38 22.98 -72.75
N VAL C 1122 29.94 24.13 -73.07
CA VAL C 1122 31.39 24.33 -73.06
C VAL C 1122 31.77 25.13 -71.83
N SER C 1123 32.78 24.65 -71.10
CA SER C 1123 33.32 25.36 -69.94
C SER C 1123 34.78 24.98 -69.77
N GLY C 1124 35.67 25.97 -69.83
CA GLY C 1124 37.08 25.69 -69.66
C GLY C 1124 37.68 25.01 -70.88
N ASN C 1125 38.77 24.28 -70.65
CA ASN C 1125 39.53 23.65 -71.72
C ASN C 1125 40.04 22.30 -71.27
N CYS C 1126 40.65 21.58 -72.20
CA CYS C 1126 41.10 20.20 -72.02
C CYS C 1126 42.25 20.04 -71.02
N ASP C 1127 42.92 21.13 -70.64
CA ASP C 1127 44.10 21.02 -69.79
C ASP C 1127 43.77 20.98 -68.31
N VAL C 1128 42.49 21.05 -67.94
CA VAL C 1128 42.09 21.11 -66.55
C VAL C 1128 41.45 19.81 -66.08
N VAL C 1129 40.58 19.22 -66.89
CA VAL C 1129 39.76 18.11 -66.45
C VAL C 1129 40.57 16.82 -66.48
N ILE C 1130 40.58 16.10 -65.37
CA ILE C 1130 41.31 14.84 -65.25
C ILE C 1130 40.49 13.73 -65.89
N GLY C 1131 41.10 13.04 -66.87
CA GLY C 1131 40.45 11.94 -67.55
C GLY C 1131 39.67 12.30 -68.78
N ILE C 1132 39.75 13.54 -69.24
CA ILE C 1132 39.05 13.95 -70.46
C ILE C 1132 39.65 13.22 -71.65
N VAL C 1133 38.79 12.82 -72.58
CA VAL C 1133 39.23 12.05 -73.74
C VAL C 1133 38.93 12.84 -75.02
N ASN C 1134 39.62 12.45 -76.09
CA ASN C 1134 39.42 13.08 -77.40
C ASN C 1134 38.27 12.40 -78.14
N ASN C 1135 37.40 13.21 -78.72
CA ASN C 1135 36.35 12.72 -79.61
C ASN C 1135 35.90 13.89 -80.48
N THR C 1136 34.73 13.77 -81.10
CA THR C 1136 34.14 14.84 -81.89
C THR C 1136 32.72 15.10 -81.40
N VAL C 1137 32.32 16.36 -81.49
CA VAL C 1137 30.97 16.80 -81.13
C VAL C 1137 30.29 17.30 -82.40
N TYR C 1138 29.17 16.68 -82.75
CA TYR C 1138 28.45 17.03 -83.97
C TYR C 1138 27.71 18.34 -83.79
N ASP C 1139 27.82 19.23 -84.77
CA ASP C 1139 27.11 20.50 -84.74
C ASP C 1139 25.98 20.47 -85.76
N PRO C 1140 24.72 20.37 -85.35
CA PRO C 1140 23.62 20.32 -86.32
C PRO C 1140 23.54 21.54 -87.22
N LEU C 1141 24.13 22.66 -86.83
CA LEU C 1141 24.06 23.87 -87.64
C LEU C 1141 24.95 23.77 -88.87
N GLN C 1142 26.10 23.10 -88.74
CA GLN C 1142 27.08 23.00 -89.82
C GLN C 1142 26.46 22.50 -91.13
N PRO C 1143 25.78 21.36 -91.18
CA PRO C 1143 25.19 20.93 -92.46
C PRO C 1143 24.10 21.87 -92.94
N GLU C 1144 23.48 22.63 -92.03
CA GLU C 1144 22.41 23.54 -92.43
C GLU C 1144 22.99 24.75 -93.12
N LEU C 1145 24.19 25.16 -92.75
CA LEU C 1145 24.86 26.25 -93.45
C LEU C 1145 25.62 25.76 -94.67
N ASP C 1146 26.05 24.48 -94.66
CA ASP C 1146 26.73 23.93 -95.82
C ASP C 1146 25.78 23.72 -96.97
N SER C 1147 24.57 23.22 -96.69
CA SER C 1147 23.57 23.01 -97.73
C SER C 1147 22.80 24.29 -98.02
N VAL D 15 -17.15 -63.90 22.26
CA VAL D 15 -16.70 -65.27 22.46
C VAL D 15 -17.22 -65.79 23.80
N GLN D 16 -18.51 -66.14 23.84
CA GLN D 16 -19.12 -66.67 25.05
C GLN D 16 -20.36 -67.47 24.67
N LEU D 17 -20.49 -68.65 25.25
CA LEU D 17 -21.64 -69.52 25.00
C LEU D 17 -22.26 -69.91 26.33
N VAL D 18 -23.56 -69.68 26.47
CA VAL D 18 -24.30 -70.00 27.69
C VAL D 18 -25.45 -70.94 27.34
N GLU D 19 -25.40 -72.15 27.87
CA GLU D 19 -26.43 -73.15 27.65
C GLU D 19 -27.58 -72.96 28.64
N SER D 20 -28.74 -73.51 28.27
CA SER D 20 -29.91 -73.48 29.16
C SER D 20 -30.85 -74.60 28.77
N GLY D 21 -31.75 -74.92 29.68
CA GLY D 21 -32.76 -75.94 29.47
C GLY D 21 -32.50 -77.24 30.19
N GLY D 22 -31.42 -77.34 30.97
CA GLY D 22 -31.09 -78.57 31.66
C GLY D 22 -32.05 -78.86 32.82
N GLY D 23 -31.95 -80.08 33.31
CA GLY D 23 -32.77 -80.51 34.42
C GLY D 23 -33.07 -81.99 34.32
N VAL D 24 -34.03 -82.43 35.13
CA VAL D 24 -34.45 -83.83 35.15
C VAL D 24 -35.61 -84.04 34.20
N VAL D 25 -35.60 -85.18 33.51
CA VAL D 25 -36.66 -85.54 32.57
C VAL D 25 -36.90 -87.04 32.68
N GLN D 26 -38.16 -87.44 32.75
CA GLN D 26 -38.49 -88.85 32.87
C GLN D 26 -38.19 -89.56 31.54
N PRO D 27 -37.75 -90.82 31.60
CA PRO D 27 -37.44 -91.55 30.36
C PRO D 27 -38.64 -91.57 29.41
N GLY D 28 -38.35 -91.43 28.12
CA GLY D 28 -39.36 -91.39 27.10
C GLY D 28 -39.87 -90.01 26.75
N ARG D 29 -39.70 -89.03 27.64
CA ARG D 29 -40.18 -87.68 27.41
C ARG D 29 -39.14 -86.87 26.66
N SER D 30 -39.45 -85.60 26.41
CA SER D 30 -38.63 -84.74 25.58
C SER D 30 -38.05 -83.60 26.40
N LEU D 31 -36.97 -83.02 25.88
CA LEU D 31 -36.32 -81.86 26.48
C LEU D 31 -35.61 -81.08 25.40
N ARG D 32 -35.73 -79.75 25.45
CA ARG D 32 -35.12 -78.86 24.47
C ARG D 32 -34.03 -78.04 25.14
N LEU D 33 -32.81 -78.11 24.62
CA LEU D 33 -31.70 -77.30 25.09
C LEU D 33 -31.50 -76.10 24.17
N SER D 34 -30.98 -75.02 24.74
CA SER D 34 -30.73 -73.79 24.00
C SER D 34 -29.33 -73.27 24.32
N CYS D 35 -28.74 -72.59 23.35
CA CYS D 35 -27.39 -72.03 23.47
C CYS D 35 -27.43 -70.59 22.97
N ALA D 36 -27.21 -69.64 23.87
CA ALA D 36 -27.19 -68.23 23.52
C ALA D 36 -25.76 -67.80 23.24
N ALA D 37 -25.55 -67.17 22.09
CA ALA D 37 -24.23 -66.76 21.64
C ALA D 37 -24.10 -65.25 21.59
N SER D 38 -22.90 -64.77 21.90
CA SER D 38 -22.61 -63.34 21.84
C SER D 38 -21.10 -63.16 21.71
N GLY D 39 -20.72 -62.05 21.09
CA GLY D 39 -19.32 -61.69 20.99
C GLY D 39 -18.62 -62.19 19.73
N PHE D 40 -19.33 -62.85 18.83
CA PHE D 40 -18.77 -63.29 17.56
C PHE D 40 -19.86 -63.31 16.50
N THR D 41 -19.41 -63.42 15.25
CA THR D 41 -20.31 -63.45 14.09
C THR D 41 -20.99 -64.82 14.04
N PHE D 42 -22.01 -64.98 14.89
CA PHE D 42 -22.67 -66.28 15.07
C PHE D 42 -23.11 -66.88 13.74
N SER D 43 -23.66 -66.07 12.85
CA SER D 43 -24.25 -66.58 11.62
C SER D 43 -23.21 -67.07 10.62
N SER D 44 -21.93 -66.98 10.94
CA SER D 44 -20.87 -67.42 10.02
C SER D 44 -20.14 -68.67 10.52
N TYR D 45 -20.55 -69.24 11.64
CA TYR D 45 -19.91 -70.43 12.20
C TYR D 45 -20.89 -71.58 12.25
N GLY D 46 -20.42 -72.77 11.88
CA GLY D 46 -21.15 -73.98 12.22
C GLY D 46 -21.16 -74.19 13.72
N MET D 47 -22.22 -74.82 14.21
CA MET D 47 -22.34 -75.06 15.65
C MET D 47 -22.57 -76.54 15.90
N HIS D 48 -21.87 -77.05 16.92
CA HIS D 48 -21.91 -78.45 17.31
C HIS D 48 -22.54 -78.59 18.68
N TRP D 49 -23.08 -79.78 18.95
CA TRP D 49 -23.38 -80.21 20.31
C TRP D 49 -22.52 -81.42 20.66
N VAL D 50 -21.98 -81.42 21.88
CA VAL D 50 -21.18 -82.50 22.40
C VAL D 50 -21.63 -82.80 23.82
N ARG D 51 -21.62 -84.08 24.19
CA ARG D 51 -22.03 -84.48 25.54
C ARG D 51 -20.93 -85.32 26.17
N GLN D 52 -20.99 -85.42 27.50
CA GLN D 52 -20.01 -86.17 28.27
C GLN D 52 -20.72 -86.77 29.47
N ALA D 53 -20.86 -88.09 29.48
CA ALA D 53 -21.45 -88.76 30.63
C ALA D 53 -20.50 -88.68 31.82
N PRO D 54 -21.03 -88.69 33.06
CA PRO D 54 -20.18 -88.58 34.24
C PRO D 54 -19.02 -89.57 34.25
N GLY D 55 -17.79 -89.06 34.31
CA GLY D 55 -16.62 -89.89 34.37
C GLY D 55 -16.25 -90.59 33.09
N LYS D 56 -16.94 -90.32 31.99
CA LYS D 56 -16.69 -90.96 30.71
C LYS D 56 -16.17 -89.94 29.70
N GLY D 57 -15.97 -90.40 28.47
CA GLY D 57 -15.34 -89.59 27.45
C GLY D 57 -16.32 -88.70 26.69
N LEU D 58 -15.76 -87.85 25.85
CA LEU D 58 -16.57 -86.96 25.02
C LEU D 58 -17.26 -87.74 23.92
N GLU D 59 -18.51 -87.39 23.63
CA GLU D 59 -19.28 -88.01 22.56
C GLU D 59 -19.96 -86.94 21.74
N TRP D 60 -19.59 -86.84 20.46
CA TRP D 60 -20.21 -85.88 19.56
C TRP D 60 -21.68 -86.25 19.36
N VAL D 61 -22.54 -85.24 19.34
CA VAL D 61 -23.99 -85.44 19.27
C VAL D 61 -24.56 -84.96 17.94
N ALA D 62 -24.32 -83.71 17.58
CA ALA D 62 -24.89 -83.16 16.35
C ALA D 62 -24.11 -81.91 15.97
N LEU D 63 -24.26 -81.53 14.70
CA LEU D 63 -23.72 -80.28 14.19
C LEU D 63 -24.71 -79.66 13.23
N ILE D 64 -24.74 -78.33 13.19
CA ILE D 64 -25.53 -77.59 12.23
C ILE D 64 -24.63 -76.57 11.54
N SER D 65 -24.78 -76.46 10.23
CA SER D 65 -23.95 -75.55 9.45
C SER D 65 -24.28 -74.10 9.79
N TYR D 66 -23.37 -73.21 9.38
CA TYR D 66 -23.50 -71.79 9.70
C TYR D 66 -24.82 -71.20 9.18
N ASP D 67 -25.31 -71.69 8.05
CA ASP D 67 -26.54 -71.19 7.45
C ASP D 67 -27.74 -72.08 7.74
N GLY D 68 -27.56 -73.15 8.52
CA GLY D 68 -28.66 -74.03 8.87
C GLY D 68 -29.12 -74.94 7.76
N GLY D 69 -28.39 -75.00 6.66
CA GLY D 69 -28.81 -75.80 5.52
C GLY D 69 -28.49 -77.28 5.68
N ASN D 70 -27.36 -77.59 6.32
CA ASN D 70 -26.89 -78.95 6.49
C ASN D 70 -26.87 -79.31 7.97
N ARG D 71 -27.31 -80.52 8.28
CA ARG D 71 -27.29 -81.02 9.65
C ARG D 71 -26.81 -82.47 9.64
N TYR D 72 -26.13 -82.86 10.72
CA TYR D 72 -25.68 -84.23 10.90
C TYR D 72 -25.82 -84.61 12.36
N TYR D 73 -26.02 -85.89 12.62
CA TYR D 73 -26.28 -86.40 13.95
C TYR D 73 -25.44 -87.64 14.21
N ALA D 74 -25.11 -87.85 15.49
CA ALA D 74 -24.46 -89.08 15.90
C ALA D 74 -25.38 -90.27 15.68
N ASP D 75 -24.78 -91.43 15.39
CA ASP D 75 -25.57 -92.63 15.12
C ASP D 75 -26.44 -93.00 16.31
N SER D 76 -25.98 -92.70 17.53
CA SER D 76 -26.70 -93.08 18.74
C SER D 76 -27.92 -92.21 19.01
N VAL D 77 -28.08 -91.11 18.28
CA VAL D 77 -29.21 -90.20 18.48
C VAL D 77 -30.01 -89.96 17.21
N LYS D 78 -29.66 -90.62 16.10
CA LYS D 78 -30.39 -90.45 14.86
C LYS D 78 -31.86 -90.80 15.04
N GLY D 79 -32.74 -89.95 14.53
CA GLY D 79 -34.17 -90.14 14.63
C GLY D 79 -34.80 -89.57 15.88
N ARG D 80 -34.01 -89.31 16.92
CA ARG D 80 -34.52 -88.84 18.20
C ARG D 80 -34.18 -87.39 18.49
N PHE D 81 -33.03 -86.91 18.02
CA PHE D 81 -32.59 -85.55 18.25
C PHE D 81 -32.75 -84.72 16.99
N THR D 82 -33.01 -83.42 17.17
CA THR D 82 -33.05 -82.47 16.07
C THR D 82 -32.33 -81.20 16.50
N ILE D 83 -31.42 -80.73 15.66
CA ILE D 83 -30.64 -79.53 15.91
C ILE D 83 -31.13 -78.40 15.03
N SER D 84 -31.20 -77.20 15.60
CA SER D 84 -31.65 -76.03 14.86
C SER D 84 -30.92 -74.79 15.39
N ARG D 85 -31.03 -73.70 14.64
CA ARG D 85 -30.40 -72.44 15.03
C ARG D 85 -31.28 -71.30 14.54
N ASP D 86 -31.12 -70.15 15.21
CA ASP D 86 -31.78 -68.90 14.80
C ASP D 86 -30.72 -67.82 14.70
N ASN D 87 -30.29 -67.52 13.48
CA ASN D 87 -29.19 -66.58 13.28
C ASN D 87 -29.58 -65.15 13.62
N SER D 88 -30.88 -64.84 13.62
CA SER D 88 -31.32 -63.50 13.97
C SER D 88 -31.27 -63.26 15.49
N LYS D 89 -31.36 -64.33 16.28
CA LYS D 89 -31.35 -64.23 17.73
C LYS D 89 -30.08 -64.81 18.34
N ASN D 90 -29.13 -65.23 17.52
CA ASN D 90 -27.86 -65.79 17.98
C ASN D 90 -28.08 -66.94 18.96
N THR D 91 -28.97 -67.87 18.59
CA THR D 91 -29.27 -69.03 19.42
C THR D 91 -29.18 -70.29 18.59
N LEU D 92 -28.73 -71.36 19.25
CA LEU D 92 -28.81 -72.71 18.72
C LEU D 92 -29.63 -73.58 19.68
N TYR D 93 -30.50 -74.41 19.12
CA TYR D 93 -31.35 -75.29 19.92
C TYR D 93 -31.10 -76.74 19.55
N LEU D 94 -31.25 -77.62 20.55
CA LEU D 94 -31.18 -79.06 20.36
C LEU D 94 -32.43 -79.69 20.95
N GLN D 95 -33.32 -80.19 20.10
CA GLN D 95 -34.54 -80.85 20.54
C GLN D 95 -34.24 -82.33 20.74
N MET D 96 -34.37 -82.80 21.98
CA MET D 96 -34.06 -84.18 22.35
C MET D 96 -35.37 -84.90 22.68
N ASN D 97 -35.76 -85.83 21.81
CA ASN D 97 -36.99 -86.59 21.96
C ASN D 97 -36.70 -88.01 22.39
N ARG D 98 -37.68 -88.62 23.07
CA ARG D 98 -37.61 -90.00 23.56
C ARG D 98 -36.28 -90.31 24.24
N LEU D 99 -36.03 -89.60 25.34
CA LEU D 99 -34.77 -89.71 26.03
C LEU D 99 -34.65 -91.06 26.74
N ARG D 100 -33.44 -91.60 26.76
CA ARG D 100 -33.12 -92.83 27.48
C ARG D 100 -32.23 -92.51 28.67
N ALA D 101 -32.24 -93.43 29.65
CA ALA D 101 -31.37 -93.29 30.82
C ALA D 101 -29.90 -93.13 30.43
N GLU D 102 -29.51 -93.68 29.28
CA GLU D 102 -28.13 -93.60 28.83
C GLU D 102 -27.79 -92.26 28.19
N ASP D 103 -28.77 -91.37 28.04
CA ASP D 103 -28.53 -90.02 27.52
C ASP D 103 -28.19 -89.02 28.62
N THR D 104 -28.25 -89.43 29.89
CA THR D 104 -27.88 -88.53 30.98
C THR D 104 -26.41 -88.14 30.88
N ALA D 105 -26.16 -86.85 30.77
CA ALA D 105 -24.80 -86.34 30.59
C ALA D 105 -24.84 -84.82 30.67
N MET D 106 -23.65 -84.23 30.70
CA MET D 106 -23.48 -82.79 30.48
C MET D 106 -23.33 -82.53 28.99
N TYR D 107 -24.18 -81.66 28.45
CA TYR D 107 -24.20 -81.36 27.02
C TYR D 107 -23.54 -80.00 26.80
N TYR D 108 -22.45 -79.99 26.03
CA TYR D 108 -21.70 -78.79 25.75
C TYR D 108 -22.12 -78.17 24.42
N CYS D 109 -22.25 -76.85 24.41
CA CYS D 109 -22.37 -76.08 23.18
C CYS D 109 -20.98 -75.62 22.75
N ALA D 110 -20.64 -75.82 21.48
CA ALA D 110 -19.30 -75.52 21.01
C ALA D 110 -19.33 -74.98 19.58
N LYS D 111 -18.49 -73.98 19.34
CA LYS D 111 -18.41 -73.32 18.04
C LYS D 111 -17.36 -73.99 17.16
N ASP D 112 -17.72 -74.24 15.90
CA ASP D 112 -16.75 -74.72 14.93
C ASP D 112 -15.70 -73.63 14.66
N ARG D 113 -14.50 -74.07 14.29
CA ARG D 113 -13.40 -73.12 14.11
C ARG D 113 -13.45 -72.50 12.73
N TYR D 121 -15.27 -78.64 11.10
CA TYR D 121 -13.93 -78.78 11.64
C TYR D 121 -13.98 -78.99 13.15
N PHE D 122 -12.88 -78.67 13.83
CA PHE D 122 -12.81 -78.80 15.27
C PHE D 122 -13.63 -77.70 15.94
N MET D 123 -13.66 -77.73 17.27
CA MET D 123 -14.38 -76.74 18.07
C MET D 123 -13.38 -76.00 18.95
N ASP D 124 -13.30 -74.68 18.78
CA ASP D 124 -12.32 -73.87 19.49
C ASP D 124 -12.92 -73.04 20.62
N VAL D 125 -14.25 -72.92 20.69
CA VAL D 125 -14.93 -72.22 21.77
C VAL D 125 -16.00 -73.15 22.33
N TRP D 126 -15.95 -73.41 23.63
CA TRP D 126 -16.85 -74.34 24.28
C TRP D 126 -17.65 -73.64 25.37
N GLY D 127 -18.94 -73.94 25.45
CA GLY D 127 -19.76 -73.50 26.56
C GLY D 127 -19.52 -74.33 27.81
N LYS D 128 -20.08 -73.84 28.92
CA LYS D 128 -19.89 -74.52 30.20
C LYS D 128 -20.71 -75.80 30.31
N GLY D 129 -21.76 -75.94 29.50
CA GLY D 129 -22.52 -77.17 29.44
C GLY D 129 -23.77 -77.12 30.30
N THR D 130 -24.79 -77.84 29.86
CA THR D 130 -26.04 -77.99 30.59
C THR D 130 -26.20 -79.44 31.02
N THR D 131 -26.50 -79.65 32.30
CA THR D 131 -26.65 -81.00 32.84
C THR D 131 -28.06 -81.52 32.55
N VAL D 132 -28.15 -82.65 31.87
CA VAL D 132 -29.42 -83.31 31.57
C VAL D 132 -29.42 -84.65 32.28
N THR D 133 -30.39 -84.87 33.16
CA THR D 133 -30.53 -86.11 33.91
C THR D 133 -31.82 -86.80 33.49
N VAL D 134 -31.70 -88.02 32.99
CA VAL D 134 -32.85 -88.82 32.57
C VAL D 134 -33.17 -89.78 33.70
N SER D 135 -34.23 -89.49 34.45
CA SER D 135 -34.54 -90.24 35.66
C SER D 135 -36.01 -90.05 35.99
N SER D 136 -36.55 -90.99 36.76
CA SER D 136 -37.93 -90.93 37.20
C SER D 136 -38.05 -90.26 38.57
N ILE E 15 -15.59 -93.66 11.72
CA ILE E 15 -14.19 -93.80 12.10
C ILE E 15 -14.05 -93.91 13.61
N GLN E 16 -13.61 -95.07 14.08
CA GLN E 16 -13.36 -95.30 15.50
C GLN E 16 -11.92 -94.93 15.83
N LEU E 17 -11.76 -94.07 16.84
CA LEU E 17 -10.45 -93.71 17.35
C LEU E 17 -10.18 -94.47 18.65
N THR E 18 -9.05 -95.18 18.69
CA THR E 18 -8.62 -95.91 19.88
C THR E 18 -7.36 -95.25 20.42
N GLN E 19 -7.47 -94.66 21.62
CA GLN E 19 -6.33 -94.06 22.28
C GLN E 19 -5.61 -95.08 23.16
N SER E 20 -4.31 -94.90 23.31
CA SER E 20 -3.53 -95.70 24.24
C SER E 20 -2.38 -94.85 24.77
N PRO E 21 -1.94 -95.07 26.01
CA PRO E 21 -2.55 -96.02 26.95
C PRO E 21 -3.83 -95.47 27.57
N GLY E 22 -4.54 -96.28 28.36
CA GLY E 22 -5.71 -95.78 29.05
C GLY E 22 -5.37 -94.80 30.15
N THR E 23 -4.33 -95.10 30.92
CA THR E 23 -3.84 -94.20 31.97
C THR E 23 -2.33 -94.07 31.84
N LEU E 24 -1.84 -92.84 31.97
CA LEU E 24 -0.41 -92.55 31.97
C LEU E 24 -0.04 -91.87 33.27
N SER E 25 0.94 -92.44 33.98
CA SER E 25 1.36 -91.92 35.28
C SER E 25 2.80 -91.44 35.18
N LEU E 26 3.00 -90.13 35.28
CA LEU E 26 4.30 -89.50 35.13
C LEU E 26 4.43 -88.40 36.17
N SER E 27 5.57 -87.73 36.16
CA SER E 27 5.85 -86.62 37.05
C SER E 27 6.29 -85.40 36.25
N PRO E 28 6.15 -84.20 36.80
CA PRO E 28 6.58 -82.99 36.08
C PRO E 28 8.04 -83.09 35.65
N GLY E 29 8.33 -82.58 34.46
CA GLY E 29 9.67 -82.60 33.91
C GLY E 29 9.91 -83.73 32.92
N GLU E 30 9.09 -84.77 32.97
CA GLU E 30 9.28 -85.94 32.11
C GLU E 30 8.62 -85.72 30.76
N ARG E 31 8.79 -86.69 29.87
CA ARG E 31 8.24 -86.64 28.52
C ARG E 31 7.07 -87.61 28.42
N ALA E 32 5.95 -87.12 27.89
CA ALA E 32 4.75 -87.93 27.71
C ALA E 32 4.49 -88.15 26.22
N THR E 33 4.12 -89.38 25.88
CA THR E 33 3.76 -89.76 24.52
C THR E 33 2.37 -90.38 24.53
N LEU E 34 1.44 -89.74 23.82
CA LEU E 34 0.07 -90.21 23.73
C LEU E 34 -0.23 -90.59 22.29
N SER E 35 -0.93 -91.71 22.11
CA SER E 35 -1.18 -92.26 20.78
C SER E 35 -2.68 -92.28 20.48
N CYS E 36 -2.98 -92.22 19.19
CA CYS E 36 -4.34 -92.24 18.67
C CYS E 36 -4.34 -93.07 17.40
N ARG E 37 -5.19 -94.09 17.33
CA ARG E 37 -5.30 -94.93 16.16
C ARG E 37 -6.72 -94.91 15.62
N ALA E 38 -6.85 -94.69 14.32
CA ALA E 38 -8.13 -94.61 13.65
C ALA E 38 -8.43 -95.91 12.90
N SER E 39 -9.71 -96.28 12.86
CA SER E 39 -10.09 -97.49 12.14
C SER E 39 -9.98 -97.30 10.63
N GLN E 40 -10.05 -96.06 10.16
CA GLN E 40 -9.91 -95.73 8.75
C GLN E 40 -8.98 -94.53 8.63
N SER E 41 -8.35 -94.40 7.48
CA SER E 41 -7.39 -93.30 7.28
C SER E 41 -8.10 -91.96 7.37
N ILE E 42 -7.48 -91.03 8.10
CA ILE E 42 -8.06 -89.70 8.30
C ILE E 42 -7.81 -88.85 7.07
N SER E 43 -8.86 -88.20 6.58
CA SER E 43 -8.75 -87.39 5.37
C SER E 43 -8.10 -86.05 5.70
N GLY E 44 -7.21 -85.60 4.82
CA GLY E 44 -6.65 -84.27 4.92
C GLY E 44 -5.92 -83.99 6.21
N ASN E 45 -5.39 -85.02 6.87
CA ASN E 45 -4.76 -84.89 8.18
C ASN E 45 -5.64 -84.14 9.18
N TYR E 46 -6.96 -84.31 9.05
CA TYR E 46 -7.93 -83.63 9.90
C TYR E 46 -8.01 -84.35 11.24
N LEU E 47 -6.99 -84.12 12.06
CA LEU E 47 -6.89 -84.73 13.38
C LEU E 47 -6.59 -83.66 14.41
N ALA E 48 -7.39 -83.63 15.48
CA ALA E 48 -7.25 -82.62 16.52
C ALA E 48 -7.08 -83.29 17.87
N TRP E 49 -6.46 -82.55 18.79
CA TRP E 49 -6.27 -82.97 20.17
C TRP E 49 -6.89 -81.96 21.13
N TYR E 50 -7.50 -82.47 22.19
CA TYR E 50 -8.19 -81.63 23.16
C TYR E 50 -7.75 -82.00 24.57
N GLN E 51 -7.74 -80.99 25.45
CA GLN E 51 -7.42 -81.17 26.85
C GLN E 51 -8.68 -80.93 27.67
N HIS E 52 -8.86 -81.72 28.73
CA HIS E 52 -9.99 -81.54 29.63
C HIS E 52 -9.53 -81.74 31.07
N LYS E 53 -9.72 -80.70 31.89
CA LYS E 53 -9.52 -80.79 33.32
C LYS E 53 -10.86 -81.00 34.02
N PRO E 54 -10.87 -81.60 35.20
CA PRO E 54 -12.13 -81.88 35.88
C PRO E 54 -12.95 -80.62 36.11
N GLY E 55 -14.23 -80.68 35.75
CA GLY E 55 -15.11 -79.54 35.88
C GLY E 55 -14.98 -78.49 34.81
N GLN E 56 -14.10 -78.67 33.83
CA GLN E 56 -13.86 -77.68 32.79
C GLN E 56 -14.31 -78.21 31.43
N ALA E 57 -14.64 -77.29 30.54
CA ALA E 57 -14.87 -77.63 29.15
C ALA E 57 -13.56 -78.05 28.48
N PRO E 58 -13.64 -78.81 27.39
CA PRO E 58 -12.43 -79.10 26.62
C PRO E 58 -11.79 -77.84 26.04
N ARG E 59 -10.50 -77.95 25.72
CA ARG E 59 -9.72 -76.87 25.14
C ARG E 59 -8.91 -77.42 23.98
N LEU E 60 -8.97 -76.73 22.84
CA LEU E 60 -8.19 -77.16 21.68
C LEU E 60 -6.70 -77.00 21.95
N LEU E 61 -5.93 -78.04 21.65
CA LEU E 61 -4.48 -78.01 21.69
C LEU E 61 -3.84 -78.00 20.31
N ILE E 62 -4.28 -78.91 19.43
CA ILE E 62 -3.60 -79.19 18.16
C ILE E 62 -4.68 -79.41 17.10
N TYR E 63 -4.43 -78.89 15.90
CA TYR E 63 -5.27 -79.18 14.75
C TYR E 63 -4.37 -79.44 13.55
N GLY E 64 -4.97 -79.98 12.49
CA GLY E 64 -4.22 -80.32 11.30
C GLY E 64 -3.11 -81.32 11.55
N ALA E 65 -3.25 -82.14 12.59
CA ALA E 65 -2.30 -83.14 13.04
C ALA E 65 -1.04 -82.55 13.67
N SER E 66 -0.62 -81.36 13.21
CA SER E 66 0.62 -80.79 13.71
C SER E 66 0.58 -79.30 14.01
N THR E 67 -0.55 -78.63 13.86
CA THR E 67 -0.63 -77.19 14.04
C THR E 67 -1.03 -76.87 15.47
N ARG E 68 -0.21 -76.08 16.17
CA ARG E 68 -0.52 -75.67 17.52
C ARG E 68 -1.59 -74.59 17.52
N ALA E 69 -2.57 -74.74 18.41
CA ALA E 69 -3.60 -73.72 18.57
C ALA E 69 -3.04 -72.47 19.24
N THR E 70 -3.75 -71.36 19.06
CA THR E 70 -3.33 -70.10 19.66
C THR E 70 -3.26 -70.23 21.18
N GLY E 71 -2.16 -69.73 21.76
CA GLY E 71 -1.99 -69.74 23.19
C GLY E 71 -1.43 -71.01 23.76
N ILE E 72 -1.22 -72.04 22.94
CA ILE E 72 -0.74 -73.34 23.41
C ILE E 72 0.79 -73.32 23.43
N PRO E 73 1.42 -73.73 24.53
CA PRO E 73 2.87 -73.60 24.64
C PRO E 73 3.58 -74.64 23.79
N ASP E 74 4.84 -74.34 23.47
CA ASP E 74 5.57 -75.12 22.48
C ASP E 74 6.01 -76.48 22.98
N ARG E 75 5.80 -76.81 24.26
CA ARG E 75 6.04 -78.18 24.71
C ARG E 75 5.04 -79.17 24.15
N PHE E 76 3.92 -78.69 23.60
CA PHE E 76 2.96 -79.54 22.91
C PHE E 76 3.33 -79.60 21.43
N SER E 77 3.42 -80.82 20.89
CA SER E 77 3.62 -80.99 19.46
C SER E 77 2.88 -82.23 18.99
N GLY E 78 2.39 -82.17 17.75
CA GLY E 78 1.62 -83.25 17.16
C GLY E 78 2.36 -83.80 15.96
N SER E 79 2.25 -85.12 15.75
CA SER E 79 2.79 -85.75 14.56
C SER E 79 1.88 -86.89 14.14
N GLY E 80 2.23 -87.52 13.03
CA GLY E 80 1.55 -88.69 12.52
C GLY E 80 0.81 -88.42 11.23
N SER E 81 0.35 -89.51 10.63
CA SER E 81 -0.40 -89.43 9.38
C SER E 81 -1.22 -90.71 9.22
N GLY E 82 -2.22 -90.66 8.35
CA GLY E 82 -2.95 -91.85 7.96
C GLY E 82 -3.84 -92.37 9.07
N THR E 83 -3.42 -93.46 9.71
CA THR E 83 -4.17 -94.05 10.80
C THR E 83 -3.48 -93.93 12.15
N ASP E 84 -2.25 -93.41 12.20
CA ASP E 84 -1.43 -93.45 13.40
C ASP E 84 -0.95 -92.04 13.70
N PHE E 85 -1.33 -91.51 14.86
CA PHE E 85 -1.01 -90.16 15.26
C PHE E 85 -0.47 -90.15 16.68
N THR E 86 0.39 -89.17 16.97
CA THR E 86 1.02 -89.05 18.27
C THR E 86 0.94 -87.62 18.75
N LEU E 87 0.62 -87.45 20.04
CA LEU E 87 0.74 -86.18 20.74
C LEU E 87 1.88 -86.29 21.73
N THR E 88 2.84 -85.38 21.64
CA THR E 88 4.01 -85.37 22.51
C THR E 88 4.00 -84.12 23.39
N ILE E 89 4.20 -84.32 24.69
CA ILE E 89 4.43 -83.24 25.63
C ILE E 89 5.87 -83.38 26.12
N SER E 90 6.71 -82.40 25.80
CA SER E 90 8.15 -82.60 25.87
C SER E 90 8.68 -82.50 27.31
N ARG E 91 8.09 -81.61 28.11
CA ARG E 91 8.50 -81.45 29.51
C ARG E 91 7.25 -81.11 30.32
N LEU E 92 6.64 -82.14 30.90
CA LEU E 92 5.36 -81.99 31.58
C LEU E 92 5.42 -80.92 32.66
N GLU E 93 4.36 -80.13 32.73
CA GLU E 93 4.12 -79.17 33.80
C GLU E 93 2.93 -79.62 34.64
N PRO E 94 2.85 -79.18 35.90
CA PRO E 94 1.70 -79.57 36.73
C PRO E 94 0.35 -79.29 36.09
N GLU E 95 0.23 -78.19 35.35
CA GLU E 95 -1.04 -77.85 34.71
C GLU E 95 -1.37 -78.78 33.55
N ASP E 96 -0.43 -79.62 33.12
CA ASP E 96 -0.63 -80.49 31.96
C ASP E 96 -1.28 -81.82 32.32
N PHE E 97 -1.51 -82.09 33.61
CA PHE E 97 -2.08 -83.37 34.03
C PHE E 97 -3.59 -83.28 33.92
N ALA E 98 -4.16 -84.09 33.03
CA ALA E 98 -5.53 -83.93 32.55
C ALA E 98 -5.85 -85.12 31.66
N VAL E 99 -7.07 -85.14 31.13
CA VAL E 99 -7.48 -86.12 30.14
C VAL E 99 -7.31 -85.50 28.76
N TYR E 100 -6.80 -86.29 27.82
CA TYR E 100 -6.57 -85.85 26.44
C TYR E 100 -7.41 -86.67 25.49
N TYR E 101 -8.13 -85.99 24.61
CA TYR E 101 -8.93 -86.64 23.57
C TYR E 101 -8.37 -86.28 22.20
N CYS E 102 -8.27 -87.28 21.33
CA CYS E 102 -8.05 -87.01 19.92
C CYS E 102 -9.39 -87.03 19.17
N GLN E 103 -9.40 -86.38 18.00
CA GLN E 103 -10.60 -86.26 17.20
C GLN E 103 -10.22 -86.20 15.73
N GLN E 104 -10.98 -86.89 14.89
CA GLN E 104 -10.90 -86.71 13.44
C GLN E 104 -12.14 -85.96 12.96
N TYR E 105 -11.93 -85.05 12.01
CA TYR E 105 -13.01 -84.24 11.47
C TYR E 105 -13.01 -84.28 9.94
N GLY E 106 -12.61 -85.42 9.36
CA GLY E 106 -12.58 -85.55 7.92
C GLY E 106 -13.78 -86.32 7.39
N SER E 107 -14.30 -87.24 8.21
CA SER E 107 -15.50 -88.01 7.85
C SER E 107 -16.37 -88.10 9.10
N SER E 108 -17.42 -87.27 9.14
CA SER E 108 -18.15 -86.97 10.37
C SER E 108 -17.21 -86.48 11.46
N TYR E 109 -17.63 -86.61 12.71
CA TYR E 109 -16.90 -86.07 13.86
C TYR E 109 -16.95 -87.10 14.98
N THR E 110 -15.82 -87.74 15.25
CA THR E 110 -15.73 -88.78 16.26
C THR E 110 -14.55 -88.51 17.18
N PHE E 111 -14.68 -88.95 18.43
CA PHE E 111 -13.67 -88.71 19.46
C PHE E 111 -13.11 -90.04 19.95
N GLY E 112 -11.85 -90.01 20.38
CA GLY E 112 -11.29 -91.09 21.16
C GLY E 112 -11.91 -91.18 22.54
N GLN E 113 -11.57 -92.27 23.24
CA GLN E 113 -12.10 -92.50 24.57
C GLN E 113 -11.29 -91.80 25.65
N GLY E 114 -10.21 -91.14 25.29
CA GLY E 114 -9.46 -90.32 26.24
C GLY E 114 -8.30 -91.07 26.87
N THR E 115 -7.23 -90.33 27.16
CA THR E 115 -6.11 -90.81 27.96
C THR E 115 -5.99 -89.90 29.18
N LYS E 116 -5.97 -90.49 30.37
CA LYS E 116 -5.73 -89.73 31.59
C LYS E 116 -4.24 -89.67 31.89
N VAL E 117 -3.74 -88.45 32.06
CA VAL E 117 -2.35 -88.21 32.46
C VAL E 117 -2.37 -87.79 33.92
N GLU E 118 -1.87 -88.66 34.79
CA GLU E 118 -1.93 -88.45 36.23
C GLU E 118 -0.53 -88.38 36.81
N ILE E 119 -0.45 -87.85 38.03
CA ILE E 119 0.84 -87.70 38.70
C ILE E 119 1.22 -89.02 39.36
N LYS E 120 2.41 -89.51 39.04
CA LYS E 120 2.95 -90.69 39.70
C LYS E 120 3.63 -90.33 41.03
N VAL F 15 42.79 3.56 57.75
CA VAL F 15 43.51 4.46 58.64
C VAL F 15 43.37 3.97 60.08
N GLN F 16 44.12 2.93 60.42
CA GLN F 16 44.09 2.40 61.79
C GLN F 16 45.37 1.62 62.04
N LEU F 17 45.99 1.86 63.19
CA LEU F 17 47.22 1.19 63.60
C LEU F 17 47.01 0.57 64.96
N VAL F 18 47.28 -0.72 65.08
CA VAL F 18 47.14 -1.46 66.34
C VAL F 18 48.48 -2.09 66.69
N GLU F 19 49.05 -1.66 67.81
CA GLU F 19 50.33 -2.20 68.28
C GLU F 19 50.10 -3.47 69.09
N SER F 20 51.16 -4.27 69.21
CA SER F 20 51.11 -5.48 70.02
C SER F 20 52.53 -5.87 70.41
N GLY F 21 52.62 -6.71 71.44
CA GLY F 21 53.88 -7.21 71.92
C GLY F 21 54.35 -6.60 73.22
N GLY F 22 53.57 -5.70 73.81
CA GLY F 22 53.96 -5.05 75.05
C GLY F 22 53.92 -6.00 76.24
N GLY F 23 54.52 -5.53 77.32
CA GLY F 23 54.56 -6.28 78.56
C GLY F 23 55.82 -5.98 79.33
N VAL F 24 56.09 -6.82 80.33
CA VAL F 24 57.26 -6.68 81.18
C VAL F 24 58.41 -7.51 80.61
N VAL F 25 59.62 -6.95 80.67
CA VAL F 25 60.83 -7.63 80.20
C VAL F 25 61.95 -7.30 81.17
N GLN F 26 62.72 -8.31 81.56
CA GLN F 26 63.82 -8.09 82.47
C GLN F 26 64.96 -7.34 81.76
N PRO F 27 65.67 -6.45 82.47
CA PRO F 27 66.76 -5.70 81.85
C PRO F 27 67.77 -6.63 81.18
N GLY F 28 68.26 -6.22 80.01
CA GLY F 28 69.21 -7.00 79.25
C GLY F 28 68.58 -7.93 78.23
N ARG F 29 67.31 -8.28 78.41
CA ARG F 29 66.64 -9.20 77.51
C ARG F 29 66.03 -8.44 76.33
N SER F 30 65.35 -9.17 75.45
CA SER F 30 64.85 -8.62 74.20
C SER F 30 63.33 -8.65 74.18
N LEU F 31 62.76 -7.81 73.32
CA LEU F 31 61.32 -7.75 73.11
C LEU F 31 61.06 -7.22 71.71
N ARG F 32 60.10 -7.83 71.02
CA ARG F 32 59.74 -7.47 69.66
C ARG F 32 58.32 -6.89 69.65
N LEU F 33 58.20 -5.67 69.14
CA LEU F 33 56.91 -5.02 68.97
C LEU F 33 56.44 -5.16 67.52
N SER F 34 55.12 -5.18 67.34
CA SER F 34 54.52 -5.30 66.02
C SER F 34 53.41 -4.27 65.86
N CYS F 35 53.21 -3.84 64.62
CA CYS F 35 52.19 -2.84 64.28
C CYS F 35 51.42 -3.34 63.06
N ALA F 36 50.14 -3.64 63.25
CA ALA F 36 49.29 -4.12 62.17
C ALA F 36 48.55 -2.93 61.56
N ALA F 37 48.64 -2.79 60.24
CA ALA F 37 48.06 -1.66 59.53
C ALA F 37 46.92 -2.12 58.63
N SER F 38 45.92 -1.26 58.50
CA SER F 38 44.78 -1.53 57.62
C SER F 38 44.11 -0.21 57.27
N GLY F 39 43.47 -0.18 56.10
CA GLY F 39 42.70 0.97 55.68
C GLY F 39 43.46 1.99 54.87
N PHE F 40 44.74 1.75 54.58
CA PHE F 40 45.53 2.64 53.74
C PHE F 40 46.57 1.84 52.97
N THR F 41 47.15 2.49 51.95
CA THR F 41 48.17 1.87 51.10
C THR F 41 49.48 1.78 51.89
N PHE F 42 49.54 0.77 52.77
CA PHE F 42 50.66 0.64 53.70
C PHE F 42 52.01 0.69 52.99
N SER F 43 52.12 0.03 51.84
CA SER F 43 53.42 -0.11 51.17
C SER F 43 53.91 1.19 50.54
N SER F 44 53.16 2.28 50.64
CA SER F 44 53.56 3.55 50.05
C SER F 44 53.92 4.60 51.10
N TYR F 45 53.88 4.27 52.38
CA TYR F 45 54.19 5.21 53.44
C TYR F 45 55.40 4.74 54.25
N GLY F 46 56.28 5.67 54.58
CA GLY F 46 57.27 5.41 55.60
C GLY F 46 56.60 5.24 56.95
N MET F 47 57.22 4.43 57.81
CA MET F 47 56.65 4.19 59.12
C MET F 47 57.67 4.50 60.21
N HIS F 48 57.22 5.17 61.27
CA HIS F 48 58.06 5.58 62.37
C HIS F 48 57.66 4.84 63.64
N TRP F 49 58.61 4.76 64.58
CA TRP F 49 58.31 4.43 65.96
C TRP F 49 58.66 5.61 66.86
N VAL F 50 57.78 5.90 67.81
CA VAL F 50 57.97 6.97 68.78
C VAL F 50 57.60 6.43 70.15
N ARG F 51 58.33 6.85 71.18
CA ARG F 51 58.05 6.42 72.54
C ARG F 51 57.87 7.63 73.44
N GLN F 52 57.24 7.39 74.59
CA GLN F 52 56.97 8.45 75.56
C GLN F 52 57.03 7.84 76.95
N ALA F 53 58.06 8.20 77.72
CA ALA F 53 58.15 7.74 79.09
C ALA F 53 57.06 8.38 79.94
N PRO F 54 56.60 7.69 81.01
CA PRO F 54 55.52 8.24 81.84
C PRO F 54 55.78 9.66 82.30
N GLY F 55 54.87 10.57 81.94
CA GLY F 55 54.97 11.95 82.37
C GLY F 55 56.04 12.77 81.69
N LYS F 56 56.71 12.21 80.69
CA LYS F 56 57.78 12.89 79.98
C LYS F 56 57.38 13.15 78.53
N GLY F 57 58.31 13.72 77.76
CA GLY F 57 58.02 14.14 76.41
C GLY F 57 58.17 13.03 75.38
N LEU F 58 57.79 13.36 74.14
CA LEU F 58 57.92 12.41 73.04
C LEU F 58 59.38 12.26 72.64
N GLU F 59 59.78 11.03 72.33
CA GLU F 59 61.13 10.75 71.86
C GLU F 59 61.06 9.85 70.64
N TRP F 60 61.53 10.35 69.50
CA TRP F 60 61.58 9.57 68.27
C TRP F 60 62.54 8.40 68.45
N VAL F 61 62.16 7.24 67.93
CA VAL F 61 62.91 6.00 68.12
C VAL F 61 63.52 5.51 66.80
N ALA F 62 62.70 5.32 65.78
CA ALA F 62 63.19 4.81 64.51
C ALA F 62 62.18 5.11 63.42
N LEU F 63 62.66 5.04 62.18
CA LEU F 63 61.81 5.16 61.00
C LEU F 63 62.28 4.16 59.96
N ILE F 64 61.32 3.65 59.17
CA ILE F 64 61.62 2.80 58.04
C ILE F 64 60.90 3.36 56.82
N SER F 65 61.59 3.39 55.69
CA SER F 65 61.04 3.94 54.46
C SER F 65 59.91 3.04 53.95
N TYR F 66 59.13 3.61 53.01
CA TYR F 66 57.96 2.91 52.48
C TYR F 66 58.33 1.58 51.85
N ASP F 67 59.51 1.48 51.25
CA ASP F 67 59.98 0.27 50.59
C ASP F 67 60.94 -0.53 51.44
N GLY F 68 61.22 -0.10 52.67
CA GLY F 68 62.10 -0.82 53.56
C GLY F 68 63.56 -0.73 53.21
N GLY F 69 63.92 0.16 52.27
CA GLY F 69 65.31 0.26 51.84
C GLY F 69 66.17 1.09 52.77
N ASN F 70 65.59 2.12 53.38
CA ASN F 70 66.31 3.04 54.25
C ASN F 70 65.74 2.95 55.65
N ARG F 71 66.64 2.96 56.65
CA ARG F 71 66.25 2.93 58.04
C ARG F 71 67.12 3.92 58.81
N TYR F 72 66.55 4.51 59.86
CA TYR F 72 67.27 5.40 60.74
C TYR F 72 66.81 5.17 62.17
N TYR F 73 67.70 5.44 63.12
CA TYR F 73 67.44 5.17 64.53
C TYR F 73 67.88 6.35 65.37
N ALA F 74 67.20 6.53 66.50
CA ALA F 74 67.62 7.51 67.49
C ALA F 74 68.99 7.16 68.05
N ASP F 75 69.75 8.20 68.41
CA ASP F 75 71.10 7.97 68.93
C ASP F 75 71.08 7.11 70.19
N SER F 76 70.01 7.23 70.99
CA SER F 76 69.93 6.51 72.26
C SER F 76 69.62 5.03 72.09
N VAL F 77 69.27 4.58 70.89
CA VAL F 77 68.94 3.19 70.63
C VAL F 77 69.80 2.58 69.53
N LYS F 78 70.75 3.32 68.97
CA LYS F 78 71.59 2.78 67.90
C LYS F 78 72.34 1.56 68.39
N GLY F 79 72.34 0.52 67.55
CA GLY F 79 73.01 -0.73 67.87
C GLY F 79 72.15 -1.72 68.63
N ARG F 80 71.08 -1.27 69.27
CA ARG F 80 70.23 -2.12 70.09
C ARG F 80 68.87 -2.40 69.48
N PHE F 81 68.32 -1.46 68.72
CA PHE F 81 67.02 -1.60 68.10
C PHE F 81 67.17 -1.86 66.61
N THR F 82 66.22 -2.60 66.06
CA THR F 82 66.14 -2.82 64.62
C THR F 82 64.68 -2.72 64.18
N ILE F 83 64.44 -1.94 63.15
CA ILE F 83 63.09 -1.71 62.62
C ILE F 83 62.96 -2.45 61.30
N SER F 84 61.79 -3.06 61.08
CA SER F 84 61.53 -3.80 59.85
C SER F 84 60.05 -3.68 59.52
N ARG F 85 59.71 -4.07 58.30
CA ARG F 85 58.32 -4.05 57.85
C ARG F 85 58.09 -5.21 56.88
N ASP F 86 56.83 -5.61 56.76
CA ASP F 86 56.42 -6.63 55.79
C ASP F 86 55.24 -6.06 55.00
N ASN F 87 55.52 -5.58 53.79
CA ASN F 87 54.49 -4.91 52.99
C ASN F 87 53.42 -5.87 52.50
N SER F 88 53.71 -7.17 52.44
CA SER F 88 52.71 -8.13 52.03
C SER F 88 51.70 -8.42 53.13
N LYS F 89 52.09 -8.23 54.39
CA LYS F 89 51.22 -8.48 55.52
C LYS F 89 50.79 -7.20 56.24
N ASN F 90 51.17 -6.04 55.71
CA ASN F 90 50.82 -4.74 56.30
C ASN F 90 51.21 -4.67 57.77
N THR F 91 52.44 -5.06 58.06
CA THR F 91 52.96 -5.04 59.42
C THR F 91 54.31 -4.33 59.46
N LEU F 92 54.55 -3.63 60.55
CA LEU F 92 55.87 -3.10 60.90
C LEU F 92 56.29 -3.67 62.25
N TYR F 93 57.56 -4.05 62.35
CA TYR F 93 58.10 -4.63 63.58
C TYR F 93 59.27 -3.80 64.08
N LEU F 94 59.42 -3.76 65.40
CA LEU F 94 60.55 -3.12 66.06
C LEU F 94 61.18 -4.12 67.01
N GLN F 95 62.38 -4.60 66.67
CA GLN F 95 63.11 -5.52 67.52
C GLN F 95 63.97 -4.74 68.50
N MET F 96 63.69 -4.88 69.79
CA MET F 96 64.37 -4.13 70.85
C MET F 96 65.24 -5.10 71.64
N ASN F 97 66.55 -4.96 71.48
CA ASN F 97 67.53 -5.82 72.14
C ASN F 97 68.22 -5.09 73.28
N ARG F 98 68.69 -5.86 74.26
CA ARG F 98 69.41 -5.35 75.43
C ARG F 98 68.72 -4.13 76.03
N LEU F 99 67.51 -4.35 76.52
CA LEU F 99 66.70 -3.25 77.04
C LEU F 99 67.26 -2.76 78.37
N ARG F 100 67.16 -1.45 78.59
CA ARG F 100 67.54 -0.81 79.83
C ARG F 100 66.30 -0.30 80.55
N ALA F 101 66.43 -0.12 81.88
CA ALA F 101 65.35 0.43 82.67
C ALA F 101 64.85 1.76 82.13
N GLU F 102 65.72 2.52 81.46
CA GLU F 102 65.35 3.81 80.91
C GLU F 102 64.58 3.71 79.60
N ASP F 103 64.41 2.50 79.06
CA ASP F 103 63.61 2.29 77.87
C ASP F 103 62.13 2.03 78.17
N THR F 104 61.76 1.93 79.44
CA THR F 104 60.37 1.75 79.80
C THR F 104 59.54 2.95 79.37
N ALA F 105 58.54 2.72 78.52
CA ALA F 105 57.73 3.78 77.96
C ALA F 105 56.58 3.16 77.17
N MET F 106 55.65 4.01 76.76
CA MET F 106 54.66 3.65 75.74
C MET F 106 55.24 3.93 74.36
N TYR F 107 55.23 2.92 73.50
CA TYR F 107 55.81 3.03 72.17
C TYR F 107 54.68 3.14 71.15
N TYR F 108 54.66 4.25 70.42
CA TYR F 108 53.62 4.53 69.44
C TYR F 108 54.08 4.14 68.04
N CYS F 109 53.17 3.51 67.29
CA CYS F 109 53.33 3.31 65.86
C CYS F 109 52.67 4.48 65.13
N ALA F 110 53.39 5.06 64.17
CA ALA F 110 52.87 6.24 63.48
C ALA F 110 53.27 6.25 62.02
N LYS F 111 52.34 6.67 61.16
CA LYS F 111 52.53 6.71 59.72
C LYS F 111 53.08 8.06 59.28
N ASP F 112 54.10 8.04 58.42
CA ASP F 112 54.58 9.26 57.81
C ASP F 112 53.50 9.85 56.90
N ARG F 113 53.54 11.17 56.73
CA ARG F 113 52.49 11.85 55.96
C ARG F 113 52.81 11.78 54.47
N TYR F 121 58.97 12.66 56.81
CA TYR F 121 58.23 13.86 57.19
C TYR F 121 57.56 13.67 58.55
N PHE F 122 56.52 14.45 58.81
CA PHE F 122 55.79 14.33 60.07
C PHE F 122 54.96 13.06 60.07
N MET F 123 54.26 12.83 61.18
CA MET F 123 53.38 11.68 61.34
C MET F 123 51.95 12.17 61.56
N ASP F 124 51.04 11.76 60.67
CA ASP F 124 49.67 12.23 60.71
C ASP F 124 48.68 11.19 61.21
N VAL F 125 49.10 9.93 61.32
CA VAL F 125 48.27 8.86 61.88
C VAL F 125 49.08 8.15 62.96
N TRP F 126 48.53 8.09 64.17
CA TRP F 126 49.22 7.51 65.31
C TRP F 126 48.42 6.34 65.88
N GLY F 127 49.13 5.28 66.23
CA GLY F 127 48.53 4.19 66.98
C GLY F 127 48.35 4.52 68.45
N LYS F 128 47.60 3.65 69.14
CA LYS F 128 47.33 3.88 70.56
C LYS F 128 48.54 3.60 71.44
N GLY F 129 49.49 2.82 70.95
CA GLY F 129 50.74 2.60 71.66
C GLY F 129 50.73 1.31 72.46
N THR F 130 51.92 0.71 72.59
CA THR F 130 52.12 -0.49 73.39
C THR F 130 53.01 -0.16 74.58
N THR F 131 52.58 -0.54 75.78
CA THR F 131 53.33 -0.27 76.99
C THR F 131 54.42 -1.31 77.17
N VAL F 132 55.67 -0.85 77.27
CA VAL F 132 56.81 -1.72 77.51
C VAL F 132 57.43 -1.32 78.85
N THR F 133 57.49 -2.28 79.78
CA THR F 133 58.05 -2.05 81.10
C THR F 133 59.31 -2.90 81.26
N VAL F 134 60.43 -2.25 81.53
CA VAL F 134 61.71 -2.93 81.73
C VAL F 134 61.93 -3.05 83.23
N SER F 135 61.73 -4.25 83.77
CA SER F 135 61.75 -4.44 85.21
C SER F 135 62.02 -5.91 85.50
N SER F 136 62.50 -6.17 86.71
CA SER F 136 62.77 -7.53 87.16
C SER F 136 61.57 -8.11 87.91
N ILE G 15 69.73 17.97 65.81
CA ILE G 15 69.07 19.24 66.07
C ILE G 15 68.26 19.16 67.36
N GLN G 16 68.68 19.94 68.35
CA GLN G 16 67.98 20.03 69.62
C GLN G 16 66.94 21.14 69.55
N LEU G 17 65.70 20.81 69.89
CA LEU G 17 64.62 21.80 69.99
C LEU G 17 64.36 22.11 71.45
N THR G 18 64.41 23.40 71.79
CA THR G 18 64.12 23.88 73.13
C THR G 18 62.83 24.69 73.10
N GLN G 19 61.79 24.18 73.75
CA GLN G 19 60.52 24.88 73.85
C GLN G 19 60.50 25.78 75.08
N SER G 20 59.77 26.88 74.99
CA SER G 20 59.52 27.74 76.14
C SER G 20 58.15 28.37 75.99
N PRO G 21 57.46 28.66 77.10
CA PRO G 21 57.88 28.31 78.46
C PRO G 21 57.64 26.83 78.78
N GLY G 22 58.09 26.37 79.94
CA GLY G 22 57.81 24.99 80.33
C GLY G 22 56.35 24.77 80.65
N THR G 23 55.72 25.71 81.35
CA THR G 23 54.31 25.65 81.66
C THR G 23 53.66 26.99 81.34
N LEU G 24 52.50 26.97 80.72
CA LEU G 24 51.73 28.16 80.42
C LEU G 24 50.35 28.03 81.08
N SER G 25 49.99 29.02 81.88
CA SER G 25 48.73 29.02 82.63
C SER G 25 47.85 30.16 82.14
N LEU G 26 46.75 29.82 81.46
CA LEU G 26 45.86 30.80 80.87
C LEU G 26 44.43 30.33 81.09
N SER G 27 43.48 31.12 80.60
CA SER G 27 42.06 30.80 80.68
C SER G 27 41.44 30.87 79.30
N PRO G 28 40.31 30.19 79.09
CA PRO G 28 39.65 30.26 77.78
C PRO G 28 39.37 31.69 77.35
N GLY G 29 39.53 31.95 76.05
CA GLY G 29 39.31 33.26 75.50
C GLY G 29 40.58 34.07 75.30
N GLU G 30 41.65 33.72 76.00
CA GLU G 30 42.90 34.47 75.94
C GLU G 30 43.76 33.99 74.77
N ARG G 31 44.88 34.66 74.56
CA ARG G 31 45.81 34.36 73.48
C ARG G 31 47.03 33.67 74.04
N ALA G 32 47.42 32.55 73.43
CA ALA G 32 48.59 31.79 73.85
C ALA G 32 49.68 31.88 72.78
N THR G 33 50.91 32.07 73.23
CA THR G 33 52.07 32.09 72.35
C THR G 33 53.09 31.06 72.83
N LEU G 34 53.38 30.09 71.99
CA LEU G 34 54.33 29.03 72.29
C LEU G 34 55.51 29.13 71.35
N SER G 35 56.71 28.95 71.89
CA SER G 35 57.94 29.14 71.13
C SER G 35 58.73 27.84 71.02
N CYS G 36 59.52 27.74 69.96
CA CYS G 36 60.36 26.59 69.67
C CYS G 36 61.66 27.11 69.09
N ARG G 37 62.79 26.73 69.68
CA ARG G 37 64.10 27.15 69.20
C ARG G 37 64.95 25.93 68.88
N ALA G 38 65.56 25.95 67.69
CA ALA G 38 66.39 24.85 67.21
C ALA G 38 67.86 25.20 67.37
N SER G 39 68.67 24.18 67.66
CA SER G 39 70.11 24.41 67.79
C SER G 39 70.76 24.69 66.44
N GLN G 40 70.14 24.24 65.36
CA GLN G 40 70.62 24.46 64.01
C GLN G 40 69.44 24.88 63.14
N SER G 41 69.73 25.60 62.07
CA SER G 41 68.65 26.08 61.21
C SER G 41 67.89 24.91 60.59
N ILE G 42 66.57 25.01 60.60
CA ILE G 42 65.72 23.94 60.07
C ILE G 42 65.68 24.04 58.56
N SER G 43 65.88 22.92 57.88
CA SER G 43 65.89 22.92 56.42
C SER G 43 64.47 22.95 55.88
N GLY G 44 64.27 23.73 54.82
CA GLY G 44 63.00 23.73 54.11
C GLY G 44 61.79 24.07 54.96
N ASN G 45 61.97 24.83 56.03
CA ASN G 45 60.91 25.14 56.99
C ASN G 45 60.17 23.88 57.45
N TYR G 46 60.91 22.77 57.56
CA TYR G 46 60.33 21.49 57.96
C TYR G 46 60.15 21.47 59.47
N LEU G 47 59.11 22.17 59.92
CA LEU G 47 58.79 22.29 61.34
C LEU G 47 57.32 21.99 61.56
N ALA G 48 57.03 21.08 62.49
CA ALA G 48 55.67 20.64 62.75
C ALA G 48 55.34 20.84 64.22
N TRP G 49 54.04 20.97 64.50
CA TRP G 49 53.51 21.09 65.85
C TRP G 49 52.51 19.98 66.13
N TYR G 50 52.54 19.44 67.34
CA TYR G 50 51.68 18.34 67.73
C TYR G 50 50.98 18.65 69.05
N GLN G 51 49.77 18.14 69.20
CA GLN G 51 49.00 18.27 70.43
C GLN G 51 48.89 16.90 71.08
N HIS G 52 48.96 16.87 72.42
CA HIS G 52 48.79 15.62 73.15
C HIS G 52 47.96 15.89 74.40
N LYS G 53 46.83 15.19 74.51
CA LYS G 53 46.04 15.17 75.73
C LYS G 53 46.34 13.92 76.54
N PRO G 54 46.14 13.95 77.85
CA PRO G 54 46.50 12.79 78.69
C PRO G 54 45.77 11.54 78.23
N GLY G 55 46.52 10.45 78.08
CA GLY G 55 45.97 9.19 77.63
C GLY G 55 45.73 9.08 76.14
N GLN G 56 46.04 10.12 75.36
CA GLN G 56 45.79 10.13 73.93
C GLN G 56 47.09 10.14 73.15
N ALA G 57 47.03 9.62 71.93
CA ALA G 57 48.14 9.77 70.99
C ALA G 57 48.28 11.23 70.57
N PRO G 58 49.46 11.62 70.10
CA PRO G 58 49.62 12.96 69.52
C PRO G 58 48.76 13.15 68.28
N ARG G 59 48.50 14.42 67.96
CA ARG G 59 47.70 14.81 66.81
C ARG G 59 48.43 15.94 66.09
N LEU G 60 48.56 15.81 64.77
CA LEU G 60 49.20 16.86 63.98
C LEU G 60 48.34 18.12 63.99
N LEU G 61 48.98 19.27 64.24
CA LEU G 61 48.34 20.57 64.13
C LEU G 61 48.85 21.37 62.93
N ILE G 62 50.16 21.45 62.76
CA ILE G 62 50.79 22.37 61.82
C ILE G 62 51.96 21.66 61.16
N TYR G 63 52.14 21.87 59.86
CA TYR G 63 53.31 21.40 59.14
C TYR G 63 53.81 22.51 58.22
N GLY G 64 55.01 22.35 57.72
CA GLY G 64 55.61 23.36 56.85
C GLY G 64 55.77 24.70 57.54
N ALA G 65 55.85 24.71 58.87
CA ALA G 65 55.98 25.89 59.71
C ALA G 65 54.69 26.71 59.79
N SER G 66 53.90 26.72 58.71
CA SER G 66 52.70 27.56 58.69
C SER G 66 51.46 26.91 58.10
N THR G 67 51.50 25.64 57.70
CA THR G 67 50.38 25.00 57.04
C THR G 67 49.51 24.28 58.08
N ARG G 68 48.24 24.63 58.13
CA ARG G 68 47.32 23.96 59.05
C ARG G 68 46.95 22.58 58.53
N ALA G 69 46.96 21.60 59.44
CA ALA G 69 46.55 20.25 59.09
C ALA G 69 45.04 20.18 58.89
N THR G 70 44.60 19.15 58.18
CA THR G 70 43.18 18.95 57.93
C THR G 70 42.42 18.83 59.24
N GLY G 71 41.30 19.54 59.35
CA GLY G 71 40.45 19.47 60.52
C GLY G 71 40.85 20.39 61.65
N ILE G 72 41.96 21.10 61.53
CA ILE G 72 42.47 21.96 62.60
C ILE G 72 41.82 23.34 62.47
N PRO G 73 41.27 23.88 63.55
CA PRO G 73 40.52 25.14 63.44
C PRO G 73 41.46 26.32 63.25
N ASP G 74 40.91 27.40 62.71
CA ASP G 74 41.73 28.52 62.27
C ASP G 74 42.27 29.37 63.41
N ARG G 75 41.90 29.09 64.67
CA ARG G 75 42.54 29.77 65.79
C ARG G 75 43.99 29.33 65.96
N PHE G 76 44.39 28.22 65.35
CA PHE G 76 45.78 27.79 65.35
C PHE G 76 46.49 28.39 64.14
N SER G 77 47.63 29.02 64.38
CA SER G 77 48.47 29.51 63.29
C SER G 77 49.93 29.38 63.66
N GLY G 78 50.76 29.12 62.65
CA GLY G 78 52.19 28.93 62.85
C GLY G 78 52.96 30.01 62.10
N SER G 79 54.07 30.43 62.68
CA SER G 79 54.98 31.37 62.03
C SER G 79 56.41 31.04 62.41
N GLY G 80 57.34 31.78 61.81
CA GLY G 80 58.75 31.68 62.13
C GLY G 80 59.55 31.11 60.97
N SER G 81 60.87 31.19 61.13
CA SER G 81 61.80 30.68 60.13
C SER G 81 63.15 30.45 60.79
N GLY G 82 63.99 29.66 60.13
CA GLY G 82 65.36 29.51 60.54
C GLY G 82 65.51 28.71 61.83
N THR G 83 65.79 29.40 62.93
CA THR G 83 65.93 28.76 64.23
C THR G 83 64.81 29.12 65.20
N ASP G 84 63.92 30.02 64.84
CA ASP G 84 62.95 30.60 65.77
C ASP G 84 61.56 30.46 65.18
N PHE G 85 60.70 29.72 65.88
CA PHE G 85 59.35 29.43 65.40
C PHE G 85 58.35 29.69 66.52
N THR G 86 57.14 30.05 66.13
CA THR G 86 56.07 30.37 67.06
C THR G 86 54.79 29.67 66.66
N LEU G 87 54.10 29.11 67.65
CA LEU G 87 52.74 28.61 67.51
C LEU G 87 51.81 29.54 68.28
N THR G 88 50.81 30.09 67.60
CA THR G 88 49.85 31.01 68.20
C THR G 88 48.46 30.38 68.22
N ILE G 89 47.81 30.43 69.38
CA ILE G 89 46.40 30.09 69.52
C ILE G 89 45.66 31.36 69.88
N SER G 90 44.78 31.81 68.97
CA SER G 90 44.31 33.19 69.03
C SER G 90 43.24 33.39 70.10
N ARG G 91 42.39 32.38 70.32
CA ARG G 91 41.34 32.48 71.34
C ARG G 91 41.16 31.08 71.92
N LEU G 92 41.84 30.83 73.04
CA LEU G 92 41.88 29.49 73.62
C LEU G 92 40.48 28.96 73.90
N GLU G 93 40.28 27.68 73.60
CA GLU G 93 39.09 26.94 73.97
C GLU G 93 39.43 25.88 75.01
N PRO G 94 38.46 25.43 75.81
CA PRO G 94 38.76 24.40 76.82
C PRO G 94 39.44 23.17 76.26
N GLU G 95 39.09 22.76 75.03
CA GLU G 95 39.70 21.58 74.44
C GLU G 95 41.16 21.82 74.02
N ASP G 96 41.63 23.06 74.07
CA ASP G 96 42.97 23.39 73.63
C ASP G 96 44.02 23.24 74.73
N PHE G 97 43.60 22.95 75.96
CA PHE G 97 44.53 22.83 77.07
C PHE G 97 45.14 21.44 77.08
N ALA G 98 46.45 21.38 76.84
CA ALA G 98 47.14 20.13 76.49
C ALA G 98 48.63 20.44 76.45
N VAL G 99 49.42 19.42 76.14
CA VAL G 99 50.85 19.57 75.92
C VAL G 99 51.09 19.72 74.42
N TYR G 100 51.98 20.63 74.05
CA TYR G 100 52.31 20.89 72.65
C TYR G 100 53.78 20.58 72.41
N TYR G 101 54.05 19.82 71.36
CA TYR G 101 55.42 19.50 70.96
C TYR G 101 55.69 20.09 69.58
N CYS G 102 56.85 20.71 69.41
CA CYS G 102 57.35 21.02 68.08
C CYS G 102 58.31 19.94 67.60
N GLN G 103 58.48 19.87 66.28
CA GLN G 103 59.32 18.86 65.66
C GLN G 103 59.91 19.42 64.38
N GLN G 104 61.19 19.12 64.15
CA GLN G 104 61.82 19.35 62.86
C GLN G 104 62.03 18.03 62.15
N TYR G 105 61.79 18.02 60.83
CA TYR G 105 61.93 16.82 60.02
C TYR G 105 62.79 17.07 58.79
N GLY G 106 63.78 17.95 58.92
CA GLY G 106 64.67 18.25 57.80
C GLY G 106 65.99 17.54 57.90
N SER G 107 66.45 17.29 59.13
CA SER G 107 67.68 16.54 59.38
C SER G 107 67.43 15.58 60.52
N SER G 108 67.21 14.30 60.19
CA SER G 108 66.61 13.33 61.10
C SER G 108 65.28 13.84 61.65
N TYR G 109 64.85 13.30 62.79
CA TYR G 109 63.54 13.58 63.36
C TYR G 109 63.70 13.75 64.86
N THR G 110 63.57 14.98 65.34
CA THR G 110 63.74 15.29 66.76
C THR G 110 62.57 16.13 67.25
N PHE G 111 62.25 15.98 68.54
CA PHE G 111 61.12 16.64 69.16
C PHE G 111 61.61 17.57 70.26
N GLY G 112 60.83 18.63 70.49
CA GLY G 112 60.98 19.43 71.68
C GLY G 112 60.54 18.69 72.93
N GLN G 113 60.82 19.30 74.08
CA GLN G 113 60.47 18.68 75.36
C GLN G 113 59.03 18.97 75.77
N GLY G 114 58.30 19.77 75.00
CA GLY G 114 56.88 20.00 75.25
C GLY G 114 56.63 21.22 76.10
N THR G 115 55.50 21.87 75.83
CA THR G 115 54.95 22.93 76.67
C THR G 115 53.57 22.50 77.13
N LYS G 116 53.33 22.56 78.43
CA LYS G 116 52.01 22.29 78.99
C LYS G 116 51.20 23.58 79.06
N VAL G 117 50.01 23.56 78.47
CA VAL G 117 49.07 24.67 78.53
C VAL G 117 47.97 24.26 79.50
N GLU G 118 47.93 24.90 80.67
CA GLU G 118 47.01 24.54 81.74
C GLU G 118 46.08 25.70 82.04
N ILE G 119 44.99 25.39 82.74
CA ILE G 119 44.00 26.39 83.10
C ILE G 119 44.47 27.13 84.34
N LYS G 120 44.51 28.46 84.25
CA LYS G 120 44.80 29.30 85.42
C LYS G 120 43.55 29.57 86.23
N VAL H 15 -52.41 22.51 41.85
CA VAL H 15 -53.84 22.71 41.97
C VAL H 15 -54.27 22.41 43.41
N GLN H 16 -54.01 23.37 44.31
CA GLN H 16 -54.40 23.21 45.70
C GLN H 16 -54.47 24.58 46.35
N LEU H 17 -55.55 24.83 47.10
CA LEU H 17 -55.76 26.09 47.80
C LEU H 17 -56.03 25.79 49.26
N VAL H 18 -55.26 26.42 50.15
CA VAL H 18 -55.40 26.24 51.59
C VAL H 18 -55.67 27.59 52.24
N GLU H 19 -56.84 27.74 52.85
CA GLU H 19 -57.21 28.97 53.52
C GLU H 19 -56.69 28.97 54.95
N SER H 20 -56.58 30.17 55.52
CA SER H 20 -56.17 30.32 56.91
C SER H 20 -56.66 31.66 57.43
N GLY H 21 -56.69 31.78 58.76
CA GLY H 21 -57.09 32.99 59.44
C GLY H 21 -58.47 32.94 60.06
N GLY H 22 -59.16 31.81 59.97
CA GLY H 22 -60.49 31.69 60.52
C GLY H 22 -60.49 31.68 62.04
N GLY H 23 -61.69 31.85 62.60
CA GLY H 23 -61.87 31.84 64.03
C GLY H 23 -63.02 32.75 64.42
N VAL H 24 -63.10 33.02 65.72
CA VAL H 24 -64.14 33.88 66.28
C VAL H 24 -63.64 35.32 66.33
N VAL H 25 -64.54 36.26 66.03
CA VAL H 25 -64.23 37.68 66.06
C VAL H 25 -65.46 38.42 66.60
N GLN H 26 -65.24 39.34 67.52
CA GLN H 26 -66.34 40.10 68.09
C GLN H 26 -66.90 41.08 67.05
N PRO H 27 -68.22 41.31 67.05
CA PRO H 27 -68.80 42.24 66.08
C PRO H 27 -68.14 43.60 66.12
N GLY H 28 -67.94 44.20 64.94
CA GLY H 28 -67.29 45.48 64.81
C GLY H 28 -65.80 45.41 64.60
N ARG H 29 -65.15 44.30 64.97
CA ARG H 29 -63.71 44.17 64.84
C ARG H 29 -63.36 43.64 63.46
N SER H 30 -62.06 43.42 63.22
CA SER H 30 -61.56 43.07 61.90
C SER H 30 -60.95 41.67 61.94
N LEU H 31 -60.85 41.07 60.75
CA LEU H 31 -60.22 39.77 60.58
C LEU H 31 -59.69 39.68 59.15
N ARG H 32 -58.48 39.14 59.01
CA ARG H 32 -57.82 38.99 57.72
C ARG H 32 -57.70 37.51 57.38
N LEU H 33 -58.22 37.12 56.23
CA LEU H 33 -58.10 35.76 55.72
C LEU H 33 -56.98 35.69 54.69
N SER H 34 -56.35 34.53 54.59
CA SER H 34 -55.28 34.30 53.64
C SER H 34 -55.49 32.99 52.90
N CYS H 35 -55.00 32.94 51.67
CA CYS H 35 -55.13 31.77 50.80
C CYS H 35 -53.77 31.48 50.18
N ALA H 36 -53.18 30.35 50.55
CA ALA H 36 -51.88 29.94 50.01
C ALA H 36 -52.10 29.02 48.81
N ALA H 37 -51.47 29.36 47.69
CA ALA H 37 -51.65 28.63 46.45
C ALA H 37 -50.36 27.91 46.05
N SER H 38 -50.53 26.75 45.42
CA SER H 38 -49.41 25.96 44.94
C SER H 38 -49.90 25.02 43.85
N GLY H 39 -49.00 24.67 42.93
CA GLY H 39 -49.31 23.71 41.91
C GLY H 39 -49.86 24.28 40.62
N PHE H 40 -49.99 25.60 40.52
CA PHE H 40 -50.43 26.24 39.29
C PHE H 40 -49.79 27.63 39.18
N THR H 41 -49.89 28.20 37.98
CA THR H 41 -49.34 29.52 37.68
C THR H 41 -50.22 30.59 38.32
N PHE H 42 -50.03 30.76 39.63
CA PHE H 42 -50.90 31.62 40.43
C PHE H 42 -51.03 33.01 39.82
N SER H 43 -49.92 33.58 39.33
CA SER H 43 -49.91 34.96 38.87
C SER H 43 -50.65 35.16 37.55
N SER H 44 -51.21 34.10 36.96
CA SER H 44 -51.92 34.21 35.70
C SER H 44 -53.43 33.99 35.83
N TYR H 45 -53.92 33.78 37.05
CA TYR H 45 -55.35 33.55 37.28
C TYR H 45 -55.92 34.63 38.17
N GLY H 46 -57.12 35.11 37.82
CA GLY H 46 -57.89 35.88 38.76
C GLY H 46 -58.31 35.03 39.93
N MET H 47 -58.46 35.66 41.10
CA MET H 47 -58.84 34.91 42.29
C MET H 47 -60.08 35.53 42.92
N HIS H 48 -61.00 34.68 43.34
CA HIS H 48 -62.27 35.07 43.92
C HIS H 48 -62.32 34.64 45.39
N TRP H 49 -63.16 35.33 46.16
CA TRP H 49 -63.62 34.84 47.45
C TRP H 49 -65.12 34.60 47.40
N VAL H 50 -65.55 33.47 47.98
CA VAL H 50 -66.95 33.10 48.07
C VAL H 50 -67.23 32.61 49.48
N ARG H 51 -68.41 32.92 50.00
CA ARG H 51 -68.79 32.49 51.34
C ARG H 51 -70.12 31.76 51.29
N GLN H 52 -70.39 30.99 52.33
CA GLN H 52 -71.62 30.21 52.42
C GLN H 52 -72.00 30.15 53.90
N ALA H 53 -73.10 30.81 54.25
CA ALA H 53 -73.60 30.74 55.62
C ALA H 53 -74.14 29.33 55.90
N PRO H 54 -74.10 28.88 57.17
CA PRO H 54 -74.58 27.54 57.49
C PRO H 54 -75.98 27.24 56.96
N GLY H 55 -76.08 26.21 56.14
CA GLY H 55 -77.37 25.80 55.60
C GLY H 55 -77.96 26.69 54.54
N LYS H 56 -77.22 27.71 54.09
CA LYS H 56 -77.69 28.65 53.09
C LYS H 56 -76.88 28.51 51.81
N GLY H 57 -77.19 29.38 50.84
CA GLY H 57 -76.60 29.27 49.52
C GLY H 57 -75.26 29.98 49.40
N LEU H 58 -74.64 29.81 48.24
CA LEU H 58 -73.37 30.45 47.96
C LEU H 58 -73.57 31.95 47.72
N GLU H 59 -72.65 32.76 48.24
CA GLU H 59 -72.69 34.20 48.03
C GLU H 59 -71.30 34.69 47.63
N TRP H 60 -71.19 35.23 46.42
CA TRP H 60 -69.93 35.78 45.95
C TRP H 60 -69.56 36.99 46.81
N VAL H 61 -68.27 37.11 47.14
CA VAL H 61 -67.78 38.15 48.05
C VAL H 61 -66.90 39.15 47.32
N ALA H 62 -65.85 38.68 46.65
CA ALA H 62 -64.93 39.59 45.98
C ALA H 62 -64.12 38.81 44.95
N LEU H 63 -63.53 39.55 44.02
CA LEU H 63 -62.60 38.99 43.04
C LEU H 63 -61.45 39.96 42.84
N ILE H 64 -60.28 39.41 42.57
CA ILE H 64 -59.10 40.19 42.20
C ILE H 64 -58.52 39.63 40.92
N SER H 65 -58.13 40.52 40.00
CA SER H 65 -57.60 40.11 38.72
C SER H 65 -56.23 39.43 38.90
N TYR H 66 -55.81 38.74 37.85
CA TYR H 66 -54.56 37.99 37.89
C TYR H 66 -53.36 38.87 38.24
N ASP H 67 -53.38 40.13 37.81
CA ASP H 67 -52.28 41.06 38.05
C ASP H 67 -52.57 42.01 39.21
N GLY H 68 -53.71 41.86 39.88
CA GLY H 68 -54.05 42.70 41.01
C GLY H 68 -54.45 44.10 40.66
N GLY H 69 -54.66 44.40 39.37
CA GLY H 69 -55.00 45.75 38.96
C GLY H 69 -56.46 46.09 39.14
N ASN H 70 -57.34 45.11 38.97
CA ASN H 70 -58.78 45.32 39.05
C ASN H 70 -59.34 44.50 40.20
N ARG H 71 -60.25 45.09 40.97
CA ARG H 71 -60.93 44.43 42.06
C ARG H 71 -62.40 44.77 42.03
N TYR H 72 -63.22 43.83 42.49
CA TYR H 72 -64.66 44.03 42.61
C TYR H 72 -65.15 43.34 43.87
N TYR H 73 -66.22 43.87 44.43
CA TYR H 73 -66.75 43.40 45.71
C TYR H 73 -68.27 43.25 45.61
N ALA H 74 -68.79 42.32 46.40
CA ALA H 74 -70.24 42.19 46.55
C ALA H 74 -70.82 43.44 47.20
N ASP H 75 -72.06 43.75 46.82
CA ASP H 75 -72.72 44.95 47.34
C ASP H 75 -72.83 44.91 48.85
N SER H 76 -72.98 43.71 49.43
CA SER H 76 -73.17 43.58 50.87
C SER H 76 -71.89 43.79 51.67
N VAL H 77 -70.74 43.87 51.02
CA VAL H 77 -69.46 44.05 51.70
C VAL H 77 -68.70 45.27 51.20
N LYS H 78 -69.26 46.04 50.28
CA LYS H 78 -68.58 47.22 49.76
C LYS H 78 -68.27 48.19 50.89
N GLY H 79 -67.03 48.70 50.90
CA GLY H 79 -66.58 49.62 51.91
C GLY H 79 -65.98 48.97 53.14
N ARG H 80 -66.28 47.69 53.38
CA ARG H 80 -65.84 46.99 54.57
C ARG H 80 -64.77 45.95 54.30
N PHE H 81 -64.79 45.31 53.13
CA PHE H 81 -63.84 44.29 52.77
C PHE H 81 -62.84 44.84 51.75
N THR H 82 -61.62 44.31 51.81
CA THR H 82 -60.59 44.61 50.82
C THR H 82 -59.87 43.34 50.44
N ILE H 83 -59.73 43.10 49.14
CA ILE H 83 -59.08 41.91 48.62
C ILE H 83 -57.72 42.30 48.05
N SER H 84 -56.72 41.45 48.28
CA SER H 84 -55.37 41.70 47.78
C SER H 84 -54.71 40.36 47.47
N ARG H 85 -53.58 40.44 46.78
CA ARG H 85 -52.81 39.25 46.43
C ARG H 85 -51.33 39.61 46.40
N ASP H 86 -50.50 38.59 46.58
CA ASP H 86 -49.04 38.72 46.47
C ASP H 86 -48.55 37.65 45.51
N ASN H 87 -48.29 38.03 44.27
CA ASN H 87 -47.93 37.06 43.25
C ASN H 87 -46.54 36.46 43.47
N SER H 88 -45.68 37.15 44.23
CA SER H 88 -44.36 36.62 44.53
C SER H 88 -44.41 35.52 45.58
N LYS H 89 -45.42 35.53 46.44
CA LYS H 89 -45.57 34.54 47.51
C LYS H 89 -46.74 33.60 47.27
N ASN H 90 -47.41 33.72 46.12
CA ASN H 90 -48.55 32.87 45.76
C ASN H 90 -49.61 32.86 46.87
N THR H 91 -49.97 34.06 47.32
CA THR H 91 -50.97 34.22 48.35
C THR H 91 -52.02 35.24 47.92
N LEU H 92 -53.26 35.00 48.33
CA LEU H 92 -54.34 35.98 48.24
C LEU H 92 -54.88 36.25 49.64
N TYR H 93 -55.14 37.53 49.93
CA TYR H 93 -55.64 37.92 51.24
C TYR H 93 -56.98 38.65 51.09
N LEU H 94 -57.83 38.48 52.09
CA LEU H 94 -59.10 39.19 52.18
C LEU H 94 -59.18 39.88 53.54
N GLN H 95 -59.09 41.20 53.54
CA GLN H 95 -59.19 41.98 54.78
C GLN H 95 -60.65 42.32 55.03
N MET H 96 -61.19 41.80 56.13
CA MET H 96 -62.60 41.98 56.49
C MET H 96 -62.70 42.91 57.69
N ASN H 97 -63.19 44.12 57.47
CA ASN H 97 -63.32 45.13 58.50
C ASN H 97 -64.78 45.29 58.91
N ARG H 98 -64.97 45.74 60.16
CA ARG H 98 -66.28 45.99 60.74
C ARG H 98 -67.26 44.85 60.47
N LEU H 99 -66.92 43.68 61.00
CA LEU H 99 -67.71 42.48 60.74
C LEU H 99 -69.05 42.54 61.45
N ARG H 100 -70.09 42.01 60.80
CA ARG H 100 -71.42 41.89 61.37
C ARG H 100 -71.73 40.43 61.63
N ALA H 101 -72.69 40.20 62.55
CA ALA H 101 -73.14 38.84 62.85
C ALA H 101 -73.60 38.11 61.60
N GLU H 102 -74.07 38.83 60.59
CA GLU H 102 -74.55 38.20 59.36
C GLU H 102 -73.42 37.82 58.42
N ASP H 103 -72.17 38.15 58.75
CA ASP H 103 -71.02 37.73 57.97
C ASP H 103 -70.46 36.38 58.39
N THR H 104 -71.00 35.78 59.46
CA THR H 104 -70.55 34.46 59.88
C THR H 104 -70.87 33.43 58.81
N ALA H 105 -69.83 32.76 58.31
CA ALA H 105 -69.96 31.81 57.22
C ALA H 105 -68.61 31.11 57.02
N MET H 106 -68.64 30.08 56.19
CA MET H 106 -67.42 29.49 55.64
C MET H 106 -67.03 30.25 54.38
N TYR H 107 -65.80 30.74 54.34
CA TYR H 107 -65.31 31.55 53.22
C TYR H 107 -64.37 30.68 52.39
N TYR H 108 -64.73 30.49 51.12
CA TYR H 108 -63.96 29.67 50.20
C TYR H 108 -63.04 30.51 49.35
N CYS H 109 -61.81 30.03 49.17
CA CYS H 109 -60.89 30.56 48.18
C CYS H 109 -61.05 29.75 46.90
N ALA H 110 -61.19 30.44 45.76
CA ALA H 110 -61.45 29.77 44.50
C ALA H 110 -60.74 30.46 43.35
N LYS H 111 -60.20 29.66 42.43
CA LYS H 111 -59.46 30.16 41.28
C LYS H 111 -60.38 30.35 40.08
N ASP H 112 -60.25 31.50 39.41
CA ASP H 112 -60.96 31.71 38.17
C ASP H 112 -60.45 30.74 37.10
N ARG H 113 -61.32 30.41 36.15
CA ARG H 113 -60.97 29.41 35.13
C ARG H 113 -60.18 30.06 34.00
N TYR H 121 -64.48 35.00 35.16
CA TYR H 121 -65.30 33.87 34.74
C TYR H 121 -65.69 33.00 35.93
N PHE H 122 -66.01 31.74 35.67
CA PHE H 122 -66.37 30.82 36.74
C PHE H 122 -65.13 30.42 37.55
N MET H 123 -65.35 29.60 38.56
CA MET H 123 -64.28 29.10 39.41
C MET H 123 -64.21 27.58 39.30
N ASP H 124 -63.06 27.06 38.87
CA ASP H 124 -62.91 25.64 38.62
C ASP H 124 -62.08 24.92 39.69
N VAL H 125 -61.39 25.66 40.55
CA VAL H 125 -60.63 25.10 41.66
C VAL H 125 -61.07 25.81 42.94
N TRP H 126 -61.51 25.06 43.93
CA TRP H 126 -62.03 25.62 45.17
C TRP H 126 -61.22 25.10 46.36
N GLY H 127 -60.92 26.01 47.29
CA GLY H 127 -60.34 25.63 48.56
C GLY H 127 -61.37 25.03 49.51
N LYS H 128 -60.87 24.46 50.61
CA LYS H 128 -61.75 23.82 51.57
C LYS H 128 -62.52 24.83 52.41
N GLY H 129 -62.06 26.07 52.50
CA GLY H 129 -62.78 27.12 53.16
C GLY H 129 -62.30 27.34 54.60
N THR H 130 -62.41 28.58 55.05
CA THR H 130 -62.09 28.97 56.42
C THR H 130 -63.36 29.43 57.12
N THR H 131 -63.61 28.87 58.31
CA THR H 131 -64.81 29.21 59.07
C THR H 131 -64.58 30.50 59.85
N VAL H 132 -65.44 31.49 59.62
CA VAL H 132 -65.39 32.77 60.34
C VAL H 132 -66.68 32.90 61.13
N THR H 133 -66.57 33.03 62.44
CA THR H 133 -67.71 33.18 63.33
C THR H 133 -67.67 34.56 63.98
N VAL H 134 -68.73 35.34 63.77
CA VAL H 134 -68.85 36.68 64.34
C VAL H 134 -69.73 36.55 65.58
N SER H 135 -69.11 36.61 66.75
CA SER H 135 -69.81 36.34 67.99
C SER H 135 -69.05 36.97 69.15
N SER H 136 -69.76 37.20 70.25
CA SER H 136 -69.16 37.76 71.45
C SER H 136 -68.72 36.65 72.41
N ILE I 15 -77.62 41.28 38.64
CA ILE I 15 -78.43 40.21 38.05
C ILE I 15 -78.82 39.20 39.13
N GLN I 16 -80.12 39.14 39.43
CA GLN I 16 -80.64 38.17 40.38
C GLN I 16 -81.02 36.89 39.64
N LEU I 17 -80.50 35.76 40.13
CA LEU I 17 -80.86 34.45 39.62
C LEU I 17 -81.83 33.77 40.56
N THR I 18 -82.98 33.34 40.03
CA THR I 18 -84.00 32.64 40.79
C THR I 18 -84.07 31.19 40.28
N GLN I 19 -83.69 30.25 41.13
CA GLN I 19 -83.77 28.84 40.79
C GLN I 19 -85.12 28.27 41.20
N SER I 20 -85.58 27.26 40.45
CA SER I 20 -86.78 26.53 40.82
C SER I 20 -86.63 25.09 40.33
N PRO I 21 -87.22 24.12 41.05
CA PRO I 21 -87.92 24.32 42.31
C PRO I 21 -86.95 24.48 43.49
N GLY I 22 -87.46 24.79 44.67
CA GLY I 22 -86.60 24.87 45.84
C GLY I 22 -86.07 23.52 46.26
N THR I 23 -86.92 22.49 46.23
CA THR I 23 -86.52 21.12 46.54
C THR I 23 -87.06 20.19 45.47
N LEU I 24 -86.23 19.27 45.01
CA LEU I 24 -86.62 18.25 44.05
C LEU I 24 -86.40 16.88 44.66
N SER I 25 -87.45 16.05 44.68
CA SER I 25 -87.40 14.73 45.30
C SER I 25 -87.61 13.67 44.21
N LEU I 26 -86.56 12.91 43.91
CA LEU I 26 -86.57 11.91 42.85
C LEU I 26 -85.83 10.68 43.34
N SER I 27 -85.75 9.68 42.48
CA SER I 27 -85.04 8.45 42.76
C SER I 27 -84.04 8.16 41.66
N PRO I 28 -83.00 7.36 41.93
CA PRO I 28 -82.03 7.02 40.89
C PRO I 28 -82.71 6.42 39.66
N GLY I 29 -82.20 6.77 38.49
CA GLY I 29 -82.74 6.29 37.23
C GLY I 29 -83.68 7.26 36.55
N GLU I 30 -84.25 8.21 37.30
CA GLU I 30 -85.21 9.14 36.76
C GLU I 30 -84.51 10.34 36.13
N ARG I 31 -85.30 11.23 35.54
CA ARG I 31 -84.81 12.41 34.86
C ARG I 31 -85.10 13.64 35.71
N ALA I 32 -84.09 14.47 35.92
CA ALA I 32 -84.22 15.69 36.70
C ALA I 32 -84.07 16.91 35.79
N THR I 33 -84.94 17.90 35.99
CA THR I 33 -84.88 19.16 35.28
C THR I 33 -84.81 20.31 36.27
N LEU I 34 -83.72 21.07 36.22
CA LEU I 34 -83.50 22.20 37.11
C LEU I 34 -83.47 23.48 36.29
N SER I 35 -84.12 24.52 36.80
CA SER I 35 -84.28 25.77 36.07
C SER I 35 -83.58 26.92 36.79
N CYS I 36 -83.19 27.92 36.00
CA CYS I 36 -82.51 29.11 36.48
C CYS I 36 -83.05 30.29 35.67
N ARG I 37 -83.55 31.31 36.35
CA ARG I 37 -84.07 32.50 35.69
C ARG I 37 -83.34 33.74 36.18
N ALA I 38 -82.89 34.56 35.24
CA ALA I 38 -82.15 35.77 35.53
C ALA I 38 -83.05 37.00 35.40
N SER I 39 -82.80 38.00 36.25
CA SER I 39 -83.59 39.22 36.18
C SER I 39 -83.25 40.03 34.94
N GLN I 40 -82.05 39.85 34.38
CA GLN I 40 -81.61 40.52 33.16
C GLN I 40 -80.96 39.49 32.27
N SER I 41 -80.95 39.77 30.97
CA SER I 41 -80.38 38.81 30.02
C SER I 41 -78.90 38.62 30.28
N ILE I 42 -78.46 37.36 30.27
CA ILE I 42 -77.07 37.02 30.53
C ILE I 42 -76.25 37.27 29.28
N SER I 43 -75.12 37.96 29.44
CA SER I 43 -74.28 38.29 28.30
C SER I 43 -73.45 37.09 27.89
N GLY I 44 -73.31 36.88 26.58
CA GLY I 44 -72.43 35.86 26.05
C GLY I 44 -72.71 34.46 26.53
N ASN I 45 -73.95 34.16 26.90
CA ASN I 45 -74.33 32.87 27.47
C ASN I 45 -73.42 32.47 28.64
N TYR I 46 -72.96 33.47 29.40
CA TYR I 46 -72.04 33.25 30.52
C TYR I 46 -72.85 32.76 31.72
N LEU I 47 -73.22 31.48 31.66
CA LEU I 47 -74.02 30.84 32.71
C LEU I 47 -73.36 29.53 33.08
N ALA I 48 -73.14 29.32 34.38
CA ALA I 48 -72.45 28.14 34.88
C ALA I 48 -73.32 27.45 35.91
N TRP I 49 -73.08 26.15 36.07
CA TRP I 49 -73.75 25.32 37.06
C TRP I 49 -72.73 24.67 37.98
N TYR I 50 -73.07 24.58 39.27
CA TYR I 50 -72.17 24.03 40.28
C TYR I 50 -72.90 23.00 41.12
N GLN I 51 -72.16 22.01 41.58
CA GLN I 51 -72.68 20.97 42.47
C GLN I 51 -72.03 21.15 43.83
N HIS I 52 -72.81 20.93 44.89
CA HIS I 52 -72.28 20.99 46.25
C HIS I 52 -72.88 19.86 47.07
N LYS I 53 -72.03 19.00 47.61
CA LYS I 53 -72.42 18.00 48.58
C LYS I 53 -72.09 18.48 50.00
N PRO I 54 -72.81 17.99 51.01
CA PRO I 54 -72.59 18.48 52.37
C PRO I 54 -71.15 18.30 52.81
N GLY I 55 -70.57 19.37 53.36
CA GLY I 55 -69.19 19.33 53.79
C GLY I 55 -68.15 19.48 52.70
N GLN I 56 -68.57 19.63 51.45
CA GLN I 56 -67.65 19.71 50.33
C GLN I 56 -67.70 21.10 49.69
N ALA I 57 -66.60 21.48 49.06
CA ALA I 57 -66.57 22.66 48.22
C ALA I 57 -67.43 22.45 46.97
N PRO I 58 -67.90 23.53 46.35
CA PRO I 58 -68.58 23.40 45.06
C PRO I 58 -67.67 22.81 43.99
N ARG I 59 -68.31 22.25 42.96
CA ARG I 59 -67.61 21.66 41.82
C ARG I 59 -68.29 22.13 40.54
N LEU I 60 -67.48 22.60 39.58
CA LEU I 60 -68.03 23.03 38.30
C LEU I 60 -68.61 21.85 37.54
N LEU I 61 -69.83 22.03 37.03
CA LEU I 61 -70.46 21.06 36.13
C LEU I 61 -70.54 21.55 34.70
N ILE I 62 -71.01 22.78 34.50
CA ILE I 62 -71.37 23.30 33.18
C ILE I 62 -70.91 24.74 33.10
N TYR I 63 -70.39 25.14 31.95
CA TYR I 63 -70.08 26.54 31.68
C TYR I 63 -70.53 26.86 30.26
N GLY I 64 -70.58 28.15 29.95
CA GLY I 64 -71.05 28.58 28.64
C GLY I 64 -72.47 28.16 28.33
N ALA I 65 -73.27 27.93 29.38
CA ALA I 65 -74.66 27.49 29.32
C ALA I 65 -74.79 26.03 28.89
N SER I 66 -73.88 25.53 28.05
CA SER I 66 -74.03 24.18 27.53
C SER I 66 -72.74 23.35 27.50
N THR I 67 -71.61 23.89 27.95
CA THR I 67 -70.34 23.18 27.85
C THR I 67 -70.08 22.38 29.12
N ARG I 68 -69.87 21.08 28.97
CA ARG I 68 -69.57 20.22 30.10
C ARG I 68 -68.13 20.43 30.56
N ALA I 69 -67.95 20.52 31.87
CA ALA I 69 -66.61 20.63 32.43
C ALA I 69 -65.87 19.30 32.34
N THR I 70 -64.55 19.37 32.43
CA THR I 70 -63.72 18.17 32.37
C THR I 70 -64.09 17.22 33.49
N GLY I 71 -64.25 15.94 33.14
CA GLY I 71 -64.55 14.92 34.12
C GLY I 71 -66.01 14.75 34.44
N ILE I 72 -66.88 15.59 33.88
CA ILE I 72 -68.31 15.56 34.18
C ILE I 72 -68.98 14.57 33.24
N PRO I 73 -69.80 13.65 33.76
CA PRO I 73 -70.36 12.60 32.89
C PRO I 73 -71.46 13.16 32.00
N ASP I 74 -71.70 12.44 30.91
CA ASP I 74 -72.57 12.95 29.85
C ASP I 74 -74.05 12.95 30.22
N ARG I 75 -74.43 12.41 31.37
CA ARG I 75 -75.82 12.56 31.82
C ARG I 75 -76.14 13.99 32.21
N PHE I 76 -75.13 14.84 32.41
CA PHE I 76 -75.34 16.26 32.65
C PHE I 76 -75.33 17.00 31.33
N SER I 77 -76.36 17.82 31.10
CA SER I 77 -76.38 18.68 29.92
C SER I 77 -77.06 20.00 30.27
N GLY I 78 -76.60 21.06 29.63
CA GLY I 78 -77.11 22.40 29.88
C GLY I 78 -77.74 22.95 28.61
N SER I 79 -78.81 23.72 28.77
CA SER I 79 -79.44 24.41 27.66
C SER I 79 -79.97 25.76 28.14
N GLY I 80 -80.50 26.52 27.19
CA GLY I 80 -81.16 27.79 27.47
C GLY I 80 -80.38 28.96 26.91
N SER I 81 -81.03 30.12 26.95
CA SER I 81 -80.44 31.36 26.47
C SER I 81 -81.19 32.53 27.10
N GLY I 82 -80.55 33.69 27.07
CA GLY I 82 -81.22 34.92 27.46
C GLY I 82 -81.44 35.01 28.96
N THR I 83 -82.69 34.80 29.39
CA THR I 83 -83.03 34.83 30.80
C THR I 83 -83.44 33.47 31.35
N ASP I 84 -83.53 32.44 30.51
CA ASP I 84 -84.12 31.17 30.89
C ASP I 84 -83.14 30.06 30.54
N PHE I 85 -82.68 29.33 31.55
CA PHE I 85 -81.68 28.29 31.39
C PHE I 85 -82.14 27.03 32.11
N THR I 86 -81.70 25.87 31.60
CA THR I 86 -82.08 24.58 32.15
C THR I 86 -80.85 23.70 32.30
N LEU I 87 -80.76 23.02 33.44
CA LEU I 87 -79.81 21.93 33.65
C LEU I 87 -80.58 20.62 33.69
N THR I 88 -80.20 19.68 32.84
CA THR I 88 -80.86 18.38 32.75
C THR I 88 -79.90 17.28 33.18
N ILE I 89 -80.37 16.42 34.07
CA ILE I 89 -79.67 15.18 34.42
C ILE I 89 -80.53 14.02 33.92
N SER I 90 -80.00 13.28 32.95
CA SER I 90 -80.85 12.41 32.14
C SER I 90 -81.21 11.12 32.87
N ARG I 91 -80.30 10.58 33.68
CA ARG I 91 -80.56 9.35 34.44
C ARG I 91 -79.82 9.48 35.77
N LEU I 92 -80.54 9.95 36.79
CA LEU I 92 -79.93 10.26 38.07
C LEU I 92 -79.18 9.06 38.64
N GLU I 93 -78.01 9.33 39.21
CA GLU I 93 -77.24 8.38 39.99
C GLU I 93 -77.22 8.79 41.44
N PRO I 94 -76.98 7.85 42.37
CA PRO I 94 -76.95 8.21 43.79
C PRO I 94 -75.98 9.35 44.11
N GLU I 95 -74.85 9.42 43.42
CA GLU I 95 -73.88 10.48 43.68
C GLU I 95 -74.37 11.84 43.18
N ASP I 96 -75.47 11.90 42.43
CA ASP I 96 -75.96 13.14 41.86
C ASP I 96 -76.89 13.90 42.79
N PHE I 97 -77.23 13.32 43.95
CA PHE I 97 -78.15 13.97 44.88
C PHE I 97 -77.37 14.97 45.74
N ALA I 98 -77.69 16.24 45.58
CA ALA I 98 -76.86 17.34 46.06
C ALA I 98 -77.62 18.64 45.83
N VAL I 99 -76.99 19.75 46.21
CA VAL I 99 -77.52 21.08 45.92
C VAL I 99 -76.84 21.58 44.65
N TYR I 100 -77.62 22.22 43.78
CA TYR I 100 -77.12 22.75 42.51
C TYR I 100 -77.31 24.26 42.49
N TYR I 101 -76.25 24.98 42.15
CA TYR I 101 -76.29 26.43 42.01
C TYR I 101 -76.02 26.81 40.56
N CYS I 102 -76.81 27.74 40.02
CA CYS I 102 -76.44 28.40 38.78
C CYS I 102 -75.75 29.73 39.06
N GLN I 103 -74.99 30.19 38.08
CA GLN I 103 -74.21 31.41 38.20
C GLN I 103 -74.09 32.09 36.84
N GLN I 104 -74.22 33.41 36.83
CA GLN I 104 -73.88 34.20 35.66
C GLN I 104 -72.58 34.96 35.94
N TYR I 105 -71.72 35.03 34.91
CA TYR I 105 -70.43 35.71 35.03
C TYR I 105 -70.23 36.70 33.90
N GLY I 106 -71.31 37.33 33.43
CA GLY I 106 -71.20 38.30 32.36
C GLY I 106 -71.24 39.72 32.86
N SER I 107 -71.94 39.95 33.97
CA SER I 107 -72.01 41.27 34.61
C SER I 107 -71.89 41.06 36.11
N SER I 108 -70.70 41.32 36.66
CA SER I 108 -70.30 40.85 37.97
C SER I 108 -70.48 39.35 38.10
N TYR I 109 -70.60 38.86 39.34
CA TYR I 109 -70.64 37.43 39.63
C TYR I 109 -71.70 37.19 40.70
N THR I 110 -72.82 36.59 40.31
CA THR I 110 -73.93 36.34 41.21
C THR I 110 -74.38 34.89 41.09
N PHE I 111 -74.90 34.35 42.19
CA PHE I 111 -75.31 32.96 42.27
C PHE I 111 -76.81 32.88 42.55
N GLY I 112 -77.41 31.80 42.09
CA GLY I 112 -78.74 31.42 42.52
C GLY I 112 -78.76 30.97 43.96
N GLN I 113 -79.98 30.78 44.48
CA GLN I 113 -80.15 30.37 45.86
C GLN I 113 -80.07 28.86 46.04
N GLY I 114 -79.92 28.11 44.95
CA GLY I 114 -79.70 26.67 45.03
C GLY I 114 -80.98 25.87 44.92
N THR I 115 -80.85 24.69 44.33
CA THR I 115 -81.90 23.68 44.32
C THR I 115 -81.35 22.43 44.98
N LYS I 116 -82.07 21.90 45.96
CA LYS I 116 -81.70 20.64 46.59
C LYS I 116 -82.37 19.47 45.86
N VAL I 117 -81.55 18.51 45.43
CA VAL I 117 -82.03 17.29 44.81
C VAL I 117 -81.88 16.17 45.83
N GLU I 118 -83.01 15.69 46.35
CA GLU I 118 -83.01 14.71 47.42
C GLU I 118 -83.67 13.42 46.94
N ILE I 119 -83.44 12.35 47.71
CA ILE I 119 -83.99 11.04 47.37
C ILE I 119 -85.42 10.96 47.87
N LYS I 120 -86.34 10.61 46.97
CA LYS I 120 -87.72 10.36 47.35
C LYS I 120 -87.91 8.93 47.83
C1 NAG J . 24.46 13.15 33.88
C2 NAG J . 22.96 13.18 33.66
C3 NAG J . 22.52 14.58 33.26
C4 NAG J . 22.96 15.57 34.32
C5 NAG J . 24.48 15.47 34.54
C6 NAG J . 24.98 16.36 35.64
C7 NAG J . 21.51 11.38 32.81
C8 NAG J . 21.24 10.44 31.67
N2 NAG J . 22.56 12.21 32.66
O3 NAG J . 21.11 14.62 33.10
O4 NAG J . 22.63 16.90 33.92
O5 NAG J . 24.82 14.12 34.89
O6 NAG J . 25.56 15.59 36.70
O7 NAG J . 20.82 11.39 33.82
C1 NAG J . 21.53 17.36 34.71
C2 NAG J . 21.53 18.90 34.73
C3 NAG J . 20.35 19.40 35.55
C4 NAG J . 19.06 18.86 34.97
C5 NAG J . 19.12 17.33 34.95
C6 NAG J . 17.90 16.70 34.31
C7 NAG J . 23.36 20.54 34.87
C8 NAG J . 24.64 20.91 35.54
N2 NAG J . 22.79 19.40 35.28
O3 NAG J . 20.34 20.83 35.52
O4 NAG J . 17.96 19.28 35.75
O5 NAG J . 20.26 16.89 34.20
O6 NAG J . 16.73 16.98 35.05
O7 NAG J . 22.85 21.24 33.99
C1 NAG K . 39.48 28.83 -52.47
C2 NAG K . 40.60 29.33 -53.37
C3 NAG K . 41.79 28.39 -53.31
C4 NAG K . 42.25 28.24 -51.86
C5 NAG K . 41.08 27.75 -51.01
C6 NAG K . 41.41 27.65 -49.54
C7 NAG K . 40.14 30.62 -55.40
C8 NAG K . 39.62 30.58 -56.80
N2 NAG K . 40.14 29.46 -54.73
O3 NAG K . 42.84 28.90 -54.10
O4 NAG K . 43.33 27.32 -51.77
O5 NAG K . 39.99 28.67 -51.12
O6 NAG K . 40.27 27.91 -48.73
O7 NAG K . 40.55 31.66 -54.89
C1 NAG K . 44.48 28.05 -51.30
C2 NAG K . 45.48 27.06 -50.69
C3 NAG K . 46.70 27.81 -50.19
C4 NAG K . 47.32 28.60 -51.34
C5 NAG K . 46.28 29.54 -51.93
C6 NAG K . 46.79 30.30 -53.13
C7 NAG K . 44.40 25.06 -49.78
C8 NAG K . 43.79 24.42 -48.56
N2 NAG K . 44.86 26.30 -49.62
O3 NAG K . 47.65 26.88 -49.67
O4 NAG K . 48.43 29.35 -50.86
O5 NAG K . 45.13 28.79 -52.36
O6 NAG K . 46.49 31.69 -53.04
O7 NAG K . 44.46 24.47 -50.85
C1 NAG L . 45.67 8.39 -46.85
C2 NAG L . 46.87 8.01 -47.71
C3 NAG L . 47.78 7.07 -46.92
C4 NAG L . 48.18 7.71 -45.61
C5 NAG L . 46.93 8.12 -44.83
C6 NAG L . 47.24 8.86 -43.55
C7 NAG L . 46.58 7.99 -50.14
C8 NAG L . 46.10 7.20 -51.32
N2 NAG L . 46.45 7.40 -48.95
O3 NAG L . 48.93 6.77 -47.69
O4 NAG L . 48.94 6.78 -44.84
O5 NAG L . 46.12 8.99 -45.63
O6 NAG L . 46.23 9.81 -43.24
O7 NAG L . 47.09 9.10 -50.27
C1 NAG L . 50.26 7.30 -44.58
C2 NAG L . 50.78 6.66 -43.30
C3 NAG L . 52.19 7.17 -43.01
C4 NAG L . 53.09 6.89 -44.20
C5 NAG L . 52.49 7.52 -45.45
C6 NAG L . 53.29 7.21 -46.70
C7 NAG L . 48.88 6.14 -41.84
C8 NAG L . 48.06 6.58 -40.67
N2 NAG L . 49.89 6.94 -42.18
O3 NAG L . 52.69 6.53 -41.84
O4 NAG L . 54.38 7.42 -43.96
O5 NAG L . 51.16 7.02 -45.67
O6 NAG L . 52.79 7.93 -47.82
O7 NAG L . 48.62 5.11 -42.46
C1 NAG M . 33.83 43.40 -66.38
C2 NAG M . 35.14 44.17 -66.28
C3 NAG M . 35.63 44.55 -67.66
C4 NAG M . 35.77 43.30 -68.52
C5 NAG M . 34.44 42.54 -68.53
C6 NAG M . 34.53 41.22 -69.27
C7 NAG M . 35.20 45.34 -64.12
C8 NAG M . 35.00 46.65 -63.42
N2 NAG M . 34.99 45.35 -65.44
O3 NAG M . 36.88 45.21 -67.57
O4 NAG M . 36.11 43.65 -69.85
O5 NAG M . 34.02 42.24 -67.20
O6 NAG M . 35.74 40.54 -68.98
O7 NAG M . 35.54 44.32 -63.52
C1 NAG M . 37.46 43.21 -70.12
C2 NAG M . 37.75 43.43 -71.60
C3 NAG M . 39.18 42.99 -71.92
C4 NAG M . 40.15 43.73 -71.02
C5 NAG M . 39.79 43.49 -69.55
C6 NAG M . 40.66 44.27 -68.59
C7 NAG M . 35.94 43.35 -73.25
C8 NAG M . 35.03 42.46 -74.04
N2 NAG M . 36.80 42.73 -72.44
O3 NAG M . 39.46 43.25 -73.28
O4 NAG M . 41.48 43.28 -71.25
O5 NAG M . 38.43 43.90 -69.32
O6 NAG M . 41.47 43.41 -67.81
O7 NAG M . 35.90 44.58 -73.33
C1 NAG N . 16.06 51.48 -72.19
C2 NAG N . 15.61 52.71 -71.39
C3 NAG N . 14.21 53.10 -71.83
C4 NAG N . 14.18 53.36 -73.32
C5 NAG N . 14.70 52.13 -74.07
C6 NAG N . 14.82 52.34 -75.56
C7 NAG N . 16.75 52.65 -69.22
C8 NAG N . 16.61 52.33 -67.76
N2 NAG N . 15.65 52.45 -69.97
O3 NAG N . 13.81 54.27 -71.12
O4 NAG N . 12.86 53.60 -73.76
O5 NAG N . 16.01 51.78 -73.59
O6 NAG N . 15.56 51.29 -76.17
O7 NAG N . 17.79 53.06 -69.71
C1 NAG N . 12.62 55.01 -73.95
C2 NAG N . 11.81 55.21 -75.23
C3 NAG N . 11.50 56.68 -75.42
C4 NAG N . 10.78 57.23 -74.20
C5 NAG N . 11.63 56.98 -72.95
C6 NAG N . 10.94 57.41 -71.68
C7 NAG N . 11.89 54.03 -77.37
C8 NAG N . 12.77 53.55 -78.48
N2 NAG N . 12.51 54.67 -76.38
O3 NAG N . 10.69 56.85 -76.58
O4 NAG N . 10.54 58.61 -74.35
O5 NAG N . 11.91 55.57 -72.83
O6 NAG N . 9.98 56.46 -71.27
O7 NAG N . 10.68 53.86 -77.39
C1 NAG O . -37.82 9.19 17.93
C2 NAG O . -37.37 7.75 18.11
C3 NAG O . -38.11 6.84 17.14
C4 NAG O . -39.61 7.00 17.35
C5 NAG O . -39.99 8.47 17.20
C6 NAG O . -41.46 8.73 17.50
C7 NAG O . -35.16 6.79 18.63
C8 NAG O . -33.70 6.79 18.31
N2 NAG O . -35.93 7.62 17.92
O3 NAG O . -37.72 5.49 17.35
O4 NAG O . -40.33 6.21 16.42
O5 NAG O . -39.24 9.27 18.12
O6 NAG O . -41.61 9.69 18.53
O7 NAG O . -35.63 6.06 19.50
C1 NAG O . -40.93 5.11 17.16
C2 NAG O . -42.25 4.71 16.51
C3 NAG O . -42.87 3.55 17.26
C4 NAG O . -41.88 2.38 17.28
C5 NAG O . -40.57 2.84 17.92
C6 NAG O . -39.50 1.77 17.91
C7 NAG O . -44.02 6.07 15.48
C8 NAG O . -44.90 7.27 15.62
N2 NAG O . -43.17 5.84 16.48
O3 NAG O . -44.07 3.15 16.63
O4 NAG O . -42.42 1.30 18.04
O5 NAG O . -40.04 3.96 17.20
O6 NAG O . -39.63 0.90 19.03
O7 NAG O . -44.07 5.33 14.50
C1 NAG P . -6.44 36.38 -60.81
C2 NAG P . -6.84 37.41 -61.86
C3 NAG P . -6.71 38.82 -61.28
C4 NAG P . -7.55 38.92 -60.01
C5 NAG P . -7.12 37.85 -59.03
C6 NAG P . -7.94 37.83 -57.77
C7 NAG P . -6.52 36.90 -64.24
C8 NAG P . -5.54 36.82 -65.37
N2 NAG P . -6.03 37.28 -63.06
O3 NAG P . -7.16 39.76 -62.25
O4 NAG P . -7.39 40.21 -59.44
O5 NAG P . -7.24 36.55 -59.64
O6 NAG P . -8.38 36.51 -57.45
O7 NAG P . -7.71 36.63 -64.38
C1 NAG P . -8.62 40.94 -59.56
C2 NAG P . -8.53 42.19 -58.69
C3 NAG P . -9.81 43.00 -58.81
C4 NAG P . -10.06 43.34 -60.27
C5 NAG P . -10.11 42.06 -61.09
C6 NAG P . -10.26 42.32 -62.58
C7 NAG P . -7.13 42.15 -56.67
C8 NAG P . -7.02 41.72 -55.25
N2 NAG P . -8.27 41.85 -57.31
O3 NAG P . -9.71 44.18 -58.04
O4 NAG P . -11.30 44.04 -60.40
O5 NAG P . -8.89 41.32 -60.92
O6 NAG P . -11.44 41.71 -63.09
O7 NAG P . -6.21 42.75 -57.24
C1 NAG Q . 2.36 48.21 -44.00
C2 NAG Q . 2.49 49.64 -44.53
C3 NAG Q . 2.28 50.62 -43.38
C4 NAG Q . 0.93 50.37 -42.72
C5 NAG Q . 0.85 48.92 -42.27
C6 NAG Q . -0.50 48.55 -41.70
C7 NAG Q . 3.94 50.29 -46.39
C8 NAG Q . 5.34 50.44 -46.87
N2 NAG Q . 3.78 49.85 -45.14
O3 NAG Q . 2.34 51.96 -43.88
O4 NAG Q . 0.79 51.22 -41.58
O5 NAG Q . 1.07 48.05 -43.38
O6 NAG Q . -0.83 47.20 -41.97
O7 NAG Q . 2.97 50.57 -47.11
C1 NAG Q . -0.28 52.15 -41.83
C2 NAG Q . -0.89 52.56 -40.49
C3 NAG Q . -2.00 53.58 -40.72
C4 NAG Q . -1.46 54.77 -41.50
C5 NAG Q . -0.85 54.28 -42.80
C6 NAG Q . -0.20 55.40 -43.60
C7 NAG Q . -0.64 50.71 -38.90
C8 NAG Q . -1.33 49.55 -38.25
N2 NAG Q . -1.39 51.42 -39.77
O3 NAG Q . -2.53 54.00 -39.47
O4 NAG Q . -2.51 55.69 -41.77
O5 NAG Q . 0.18 53.32 -42.53
O6 NAG Q . 0.25 54.93 -44.86
O7 NAG Q . 0.52 51.01 -38.66
C1 NAG R . -6.31 29.17 -80.40
C2 NAG R . -7.48 30.00 -80.92
C3 NAG R . -7.12 30.59 -82.28
C4 NAG R . -5.84 31.40 -82.16
C5 NAG R . -4.73 30.54 -81.58
C6 NAG R . -3.44 31.30 -81.33
C7 NAG R . -9.55 29.07 -80.00
C8 NAG R . -10.75 28.23 -80.26
N2 NAG R . -8.70 29.21 -81.01
O3 NAG R . -8.18 31.42 -82.73
O4 NAG R . -5.44 31.88 -83.44
O5 NAG R . -5.13 29.99 -80.32
O6 NAG R . -3.72 32.61 -80.82
O7 NAG R . -9.36 29.61 -78.91
C1 NAG R . -5.57 33.31 -83.47
C2 NAG R . -5.05 33.84 -84.80
C3 NAG R . -5.20 35.35 -84.86
C4 NAG R . -6.66 35.72 -84.65
C5 NAG R . -7.14 35.15 -83.32
C6 NAG R . -8.61 35.41 -83.06
C7 NAG R . -3.24 32.72 -86.04
C8 NAG R . -1.77 32.42 -86.08
N2 NAG R . -3.66 33.45 -85.00
O3 NAG R . -4.75 35.82 -86.13
O4 NAG R . -6.80 37.14 -84.64
O5 NAG R . -6.95 33.73 -83.30
O6 NAG R . -8.80 36.34 -82.01
O7 NAG R . -4.02 32.31 -86.90
C1 NAG S . -0.90 11.56 -89.22
C2 NAG S . -2.05 10.55 -89.35
C3 NAG S . -1.48 9.22 -89.82
C4 NAG S . -0.75 9.41 -91.14
C5 NAG S . 0.34 10.46 -90.96
C6 NAG S . 1.06 10.79 -92.25
C7 NAG S . -3.80 11.16 -87.75
C8 NAG S . -4.42 10.86 -86.42
N2 NAG S . -2.76 10.39 -88.09
O3 NAG S . -2.56 8.29 -89.99
O4 NAG S . -0.12 8.19 -91.53
O5 NAG S . -0.24 11.70 -90.49
O6 NAG S . 1.71 12.05 -92.18
O7 NAG S . -4.23 12.04 -88.48
C1 NAG S . -0.90 7.52 -92.52
C2 NAG S . 0.04 6.96 -93.59
C3 NAG S . -0.75 6.19 -94.64
C4 NAG S . -1.57 5.10 -93.97
C5 NAG S . -2.47 5.72 -92.91
C6 NAG S . -3.26 4.69 -92.13
C7 NAG S . 2.12 7.87 -94.53
C8 NAG S . 2.76 9.07 -95.16
N2 NAG S . 0.83 8.02 -94.21
O3 NAG S . 0.14 5.62 -95.59
O4 NAG S . -2.37 4.43 -94.94
O5 NAG S . -1.68 6.44 -91.95
O6 NAG S . -2.46 4.05 -91.17
O7 NAG S . 2.72 6.83 -94.32
C1 NAG T . -0.20 -40.17 10.62
C2 NAG T . 0.54 -39.16 11.49
C3 NAG T . 2.01 -39.17 11.13
C4 NAG T . 2.57 -40.58 11.31
C5 NAG T . 1.77 -41.55 10.45
C6 NAG T . 2.19 -42.99 10.65
C7 NAG T . -0.21 -36.98 12.33
C8 NAG T . -0.79 -35.65 11.97
N2 NAG T . -0.02 -37.83 11.31
O3 NAG T . 2.71 -38.26 11.98
O4 NAG T . 3.93 -40.62 10.90
O5 NAG T . 0.37 -41.48 10.81
O6 NAG T . 1.07 -43.83 10.90
O7 NAG T . 0.08 -37.27 13.48
C1 NAG T . 4.77 -40.85 12.05
C2 NAG T . 5.95 -41.73 11.66
C3 NAG T . 6.86 -41.93 12.85
C4 NAG T . 7.31 -40.60 13.41
C5 NAG T . 6.08 -39.76 13.78
C6 NAG T . 6.44 -38.37 14.25
C7 NAG T . 6.12 -43.61 10.09
C8 NAG T . 5.52 -44.91 9.66
N2 NAG T . 5.51 -42.99 11.11
O3 NAG T . 7.99 -42.71 12.46
O4 NAG T . 8.11 -40.79 14.57
O5 NAG T . 5.25 -39.60 12.61
O6 NAG T . 6.57 -38.33 15.67
O7 NAG T . 7.11 -43.13 9.54
C1 NAG U . 12.68 -5.78 -70.07
C2 NAG U . 12.60 -6.15 -71.55
C3 NAG U . 11.21 -6.68 -71.87
C4 NAG U . 10.88 -7.86 -70.98
C5 NAG U . 10.99 -7.42 -69.51
C6 NAG U . 10.76 -8.54 -68.53
C7 NAG U . 14.17 -4.68 -72.72
C8 NAG U . 14.31 -3.46 -73.59
N2 NAG U . 12.92 -5.01 -72.38
O3 NAG U . 11.18 -7.09 -73.25
O4 NAG U . 9.56 -8.34 -71.24
O5 NAG U . 12.32 -6.92 -69.26
O6 NAG U . 11.55 -8.39 -67.37
O7 NAG U . 15.13 -5.33 -72.34
C1 NAG U . 9.70 -9.67 -71.76
C2 NAG U . 8.33 -10.34 -71.76
C3 NAG U . 8.44 -11.75 -72.32
C4 NAG U . 9.05 -11.69 -73.72
C5 NAG U . 10.39 -10.98 -73.67
C6 NAG U . 11.02 -10.79 -75.04
C7 NAG U . 6.67 -9.69 -70.08
C8 NAG U . 6.22 -9.83 -68.65
N2 NAG U . 7.76 -10.37 -70.43
O3 NAG U . 7.17 -12.37 -72.36
O4 NAG U . 9.23 -13.00 -74.23
O5 NAG U . 10.22 -9.66 -73.11
O6 NAG U . 12.43 -10.85 -74.97
O7 NAG U . 6.06 -8.98 -70.88
C1 NAG V . -8.57 -6.29 -64.44
C2 NAG V . -9.38 -6.53 -65.70
C3 NAG V . -10.66 -7.28 -65.36
C4 NAG V . -10.32 -8.58 -64.63
C5 NAG V . -9.48 -8.26 -63.40
C6 NAG V . -9.02 -9.51 -62.67
C7 NAG V . -9.16 -4.93 -67.56
C8 NAG V . -9.58 -3.60 -68.10
N2 NAG V . -9.68 -5.27 -66.37
O3 NAG V . -11.38 -7.57 -66.56
O4 NAG V . -11.52 -9.21 -64.22
O5 NAG V . -8.30 -7.54 -63.79
O6 NAG V . -7.83 -9.26 -61.94
O7 NAG V . -8.38 -5.66 -68.16
C1 NAG V . -11.69 -10.46 -64.90
C2 NAG V . -12.51 -11.40 -64.02
C3 NAG V . -12.71 -12.73 -64.73
C4 NAG V . -13.38 -12.49 -66.07
C5 NAG V . -12.53 -11.53 -66.90
C6 NAG V . -13.16 -11.17 -68.22
C7 NAG V . -12.11 -10.85 -61.66
C8 NAG V . -11.36 -11.20 -60.41
N2 NAG V . -11.86 -11.61 -62.73
O3 NAG V . -13.53 -13.57 -63.93
O4 NAG V . -13.52 -13.72 -66.78
O5 NAG V . -12.35 -10.30 -66.18
O6 NAG V . -12.34 -10.26 -68.96
O7 NAG V . -12.92 -9.91 -61.70
C1 NAG W . 28.64 1.37 -81.17
C2 NAG W . 28.85 0.12 -82.00
C3 NAG W . 29.11 0.49 -83.45
C4 NAG W . 27.95 1.33 -83.97
C5 NAG W . 27.74 2.55 -83.07
C6 NAG W . 26.54 3.38 -83.46
C7 NAG W . 29.80 -1.63 -80.55
C8 NAG W . 31.04 -2.34 -80.13
N2 NAG W . 29.95 -0.67 -81.47
O3 NAG W . 29.24 -0.69 -84.23
O4 NAG W . 28.22 1.76 -85.30
O5 NAG W . 27.54 2.13 -81.71
O6 NAG W . 25.43 2.54 -83.78
O7 NAG W . 28.69 -1.90 -80.07
C1 NAG W . 27.28 1.16 -86.21
C2 NAG W . 27.46 1.79 -87.58
C3 NAG W . 26.48 1.14 -88.56
C4 NAG W . 26.71 -0.35 -88.60
C5 NAG W . 26.55 -0.92 -87.19
C6 NAG W . 26.85 -2.40 -87.12
C7 NAG W . 28.22 4.11 -87.78
C8 NAG W . 27.85 5.56 -87.68
N2 NAG W . 27.26 3.23 -87.53
O3 NAG W . 26.69 1.70 -89.86
O4 NAG W . 25.76 -0.98 -89.46
O5 NAG W . 27.47 -0.28 -86.30
O6 NAG W . 25.76 -3.13 -86.55
O7 NAG W . 29.37 3.75 -88.07
C1 NAG X . 44.00 14.67 -77.44
C2 NAG X . 45.29 14.00 -77.05
C3 NAG X . 46.31 15.05 -76.60
C4 NAG X . 46.51 16.07 -77.72
C5 NAG X . 45.16 16.68 -78.11
C6 NAG X . 45.26 17.62 -79.28
C7 NAG X . 44.87 11.72 -76.25
C8 NAG X . 44.67 10.85 -75.06
N2 NAG X . 45.08 13.01 -76.00
O3 NAG X . 47.53 14.42 -76.26
O4 NAG X . 47.35 17.12 -77.27
O5 NAG X . 44.25 15.64 -78.49
O6 NAG X . 44.20 17.41 -80.21
O7 NAG X . 44.84 11.27 -77.39
C1 NAG X . 48.71 16.90 -77.66
C2 NAG X . 49.30 18.18 -78.26
C3 NAG X . 50.75 17.96 -78.63
C4 NAG X . 51.53 17.51 -77.40
C5 NAG X . 50.90 16.25 -76.84
C6 NAG X . 51.55 15.77 -75.57
C7 NAG X . 48.36 19.88 -79.76
C8 NAG X . 47.54 20.14 -80.99
N2 NAG X . 48.53 18.60 -79.42
O3 NAG X . 51.30 19.18 -79.13
O4 NAG X . 52.89 17.25 -77.76
O5 NAG X . 49.52 16.49 -76.53
O6 NAG X . 51.29 16.65 -74.49
O7 NAG X . 48.84 20.80 -79.09
C1 NAG Y . 38.66 30.16 17.41
C2 NAG Y . 38.20 31.02 16.23
C3 NAG Y . 38.91 32.36 16.25
C4 NAG Y . 38.65 33.05 17.59
C5 NAG Y . 39.09 32.13 18.72
C6 NAG Y . 38.79 32.70 20.10
C7 NAG Y . 37.55 29.56 14.35
C8 NAG Y . 37.98 28.93 13.07
N2 NAG Y . 38.45 30.33 14.97
O3 NAG Y . 38.43 33.17 15.19
O4 NAG Y . 39.37 34.27 17.65
O5 NAG Y . 38.40 30.87 18.64
O6 NAG Y . 38.89 31.71 21.10
O7 NAG Y . 36.42 29.39 14.82
C1 NAG Z . 47.49 -2.16 -0.98
C2 NAG Z . 47.60 -3.61 -1.45
C3 NAG Z . 49.05 -3.92 -1.78
C4 NAG Z . 49.55 -2.94 -2.84
C5 NAG Z . 49.37 -1.51 -2.33
C6 NAG Z . 49.75 -0.47 -3.37
C7 NAG Z . 46.41 -5.64 -0.72
C8 NAG Z . 45.98 -6.47 0.44
N2 NAG Z . 47.11 -4.53 -0.43
O3 NAG Z . 49.15 -5.26 -2.26
O4 NAG Z . 50.93 -3.17 -3.10
O5 NAG Z . 47.99 -1.28 -2.00
O6 NAG Z . 48.92 0.68 -3.27
O7 NAG Z . 46.14 -5.94 -1.88
C1 NAG AA . 41.93 17.90 -15.97
C2 NAG AA . 42.32 16.43 -15.81
C3 NAG AA . 43.54 16.13 -16.67
C4 NAG AA . 43.25 16.49 -18.12
C5 NAG AA . 42.84 17.96 -18.19
C6 NAG AA . 42.45 18.39 -19.59
C7 NAG AA . 42.29 14.92 -13.88
C8 NAG AA . 42.63 14.77 -12.42
N2 NAG AA . 42.57 16.11 -14.41
O3 NAG AA . 43.86 14.75 -16.56
O4 NAG AA . 44.41 16.29 -18.91
O5 NAG AA . 41.69 18.19 -17.36
O6 NAG AA . 41.60 19.53 -19.56
O7 NAG AA . 41.79 14.02 -14.52
C1 NAG BA . 13.24 42.32 -2.38
C2 NAG BA . 12.48 42.44 -3.70
C3 NAG BA . 12.54 43.87 -4.20
C4 NAG BA . 11.99 44.81 -3.14
C5 NAG BA . 12.77 44.63 -1.85
C6 NAG BA . 12.24 45.46 -0.71
C7 NAG BA . 12.55 40.28 -4.86
C8 NAG BA . 13.22 39.46 -5.93
N2 NAG BA . 13.01 41.51 -4.69
O3 NAG BA . 11.78 43.98 -5.40
O4 NAG BA . 12.12 46.16 -3.58
O5 NAG BA . 12.69 43.26 -1.42
O6 NAG BA . 13.28 45.88 0.17
O7 NAG BA . 11.64 39.83 -4.17
C1 NAG CA . 26.95 48.69 -16.02
C2 NAG CA . 27.45 48.88 -14.59
C3 NAG CA . 26.57 49.88 -13.86
C4 NAG CA . 26.55 51.19 -14.64
C5 NAG CA . 26.07 50.94 -16.06
C6 NAG CA . 26.10 52.17 -16.93
C7 NAG CA . 28.61 47.04 -13.45
C8 NAG CA . 28.45 45.73 -12.73
N2 NAG CA . 27.47 47.61 -13.87
O3 NAG CA . 27.08 50.09 -12.55
O4 NAG CA . 25.68 52.12 -14.00
O5 NAG CA . 26.91 49.96 -16.69
O6 NAG CA . 26.95 52.00 -18.04
O7 NAG CA . 29.71 47.55 -13.64
C1 NAG DA . 15.54 50.48 -55.89
C2 NAG DA . 14.44 51.01 -56.79
C3 NAG DA . 14.78 52.42 -57.24
C4 NAG DA . 14.97 53.31 -56.02
C5 NAG DA . 16.06 52.71 -55.13
C6 NAG DA . 16.25 53.47 -53.84
C7 NAG DA . 13.49 49.03 -57.90
C8 NAG DA . 13.40 48.26 -59.17
N2 NAG DA . 14.24 50.13 -57.95
O3 NAG DA . 13.71 52.93 -58.04
O4 NAG DA . 15.35 54.62 -56.42
O5 NAG DA . 15.71 51.36 -54.76
O6 NAG DA . 17.15 54.56 -54.01
O7 NAG DA . 12.91 48.68 -56.87
C1 NAG EA . 29.17 44.76 -49.39
C2 NAG EA . 30.43 44.35 -48.63
C3 NAG EA . 30.17 44.42 -47.12
C4 NAG EA . 29.72 45.82 -46.75
C5 NAG EA . 28.48 46.19 -47.56
C6 NAG EA . 28.01 47.61 -47.31
C7 NAG EA . 31.82 42.79 -49.91
C8 NAG EA . 32.14 41.36 -50.18
N2 NAG EA . 30.86 43.01 -49.00
O3 NAG EA . 31.36 44.08 -46.42
O4 NAG EA . 29.42 45.88 -45.36
O5 NAG EA . 28.77 46.08 -48.96
O6 NAG EA . 28.54 48.12 -46.10
O7 NAG EA . 32.40 43.71 -50.49
C1 NAG FA . 29.33 1.27 47.36
C2 NAG FA . 28.36 0.08 47.46
C3 NAG FA . 27.27 0.40 48.45
C4 NAG FA . 27.88 0.75 49.80
C5 NAG FA . 28.86 1.91 49.63
C6 NAG FA . 29.58 2.27 50.91
C7 NAG FA . 27.47 -1.47 45.78
C8 NAG FA . 26.89 -1.61 44.40
N2 NAG FA . 27.81 -0.23 46.15
O3 NAG FA . 26.39 -0.71 48.59
O4 NAG FA . 26.86 1.13 50.72
O5 NAG FA . 29.87 1.56 48.67
O6 NAG FA . 29.51 3.67 51.16
O7 NAG FA . 27.62 -2.44 46.53
C1 NAG GA . -46.28 19.57 -6.22
C2 NAG GA . -45.96 18.97 -7.58
C3 NAG GA . -47.21 18.98 -8.45
C4 NAG GA . -48.32 18.22 -7.74
C5 NAG GA . -48.57 18.84 -6.37
C6 NAG GA . -49.60 18.10 -5.56
C7 NAG GA . -43.64 19.24 -8.35
C8 NAG GA . -42.65 20.12 -9.05
N2 NAG GA . -44.89 19.71 -8.23
O3 NAG GA . -46.91 18.36 -9.70
O4 NAG GA . -49.51 18.28 -8.51
O5 NAG GA . -47.34 18.83 -5.60
O6 NAG GA . -49.43 18.33 -4.17
O7 NAG GA . -43.32 18.12 -7.92
C1 NAG HA . -17.65 43.65 -1.37
C2 NAG HA . -18.22 44.02 -2.75
C3 NAG HA . -17.86 45.47 -3.06
C4 NAG HA . -18.40 46.37 -1.96
C5 NAG HA . -17.85 45.93 -0.61
C6 NAG HA . -18.40 46.71 0.55
C7 NAG HA . -18.35 42.88 -4.91
C8 NAG HA . -17.67 41.95 -5.86
N2 NAG HA . -17.70 43.13 -3.78
O3 NAG HA . -18.43 45.84 -4.31
O4 NAG HA . -18.01 47.72 -2.20
O5 NAG HA . -18.17 44.55 -0.37
O6 NAG HA . -18.97 45.86 1.54
O7 NAG HA . -19.43 43.40 -5.17
C1 NAG IA . -20.00 34.55 -25.67
C2 NAG IA . -19.34 35.46 -24.64
C3 NAG IA . -19.25 36.88 -25.18
C4 NAG IA . -18.51 36.89 -26.51
C5 NAG IA . -19.20 35.94 -27.47
C6 NAG IA . -18.48 35.81 -28.79
C7 NAG IA . -19.47 35.33 -22.18
C8 NAG IA . -20.37 35.32 -20.99
N2 NAG IA . -20.07 35.44 -23.37
O3 NAG IA . -18.59 37.71 -24.24
O4 NAG IA . -18.50 38.20 -27.06
O5 NAG IA . -19.27 34.62 -26.90
O6 NAG IA . -18.91 34.66 -29.51
O7 NAG IA . -18.24 35.25 -22.08
C1 NAG JA . -32.82 -3.35 -27.74
C2 NAG JA . -31.83 -3.91 -28.77
C3 NAG JA . -32.58 -4.28 -30.04
C4 NAG JA . -33.68 -5.28 -29.72
C5 NAG JA . -34.61 -4.67 -28.66
C6 NAG JA . -35.69 -5.63 -28.21
C7 NAG JA . -29.54 -3.06 -28.56
C8 NAG JA . -28.57 -1.99 -28.96
N2 NAG JA . -30.78 -2.96 -29.05
O3 NAG JA . -31.67 -4.86 -30.97
O4 NAG JA . -34.43 -5.58 -30.88
O5 NAG JA . -33.86 -4.32 -27.49
O6 NAG JA . -36.97 -5.01 -28.22
O7 NAG JA . -29.21 -3.99 -27.82
C1 NAG KA . -35.56 9.63 -43.49
C2 NAG KA . -36.76 9.69 -42.54
C3 NAG KA . -37.46 8.34 -42.51
C4 NAG KA . -37.88 7.96 -43.91
C5 NAG KA . -36.65 7.93 -44.82
C6 NAG KA . -36.98 7.64 -46.26
C7 NAG KA . -36.80 11.17 -40.58
C8 NAG KA . -36.26 11.42 -39.20
N2 NAG KA . -36.34 10.08 -41.20
O3 NAG KA . -38.60 8.43 -41.66
O4 NAG KA . -38.48 6.67 -43.90
O5 NAG KA . -36.01 9.22 -44.79
O6 NAG KA . -36.71 8.75 -47.10
O7 NAG KA . -37.63 11.91 -41.10
C1 NAG LA . -9.54 7.99 -75.80
C2 NAG LA . -9.01 7.00 -76.84
C3 NAG LA . -9.87 7.05 -78.09
C4 NAG LA . -11.32 6.76 -77.72
C5 NAG LA . -11.78 7.76 -76.66
C6 NAG LA . -13.18 7.49 -76.17
C7 NAG LA . -6.60 6.73 -76.51
C8 NAG LA . -5.22 7.13 -76.97
N2 NAG LA . -7.62 7.29 -77.17
O3 NAG LA . -9.40 6.09 -79.03
O4 NAG LA . -12.15 6.87 -78.87
O5 NAG LA . -10.92 7.69 -75.51
O6 NAG LA . -14.16 8.08 -77.02
O7 NAG LA . -6.76 5.94 -75.59
C1 NAG MA . -14.88 20.59 -67.56
C2 NAG MA . -15.49 21.70 -66.71
C3 NAG MA . -16.27 21.11 -65.55
C4 NAG MA . -17.34 20.16 -66.08
C5 NAG MA . -16.68 19.08 -66.93
C6 NAG MA . -17.67 18.14 -67.57
C7 NAG MA . -14.34 23.87 -66.66
C8 NAG MA . -13.23 24.67 -66.05
N2 NAG MA . -14.47 22.61 -66.23
O3 NAG MA . -16.88 22.15 -64.80
O4 NAG MA . -18.04 19.55 -65.00
O5 NAG MA . -15.93 19.69 -68.00
O6 NAG MA . -18.67 17.74 -66.64
O7 NAG MA . -15.10 24.34 -67.51
C1 NAG NA . -39.07 14.64 35.49
C2 NAG NA . -37.99 14.19 36.46
C3 NAG NA . -38.40 12.86 37.09
C4 NAG NA . -39.75 13.02 37.77
C5 NAG NA . -40.78 13.51 36.76
C6 NAG NA . -42.14 13.77 37.36
C7 NAG NA . -35.53 14.18 36.41
C8 NAG NA . -34.31 14.02 35.56
N2 NAG NA . -36.70 14.05 35.78
O3 NAG NA . -37.42 12.45 38.04
O4 NAG NA . -40.17 11.76 38.29
O5 NAG NA . -40.34 14.75 36.18
O6 NAG NA . -43.15 13.02 36.69
O7 NAG NA . -35.46 14.41 37.61
C1 NAG OA . 11.57 -47.72 -13.12
C2 NAG OA . 12.76 -47.01 -13.74
C3 NAG OA . 13.76 -48.05 -14.27
C4 NAG OA . 14.16 -48.98 -13.14
C5 NAG OA . 12.91 -49.62 -12.54
C6 NAG OA . 13.21 -50.50 -11.35
C7 NAG OA . 12.58 -44.80 -14.79
C8 NAG OA . 12.08 -44.02 -15.98
N2 NAG OA . 12.35 -46.11 -14.81
O3 NAG OA . 14.91 -47.39 -14.79
O4 NAG OA . 15.02 -50.00 -13.64
O5 NAG OA . 12.02 -48.60 -12.08
O6 NAG OA . 13.08 -49.79 -10.13
O7 NAG OA . 13.16 -44.25 -13.86
C1 NAG PA . -20.11 -33.37 -27.87
C2 NAG PA . -19.36 -33.62 -29.18
C3 NAG PA . -20.37 -33.82 -30.30
C4 NAG PA . -21.30 -34.98 -29.93
C5 NAG PA . -21.98 -34.69 -28.61
C6 NAG PA . -22.85 -35.84 -28.12
C7 NAG PA . -17.40 -32.63 -30.29
C8 NAG PA . -16.60 -31.38 -30.50
N2 NAG PA . -18.48 -32.51 -29.49
O3 NAG PA . -19.68 -34.11 -31.51
O4 NAG PA . -22.29 -35.13 -30.95
O5 NAG PA . -20.98 -34.48 -27.58
O6 NAG PA . -22.60 -36.14 -26.76
O7 NAG PA . -17.10 -33.70 -30.81
C1 NAG QA . 1.16 -25.97 -40.57
C2 NAG QA . -0.25 -25.39 -40.59
C3 NAG QA . -0.88 -25.59 -41.96
C4 NAG QA . 0.00 -24.96 -43.02
C5 NAG QA . 1.41 -25.56 -42.94
C6 NAG QA . 2.38 -24.92 -43.90
C7 NAG QA . -2.13 -25.41 -38.99
C8 NAG QA . -2.85 -26.20 -37.95
N2 NAG QA . -1.07 -26.01 -39.55
O3 NAG QA . -2.17 -25.00 -41.99
O4 NAG QA . -0.53 -25.21 -44.32
O5 NAG QA . 1.94 -25.35 -41.62
O6 NAG QA . 3.57 -24.51 -43.25
O7 NAG QA . -2.48 -24.29 -39.34
C1 NAG RA . 34.15 -22.25 -17.92
C2 NAG RA . 34.67 -20.87 -18.34
C3 NAG RA . 36.06 -21.01 -18.94
C4 NAG RA . 36.99 -21.68 -17.93
C5 NAG RA . 36.39 -23.04 -17.53
C6 NAG RA . 37.21 -23.73 -16.46
C7 NAG RA . 32.78 -19.42 -18.92
C8 NAG RA . 31.94 -18.86 -20.03
N2 NAG RA . 33.77 -20.25 -19.29
O3 NAG RA . 36.56 -19.72 -19.27
O4 NAG RA . 38.27 -21.89 -18.50
O5 NAG RA . 35.07 -22.85 -16.99
O6 NAG RA . 36.61 -24.97 -16.08
O7 NAG RA . 32.57 -19.14 -17.75
C1 NAG SA . 34.88 -25.87 -37.90
C2 NAG SA . 35.26 -27.31 -37.55
C3 NAG SA . 36.23 -27.32 -36.38
C4 NAG SA . 37.45 -26.47 -36.71
C5 NAG SA . 37.00 -25.06 -37.08
C6 NAG SA . 38.14 -24.17 -37.52
C7 NAG SA . 33.58 -29.02 -38.07
C8 NAG SA . 32.36 -29.75 -37.60
N2 NAG SA . 34.08 -28.10 -37.25
O3 NAG SA . 36.62 -28.66 -36.10
O4 NAG SA . 38.33 -26.42 -35.60
O5 NAG SA . 36.08 -25.11 -38.18
O6 NAG SA . 37.92 -23.63 -38.81
O7 NAG SA . 34.10 -29.26 -39.16
C1 NAG TA . 42.56 5.16 -64.41
C2 NAG TA . 43.63 6.23 -64.60
C3 NAG TA . 44.75 5.67 -65.47
C4 NAG TA . 45.32 4.41 -64.82
C5 NAG TA . 44.19 3.40 -64.61
C6 NAG TA . 44.65 2.15 -63.89
C7 NAG TA . 43.30 8.66 -64.72
C8 NAG TA . 42.65 9.78 -65.47
N2 NAG TA . 43.07 7.43 -65.19
O3 NAG TA . 45.78 6.65 -65.60
O4 NAG TA . 46.32 3.85 -65.65
O5 NAG TA . 43.15 3.99 -63.82
O6 NAG TA . 45.03 1.13 -64.80
O7 NAG TA . 44.02 8.85 -63.74
C1 NAG UA . 31.51 -6.05 -65.41
C2 NAG UA . 30.52 -7.21 -65.40
C3 NAG UA . 30.66 -8.00 -64.12
C4 NAG UA . 32.09 -8.50 -63.99
C5 NAG UA . 33.05 -7.30 -64.02
C6 NAG UA . 34.50 -7.71 -63.98
C7 NAG UA . 28.50 -6.73 -66.72
C8 NAG UA . 27.10 -6.19 -66.69
N2 NAG UA . 29.15 -6.72 -65.55
O3 NAG UA . 29.76 -9.11 -64.14
O4 NAG UA . 32.25 -9.18 -62.75
O5 NAG UA . 32.85 -6.57 -65.25
O6 NAG UA . 34.69 -8.90 -63.24
O7 NAG UA . 29.01 -7.13 -67.75
C1 NAG VA . -13.07 -43.83 17.90
C2 NAG VA . -11.69 -43.36 18.35
C3 NAG VA . -11.74 -41.89 18.73
C4 NAG VA . -12.25 -41.07 17.55
C5 NAG VA . -13.62 -41.61 17.12
C6 NAG VA . -14.17 -40.91 15.90
C7 NAG VA . -9.92 -44.47 19.65
C8 NAG VA . -9.60 -45.29 20.85
N2 NAG VA . -11.20 -44.16 19.47
O3 NAG VA . -10.45 -41.44 19.11
O4 NAG VA . -12.38 -39.71 17.92
O5 NAG VA . -13.52 -43.01 16.79
O6 NAG VA . -15.44 -40.33 16.16
O7 NAG VA . -9.05 -44.08 18.88
#